data_8UZJ
#
_entry.id   8UZJ
#
_cell.length_a   1.00
_cell.length_b   1.00
_cell.length_c   1.00
_cell.angle_alpha   90.00
_cell.angle_beta   90.00
_cell.angle_gamma   90.00
#
_symmetry.space_group_name_H-M   'P 1'
#
loop_
_entity.id
_entity.type
_entity.pdbx_description
1 polymer 'Neuronal acetylcholine receptor subunit alpha-7,Soluble cytochrome b562'
2 branched beta-D-mannopyranose-(1-4)-2-acetamido-2-deoxy-beta-D-glucopyranose-(1-4)-2-acetamido-2-deoxy-beta-D-glucopyranose
3 branched 2-acetamido-2-deoxy-beta-D-glucopyranose-(1-4)-2-acetamido-2-deoxy-beta-D-glucopyranose
4 non-polymer 'CALCIUM ION'
5 non-polymer 2-acetamido-2-deoxy-beta-D-glucopyranose
6 non-polymer (3beta,14beta,17beta,25R)-3-[4-methoxy-3-(methoxymethyl)butoxy]spirost-5-en
7 non-polymer EPIBATIDINE
8 non-polymer "(2aE,4E,5'S,6S,6'R,7S,8E,11R,13R,15S,17aR,20R,20aR,20bS)-6'-[(2S)-butan-2-yl]-20,20b-dihydroxy-5',6,8,19-tetramethyl-17 -oxo-3',4',5',6,6',10,11,14,15,17,17a,20,20a,20b-tetradecahydro-2H,7H-spiro[11,15-methanofuro[4,3,2-pq][2,6]benzodioxacy clooctadecine-13,2'-pyran]-7-yl 2,6-dideoxy-4-O-(2,6-dideoxy-3-O-methyl-alpha-L-arabino-hexopyranosyl)-3-O-methyl-alpha-L-arabino-hexopyranoside"
9 non-polymer '(2S)-3-(hexadecanoyloxy)-2-[(9Z)-octadec-9-enoyloxy]propyl 2-(trimethylammonio)ethyl phosphate'
10 water water
#
_entity_poly.entity_id   1
_entity_poly.type   'polypeptide(L)'
_entity_poly.pdbx_seq_one_letter_code
;EFQRKLYKELVKNYNPLERPVANDSQPLTVYFSLSLLQIMDVDEKNQVLTTNIWLQMSWTDHYLQWNVSEYPGVKTVRFP
DGQIWKPDILLYNSADERFDATFHTNVLVNSSGHCQYLPPGIFKSSCYIDVRWFPFDVQHCKLKFGSWSYGGWSLDLQMQ
EADISGYIPNGEWDLVGIPGKRSERFYECCKEPYPDVTFTVTMRRRTLYYGLNLLIPCVLISALALLVFLLPADSGEKIS
LGITVLLSLTVFMLLVAEIMPATSDSVPLIAQYFASTMIIVGLSVVVTVIVLQYHHHDPDGGKMPKWTRVILLNWCAWFL
RMKRPGEDKVRPACQHKQRRCSLACGRMACAGAMADLEDNWETLNDNLKVIEKADNAAQVKDALTKMRAAALDAQKATPP
KLEDKSPDSPEMKDFRHGFDILVGQIDDALKLANEGKVKEAQAAAEQLKTTRNAYIQKYLSPTHDEHLLHGGQPPEGDPD
LAKILEEVRYIANRFRCQDESEAVCSEWKFAACVVDRLCLMAFSVFTIICTIGILMSAPNFVEAVSKDFAWSHPQFEKGG
GSGGGSGGSSAWSHPQFEKGSGEGRGSLLTCGDVEENPG
;
_entity_poly.pdbx_strand_id   A,B,C,D,E
#
loop_
_chem_comp.id
_chem_comp.type
_chem_comp.name
_chem_comp.formula
9Z9 non-polymer (3beta,14beta,17beta,25R)-3-[4-methoxy-3-(methoxymethyl)butoxy]spirost-5-en 'C34 H56 O5'
BMA D-saccharide, beta linking beta-D-mannopyranose 'C6 H12 O6'
CA non-polymer 'CALCIUM ION' 'Ca 2'
EPJ non-polymer EPIBATIDINE 'C11 H13 Cl N2'
IVM non-polymer '(2aE,4E,5'S,6S,6'R,7S,8E,11R,13R,15S,17aR,20R,20aR,20bS)-6'-[(2S)-butan-2-yl]-20,20b-dihydroxy-5',6,8,19-tetramethyl-17 -oxo-3',4',5',6,6',10,11,14,15,17,17a,20,20a,20b-tetradecahydro-2H,7H-spiro[11,15-methanofuro[4,3,2-pq][2,6]benzodioxacy clooctadecine-13,2'-pyran]-7-yl 2,6-dideoxy-4-O-(2,6-dideoxy-3-O-methyl-alpha-L-arabino-hexopyranosyl)-3-O-methyl-alpha-L-arabino-hexopyranoside' 'C48 H74 O14'
NAG D-saccharide, beta linking 2-acetamido-2-deoxy-beta-D-glucopyranose 'C8 H15 N O6'
POV non-polymer '(2S)-3-(hexadecanoyloxy)-2-[(9Z)-octadec-9-enoyloxy]propyl 2-(trimethylammonio)ethyl phosphate' 'C42 H82 N O8 P'
#
# COMPACT_ATOMS: atom_id res chain seq x y z
N GLU A 1 25.23 49.92 -19.02
CA GLU A 1 26.50 50.36 -19.65
C GLU A 1 27.69 49.96 -18.78
N PHE A 2 27.56 50.19 -17.47
CA PHE A 2 28.62 49.84 -16.53
C PHE A 2 28.48 48.41 -16.05
N GLN A 3 27.27 47.87 -16.06
CA GLN A 3 27.07 46.47 -15.71
C GLN A 3 27.56 45.59 -16.85
N ARG A 4 27.19 45.91 -18.08
CA ARG A 4 27.70 45.22 -19.26
C ARG A 4 29.22 45.27 -19.30
N LYS A 5 29.79 46.45 -19.08
CA LYS A 5 31.24 46.62 -19.12
C LYS A 5 31.91 45.77 -18.03
N LEU A 6 31.36 45.76 -16.83
CA LEU A 6 31.97 45.00 -15.74
C LEU A 6 31.95 43.50 -16.01
N TYR A 7 30.83 42.97 -16.51
CA TYR A 7 30.73 41.54 -16.77
C TYR A 7 31.77 41.09 -17.79
N LYS A 8 31.97 41.88 -18.84
CA LYS A 8 32.98 41.55 -19.84
C LYS A 8 34.37 41.55 -19.21
N GLU A 9 34.61 42.48 -18.28
CA GLU A 9 35.93 42.59 -17.66
C GLU A 9 36.18 41.47 -16.65
N LEU A 10 35.17 41.14 -15.84
CA LEU A 10 35.37 40.15 -14.78
C LEU A 10 35.61 38.74 -15.32
N VAL A 11 35.13 38.43 -16.53
CA VAL A 11 35.30 37.08 -17.06
C VAL A 11 36.57 36.94 -17.90
N LYS A 12 37.18 38.04 -18.31
CA LYS A 12 38.43 37.99 -19.07
C LYS A 12 39.48 37.20 -18.33
N ASN A 13 39.91 36.09 -18.93
CA ASN A 13 40.92 35.17 -18.42
C ASN A 13 40.49 34.40 -17.18
N TYR A 14 39.23 34.45 -16.79
CA TYR A 14 38.81 33.79 -15.56
C TYR A 14 38.61 32.31 -15.87
N ASN A 15 39.14 31.47 -14.99
CA ASN A 15 39.01 30.02 -15.11
C ASN A 15 38.21 29.48 -13.93
N PRO A 16 37.01 28.91 -14.14
CA PRO A 16 36.27 28.37 -12.98
C PRO A 16 36.95 27.16 -12.33
N LEU A 17 37.98 26.59 -12.97
CA LEU A 17 38.74 25.51 -12.37
C LEU A 17 39.68 25.98 -11.28
N GLU A 18 40.17 27.21 -11.38
CA GLU A 18 41.13 27.75 -10.44
C GLU A 18 40.49 28.10 -9.10
N ARG A 19 41.11 27.63 -8.03
CA ARG A 19 40.69 28.06 -6.70
C ARG A 19 41.06 29.54 -6.56
N PRO A 20 40.11 30.43 -6.25
CA PRO A 20 40.36 31.87 -6.44
C PRO A 20 41.17 32.54 -5.33
N VAL A 21 42.40 32.07 -5.12
CA VAL A 21 43.24 32.58 -4.05
C VAL A 21 44.34 33.41 -4.67
N ALA A 22 44.80 34.42 -3.93
CA ALA A 22 45.92 35.22 -4.40
C ALA A 22 47.22 34.45 -4.29
N ASN A 23 47.38 33.72 -3.18
CA ASN A 23 48.56 32.92 -2.89
C ASN A 23 48.16 31.45 -3.00
N ASP A 24 48.78 30.74 -3.94
CA ASP A 24 48.39 29.37 -4.22
C ASP A 24 48.76 28.40 -3.10
N SER A 25 49.71 28.77 -2.25
CA SER A 25 50.11 27.88 -1.16
C SER A 25 49.10 27.89 -0.02
N GLN A 26 48.39 28.99 0.17
CA GLN A 26 47.50 29.13 1.30
C GLN A 26 46.14 28.49 1.00
N PRO A 27 45.46 27.95 2.01
CA PRO A 27 44.09 27.46 1.77
C PRO A 27 43.10 28.61 1.64
N LEU A 28 41.98 28.32 0.99
CA LEU A 28 40.89 29.26 0.85
C LEU A 28 39.88 29.04 1.96
N THR A 29 39.55 30.11 2.67
CA THR A 29 38.59 30.02 3.76
C THR A 29 37.19 30.07 3.18
N VAL A 30 36.41 29.04 3.45
CA VAL A 30 35.01 28.96 3.06
C VAL A 30 34.21 28.85 4.35
N TYR A 31 33.33 29.82 4.57
CA TYR A 31 32.43 29.77 5.71
C TYR A 31 31.16 29.04 5.31
N PHE A 32 30.89 27.92 5.97
CA PHE A 32 29.73 27.10 5.68
C PHE A 32 28.74 27.18 6.83
N SER A 33 27.51 27.51 6.51
CA SER A 33 26.40 27.43 7.44
C SER A 33 25.19 26.95 6.66
N LEU A 34 24.04 26.99 7.29
CA LEU A 34 22.81 26.62 6.62
C LEU A 34 21.65 27.27 7.36
N SER A 35 20.51 27.30 6.69
CA SER A 35 19.26 27.77 7.24
C SER A 35 18.27 26.62 7.18
N LEU A 36 17.67 26.30 8.31
CA LEU A 36 16.68 25.23 8.37
C LEU A 36 15.31 25.86 8.28
N LEU A 37 14.62 25.59 7.18
CA LEU A 37 13.30 26.15 6.93
C LEU A 37 12.19 25.21 7.38
N GLN A 38 12.35 23.92 7.11
CA GLN A 38 11.34 22.96 7.46
C GLN A 38 11.93 21.57 7.53
N ILE A 39 11.36 20.75 8.41
CA ILE A 39 11.59 19.32 8.40
C ILE A 39 10.39 18.76 7.66
N MET A 40 10.64 18.15 6.52
CA MET A 40 9.55 17.70 5.66
C MET A 40 9.10 16.28 5.98
N ASP A 41 10.02 15.40 6.34
CA ASP A 41 9.63 14.03 6.59
C ASP A 41 10.74 13.32 7.35
N VAL A 42 10.32 12.51 8.31
CA VAL A 42 11.21 11.64 9.06
C VAL A 42 10.66 10.25 8.75
N ASP A 43 11.40 9.51 7.94
CA ASP A 43 11.02 8.15 7.56
C ASP A 43 11.78 7.19 8.47
N GLU A 44 11.08 6.69 9.49
CA GLU A 44 11.75 5.81 10.44
C GLU A 44 11.97 4.43 9.86
N LYS A 45 11.19 4.02 8.87
CA LYS A 45 11.39 2.72 8.23
C LYS A 45 12.55 2.72 7.25
N ASN A 46 12.79 3.82 6.56
CA ASN A 46 13.91 3.89 5.62
C ASN A 46 15.12 4.59 6.23
N GLN A 47 14.99 5.11 7.45
CA GLN A 47 16.07 5.83 8.13
C GLN A 47 16.56 7.02 7.29
N VAL A 48 15.64 7.92 6.94
CA VAL A 48 15.99 9.05 6.09
C VAL A 48 15.25 10.30 6.56
N LEU A 49 16.00 11.34 6.87
CA LEU A 49 15.49 12.67 7.16
C LEU A 49 15.38 13.50 5.88
N THR A 50 14.20 14.03 5.60
CA THR A 50 14.00 14.97 4.50
C THR A 50 13.83 16.37 5.08
N THR A 51 14.74 17.29 4.73
CA THR A 51 14.67 18.69 5.16
C THR A 51 14.70 19.66 3.99
N ASN A 52 14.12 20.84 4.22
CA ASN A 52 14.19 21.97 3.29
C ASN A 52 15.23 22.91 3.90
N ILE A 53 16.38 23.03 3.25
CA ILE A 53 17.50 23.81 3.76
C ILE A 53 18.00 24.80 2.71
N TRP A 54 18.55 25.90 3.18
CA TRP A 54 19.27 26.86 2.34
C TRP A 54 20.71 26.80 2.83
N LEU A 55 21.56 26.10 2.08
CA LEU A 55 22.97 26.06 2.39
C LEU A 55 23.51 27.48 2.32
N GLN A 56 24.51 27.79 3.14
CA GLN A 56 25.14 29.11 3.13
C GLN A 56 26.64 28.95 2.98
N MET A 57 27.17 29.37 1.85
CA MET A 57 28.58 29.32 1.56
C MET A 57 29.03 30.74 1.25
N SER A 58 30.10 31.17 1.91
CA SER A 58 30.68 32.47 1.63
C SER A 58 32.19 32.34 1.62
N TRP A 59 32.81 32.98 0.63
CA TRP A 59 34.25 32.99 0.51
C TRP A 59 34.63 34.28 -0.20
N THR A 60 35.91 34.39 -0.55
CA THR A 60 36.44 35.57 -1.22
C THR A 60 37.12 35.13 -2.51
N ASP A 61 36.72 35.75 -3.61
CA ASP A 61 37.31 35.51 -4.91
C ASP A 61 38.25 36.66 -5.23
N HIS A 62 39.54 36.35 -5.36
CA HIS A 62 40.55 37.37 -5.56
C HIS A 62 40.40 38.08 -6.90
N TYR A 63 39.84 37.39 -7.90
CA TYR A 63 39.78 37.94 -9.25
C TYR A 63 38.50 38.70 -9.53
N LEU A 64 37.45 38.51 -8.74
CA LEU A 64 36.16 39.16 -8.98
C LEU A 64 36.03 40.40 -8.09
N GLN A 65 36.78 41.43 -8.42
CA GLN A 65 36.82 42.68 -7.66
C GLN A 65 36.90 43.85 -8.62
N TRP A 66 36.31 44.96 -8.21
CA TRP A 66 36.30 46.16 -9.05
C TRP A 66 36.15 47.37 -8.15
N ASN A 67 36.50 48.51 -8.70
CA ASN A 67 36.34 49.80 -8.04
C ASN A 67 34.96 50.34 -8.39
N VAL A 68 34.13 50.58 -7.38
CA VAL A 68 32.75 51.02 -7.63
C VAL A 68 32.70 52.46 -8.12
N SER A 69 33.80 53.20 -8.05
CA SER A 69 33.84 54.56 -8.61
C SER A 69 34.02 54.55 -10.12
N GLU A 70 34.29 53.39 -10.72
CA GLU A 70 34.48 53.26 -12.16
C GLU A 70 33.33 52.53 -12.83
N TYR A 71 32.53 51.81 -12.08
CA TYR A 71 31.31 51.15 -12.56
C TYR A 71 30.19 51.60 -11.65
N PRO A 72 29.84 52.89 -11.68
CA PRO A 72 28.91 53.43 -10.69
C PRO A 72 27.55 52.75 -10.76
N GLY A 73 26.97 52.53 -9.58
CA GLY A 73 25.69 51.86 -9.47
C GLY A 73 25.78 50.35 -9.48
N VAL A 74 26.93 49.78 -9.82
CA VAL A 74 27.10 48.33 -9.88
C VAL A 74 27.84 47.94 -8.60
N LYS A 75 27.08 47.57 -7.58
CA LYS A 75 27.65 47.13 -6.32
C LYS A 75 27.79 45.63 -6.22
N THR A 76 27.04 44.87 -7.02
CA THR A 76 27.09 43.42 -6.98
C THR A 76 26.92 42.87 -8.39
N VAL A 77 27.40 41.65 -8.58
CA VAL A 77 27.21 40.90 -9.81
C VAL A 77 26.77 39.50 -9.43
N ARG A 78 26.25 38.80 -10.39
CA ARG A 78 25.74 37.45 -10.15
C ARG A 78 26.26 36.54 -11.26
N PHE A 79 26.65 35.31 -10.93
CA PHE A 79 27.19 34.34 -11.86
C PHE A 79 26.48 32.99 -11.70
N PRO A 80 26.12 32.31 -12.80
CA PRO A 80 25.50 30.98 -12.67
C PRO A 80 26.48 29.83 -12.57
N ASP A 81 25.95 28.62 -12.39
CA ASP A 81 26.79 27.44 -12.26
C ASP A 81 27.60 27.21 -13.52
N GLY A 82 28.89 26.92 -13.33
CA GLY A 82 29.80 26.66 -14.42
C GLY A 82 30.63 27.86 -14.85
N GLN A 83 30.25 29.06 -14.43
CA GLN A 83 30.92 30.28 -14.86
C GLN A 83 31.86 30.84 -13.81
N ILE A 84 31.67 30.48 -12.54
CA ILE A 84 32.45 30.97 -11.42
C ILE A 84 32.93 29.76 -10.64
N TRP A 85 34.09 29.89 -10.01
CA TRP A 85 34.54 28.84 -9.11
C TRP A 85 33.62 28.80 -7.90
N LYS A 86 33.25 27.60 -7.49
CA LYS A 86 32.43 27.35 -6.33
C LYS A 86 33.05 26.25 -5.49
N PRO A 87 32.89 26.26 -4.17
CA PRO A 87 33.29 25.08 -3.39
C PRO A 87 32.37 23.90 -3.66
N ASP A 88 32.96 22.73 -3.83
CA ASP A 88 32.22 21.51 -4.15
C ASP A 88 31.73 20.83 -2.87
N ILE A 89 30.98 21.58 -2.08
CA ILE A 89 30.51 21.07 -0.80
C ILE A 89 29.30 20.17 -1.06
N LEU A 90 29.37 18.94 -0.56
CA LEU A 90 28.33 17.93 -0.71
C LEU A 90 27.88 17.46 0.66
N LEU A 91 26.69 16.88 0.69
CA LEU A 91 26.21 16.17 1.86
C LEU A 91 26.78 14.75 1.81
N TYR A 92 27.68 14.44 2.73
CA TYR A 92 28.31 13.12 2.73
C TYR A 92 27.29 12.01 2.95
N ASN A 93 26.43 12.17 3.94
CA ASN A 93 25.47 11.12 4.28
C ASN A 93 24.15 11.34 3.53
N SER A 94 24.26 11.51 2.22
CA SER A 94 23.09 11.69 1.38
C SER A 94 22.38 10.37 1.13
N ALA A 95 21.06 10.43 1.09
CA ALA A 95 20.21 9.30 0.73
C ALA A 95 19.50 9.51 -0.59
N ASP A 96 19.72 10.64 -1.25
CA ASP A 96 19.11 10.92 -2.54
C ASP A 96 19.72 10.04 -3.63
N GLU A 97 18.86 9.49 -4.50
CA GLU A 97 19.35 8.67 -5.60
C GLU A 97 20.33 9.45 -6.48
N ARG A 98 20.11 10.75 -6.68
CA ARG A 98 21.05 11.61 -7.38
C ARG A 98 22.27 11.98 -6.53
N PHE A 99 22.23 11.70 -5.23
CA PHE A 99 23.24 12.08 -4.25
C PHE A 99 23.32 13.56 -3.93
N ASP A 100 23.44 14.43 -4.94
CA ASP A 100 23.42 15.89 -4.76
C ASP A 100 22.03 16.45 -5.02
N ALA A 101 21.32 16.83 -3.95
CA ALA A 101 19.99 17.42 -4.05
C ALA A 101 20.02 18.94 -4.19
N THR A 102 21.18 19.57 -4.15
CA THR A 102 21.30 21.02 -4.23
C THR A 102 20.74 21.57 -5.54
N PHE A 103 19.93 22.62 -5.45
CA PHE A 103 19.44 23.34 -6.61
C PHE A 103 20.40 24.49 -6.88
N HIS A 104 21.06 24.46 -8.02
CA HIS A 104 22.12 25.41 -8.31
C HIS A 104 21.52 26.76 -8.64
N THR A 105 21.98 27.79 -7.93
CA THR A 105 21.49 29.15 -8.08
C THR A 105 22.68 30.06 -8.32
N ASN A 106 22.45 31.36 -8.36
CA ASN A 106 23.52 32.31 -8.62
C ASN A 106 24.45 32.44 -7.43
N VAL A 107 25.68 32.83 -7.70
CA VAL A 107 26.62 33.29 -6.69
C VAL A 107 26.63 34.81 -6.77
N LEU A 108 26.40 35.46 -5.63
CA LEU A 108 26.37 36.91 -5.56
C LEU A 108 27.73 37.39 -5.09
N VAL A 109 28.33 38.30 -5.86
CA VAL A 109 29.66 38.81 -5.58
C VAL A 109 29.58 40.33 -5.48
N ASN A 110 30.17 40.90 -4.43
CA ASN A 110 30.25 42.35 -4.30
C ASN A 110 31.63 42.85 -4.75
N SER A 111 31.81 44.17 -4.72
CA SER A 111 33.01 44.79 -5.29
C SER A 111 34.31 44.33 -4.62
N SER A 112 34.27 43.95 -3.36
CA SER A 112 35.49 43.55 -2.66
C SER A 112 35.82 42.07 -2.90
N GLY A 113 35.10 41.41 -3.80
CA GLY A 113 35.37 40.03 -4.12
C GLY A 113 34.79 39.03 -3.16
N HIS A 114 33.86 39.44 -2.32
CA HIS A 114 33.23 38.52 -1.41
CA HIS A 114 33.23 38.52 -1.41
C HIS A 114 32.07 37.84 -2.13
N CYS A 115 32.03 36.52 -2.04
CA CYS A 115 31.07 35.72 -2.79
C CYS A 115 30.14 35.10 -1.78
N GLN A 116 28.86 35.12 -2.12
CA GLN A 116 27.82 34.54 -1.31
C GLN A 116 27.05 33.58 -2.21
N TYR A 117 26.79 32.38 -1.70
CA TYR A 117 26.09 31.34 -2.45
C TYR A 117 25.13 30.64 -1.51
N LEU A 118 23.84 30.70 -1.81
CA LEU A 118 22.79 30.16 -0.95
C LEU A 118 21.85 29.23 -1.71
N PRO A 119 22.35 28.10 -2.18
CA PRO A 119 21.51 27.24 -2.99
C PRO A 119 20.46 26.58 -2.12
N PRO A 120 19.20 26.56 -2.52
CA PRO A 120 18.21 25.81 -1.75
C PRO A 120 18.24 24.35 -2.13
N GLY A 121 17.51 23.56 -1.36
CA GLY A 121 17.41 22.17 -1.69
C GLY A 121 16.51 21.38 -0.76
N ILE A 122 15.90 20.34 -1.32
CA ILE A 122 15.22 19.31 -0.56
C ILE A 122 16.25 18.21 -0.37
N PHE A 123 16.83 18.13 0.83
CA PHE A 123 17.91 17.20 1.12
C PHE A 123 17.39 15.97 1.83
N LYS A 124 17.75 14.80 1.31
CA LYS A 124 17.49 13.52 1.97
C LYS A 124 18.82 13.03 2.55
N SER A 125 18.86 12.85 3.86
CA SER A 125 20.06 12.40 4.55
C SER A 125 19.80 11.08 5.28
N SER A 126 20.86 10.30 5.45
CA SER A 126 20.79 9.01 6.14
C SER A 126 20.94 9.27 7.64
N CYS A 127 19.84 9.14 8.36
CA CYS A 127 19.80 9.39 9.80
C CYS A 127 19.48 8.09 10.52
N TYR A 128 20.31 7.73 11.49
CA TYR A 128 20.01 6.59 12.35
C TYR A 128 18.88 6.98 13.30
N ILE A 129 17.69 6.44 13.05
CA ILE A 129 16.51 6.74 13.86
C ILE A 129 16.44 5.71 14.97
N ASP A 130 16.72 6.15 16.20
CA ASP A 130 16.69 5.27 17.35
C ASP A 130 15.25 5.20 17.84
N VAL A 131 14.60 4.06 17.62
CA VAL A 131 13.21 3.85 18.00
C VAL A 131 13.10 3.13 19.35
N ARG A 132 14.18 3.11 20.14
CA ARG A 132 14.16 2.44 21.43
C ARG A 132 13.05 2.99 22.33
N TRP A 133 12.78 4.28 22.26
CA TRP A 133 11.81 4.95 23.10
C TRP A 133 10.60 5.47 22.35
N PHE A 134 10.40 5.03 21.10
CA PHE A 134 9.25 5.47 20.33
C PHE A 134 7.96 5.11 21.08
N PRO A 135 7.01 6.05 21.24
CA PRO A 135 6.82 7.34 20.57
C PRO A 135 7.38 8.52 21.38
N PHE A 136 8.04 8.30 22.51
CA PHE A 136 8.64 9.36 23.32
C PHE A 136 10.12 9.52 22.99
N ASP A 137 10.46 9.48 21.71
CA ASP A 137 11.85 9.45 21.27
C ASP A 137 12.34 10.83 20.83
N VAL A 138 13.60 11.07 21.11
CA VAL A 138 14.32 12.26 20.65
C VAL A 138 15.30 11.73 19.62
N GLN A 139 15.42 12.42 18.49
CA GLN A 139 16.32 12.01 17.43
C GLN A 139 17.43 13.02 17.23
N HIS A 140 18.61 12.53 16.89
CA HIS A 140 19.79 13.33 16.59
C HIS A 140 20.22 12.92 15.19
N CYS A 141 19.84 13.72 14.22
CA CYS A 141 20.13 13.43 12.81
C CYS A 141 21.28 14.32 12.39
N LYS A 142 22.35 13.69 11.92
CA LYS A 142 23.52 14.44 11.49
C LYS A 142 23.40 14.77 10.01
N LEU A 143 23.90 15.95 9.66
CA LEU A 143 24.00 16.41 8.27
C LEU A 143 25.46 16.81 8.15
N LYS A 144 26.25 15.95 7.56
CA LYS A 144 27.68 16.19 7.42
C LYS A 144 27.95 16.78 6.05
N PHE A 145 28.68 17.89 6.04
CA PHE A 145 28.97 18.64 4.83
C PHE A 145 30.46 18.91 4.75
N GLY A 146 31.01 18.74 3.57
CA GLY A 146 32.39 19.08 3.34
C GLY A 146 32.68 19.07 1.87
N SER A 147 33.84 19.61 1.52
CA SER A 147 34.28 19.59 0.14
C SER A 147 34.67 18.16 -0.21
N TRP A 148 34.19 17.68 -1.34
CA TRP A 148 34.51 16.33 -1.77
C TRP A 148 35.98 16.21 -2.18
N SER A 149 36.44 17.11 -3.03
CA SER A 149 37.75 17.00 -3.64
C SER A 149 38.84 17.90 -3.03
N TYR A 150 38.49 18.94 -2.28
CA TYR A 150 39.47 19.87 -1.72
C TYR A 150 39.72 19.55 -0.26
N GLY A 151 40.96 19.13 0.05
CA GLY A 151 41.34 18.87 1.41
C GLY A 151 41.67 20.14 2.18
N GLY A 152 42.10 19.93 3.43
CA GLY A 152 42.34 21.04 4.34
C GLY A 152 43.47 21.98 3.93
N TRP A 153 44.46 21.47 3.20
CA TRP A 153 45.51 22.34 2.70
C TRP A 153 45.05 23.27 1.58
N SER A 154 43.93 22.98 0.93
CA SER A 154 43.42 23.81 -0.17
C SER A 154 42.15 24.55 0.16
N LEU A 155 41.26 24.00 0.98
CA LEU A 155 40.02 24.65 1.37
C LEU A 155 39.87 24.56 2.88
N ASP A 156 40.03 25.70 3.56
CA ASP A 156 39.86 25.80 5.01
C ASP A 156 38.40 26.09 5.33
N LEU A 157 37.63 25.03 5.52
CA LEU A 157 36.22 25.15 5.81
C LEU A 157 35.98 25.52 7.28
N GLN A 158 35.33 26.66 7.48
CA GLN A 158 34.93 27.14 8.80
C GLN A 158 33.42 27.08 8.91
N MET A 159 32.95 26.98 10.14
CA MET A 159 31.54 26.86 10.45
C MET A 159 30.99 28.13 11.07
N GLN A 160 29.76 28.46 10.70
CA GLN A 160 29.00 29.55 11.28
C GLN A 160 27.69 28.93 11.77
N GLU A 161 27.23 29.38 12.94
CA GLU A 161 25.98 28.95 13.56
C GLU A 161 24.84 28.88 12.54
N ALA A 162 24.08 27.79 12.62
CA ALA A 162 22.91 27.63 11.75
C ALA A 162 21.81 28.62 12.12
N ASP A 163 21.05 29.01 11.10
CA ASP A 163 19.92 29.92 11.26
C ASP A 163 18.62 29.13 11.26
N ILE A 164 17.77 29.43 12.25
CA ILE A 164 16.45 28.80 12.37
C ILE A 164 15.39 29.89 12.46
N SER A 165 15.74 31.11 12.06
CA SER A 165 14.84 32.25 12.20
C SER A 165 13.67 32.20 11.25
N GLY A 166 13.80 31.50 10.13
CA GLY A 166 12.68 31.26 9.23
C GLY A 166 12.20 29.83 9.28
N TYR A 167 12.53 29.11 10.35
CA TYR A 167 12.06 27.75 10.52
C TYR A 167 10.55 27.70 10.67
N ILE A 168 9.93 26.77 9.96
CA ILE A 168 8.49 26.56 9.99
C ILE A 168 8.25 25.32 10.83
N PRO A 169 7.57 25.41 11.99
CA PRO A 169 7.42 24.22 12.84
C PRO A 169 6.66 23.09 12.15
N ASN A 170 6.97 21.89 12.60
CA ASN A 170 6.39 20.67 12.07
C ASN A 170 5.37 20.22 13.10
N GLY A 171 4.21 19.78 12.62
CA GLY A 171 3.21 19.27 13.54
C GLY A 171 3.59 18.01 14.28
N GLU A 172 4.61 17.29 13.81
CA GLU A 172 5.01 16.02 14.41
C GLU A 172 6.33 16.09 15.18
N TRP A 173 7.25 16.97 14.79
CA TRP A 173 8.57 17.04 15.39
C TRP A 173 8.84 18.43 15.95
N ASP A 174 9.33 18.48 17.18
CA ASP A 174 9.70 19.72 17.84
C ASP A 174 11.21 19.89 17.73
N LEU A 175 11.63 20.99 17.12
CA LEU A 175 13.05 21.25 16.90
C LEU A 175 13.70 21.67 18.22
N VAL A 176 14.40 20.73 18.86
CA VAL A 176 15.14 21.08 20.07
C VAL A 176 16.27 22.05 19.73
N GLY A 177 17.00 21.77 18.67
CA GLY A 177 18.10 22.64 18.26
C GLY A 177 18.81 22.06 17.06
N ILE A 178 19.77 22.83 16.56
CA ILE A 178 20.58 22.41 15.41
C ILE A 178 22.04 22.76 15.68
N PRO A 179 22.67 22.19 16.70
CA PRO A 179 24.09 22.47 16.95
C PRO A 179 24.96 21.96 15.81
N GLY A 180 26.10 22.62 15.63
CA GLY A 180 27.04 22.23 14.60
C GLY A 180 28.44 22.13 15.16
N LYS A 181 29.24 21.30 14.49
CA LYS A 181 30.61 21.02 14.89
C LYS A 181 31.49 20.89 13.67
N ARG A 182 32.62 21.59 13.67
CA ARG A 182 33.64 21.43 12.64
C ARG A 182 34.67 20.44 13.15
N SER A 183 35.07 19.52 12.28
CA SER A 183 36.02 18.48 12.61
C SER A 183 36.90 18.26 11.40
N GLU A 184 38.05 17.66 11.60
CA GLU A 184 38.97 17.34 10.52
C GLU A 184 39.37 15.88 10.64
N ARG A 185 38.97 15.08 9.66
CA ARG A 185 39.23 13.65 9.62
C ARG A 185 40.26 13.29 8.58
N PHE A 186 40.81 12.09 8.74
CA PHE A 186 41.69 11.45 7.79
C PHE A 186 40.94 10.29 7.15
N TYR A 187 41.20 10.05 5.86
CA TYR A 187 40.56 8.98 5.11
C TYR A 187 41.61 8.09 4.50
N GLU A 188 41.28 6.80 4.37
CA GLU A 188 42.23 5.85 3.80
C GLU A 188 42.62 6.22 2.38
N CYS A 189 41.70 6.86 1.65
CA CYS A 189 42.01 7.32 0.29
C CYS A 189 43.20 8.25 0.25
N CYS A 190 43.37 9.05 1.30
CA CYS A 190 44.02 10.35 1.17
C CYS A 190 44.84 10.63 2.42
N LYS A 191 46.12 10.98 2.22
CA LYS A 191 46.94 11.40 3.35
C LYS A 191 46.54 12.77 3.86
N GLU A 192 46.08 13.64 2.97
CA GLU A 192 45.68 14.98 3.36
C GLU A 192 44.41 14.93 4.23
N PRO A 193 44.34 15.72 5.31
CA PRO A 193 43.11 15.76 6.10
C PRO A 193 42.00 16.53 5.39
N TYR A 194 40.76 16.06 5.52
CA TYR A 194 39.62 16.69 4.87
C TYR A 194 38.66 17.26 5.90
N PRO A 195 38.52 18.59 6.05
CA PRO A 195 37.61 19.13 7.06
C PRO A 195 36.16 18.94 6.65
N ASP A 196 35.31 18.72 7.64
CA ASP A 196 33.87 18.64 7.44
C ASP A 196 33.17 19.45 8.50
N VAL A 197 31.90 19.76 8.25
CA VAL A 197 31.03 20.47 9.18
C VAL A 197 29.79 19.61 9.31
N THR A 198 29.45 19.23 10.53
CA THR A 198 28.30 18.39 10.82
C THR A 198 27.32 19.18 11.68
N PHE A 199 26.10 19.33 11.17
CA PHE A 199 25.00 19.94 11.90
C PHE A 199 24.09 18.81 12.37
N THR A 200 23.90 18.74 13.68
CA THR A 200 23.08 17.70 14.30
C THR A 200 21.70 18.29 14.58
N VAL A 201 20.72 17.87 13.79
CA VAL A 201 19.34 18.29 14.00
C VAL A 201 18.80 17.48 15.17
N THR A 202 18.50 18.15 16.28
CA THR A 202 17.94 17.50 17.47
C THR A 202 16.43 17.71 17.45
N MET A 203 15.69 16.61 17.43
CA MET A 203 14.26 16.60 17.16
C MET A 203 13.55 15.79 18.23
N ARG A 204 12.49 16.35 18.79
CA ARG A 204 11.65 15.69 19.78
C ARG A 204 10.32 15.38 19.12
N ARG A 205 9.94 14.11 19.12
CA ARG A 205 8.64 13.75 18.58
C ARG A 205 7.55 14.34 19.45
N ARG A 206 6.54 14.94 18.81
CA ARG A 206 5.35 15.40 19.50
C ARG A 206 4.40 14.21 19.59
N THR A 207 3.98 13.88 20.81
CA THR A 207 3.41 12.59 21.12
C THR A 207 1.88 12.58 21.19
N LEU A 208 1.19 13.70 20.91
CA LEU A 208 -0.28 13.71 20.98
C LEU A 208 -0.87 12.73 19.99
N TYR A 209 -0.38 12.74 18.74
CA TYR A 209 -0.96 11.86 17.73
C TYR A 209 -0.75 10.41 18.09
N TYR A 210 0.43 10.06 18.60
CA TYR A 210 0.72 8.67 18.89
C TYR A 210 0.11 8.26 20.22
N GLY A 211 -0.11 9.22 21.12
CA GLY A 211 -0.76 8.90 22.37
C GLY A 211 -2.20 8.50 22.14
N LEU A 212 -2.89 9.22 21.24
CA LEU A 212 -4.31 8.98 21.02
C LEU A 212 -4.58 7.90 19.98
N ASN A 213 -3.65 7.61 19.07
CA ASN A 213 -3.89 6.64 18.00
C ASN A 213 -3.18 5.32 18.20
N LEU A 214 -2.27 5.22 19.18
CA LEU A 214 -1.48 4.00 19.36
C LEU A 214 -1.36 3.54 20.81
N LEU A 215 -1.34 4.43 21.80
CA LEU A 215 -1.13 4.05 23.19
C LEU A 215 -2.42 3.93 23.98
N ILE A 216 -3.35 4.86 23.80
CA ILE A 216 -4.66 4.81 24.43
C ILE A 216 -5.51 3.67 23.86
N PRO A 217 -5.42 3.34 22.57
CA PRO A 217 -6.14 2.14 22.10
C PRO A 217 -5.73 0.89 22.87
N CYS A 218 -4.43 0.58 22.94
CA CYS A 218 -3.96 -0.56 23.72
C CYS A 218 -4.54 -0.60 25.13
N VAL A 219 -4.67 0.56 25.77
CA VAL A 219 -5.32 0.59 27.06
C VAL A 219 -6.78 0.18 26.92
N LEU A 220 -7.46 0.65 25.88
CA LEU A 220 -8.86 0.28 25.66
C LEU A 220 -8.98 -1.20 25.29
N ILE A 221 -8.11 -1.70 24.42
CA ILE A 221 -8.09 -3.13 24.12
C ILE A 221 -7.60 -3.94 25.32
N SER A 222 -6.84 -3.36 26.25
CA SER A 222 -6.49 -4.08 27.47
C SER A 222 -7.64 -4.06 28.48
N ALA A 223 -8.42 -2.99 28.47
CA ALA A 223 -9.58 -2.89 29.34
C ALA A 223 -10.72 -3.78 28.86
N LEU A 224 -10.92 -3.88 27.54
CA LEU A 224 -11.90 -4.80 27.00
C LEU A 224 -11.59 -6.25 27.36
N ALA A 225 -10.32 -6.63 27.32
CA ALA A 225 -9.94 -7.98 27.71
C ALA A 225 -10.30 -8.25 29.16
N LEU A 226 -10.16 -7.25 30.03
CA LEU A 226 -10.51 -7.43 31.43
C LEU A 226 -12.00 -7.67 31.63
N LEU A 227 -12.85 -7.19 30.71
CA LEU A 227 -14.28 -7.43 30.84
C LEU A 227 -14.66 -8.89 30.70
N VAL A 228 -13.77 -9.76 30.24
CA VAL A 228 -14.09 -11.18 30.19
C VAL A 228 -14.26 -11.71 31.61
N PHE A 229 -13.57 -11.11 32.58
CA PHE A 229 -13.62 -11.57 33.95
C PHE A 229 -14.88 -11.12 34.68
N LEU A 230 -15.72 -10.31 34.04
CA LEU A 230 -17.02 -9.94 34.58
C LEU A 230 -18.17 -10.57 33.82
N LEU A 231 -17.92 -11.20 32.68
CA LEU A 231 -18.96 -11.92 31.98
C LEU A 231 -19.33 -13.17 32.76
N PRO A 232 -20.62 -13.45 32.99
CA PRO A 232 -20.98 -14.76 33.53
C PRO A 232 -20.51 -15.88 32.60
N ALA A 233 -20.23 -17.04 33.19
CA ALA A 233 -19.83 -18.19 32.40
C ALA A 233 -20.99 -18.75 31.59
N ASP A 234 -22.21 -18.68 32.14
CA ASP A 234 -23.37 -19.20 31.44
C ASP A 234 -23.72 -18.39 30.19
N SER A 235 -23.22 -17.16 30.10
CA SER A 235 -23.45 -16.37 28.89
C SER A 235 -22.93 -17.06 27.64
N GLY A 236 -21.87 -17.87 27.78
CA GLY A 236 -21.37 -18.60 26.64
C GLY A 236 -20.58 -17.78 25.66
N GLU A 237 -20.07 -16.61 26.07
CA GLU A 237 -19.43 -15.65 25.17
C GLU A 237 -18.10 -15.14 25.70
N LYS A 238 -17.50 -15.80 26.70
CA LYS A 238 -16.25 -15.29 27.24
C LYS A 238 -15.07 -15.59 26.33
N ILE A 239 -15.13 -16.67 25.55
CA ILE A 239 -14.08 -16.94 24.58
C ILE A 239 -14.29 -16.07 23.36
N SER A 240 -15.55 -15.84 22.97
CA SER A 240 -15.84 -14.94 21.86
C SER A 240 -15.31 -13.55 22.16
N LEU A 241 -15.57 -13.04 23.36
CA LEU A 241 -15.05 -11.73 23.73
C LEU A 241 -13.53 -11.74 23.77
N GLY A 242 -12.94 -12.69 24.48
CA GLY A 242 -11.49 -12.69 24.64
C GLY A 242 -10.76 -12.89 23.32
N ILE A 243 -11.18 -13.89 22.54
CA ILE A 243 -10.46 -14.19 21.31
C ILE A 243 -10.72 -13.12 20.24
N THR A 244 -11.86 -12.44 20.31
CA THR A 244 -12.10 -11.36 19.35
C THR A 244 -11.21 -10.17 19.69
N VAL A 245 -11.03 -9.91 20.99
CA VAL A 245 -10.18 -8.82 21.43
C VAL A 245 -8.75 -9.08 20.96
N LEU A 246 -8.27 -10.30 21.09
CA LEU A 246 -6.95 -10.63 20.61
C LEU A 246 -6.86 -10.58 19.10
N LEU A 247 -7.94 -10.87 18.36
CA LEU A 247 -7.88 -10.69 16.91
C LEU A 247 -7.73 -9.22 16.57
N SER A 248 -8.47 -8.37 17.25
CA SER A 248 -8.40 -6.97 17.01
C SER A 248 -7.01 -6.50 17.31
N LEU A 249 -6.47 -6.89 18.44
CA LEU A 249 -5.14 -6.47 18.88
C LEU A 249 -4.05 -6.90 17.92
N THR A 250 -4.16 -8.13 17.38
CA THR A 250 -3.18 -8.59 16.41
C THR A 250 -3.21 -7.73 15.15
N VAL A 251 -4.41 -7.44 14.65
CA VAL A 251 -4.57 -6.54 13.51
C VAL A 251 -4.00 -5.17 13.85
N PHE A 252 -4.24 -4.70 15.07
CA PHE A 252 -3.71 -3.41 15.49
C PHE A 252 -2.19 -3.39 15.46
N MET A 253 -1.53 -4.47 15.90
CA MET A 253 -0.08 -4.54 15.89
C MET A 253 0.49 -4.71 14.50
N LEU A 254 -0.29 -5.25 13.55
CA LEU A 254 0.16 -5.29 12.16
C LEU A 254 0.31 -3.88 11.60
N LEU A 255 -0.71 -3.05 11.81
CA LEU A 255 -0.68 -1.65 11.43
C LEU A 255 0.51 -0.90 11.99
N VAL A 256 0.96 -1.26 13.19
CA VAL A 256 2.13 -0.64 13.80
C VAL A 256 3.43 -1.03 13.10
N ALA A 257 3.54 -2.26 12.62
CA ALA A 257 4.72 -2.61 11.83
C ALA A 257 4.98 -1.68 10.64
N GLU A 258 3.95 -1.13 9.99
CA GLU A 258 4.17 -0.15 8.91
C GLU A 258 5.09 1.01 9.26
N ILE A 259 5.23 1.37 10.55
CA ILE A 259 5.97 2.57 10.92
C ILE A 259 7.37 2.27 11.44
N MET A 260 7.58 1.06 12.02
CA MET A 260 8.87 0.81 12.65
C MET A 260 9.86 0.22 11.65
N PRO A 261 11.16 0.51 11.79
CA PRO A 261 12.14 -0.15 10.92
C PRO A 261 12.39 -1.58 11.39
N ALA A 262 12.72 -2.43 10.42
CA ALA A 262 13.03 -3.84 10.71
C ALA A 262 14.49 -3.95 11.13
N THR A 263 14.78 -3.39 12.30
CA THR A 263 16.13 -3.33 12.85
C THR A 263 16.20 -4.09 14.17
N SER A 264 17.43 -4.42 14.56
CA SER A 264 17.71 -5.25 15.74
C SER A 264 18.68 -4.57 16.70
N ASP A 265 18.83 -3.25 16.61
CA ASP A 265 19.67 -2.55 17.58
C ASP A 265 19.13 -2.73 19.00
N SER A 266 17.81 -2.71 19.14
CA SER A 266 17.16 -2.85 20.43
C SER A 266 15.71 -3.25 20.19
N VAL A 267 15.06 -3.69 21.25
CA VAL A 267 13.62 -3.94 21.24
C VAL A 267 12.94 -2.63 21.62
N PRO A 268 12.11 -2.04 20.75
CA PRO A 268 11.55 -0.71 21.06
C PRO A 268 10.69 -0.71 22.30
N LEU A 269 10.27 0.49 22.69
CA LEU A 269 9.40 0.66 23.85
C LEU A 269 7.99 0.22 23.50
N ILE A 270 7.55 0.50 22.27
CA ILE A 270 6.23 0.11 21.84
C ILE A 270 6.12 -1.41 21.78
N ALA A 271 7.21 -2.08 21.39
CA ALA A 271 7.22 -3.55 21.39
C ALA A 271 7.07 -4.09 22.80
N GLN A 272 7.78 -3.51 23.77
CA GLN A 272 7.63 -3.94 25.16
C GLN A 272 6.22 -3.66 25.65
N TYR A 273 5.68 -2.49 25.30
CA TYR A 273 4.31 -2.16 25.69
C TYR A 273 3.32 -3.12 25.06
N PHE A 274 3.53 -3.47 23.79
CA PHE A 274 2.72 -4.49 23.14
C PHE A 274 2.86 -5.84 23.82
N ALA A 275 4.08 -6.19 24.23
CA ALA A 275 4.30 -7.45 24.93
C ALA A 275 3.48 -7.51 26.21
N SER A 276 3.43 -6.40 26.95
CA SER A 276 2.61 -6.37 28.15
C SER A 276 1.14 -6.53 27.78
N THR A 277 0.66 -5.74 26.81
CA THR A 277 -0.72 -5.83 26.36
C THR A 277 -1.04 -7.23 25.83
N MET A 278 -0.14 -7.79 25.02
CA MET A 278 -0.32 -9.16 24.52
C MET A 278 -0.51 -10.13 25.67
N ILE A 279 0.32 -10.00 26.70
CA ILE A 279 0.25 -10.88 27.87
C ILE A 279 -1.12 -10.80 28.52
N ILE A 280 -1.67 -9.59 28.67
CA ILE A 280 -2.97 -9.45 29.36
C ILE A 280 -4.04 -10.21 28.60
N VAL A 281 -4.05 -10.08 27.28
CA VAL A 281 -5.12 -10.71 26.50
C VAL A 281 -4.87 -12.20 26.37
N GLY A 282 -3.62 -12.60 26.13
CA GLY A 282 -3.31 -14.01 26.01
C GLY A 282 -3.55 -14.78 27.29
N LEU A 283 -3.12 -14.24 28.44
CA LEU A 283 -3.34 -14.92 29.70
C LEU A 283 -4.77 -14.81 30.20
N SER A 284 -5.53 -13.82 29.72
CA SER A 284 -6.95 -13.77 30.07
C SER A 284 -7.73 -14.84 29.30
N VAL A 285 -7.27 -15.21 28.11
CA VAL A 285 -7.85 -16.34 27.41
C VAL A 285 -7.47 -17.64 28.11
N VAL A 286 -6.22 -17.77 28.53
CA VAL A 286 -5.79 -18.96 29.26
C VAL A 286 -6.57 -19.08 30.56
N VAL A 287 -6.71 -17.97 31.29
CA VAL A 287 -7.47 -18.01 32.53
C VAL A 287 -8.94 -18.27 32.24
N THR A 288 -9.45 -17.73 31.14
CA THR A 288 -10.84 -17.97 30.78
C THR A 288 -11.10 -19.45 30.54
N VAL A 289 -10.15 -20.13 29.91
CA VAL A 289 -10.27 -21.57 29.72
C VAL A 289 -10.30 -22.28 31.06
N ILE A 290 -9.46 -21.85 32.00
CA ILE A 290 -9.44 -22.47 33.32
C ILE A 290 -10.76 -22.21 34.04
N VAL A 291 -11.29 -20.99 33.92
CA VAL A 291 -12.55 -20.66 34.57
C VAL A 291 -13.68 -21.50 33.99
N LEU A 292 -13.67 -21.71 32.68
CA LEU A 292 -14.68 -22.54 32.04
C LEU A 292 -14.52 -24.00 32.44
N GLN A 293 -13.28 -24.45 32.60
CA GLN A 293 -13.05 -25.81 33.10
C GLN A 293 -13.67 -25.99 34.48
N TYR A 294 -13.49 -25.00 35.36
CA TYR A 294 -14.12 -25.05 36.68
C TYR A 294 -15.64 -24.98 36.56
N HIS A 295 -16.14 -24.08 35.71
CA HIS A 295 -17.59 -23.89 35.60
C HIS A 295 -18.28 -25.11 35.04
N HIS A 296 -17.67 -25.75 34.04
CA HIS A 296 -18.26 -26.90 33.35
C HIS A 296 -17.74 -28.22 33.88
N HIS A 297 -17.29 -28.24 35.14
CA HIS A 297 -16.74 -29.46 35.69
C HIS A 297 -17.82 -30.52 35.83
N ASP A 298 -17.47 -31.76 35.54
CA ASP A 298 -18.42 -32.86 35.62
C ASP A 298 -18.68 -33.20 37.09
N PRO A 299 -19.92 -33.11 37.58
CA PRO A 299 -20.15 -33.37 39.02
C PRO A 299 -19.80 -34.79 39.46
N ASP A 300 -19.68 -35.73 38.52
CA ASP A 300 -19.29 -37.10 38.81
C ASP A 300 -17.83 -37.37 38.50
N GLY A 301 -17.02 -36.32 38.38
CA GLY A 301 -15.61 -36.43 38.11
C GLY A 301 -14.80 -36.30 39.39
N GLY A 302 -13.50 -36.05 39.22
CA GLY A 302 -12.59 -35.90 40.33
C GLY A 302 -13.05 -34.89 41.37
N LYS A 303 -13.03 -35.29 42.64
CA LYS A 303 -13.52 -34.43 43.70
C LYS A 303 -12.61 -33.20 43.83
N MET A 304 -13.16 -32.15 44.40
CA MET A 304 -12.44 -30.89 44.51
C MET A 304 -11.22 -31.08 45.42
N PRO A 305 -9.96 -30.79 44.95
CA PRO A 305 -8.80 -30.93 45.84
C PRO A 305 -8.92 -30.16 47.14
N LYS A 306 -8.16 -30.56 48.16
CA LYS A 306 -8.20 -29.82 49.41
C LYS A 306 -7.55 -28.44 49.25
N TRP A 307 -6.53 -28.33 48.41
CA TRP A 307 -5.91 -27.03 48.18
C TRP A 307 -6.90 -26.08 47.51
N THR A 308 -7.69 -26.61 46.58
CA THR A 308 -8.66 -25.78 45.88
C THR A 308 -9.78 -25.35 46.82
N ARG A 309 -10.19 -26.25 47.73
CA ARG A 309 -11.29 -25.95 48.64
C ARG A 309 -10.95 -24.83 49.62
N VAL A 310 -9.67 -24.68 49.97
CA VAL A 310 -9.25 -23.71 50.97
C VAL A 310 -8.71 -22.43 50.34
N ILE A 311 -7.87 -22.56 49.30
CA ILE A 311 -7.22 -21.39 48.72
C ILE A 311 -8.25 -20.47 48.05
N LEU A 312 -9.36 -21.02 47.58
CA LEU A 312 -10.35 -20.26 46.83
C LEU A 312 -11.64 -20.04 47.59
N LEU A 313 -12.31 -21.11 48.03
CA LEU A 313 -13.61 -20.93 48.66
C LEU A 313 -13.53 -20.36 50.07
N ASN A 314 -12.34 -20.30 50.69
CA ASN A 314 -12.19 -19.76 52.03
C ASN A 314 -11.33 -18.50 52.03
N TRP A 315 -10.04 -18.61 51.73
CA TRP A 315 -9.14 -17.47 51.80
C TRP A 315 -9.48 -16.37 50.80
N CYS A 316 -9.32 -16.68 49.50
CA CYS A 316 -9.63 -15.71 48.46
C CYS A 316 -11.07 -15.23 48.54
N ALA A 317 -12.01 -16.15 48.74
CA ALA A 317 -13.42 -15.77 48.78
C ALA A 317 -13.72 -14.81 49.91
N TRP A 318 -13.18 -15.06 51.10
CA TRP A 318 -13.36 -14.12 52.20
C TRP A 318 -12.68 -12.78 51.92
N PHE A 319 -11.45 -12.83 51.38
CA PHE A 319 -10.73 -11.60 51.08
C PHE A 319 -11.50 -10.75 50.09
N LEU A 320 -11.99 -11.38 49.02
CA LEU A 320 -12.75 -10.71 47.98
C LEU A 320 -14.18 -10.38 48.41
N ARG A 321 -14.60 -10.79 49.61
CA ARG A 321 -15.94 -10.56 50.14
C ARG A 321 -17.02 -10.98 49.16
N MET A 322 -16.98 -12.27 48.81
CA MET A 322 -17.92 -12.86 47.86
C MET A 322 -18.96 -13.74 48.55
N LYS A 323 -18.52 -14.72 49.33
CA LYS A 323 -19.41 -15.67 50.00
C LYS A 323 -20.44 -16.29 49.05
N PRO A 479 -48.68 -55.19 49.41
CA PRO A 479 -49.10 -55.51 48.04
C PRO A 479 -48.91 -54.31 47.08
N ASP A 480 -49.93 -53.93 46.30
CA ASP A 480 -49.76 -52.86 45.30
C ASP A 480 -49.25 -51.57 45.93
N LEU A 481 -49.69 -51.26 47.15
CA LEU A 481 -49.31 -49.98 47.76
C LEU A 481 -47.82 -49.97 48.12
N ALA A 482 -47.24 -51.15 48.38
CA ALA A 482 -45.81 -51.23 48.64
C ALA A 482 -45.04 -50.98 47.35
N LYS A 483 -45.58 -51.44 46.23
CA LYS A 483 -44.90 -51.25 44.95
C LYS A 483 -44.95 -49.79 44.52
N ILE A 484 -46.07 -49.11 44.79
CA ILE A 484 -46.16 -47.68 44.53
C ILE A 484 -45.12 -46.92 45.35
N LEU A 485 -44.92 -47.34 46.61
CA LEU A 485 -43.92 -46.70 47.45
C LEU A 485 -42.53 -46.80 46.82
N GLU A 486 -42.20 -47.97 46.27
CA GLU A 486 -40.89 -48.16 45.66
C GLU A 486 -40.67 -47.22 44.49
N GLU A 487 -41.68 -47.05 43.62
CA GLU A 487 -41.54 -46.18 42.47
C GLU A 487 -41.36 -44.73 42.88
N VAL A 488 -42.22 -44.26 43.80
CA VAL A 488 -42.13 -42.86 44.21
C VAL A 488 -40.83 -42.61 44.97
N ARG A 489 -40.40 -43.58 45.77
CA ARG A 489 -39.14 -43.43 46.49
C ARG A 489 -37.97 -43.39 45.53
N TYR A 490 -38.00 -44.18 44.46
CA TYR A 490 -36.98 -44.07 43.42
C TYR A 490 -37.00 -42.69 42.79
N ILE A 491 -38.20 -42.17 42.49
CA ILE A 491 -38.29 -40.84 41.91
C ILE A 491 -37.75 -39.80 42.88
N ALA A 492 -38.13 -39.92 44.17
CA ALA A 492 -37.65 -38.97 45.16
C ALA A 492 -36.15 -39.12 45.39
N ASN A 493 -35.65 -40.35 45.49
CA ASN A 493 -34.22 -40.55 45.66
C ASN A 493 -33.45 -40.09 44.43
N ARG A 494 -34.02 -40.29 43.25
CA ARG A 494 -33.41 -39.76 42.03
C ARG A 494 -33.28 -38.24 42.12
N PHE A 495 -34.34 -37.57 42.56
CA PHE A 495 -34.31 -36.11 42.69
C PHE A 495 -33.26 -35.67 43.70
N ARG A 496 -33.14 -36.40 44.81
CA ARG A 496 -32.14 -36.06 45.81
C ARG A 496 -30.74 -36.20 45.25
N CYS A 497 -30.51 -37.23 44.42
CA CYS A 497 -29.20 -37.37 43.77
C CYS A 497 -28.91 -36.20 42.85
N GLN A 498 -29.91 -35.72 42.12
CA GLN A 498 -29.70 -34.52 41.31
C GLN A 498 -29.37 -33.31 42.18
N ASP A 499 -30.04 -33.20 43.34
CA ASP A 499 -29.78 -32.08 44.24
C ASP A 499 -28.35 -32.11 44.75
N GLU A 500 -27.84 -33.27 45.14
CA GLU A 500 -26.45 -33.37 45.57
C GLU A 500 -25.51 -33.06 44.42
N SER A 501 -25.79 -33.58 43.23
CA SER A 501 -24.91 -33.36 42.08
C SER A 501 -24.87 -31.88 41.69
N GLU A 502 -26.02 -31.21 41.70
CA GLU A 502 -26.03 -29.79 41.33
C GLU A 502 -25.43 -28.93 42.43
N ALA A 503 -25.49 -29.40 43.68
CA ALA A 503 -24.78 -28.72 44.76
C ALA A 503 -23.27 -28.81 44.54
N VAL A 504 -22.78 -29.99 44.13
CA VAL A 504 -21.37 -30.12 43.77
C VAL A 504 -21.04 -29.18 42.61
N CYS A 505 -21.92 -29.13 41.61
CA CYS A 505 -21.72 -28.21 40.49
C CYS A 505 -21.69 -26.76 40.96
N SER A 506 -22.58 -26.41 41.89
CA SER A 506 -22.66 -25.04 42.38
C SER A 506 -21.34 -24.65 43.06
N GLU A 507 -20.75 -25.58 43.80
CA GLU A 507 -19.44 -25.35 44.41
C GLU A 507 -18.38 -25.10 43.34
N TRP A 508 -18.38 -25.90 42.29
CA TRP A 508 -17.43 -25.71 41.19
C TRP A 508 -17.68 -24.39 40.47
N LYS A 509 -18.95 -24.05 40.25
CA LYS A 509 -19.27 -22.78 39.62
C LYS A 509 -18.85 -21.60 40.50
N PHE A 510 -19.02 -21.73 41.82
CA PHE A 510 -18.60 -20.67 42.72
C PHE A 510 -17.08 -20.52 42.72
N ALA A 511 -16.35 -21.65 42.66
CA ALA A 511 -14.90 -21.57 42.55
C ALA A 511 -14.49 -20.88 41.26
N ALA A 512 -15.22 -21.13 40.17
CA ALA A 512 -14.95 -20.43 38.93
C ALA A 512 -15.12 -18.93 39.11
N CYS A 513 -16.17 -18.50 39.82
CA CYS A 513 -16.40 -17.08 40.07
C CYS A 513 -15.28 -16.47 40.90
N VAL A 514 -14.81 -17.19 41.91
CA VAL A 514 -13.72 -16.67 42.75
C VAL A 514 -12.45 -16.52 41.93
N VAL A 515 -12.08 -17.57 41.18
CA VAL A 515 -10.92 -17.49 40.30
C VAL A 515 -11.10 -16.34 39.33
N ASP A 516 -12.32 -16.15 38.84
CA ASP A 516 -12.58 -15.10 37.86
C ASP A 516 -12.39 -13.72 38.48
N ARG A 517 -12.83 -13.56 39.73
CA ARG A 517 -12.69 -12.30 40.44
C ARG A 517 -11.26 -12.06 40.89
N LEU A 518 -10.57 -13.13 41.31
CA LEU A 518 -9.17 -13.03 41.68
C LEU A 518 -8.33 -12.55 40.51
N CYS A 519 -8.56 -13.12 39.33
CA CYS A 519 -7.79 -12.75 38.15
C CYS A 519 -8.19 -11.38 37.62
N LEU A 520 -9.44 -10.96 37.83
CA LEU A 520 -9.84 -9.60 37.51
C LEU A 520 -8.95 -8.59 38.22
N MET A 521 -8.82 -8.74 39.55
CA MET A 521 -7.99 -7.83 40.32
C MET A 521 -6.52 -7.96 39.92
N ALA A 522 -6.03 -9.19 39.77
CA ALA A 522 -4.63 -9.40 39.45
C ALA A 522 -4.28 -8.82 38.09
N PHE A 523 -5.12 -9.09 37.08
CA PHE A 523 -4.84 -8.57 35.74
C PHE A 523 -5.03 -7.07 35.69
N SER A 524 -6.02 -6.54 36.43
CA SER A 524 -6.22 -5.10 36.47
C SER A 524 -5.01 -4.39 37.05
N VAL A 525 -4.52 -4.86 38.21
CA VAL A 525 -3.36 -4.23 38.83
C VAL A 525 -2.14 -4.39 37.93
N PHE A 526 -1.93 -5.61 37.43
CA PHE A 526 -0.76 -5.88 36.60
C PHE A 526 -0.83 -5.09 35.31
N THR A 527 -2.03 -4.91 34.76
CA THR A 527 -2.20 -4.07 33.58
C THR A 527 -1.74 -2.64 33.86
N ILE A 528 -2.17 -2.09 35.00
CA ILE A 528 -1.83 -0.72 35.36
C ILE A 528 -0.31 -0.56 35.53
N ILE A 529 0.31 -1.48 36.26
CA ILE A 529 1.74 -1.36 36.53
C ILE A 529 2.55 -1.44 35.24
N CYS A 530 2.23 -2.41 34.38
CA CYS A 530 2.96 -2.54 33.13
C CYS A 530 2.76 -1.33 32.24
N THR A 531 1.52 -0.85 32.12
CA THR A 531 1.26 0.36 31.35
C THR A 531 2.05 1.54 31.92
N ILE A 532 1.92 1.79 33.23
CA ILE A 532 2.60 2.92 33.83
C ILE A 532 4.11 2.70 33.81
N GLY A 533 4.56 1.49 34.17
CA GLY A 533 5.98 1.22 34.26
C GLY A 533 6.70 1.29 32.92
N ILE A 534 6.12 0.68 31.89
CA ILE A 534 6.76 0.70 30.57
C ILE A 534 6.79 2.13 30.02
N LEU A 535 5.67 2.86 30.13
CA LEU A 535 5.62 4.21 29.59
C LEU A 535 6.59 5.14 30.30
N MET A 536 6.57 5.14 31.64
CA MET A 536 7.41 6.08 32.38
C MET A 536 8.88 5.69 32.37
N SER A 537 9.22 4.47 31.96
CA SER A 537 10.63 4.13 31.78
C SER A 537 11.30 4.98 30.70
N ALA A 538 10.53 5.58 29.81
CA ALA A 538 11.10 6.45 28.79
C ALA A 538 11.63 7.74 29.43
N PRO A 539 12.87 8.17 29.15
CA PRO A 539 13.35 9.41 29.76
C PRO A 539 12.51 10.64 29.44
N ASN A 540 11.89 10.68 28.27
CA ASN A 540 11.18 11.86 27.79
C ASN A 540 9.68 11.79 28.02
N PHE A 541 9.18 10.80 28.78
CA PHE A 541 7.74 10.70 28.99
C PHE A 541 7.20 11.90 29.76
N VAL A 542 7.88 12.29 30.83
CA VAL A 542 7.41 13.41 31.65
C VAL A 542 7.41 14.69 30.82
N GLU A 543 8.48 14.92 30.05
CA GLU A 543 8.53 16.09 29.18
C GLU A 543 7.41 16.06 28.15
N ALA A 544 7.14 14.87 27.58
CA ALA A 544 6.14 14.76 26.53
C ALA A 544 4.75 15.12 27.03
N VAL A 545 4.37 14.59 28.19
CA VAL A 545 3.02 14.86 28.70
C VAL A 545 2.87 16.33 29.08
N SER A 546 3.94 16.95 29.58
CA SER A 546 3.84 18.36 29.97
C SER A 546 3.75 19.28 28.75
N LYS A 547 4.41 18.92 27.64
CA LYS A 547 4.47 19.80 26.48
C LYS A 547 3.39 19.52 25.44
N ASP A 548 3.00 18.27 25.27
CA ASP A 548 2.03 17.89 24.24
C ASP A 548 0.63 17.68 24.77
N PHE A 549 0.50 17.28 26.04
CA PHE A 549 -0.80 17.04 26.66
C PHE A 549 -1.14 18.13 27.67
N GLU B 1 48.21 32.76 -9.61
CA GLU B 1 49.13 33.09 -10.74
C GLU B 1 49.72 31.82 -11.33
N PHE B 2 50.18 30.93 -10.45
CA PHE B 2 50.77 29.66 -10.88
C PHE B 2 49.71 28.60 -11.08
N GLN B 3 48.60 28.71 -10.38
CA GLN B 3 47.48 27.79 -10.59
C GLN B 3 46.80 28.10 -11.91
N ARG B 4 46.51 29.37 -12.15
CA ARG B 4 45.97 29.81 -13.44
C ARG B 4 46.88 29.41 -14.58
N LYS B 5 48.18 29.66 -14.43
CA LYS B 5 49.14 29.31 -15.48
C LYS B 5 49.16 27.81 -15.74
N LEU B 6 49.13 27.00 -14.68
CA LEU B 6 49.19 25.55 -14.87
C LEU B 6 47.95 25.02 -15.58
N TYR B 7 46.76 25.51 -15.21
CA TYR B 7 45.54 25.02 -15.84
C TYR B 7 45.53 25.29 -17.33
N LYS B 8 45.99 26.48 -17.73
CA LYS B 8 46.07 26.80 -19.15
C LYS B 8 47.04 25.86 -19.85
N GLU B 9 48.14 25.51 -19.19
CA GLU B 9 49.15 24.66 -19.81
C GLU B 9 48.69 23.21 -19.89
N LEU B 10 48.07 22.69 -18.83
CA LEU B 10 47.69 21.29 -18.81
C LEU B 10 46.61 20.93 -19.82
N VAL B 11 45.78 21.90 -20.22
CA VAL B 11 44.69 21.60 -21.16
C VAL B 11 45.11 21.81 -22.61
N LYS B 12 46.20 22.52 -22.87
CA LYS B 12 46.70 22.71 -24.22
C LYS B 12 46.89 21.38 -24.94
N ASN B 13 46.12 21.18 -26.01
CA ASN B 13 46.14 20.00 -26.86
C ASN B 13 45.63 18.74 -26.18
N TYR B 14 45.03 18.84 -24.99
CA TYR B 14 44.60 17.65 -24.29
C TYR B 14 43.26 17.20 -24.88
N ASN B 15 43.14 15.91 -25.13
CA ASN B 15 41.93 15.31 -25.67
C ASN B 15 41.34 14.35 -24.65
N PRO B 16 40.16 14.59 -24.08
CA PRO B 16 39.61 13.61 -23.12
C PRO B 16 39.24 12.27 -23.75
N LEU B 17 39.24 12.17 -25.09
CA LEU B 17 39.01 10.91 -25.77
C LEU B 17 40.21 9.97 -25.70
N GLU B 18 41.41 10.54 -25.65
CA GLU B 18 42.62 9.75 -25.66
C GLU B 18 42.87 9.03 -24.34
N ARG B 19 43.15 7.75 -24.42
CA ARG B 19 43.58 7.02 -23.23
C ARG B 19 44.96 7.55 -22.86
N PRO B 20 45.17 8.03 -21.63
CA PRO B 20 46.38 8.85 -21.35
C PRO B 20 47.66 8.04 -21.12
N VAL B 21 48.07 7.25 -22.10
CA VAL B 21 49.23 6.38 -21.97
C VAL B 21 50.35 6.97 -22.81
N ALA B 22 51.59 6.73 -22.36
CA ALA B 22 52.73 7.17 -23.14
C ALA B 22 52.93 6.28 -24.36
N ASN B 23 52.75 4.98 -24.18
CA ASN B 23 52.88 3.98 -25.22
C ASN B 23 51.50 3.45 -25.56
N ASP B 24 51.06 3.66 -26.80
CA ASP B 24 49.70 3.32 -27.18
C ASP B 24 49.47 1.81 -27.25
N SER B 25 50.53 1.00 -27.36
CA SER B 25 50.36 -0.44 -27.43
C SER B 25 50.07 -1.04 -26.06
N GLN B 26 50.56 -0.42 -25.01
CA GLN B 26 50.44 -0.99 -23.67
C GLN B 26 49.07 -0.65 -23.07
N PRO B 27 48.52 -1.52 -22.22
CA PRO B 27 47.29 -1.16 -21.51
C PRO B 27 47.56 -0.17 -20.38
N LEU B 28 46.52 0.55 -20.01
CA LEU B 28 46.57 1.49 -18.89
C LEU B 28 46.10 0.78 -17.63
N THR B 29 46.91 0.86 -16.59
CA THR B 29 46.58 0.22 -15.32
C THR B 29 45.64 1.16 -14.56
N VAL B 30 44.46 0.65 -14.23
CA VAL B 30 43.48 1.36 -13.41
C VAL B 30 43.28 0.52 -12.17
N TYR B 31 43.55 1.09 -11.01
CA TYR B 31 43.30 0.43 -9.74
C TYR B 31 41.89 0.77 -9.29
N PHE B 32 41.04 -0.24 -9.17
CA PHE B 32 39.66 -0.07 -8.78
C PHE B 32 39.44 -0.65 -7.40
N SER B 33 38.89 0.16 -6.50
CA SER B 33 38.43 -0.29 -5.21
C SER B 33 37.15 0.47 -4.90
N LEU B 34 36.68 0.33 -3.68
CA LEU B 34 35.51 1.07 -3.25
C LEU B 34 35.52 1.16 -1.75
N SER B 35 34.71 2.06 -1.24
CA SER B 35 34.48 2.24 0.19
C SER B 35 33.01 2.01 0.45
N LEU B 36 32.69 1.13 1.38
CA LEU B 36 31.31 0.84 1.74
C LEU B 36 30.97 1.66 2.98
N LEU B 37 30.08 2.63 2.80
CA LEU B 37 29.67 3.50 3.88
C LEU B 37 28.43 3.02 4.58
N GLN B 38 27.46 2.54 3.81
CA GLN B 38 26.22 2.07 4.40
C GLN B 38 25.51 1.14 3.44
N ILE B 39 24.78 0.19 4.02
CA ILE B 39 23.81 -0.60 3.28
C ILE B 39 22.49 0.09 3.57
N MET B 40 21.86 0.63 2.53
CA MET B 40 20.65 1.42 2.72
C MET B 40 19.39 0.59 2.68
N ASP B 41 19.33 -0.43 1.83
CA ASP B 41 18.12 -1.21 1.73
C ASP B 41 18.41 -2.52 1.03
N VAL B 42 17.80 -3.57 1.53
CA VAL B 42 17.84 -4.88 0.92
C VAL B 42 16.37 -5.16 0.63
N ASP B 43 16.02 -5.12 -0.65
CA ASP B 43 14.65 -5.38 -1.09
C ASP B 43 14.58 -6.83 -1.55
N GLU B 44 14.07 -7.69 -0.69
CA GLU B 44 14.02 -9.10 -1.02
C GLU B 44 12.93 -9.42 -2.03
N LYS B 45 11.90 -8.56 -2.14
CA LYS B 45 10.85 -8.79 -3.13
C LYS B 45 11.27 -8.34 -4.53
N ASN B 46 12.09 -7.29 -4.65
CA ASN B 46 12.56 -6.85 -5.95
C ASN B 46 13.95 -7.36 -6.27
N GLN B 47 14.59 -8.05 -5.33
CA GLN B 47 15.95 -8.56 -5.50
C GLN B 47 16.93 -7.44 -5.85
N VAL B 48 17.00 -6.42 -4.99
CA VAL B 48 17.86 -5.26 -5.26
C VAL B 48 18.51 -4.80 -3.97
N LEU B 49 19.83 -4.75 -3.97
CA LEU B 49 20.64 -4.16 -2.90
C LEU B 49 20.88 -2.67 -3.18
N THR B 50 20.52 -1.81 -2.23
CA THR B 50 20.85 -0.39 -2.31
C THR B 50 21.98 -0.09 -1.32
N THR B 51 23.12 0.39 -1.83
CA THR B 51 24.27 0.75 -1.01
C THR B 51 24.74 2.17 -1.27
N ASN B 52 25.36 2.77 -0.26
CA ASN B 52 26.04 4.06 -0.36
C ASN B 52 27.53 3.73 -0.44
N ILE B 53 28.12 3.96 -1.61
CA ILE B 53 29.50 3.59 -1.89
C ILE B 53 30.27 4.79 -2.44
N TRP B 54 31.58 4.79 -2.17
CA TRP B 54 32.52 5.73 -2.77
C TRP B 54 33.43 4.86 -3.62
N LEU B 55 33.19 4.86 -4.93
CA LEU B 55 34.07 4.14 -5.84
C LEU B 55 35.46 4.75 -5.74
N GLN B 56 36.49 3.94 -5.94
CA GLN B 56 37.87 4.43 -5.89
C GLN B 56 38.59 3.99 -7.16
N MET B 57 38.91 4.96 -8.00
CA MET B 57 39.63 4.74 -9.24
C MET B 57 40.91 5.56 -9.19
N SER B 58 42.03 4.91 -9.48
CA SER B 58 43.30 5.62 -9.55
C SER B 58 44.08 5.10 -10.74
N TRP B 59 44.67 6.02 -11.48
CA TRP B 59 45.49 5.68 -12.63
C TRP B 59 46.53 6.79 -12.79
N THR B 60 47.26 6.74 -13.89
CA THR B 60 48.31 7.71 -14.19
C THR B 60 48.01 8.31 -15.55
N ASP B 61 47.98 9.64 -15.60
CA ASP B 61 47.81 10.39 -16.83
C ASP B 61 49.16 10.93 -17.26
N HIS B 62 49.63 10.49 -18.42
CA HIS B 62 50.96 10.85 -18.88
C HIS B 62 51.06 12.33 -19.21
N TYR B 63 49.96 12.96 -19.58
CA TYR B 63 49.99 14.35 -20.04
C TYR B 63 49.76 15.35 -18.93
N LEU B 64 49.20 14.94 -17.80
CA LEU B 64 48.90 15.87 -16.71
C LEU B 64 50.00 15.81 -15.65
N GLN B 65 51.15 16.37 -16.00
CA GLN B 65 52.32 16.37 -15.13
C GLN B 65 53.03 17.71 -15.25
N TRP B 66 53.64 18.13 -14.14
CA TRP B 66 54.35 19.40 -14.12
C TRP B 66 55.43 19.34 -13.05
N ASN B 67 56.37 20.25 -13.16
CA ASN B 67 57.43 20.42 -12.19
C ASN B 67 56.95 21.41 -11.13
N VAL B 68 56.92 20.96 -9.87
CA VAL B 68 56.39 21.80 -8.80
C VAL B 68 57.35 22.95 -8.45
N SER B 69 58.58 22.93 -8.95
CA SER B 69 59.49 24.05 -8.77
C SER B 69 59.20 25.21 -9.70
N GLU B 70 58.31 25.03 -10.67
CA GLU B 70 57.95 26.06 -11.64
C GLU B 70 56.54 26.59 -11.41
N TYR B 71 55.72 25.87 -10.68
CA TYR B 71 54.37 26.30 -10.29
C TYR B 71 54.31 26.13 -8.77
N PRO B 72 55.09 26.91 -8.03
CA PRO B 72 55.22 26.68 -6.59
C PRO B 72 53.89 26.81 -5.86
N GLY B 73 53.68 25.93 -4.89
CA GLY B 73 52.45 25.89 -4.14
C GLY B 73 51.34 25.12 -4.80
N VAL B 74 51.48 24.73 -6.06
CA VAL B 74 50.44 24.01 -6.79
C VAL B 74 50.90 22.56 -6.82
N LYS B 75 50.43 21.78 -5.85
CA LYS B 75 50.77 20.37 -5.77
C LYS B 75 49.71 19.47 -6.41
N THR B 76 48.49 19.97 -6.58
CA THR B 76 47.41 19.19 -7.16
C THR B 76 46.52 20.10 -7.99
N VAL B 77 45.81 19.50 -8.93
CA VAL B 77 44.80 20.17 -9.74
C VAL B 77 43.56 19.29 -9.74
N ARG B 78 42.47 19.87 -10.13
CA ARG B 78 41.19 19.15 -10.15
C ARG B 78 40.51 19.42 -11.48
N PHE B 79 39.88 18.44 -12.08
CA PHE B 79 39.21 18.52 -13.37
C PHE B 79 37.81 17.93 -13.27
N PRO B 80 36.77 18.58 -13.85
CA PRO B 80 35.42 18.00 -13.83
C PRO B 80 35.14 17.03 -14.97
N ASP B 81 33.95 16.44 -14.94
CA ASP B 81 33.54 15.48 -15.96
C ASP B 81 33.52 16.13 -17.34
N GLY B 82 34.11 15.43 -18.32
CA GLY B 82 34.15 15.90 -19.69
C GLY B 82 35.44 16.60 -20.07
N GLN B 83 36.26 16.99 -19.09
CA GLN B 83 37.48 17.74 -19.34
C GLN B 83 38.74 16.88 -19.27
N ILE B 84 38.67 15.75 -18.60
CA ILE B 84 39.79 14.84 -18.41
C ILE B 84 39.34 13.45 -18.82
N TRP B 85 40.28 12.65 -19.30
CA TRP B 85 39.97 11.26 -19.58
C TRP B 85 39.72 10.54 -18.25
N LYS B 86 38.68 9.73 -18.23
CA LYS B 86 38.31 8.90 -17.08
C LYS B 86 38.04 7.49 -17.54
N PRO B 87 38.30 6.48 -16.71
CA PRO B 87 37.83 5.13 -17.06
C PRO B 87 36.31 5.05 -16.97
N ASP B 88 35.71 4.40 -17.97
CA ASP B 88 34.25 4.27 -18.05
C ASP B 88 33.77 3.05 -17.27
N ILE B 89 34.12 3.02 -16.00
CA ILE B 89 33.78 1.87 -15.16
C ILE B 89 32.33 2.00 -14.73
N LEU B 90 31.54 0.96 -15.00
CA LEU B 90 30.13 0.90 -14.69
C LEU B 90 29.85 -0.32 -13.81
N LEU B 91 28.72 -0.26 -13.12
CA LEU B 91 28.19 -1.42 -12.42
C LEU B 91 27.43 -2.27 -13.43
N TYR B 92 27.95 -3.46 -13.74
CA TYR B 92 27.30 -4.31 -14.73
C TYR B 92 25.90 -4.73 -14.28
N ASN B 93 25.78 -5.18 -13.04
CA ASN B 93 24.50 -5.67 -12.53
C ASN B 93 23.71 -4.57 -11.86
N SER B 94 23.56 -3.46 -12.58
CA SER B 94 22.81 -2.32 -12.07
C SER B 94 21.32 -2.58 -12.19
N ALA B 95 20.57 -2.12 -11.19
CA ALA B 95 19.12 -2.12 -11.18
C ALA B 95 18.52 -0.73 -11.27
N ASP B 96 19.35 0.31 -11.35
CA ASP B 96 18.87 1.68 -11.47
C ASP B 96 18.27 1.92 -12.84
N GLU B 97 17.12 2.60 -12.88
CA GLU B 97 16.49 2.93 -14.15
C GLU B 97 17.43 3.74 -15.05
N ARG B 98 18.25 4.61 -14.48
CA ARG B 98 19.29 5.32 -15.24
C ARG B 98 20.50 4.45 -15.55
N PHE B 99 20.61 3.27 -14.94
CA PHE B 99 21.74 2.36 -15.03
C PHE B 99 23.01 2.84 -14.34
N ASP B 100 23.48 4.05 -14.63
CA ASP B 100 24.64 4.64 -13.96
C ASP B 100 24.19 5.55 -12.82
N ALA B 101 24.35 5.11 -11.58
CA ALA B 101 24.00 5.90 -10.41
C ALA B 101 25.15 6.77 -9.89
N THR B 102 26.33 6.69 -10.50
CA THR B 102 27.50 7.45 -10.07
C THR B 102 27.25 8.97 -10.14
N PHE B 103 27.61 9.66 -9.05
CA PHE B 103 27.58 11.12 -9.04
C PHE B 103 28.96 11.62 -9.46
N HIS B 104 29.01 12.32 -10.58
CA HIS B 104 30.30 12.70 -11.14
C HIS B 104 30.91 13.84 -10.35
N THR B 105 32.14 13.64 -9.91
CA THR B 105 32.87 14.61 -9.09
C THR B 105 34.20 14.90 -9.76
N ASN B 106 35.06 15.66 -9.10
CA ASN B 106 36.34 16.01 -9.67
C ASN B 106 37.29 14.82 -9.68
N VAL B 107 38.24 14.87 -10.61
CA VAL B 107 39.41 13.99 -10.60
C VAL B 107 40.55 14.82 -10.05
N LEU B 108 41.22 14.31 -9.02
CA LEU B 108 42.34 14.99 -8.40
C LEU B 108 43.62 14.43 -8.98
N VAL B 109 44.47 15.32 -9.49
CA VAL B 109 45.72 14.95 -10.14
C VAL B 109 46.86 15.66 -9.44
N ASN B 110 47.93 14.92 -9.10
CA ASN B 110 49.13 15.52 -8.53
C ASN B 110 50.19 15.72 -9.62
N SER B 111 51.32 16.29 -9.21
CA SER B 111 52.35 16.70 -10.17
C SER B 111 52.93 15.54 -10.98
N SER B 112 52.94 14.32 -10.42
CA SER B 112 53.52 13.19 -11.13
C SER B 112 52.52 12.53 -12.08
N GLY B 113 51.36 13.14 -12.27
CA GLY B 113 50.36 12.62 -13.19
C GLY B 113 49.51 11.53 -12.62
N HIS B 114 49.51 11.34 -11.32
CA HIS B 114 48.65 10.34 -10.72
CA HIS B 114 48.65 10.34 -10.72
C HIS B 114 47.27 10.93 -10.50
N CYS B 115 46.26 10.21 -10.94
CA CYS B 115 44.89 10.70 -10.92
C CYS B 115 44.12 9.87 -9.93
N GLN B 116 43.31 10.54 -9.13
CA GLN B 116 42.46 9.92 -8.16
C GLN B 116 41.04 10.39 -8.42
N TYR B 117 40.09 9.46 -8.43
CA TYR B 117 38.70 9.75 -8.71
C TYR B 117 37.84 8.94 -7.76
N LEU B 118 37.05 9.62 -6.93
CA LEU B 118 36.25 8.96 -5.89
C LEU B 118 34.80 9.39 -5.95
N PRO B 119 34.09 9.06 -7.02
CA PRO B 119 32.73 9.53 -7.15
C PRO B 119 31.84 8.82 -6.15
N PRO B 120 30.98 9.53 -5.43
CA PRO B 120 30.03 8.83 -4.56
C PRO B 120 28.82 8.38 -5.35
N GLY B 121 27.99 7.59 -4.71
CA GLY B 121 26.77 7.18 -5.35
C GLY B 121 25.88 6.32 -4.50
N ILE B 122 24.58 6.44 -4.73
CA ILE B 122 23.59 5.51 -4.22
C ILE B 122 23.38 4.47 -5.32
N PHE B 123 23.98 3.29 -5.15
CA PHE B 123 23.97 2.26 -6.17
C PHE B 123 22.90 1.22 -5.88
N LYS B 124 22.07 0.93 -6.88
CA LYS B 124 21.11 -0.16 -6.85
C LYS B 124 21.65 -1.28 -7.73
N SER B 125 21.88 -2.45 -7.12
CA SER B 125 22.40 -3.60 -7.84
C SER B 125 21.43 -4.76 -7.77
N SER B 126 21.49 -5.63 -8.77
CA SER B 126 20.65 -6.81 -8.86
C SER B 126 21.31 -7.93 -8.08
N CYS B 127 20.77 -8.24 -6.91
CA CYS B 127 21.30 -9.26 -6.03
C CYS B 127 20.29 -10.40 -5.91
N TYR B 128 20.76 -11.62 -6.16
CA TYR B 128 19.92 -12.79 -5.91
C TYR B 128 19.81 -13.02 -4.41
N ILE B 129 18.64 -12.73 -3.85
CA ILE B 129 18.40 -12.86 -2.42
C ILE B 129 17.86 -14.26 -2.19
N ASP B 130 18.67 -15.11 -1.57
CA ASP B 130 18.27 -16.47 -1.27
C ASP B 130 17.51 -16.46 0.05
N VAL B 131 16.19 -16.67 -0.03
CA VAL B 131 15.33 -16.65 1.13
C VAL B 131 15.05 -18.06 1.65
N ARG B 132 15.88 -19.04 1.25
CA ARG B 132 15.67 -20.42 1.69
C ARG B 132 15.68 -20.52 3.21
N TRP B 133 16.52 -19.72 3.88
CA TRP B 133 16.68 -19.78 5.33
C TRP B 133 16.17 -18.53 6.04
N PHE B 134 15.39 -17.68 5.36
CA PHE B 134 14.86 -16.48 5.97
C PHE B 134 14.03 -16.87 7.21
N PRO B 135 14.25 -16.24 8.38
CA PRO B 135 14.96 -14.99 8.67
C PRO B 135 16.40 -15.21 9.13
N PHE B 136 16.90 -16.43 9.14
CA PHE B 136 18.28 -16.74 9.54
C PHE B 136 19.17 -16.86 8.32
N ASP B 137 19.01 -15.95 7.36
CA ASP B 137 19.69 -16.02 6.08
C ASP B 137 20.92 -15.13 6.01
N VAL B 138 21.93 -15.62 5.30
CA VAL B 138 23.13 -14.87 4.98
C VAL B 138 23.03 -14.61 3.49
N GLN B 139 23.35 -13.40 3.07
CA GLN B 139 23.27 -13.02 1.67
C GLN B 139 24.65 -12.69 1.12
N HIS B 140 24.86 -13.04 -0.14
CA HIS B 140 26.09 -12.76 -0.87
C HIS B 140 25.67 -11.97 -2.10
N CYS B 141 25.81 -10.65 -2.02
CA CYS B 141 25.39 -9.75 -3.09
C CYS B 141 26.64 -9.32 -3.85
N LYS B 142 26.66 -9.59 -5.14
CA LYS B 142 27.79 -9.23 -5.95
C LYS B 142 27.61 -7.83 -6.52
N LEU B 143 28.71 -7.10 -6.63
CA LEU B 143 28.76 -5.79 -7.25
C LEU B 143 29.88 -5.94 -8.25
N LYS B 144 29.53 -6.13 -9.51
CA LYS B 144 30.51 -6.34 -10.56
C LYS B 144 30.77 -5.01 -11.27
N PHE B 145 32.05 -4.67 -11.39
CA PHE B 145 32.48 -3.42 -11.95
C PHE B 145 33.53 -3.67 -13.01
N GLY B 146 33.41 -2.98 -14.12
CA GLY B 146 34.42 -3.05 -15.15
C GLY B 146 34.20 -1.94 -16.15
N SER B 147 35.21 -1.76 -17.00
CA SER B 147 35.08 -0.80 -18.07
C SER B 147 34.13 -1.35 -19.11
N TRP B 148 33.18 -0.52 -19.53
CA TRP B 148 32.22 -0.96 -20.54
C TRP B 148 32.87 -1.15 -21.90
N SER B 149 33.62 -0.15 -22.35
CA SER B 149 34.14 -0.12 -23.71
C SER B 149 35.62 -0.49 -23.83
N TYR B 150 36.41 -0.47 -22.77
CA TYR B 150 37.85 -0.74 -22.85
C TYR B 150 38.12 -2.17 -22.39
N GLY B 151 38.60 -3.00 -23.32
CA GLY B 151 38.99 -4.36 -22.99
C GLY B 151 40.34 -4.44 -22.34
N GLY B 152 40.76 -5.69 -22.07
CA GLY B 152 41.99 -5.93 -21.34
C GLY B 152 43.26 -5.48 -22.03
N TRP B 153 43.27 -5.44 -23.36
CA TRP B 153 44.42 -4.92 -24.08
C TRP B 153 44.57 -3.41 -23.98
N SER B 154 43.52 -2.68 -23.60
CA SER B 154 43.58 -1.24 -23.46
C SER B 154 43.50 -0.73 -22.03
N LEU B 155 42.76 -1.40 -21.15
CA LEU B 155 42.65 -1.00 -19.76
C LEU B 155 42.89 -2.21 -18.88
N ASP B 156 44.03 -2.23 -18.19
CA ASP B 156 44.39 -3.29 -17.27
C ASP B 156 43.84 -2.97 -15.89
N LEU B 157 42.63 -3.42 -15.62
CA LEU B 157 41.97 -3.16 -14.34
C LEU B 157 42.50 -4.07 -13.24
N GLN B 158 43.05 -3.47 -12.19
CA GLN B 158 43.51 -4.17 -11.01
C GLN B 158 42.63 -3.82 -9.84
N MET B 159 42.60 -4.72 -8.87
CA MET B 159 41.76 -4.59 -7.70
C MET B 159 42.59 -4.28 -6.46
N GLN B 160 42.03 -3.43 -5.61
CA GLN B 160 42.56 -3.12 -4.29
C GLN B 160 41.47 -3.42 -3.29
N GLU B 161 41.85 -3.99 -2.15
CA GLU B 161 40.94 -4.32 -1.04
C GLU B 161 39.96 -3.19 -0.76
N ALA B 162 38.69 -3.56 -0.57
CA ALA B 162 37.67 -2.60 -0.22
C ALA B 162 37.89 -2.05 1.19
N ASP B 163 37.48 -0.79 1.38
CA ASP B 163 37.56 -0.12 2.66
C ASP B 163 36.20 -0.11 3.34
N ILE B 164 36.19 -0.50 4.61
CA ILE B 164 34.98 -0.51 5.43
C ILE B 164 35.22 0.29 6.70
N SER B 165 36.26 1.12 6.70
CA SER B 165 36.65 1.86 7.89
C SER B 165 35.67 2.97 8.25
N GLY B 166 34.92 3.48 7.28
CA GLY B 166 33.85 4.42 7.55
C GLY B 166 32.48 3.81 7.38
N TYR B 167 32.40 2.49 7.43
CA TYR B 167 31.12 1.81 7.33
C TYR B 167 30.24 2.12 8.54
N ILE B 168 28.98 2.42 8.27
CA ILE B 168 27.99 2.75 9.29
C ILE B 168 27.11 1.50 9.42
N PRO B 169 27.09 0.82 10.58
CA PRO B 169 26.30 -0.41 10.68
C PRO B 169 24.82 -0.20 10.45
N ASN B 170 24.17 -1.26 9.99
CA ASN B 170 22.77 -1.27 9.66
C ASN B 170 22.09 -2.01 10.81
N GLY B 171 20.94 -1.50 11.25
CA GLY B 171 20.21 -2.17 12.29
C GLY B 171 19.66 -3.53 11.91
N GLU B 172 19.58 -3.83 10.62
CA GLU B 172 19.00 -5.08 10.14
C GLU B 172 20.00 -6.07 9.57
N TRP B 173 21.12 -5.59 9.02
CA TRP B 173 22.10 -6.45 8.37
C TRP B 173 23.47 -6.28 9.01
N ASP B 174 24.11 -7.41 9.31
CA ASP B 174 25.46 -7.43 9.88
C ASP B 174 26.44 -7.71 8.74
N LEU B 175 27.38 -6.80 8.53
CA LEU B 175 28.35 -6.92 7.44
C LEU B 175 29.39 -7.98 7.82
N VAL B 176 29.24 -9.17 7.28
CA VAL B 176 30.25 -10.22 7.49
C VAL B 176 31.57 -9.79 6.85
N GLY B 177 31.51 -9.31 5.61
CA GLY B 177 32.70 -8.88 4.92
C GLY B 177 32.37 -8.43 3.53
N ILE B 178 33.39 -7.93 2.84
CA ILE B 178 33.24 -7.46 1.45
C ILE B 178 34.44 -7.95 0.63
N PRO B 179 34.62 -9.26 0.48
CA PRO B 179 35.73 -9.74 -0.35
C PRO B 179 35.55 -9.37 -1.80
N GLY B 180 36.67 -9.24 -2.49
CA GLY B 180 36.67 -8.89 -3.90
C GLY B 180 37.53 -9.83 -4.70
N LYS B 181 37.19 -9.95 -5.99
CA LYS B 181 37.88 -10.83 -6.91
C LYS B 181 37.98 -10.19 -8.28
N ARG B 182 39.18 -10.18 -8.85
CA ARG B 182 39.37 -9.74 -10.22
C ARG B 182 39.35 -10.98 -11.12
N SER B 183 38.65 -10.86 -12.24
CA SER B 183 38.48 -11.95 -13.18
C SER B 183 38.50 -11.34 -14.56
N GLU B 184 38.77 -12.18 -15.56
CA GLU B 184 38.79 -11.74 -16.96
C GLU B 184 37.92 -12.70 -17.77
N ARG B 185 36.82 -12.19 -18.29
CA ARG B 185 35.85 -12.96 -19.07
C ARG B 185 35.91 -12.62 -20.55
N PHE B 186 35.34 -13.52 -21.33
CA PHE B 186 35.12 -13.34 -22.75
C PHE B 186 33.62 -13.18 -22.98
N TYR B 187 33.25 -12.35 -23.95
CA TYR B 187 31.87 -12.09 -24.28
C TYR B 187 31.64 -12.36 -25.75
N GLU B 188 30.43 -12.81 -26.07
CA GLU B 188 30.09 -13.13 -27.46
C GLU B 188 30.23 -11.91 -28.36
N CYS B 189 30.01 -10.71 -27.82
CA CYS B 189 30.17 -9.49 -28.58
C CYS B 189 31.58 -9.35 -29.13
N CYS B 190 32.57 -9.84 -28.40
CA CYS B 190 33.91 -9.29 -28.45
C CYS B 190 34.94 -10.40 -28.30
N LYS B 191 35.89 -10.46 -29.22
CA LYS B 191 36.98 -11.41 -29.08
C LYS B 191 37.94 -11.01 -27.97
N GLU B 192 38.12 -9.72 -27.76
CA GLU B 192 39.02 -9.23 -26.73
C GLU B 192 38.47 -9.56 -25.34
N PRO B 193 39.31 -10.01 -24.40
CA PRO B 193 38.83 -10.24 -23.04
C PRO B 193 38.60 -8.94 -22.28
N TYR B 194 37.54 -8.91 -21.47
CA TYR B 194 37.19 -7.71 -20.70
C TYR B 194 37.34 -7.97 -19.20
N PRO B 195 38.32 -7.37 -18.51
CA PRO B 195 38.46 -7.63 -17.08
C PRO B 195 37.37 -6.95 -16.28
N ASP B 196 36.97 -7.60 -15.19
CA ASP B 196 36.02 -7.03 -14.25
C ASP B 196 36.51 -7.27 -12.84
N VAL B 197 35.94 -6.50 -11.91
CA VAL B 197 36.21 -6.64 -10.48
C VAL B 197 34.86 -6.79 -9.81
N THR B 198 34.70 -7.87 -9.06
CA THR B 198 33.46 -8.16 -8.37
C THR B 198 33.70 -8.15 -6.87
N PHE B 199 32.99 -7.30 -6.16
CA PHE B 199 33.00 -7.23 -4.71
C PHE B 199 31.73 -7.90 -4.21
N THR B 200 31.89 -8.94 -3.39
CA THR B 200 30.78 -9.71 -2.86
C THR B 200 30.50 -9.22 -1.45
N VAL B 201 29.41 -8.48 -1.29
CA VAL B 201 28.98 -8.02 0.03
C VAL B 201 28.34 -9.21 0.74
N THR B 202 28.97 -9.68 1.81
CA THR B 202 28.45 -10.78 2.60
C THR B 202 27.74 -10.20 3.82
N MET B 203 26.44 -10.50 3.93
CA MET B 203 25.55 -9.86 4.87
C MET B 203 24.78 -10.91 5.65
N ARG B 204 24.74 -10.75 6.96
CA ARG B 204 24.00 -11.62 7.86
C ARG B 204 22.81 -10.84 8.39
N ARG B 205 21.61 -11.35 8.18
CA ARG B 205 20.43 -10.70 8.73
C ARG B 205 20.48 -10.78 10.25
N ARG B 206 20.19 -9.65 10.89
CA ARG B 206 20.03 -9.60 12.33
C ARG B 206 18.58 -9.98 12.65
N THR B 207 18.41 -11.00 13.47
CA THR B 207 17.15 -11.72 13.57
C THR B 207 16.28 -11.32 14.75
N LEU B 208 16.66 -10.30 15.56
CA LEU B 208 15.83 -9.91 16.70
C LEU B 208 14.47 -9.42 16.23
N TYR B 209 14.45 -8.56 15.21
CA TYR B 209 13.17 -8.01 14.77
C TYR B 209 12.27 -9.11 14.24
N TYR B 210 12.82 -10.06 13.48
CA TYR B 210 11.99 -11.07 12.88
C TYR B 210 11.67 -12.17 13.87
N GLY B 211 12.51 -12.34 14.89
CA GLY B 211 12.21 -13.31 15.92
C GLY B 211 11.00 -12.89 16.74
N LEU B 212 10.91 -11.58 17.06
CA LEU B 212 9.85 -11.09 17.91
C LEU B 212 8.58 -10.71 17.14
N ASN B 213 8.68 -10.41 15.84
CA ASN B 213 7.51 -9.96 15.08
C ASN B 213 6.96 -11.02 14.14
N LEU B 214 7.66 -12.14 13.93
CA LEU B 214 7.23 -13.14 12.96
C LEU B 214 7.32 -14.58 13.46
N LEU B 215 8.27 -14.93 14.32
CA LEU B 215 8.47 -16.31 14.75
C LEU B 215 7.84 -16.60 16.10
N ILE B 216 7.95 -15.70 17.06
CA ILE B 216 7.31 -15.84 18.36
C ILE B 216 5.80 -15.69 18.26
N PRO B 217 5.26 -14.83 17.38
CA PRO B 217 3.80 -14.84 17.19
C PRO B 217 3.27 -16.22 16.81
N CYS B 218 3.81 -16.84 15.75
CA CYS B 218 3.41 -18.19 15.36
C CYS B 218 3.41 -19.16 16.53
N VAL B 219 4.39 -19.06 17.42
CA VAL B 219 4.36 -19.89 18.62
C VAL B 219 3.15 -19.54 19.48
N LEU B 220 2.86 -18.23 19.62
CA LEU B 220 1.70 -17.83 20.40
C LEU B 220 0.39 -18.23 19.73
N ILE B 221 0.30 -18.05 18.41
CA ILE B 221 -0.87 -18.54 17.68
C ILE B 221 -0.89 -20.06 17.64
N SER B 222 0.22 -20.76 17.79
CA SER B 222 0.19 -22.21 17.88
C SER B 222 -0.20 -22.66 19.29
N ALA B 223 0.18 -21.87 20.30
CA ALA B 223 -0.21 -22.16 21.68
C ALA B 223 -1.68 -21.88 21.93
N LEU B 224 -2.21 -20.81 21.33
CA LEU B 224 -3.64 -20.52 21.43
C LEU B 224 -4.49 -21.65 20.82
N ALA B 225 -4.05 -22.19 19.69
CA ALA B 225 -4.76 -23.31 19.08
C ALA B 225 -4.80 -24.51 20.02
N LEU B 226 -3.73 -24.74 20.78
CA LEU B 226 -3.70 -25.86 21.71
C LEU B 226 -4.70 -25.68 22.84
N LEU B 227 -5.06 -24.44 23.17
CA LEU B 227 -6.05 -24.21 24.23
C LEU B 227 -7.43 -24.72 23.88
N VAL B 228 -7.70 -25.06 22.62
CA VAL B 228 -9.00 -25.65 22.29
C VAL B 228 -9.13 -27.00 22.95
N PHE B 229 -8.02 -27.70 23.18
CA PHE B 229 -8.05 -29.03 23.77
C PHE B 229 -8.25 -29.00 25.28
N LEU B 230 -8.28 -27.81 25.89
CA LEU B 230 -8.62 -27.66 27.30
C LEU B 230 -9.97 -27.01 27.52
N LEU B 231 -10.59 -26.49 26.47
CA LEU B 231 -11.94 -25.96 26.60
C LEU B 231 -12.92 -27.11 26.82
N PRO B 232 -13.82 -27.03 27.79
CA PRO B 232 -14.91 -28.03 27.83
C PRO B 232 -15.73 -27.98 26.55
N ALA B 233 -16.31 -29.13 26.20
CA ALA B 233 -17.17 -29.19 25.03
C ALA B 233 -18.48 -28.47 25.27
N ASP B 234 -19.01 -28.51 26.50
CA ASP B 234 -20.27 -27.85 26.79
C ASP B 234 -20.16 -26.33 26.71
N SER B 235 -18.95 -25.78 26.76
CA SER B 235 -18.78 -24.33 26.61
C SER B 235 -19.34 -23.84 25.29
N GLY B 236 -19.30 -24.67 24.25
CA GLY B 236 -19.87 -24.29 22.97
C GLY B 236 -19.03 -23.32 22.18
N GLU B 237 -17.73 -23.22 22.48
CA GLU B 237 -16.86 -22.21 21.89
C GLU B 237 -15.55 -22.79 21.36
N LYS B 238 -15.45 -24.10 21.19
CA LYS B 238 -14.18 -24.68 20.73
C LYS B 238 -13.96 -24.45 19.25
N ILE B 239 -15.03 -24.36 18.46
CA ILE B 239 -14.88 -24.03 17.06
C ILE B 239 -14.65 -22.53 16.90
N SER B 240 -15.32 -21.72 17.73
CA SER B 240 -15.08 -20.29 17.71
C SER B 240 -13.61 -19.98 18.01
N LEU B 241 -13.07 -20.62 19.04
CA LEU B 241 -11.66 -20.42 19.36
C LEU B 241 -10.77 -20.91 18.23
N GLY B 242 -10.97 -22.15 17.79
CA GLY B 242 -10.09 -22.73 16.78
C GLY B 242 -10.15 -21.99 15.46
N ILE B 243 -11.36 -21.74 14.97
CA ILE B 243 -11.50 -21.11 13.66
C ILE B 243 -11.11 -19.65 13.70
N THR B 244 -11.23 -18.99 14.86
CA THR B 244 -10.78 -17.60 14.95
C THR B 244 -9.27 -17.56 14.92
N VAL B 245 -8.63 -18.52 15.58
CA VAL B 245 -7.18 -18.59 15.61
C VAL B 245 -6.67 -18.79 14.18
N LEU B 246 -7.29 -19.66 13.42
CA LEU B 246 -6.91 -19.84 12.03
C LEU B 246 -7.20 -18.62 11.18
N LEU B 247 -8.24 -17.84 11.48
CA LEU B 247 -8.44 -16.60 10.74
C LEU B 247 -7.31 -15.63 11.02
N SER B 248 -6.90 -15.53 12.27
CA SER B 248 -5.86 -14.65 12.64
C SER B 248 -4.60 -15.07 11.94
N LEU B 249 -4.30 -16.35 11.98
CA LEU B 249 -3.09 -16.90 11.38
C LEU B 249 -3.04 -16.69 9.88
N THR B 250 -4.18 -16.83 9.20
CA THR B 250 -4.22 -16.58 7.76
C THR B 250 -3.90 -15.13 7.46
N VAL B 251 -4.51 -14.21 8.21
CA VAL B 251 -4.21 -12.78 8.07
C VAL B 251 -2.73 -12.53 8.35
N PHE B 252 -2.19 -13.22 9.36
CA PHE B 252 -0.77 -13.07 9.69
C PHE B 252 0.12 -13.49 8.53
N MET B 253 -0.23 -14.60 7.87
CA MET B 253 0.57 -15.09 6.74
C MET B 253 0.41 -14.22 5.50
N LEU B 254 -0.71 -13.49 5.38
CA LEU B 254 -0.84 -12.54 4.28
C LEU B 254 0.19 -11.41 4.42
N LEU B 255 0.29 -10.85 5.63
CA LEU B 255 1.29 -9.84 5.94
C LEU B 255 2.71 -10.28 5.64
N VAL B 256 3.00 -11.56 5.80
CA VAL B 256 4.33 -12.10 5.48
C VAL B 256 4.60 -12.14 3.98
N ALA B 257 3.58 -12.41 3.16
CA ALA B 257 3.80 -12.31 1.72
C ALA B 257 4.36 -10.95 1.24
N GLU B 258 4.01 -9.84 1.89
CA GLU B 258 4.61 -8.54 1.53
C GLU B 258 6.15 -8.52 1.49
N ILE B 259 6.83 -9.42 2.20
CA ILE B 259 8.29 -9.35 2.33
C ILE B 259 8.99 -10.35 1.42
N MET B 260 8.34 -11.49 1.10
CA MET B 260 9.07 -12.52 0.37
C MET B 260 8.93 -12.33 -1.14
N PRO B 261 9.94 -12.68 -1.93
CA PRO B 261 9.79 -12.63 -3.38
C PRO B 261 8.94 -13.80 -3.89
N ALA B 262 8.22 -13.55 -4.98
CA ALA B 262 7.41 -14.59 -5.60
C ALA B 262 8.28 -15.43 -6.53
N THR B 263 9.18 -16.19 -5.90
CA THR B 263 10.15 -17.01 -6.60
C THR B 263 9.96 -18.48 -6.25
N SER B 264 10.53 -19.34 -7.10
CA SER B 264 10.36 -20.79 -7.00
C SER B 264 11.69 -21.53 -6.96
N ASP B 265 12.78 -20.83 -6.60
CA ASP B 265 14.05 -21.52 -6.45
C ASP B 265 13.96 -22.59 -5.36
N SER B 266 13.24 -22.29 -4.28
CA SER B 266 13.09 -23.20 -3.16
C SER B 266 11.88 -22.77 -2.35
N VAL B 267 11.43 -23.64 -1.47
CA VAL B 267 10.40 -23.32 -0.49
C VAL B 267 11.11 -22.75 0.74
N PRO B 268 10.87 -21.49 1.12
CA PRO B 268 11.63 -20.91 2.22
C PRO B 268 11.46 -21.64 3.54
N LEU B 269 12.25 -21.21 4.52
CA LEU B 269 12.16 -21.79 5.86
C LEU B 269 10.91 -21.30 6.57
N ILE B 270 10.56 -20.03 6.35
CA ILE B 270 9.37 -19.47 6.96
C ILE B 270 8.12 -20.15 6.42
N ALA B 271 8.14 -20.51 5.13
CA ALA B 271 7.02 -21.27 4.56
C ALA B 271 6.88 -22.63 5.21
N GLN B 272 7.99 -23.34 5.41
CA GLN B 272 7.93 -24.62 6.09
C GLN B 272 7.45 -24.44 7.52
N TYR B 273 7.93 -23.41 8.20
CA TYR B 273 7.51 -23.13 9.57
C TYR B 273 6.02 -22.80 9.60
N PHE B 274 5.55 -22.02 8.63
CA PHE B 274 4.12 -21.76 8.51
C PHE B 274 3.34 -23.03 8.23
N ALA B 275 3.89 -23.92 7.39
CA ALA B 275 3.22 -25.18 7.11
C ALA B 275 3.03 -26.00 8.38
N SER B 276 4.05 -26.03 9.24
CA SER B 276 3.90 -26.72 10.52
C SER B 276 2.82 -26.05 11.36
N THR B 277 2.91 -24.73 11.51
CA THR B 277 1.92 -23.98 12.28
C THR B 277 0.52 -24.16 11.69
N MET B 278 0.40 -24.06 10.36
CA MET B 278 -0.89 -24.29 9.69
C MET B 278 -1.45 -25.66 10.07
N ILE B 279 -0.60 -26.67 10.05
CA ILE B 279 -1.01 -28.04 10.38
C ILE B 279 -1.58 -28.11 11.79
N ILE B 280 -0.94 -27.45 12.76
CA ILE B 280 -1.40 -27.53 14.14
C ILE B 280 -2.81 -26.97 14.25
N VAL B 281 -3.07 -25.84 13.62
CA VAL B 281 -4.36 -25.19 13.75
C VAL B 281 -5.40 -25.93 12.92
N GLY B 282 -5.04 -26.31 11.69
CA GLY B 282 -5.99 -27.02 10.86
C GLY B 282 -6.39 -28.38 11.41
N LEU B 283 -5.42 -29.15 11.91
CA LEU B 283 -5.74 -30.45 12.48
C LEU B 283 -6.36 -30.35 13.86
N SER B 284 -6.17 -29.24 14.57
CA SER B 284 -6.87 -29.05 15.83
C SER B 284 -8.33 -28.74 15.60
N VAL B 285 -8.66 -28.10 14.48
CA VAL B 285 -10.06 -27.92 14.10
C VAL B 285 -10.66 -29.26 13.68
N VAL B 286 -9.92 -30.05 12.91
CA VAL B 286 -10.40 -31.38 12.51
C VAL B 286 -10.62 -32.24 13.74
N VAL B 287 -9.65 -32.23 14.67
CA VAL B 287 -9.79 -33.02 15.88
C VAL B 287 -10.92 -32.47 16.73
N THR B 288 -11.09 -31.15 16.74
CA THR B 288 -12.18 -30.55 17.51
C THR B 288 -13.53 -31.03 16.99
N VAL B 289 -13.67 -31.14 15.67
CA VAL B 289 -14.90 -31.68 15.10
C VAL B 289 -15.12 -33.11 15.57
N ILE B 290 -14.05 -33.92 15.60
CA ILE B 290 -14.18 -35.30 16.05
C ILE B 290 -14.56 -35.34 17.52
N VAL B 291 -13.96 -34.47 18.34
CA VAL B 291 -14.27 -34.44 19.75
C VAL B 291 -15.73 -34.04 19.97
N LEU B 292 -16.21 -33.09 19.17
CA LEU B 292 -17.61 -32.68 19.28
C LEU B 292 -18.53 -33.79 18.80
N GLN B 293 -18.13 -34.54 17.78
CA GLN B 293 -18.89 -35.69 17.34
C GLN B 293 -19.04 -36.70 18.48
N TYR B 294 -17.95 -36.97 19.19
CA TYR B 294 -18.01 -37.87 20.34
C TYR B 294 -18.86 -37.28 21.45
N HIS B 295 -18.70 -35.98 21.72
CA HIS B 295 -19.41 -35.34 22.83
C HIS B 295 -20.91 -35.30 22.58
N HIS B 296 -21.31 -35.00 21.34
CA HIS B 296 -22.71 -34.83 20.97
C HIS B 296 -23.29 -36.10 20.35
N HIS B 297 -22.72 -37.25 20.66
CA HIS B 297 -23.20 -38.49 20.06
C HIS B 297 -24.60 -38.81 20.55
N ASP B 298 -25.43 -39.29 19.64
CA ASP B 298 -26.81 -39.63 19.97
C ASP B 298 -26.84 -40.90 20.82
N PRO B 299 -27.37 -40.88 22.05
CA PRO B 299 -27.33 -42.10 22.87
C PRO B 299 -28.10 -43.27 22.30
N ASP B 300 -29.00 -43.03 21.33
CA ASP B 300 -29.76 -44.07 20.67
C ASP B 300 -29.19 -44.42 19.29
N GLY B 301 -27.95 -44.02 19.03
CA GLY B 301 -27.28 -44.31 17.79
C GLY B 301 -26.37 -45.52 17.91
N GLY B 302 -25.47 -45.66 16.94
CA GLY B 302 -24.53 -46.76 16.91
C GLY B 302 -23.76 -46.94 18.19
N LYS B 303 -23.73 -48.17 18.70
CA LYS B 303 -23.06 -48.44 19.97
C LYS B 303 -21.57 -48.21 19.83
N MET B 304 -20.91 -47.97 20.96
CA MET B 304 -19.50 -47.65 20.96
C MET B 304 -18.70 -48.85 20.45
N PRO B 305 -17.87 -48.72 19.38
CA PRO B 305 -17.07 -49.86 18.91
C PRO B 305 -16.21 -50.49 20.01
N LYS B 306 -15.80 -51.74 19.81
CA LYS B 306 -14.92 -52.37 20.80
C LYS B 306 -13.54 -51.75 20.76
N TRP B 307 -13.07 -51.32 19.58
CA TRP B 307 -11.77 -50.67 19.51
C TRP B 307 -11.79 -49.35 20.26
N THR B 308 -12.91 -48.62 20.16
CA THR B 308 -13.02 -47.33 20.84
C THR B 308 -13.09 -47.54 22.36
N ARG B 309 -13.77 -48.59 22.79
CA ARG B 309 -13.95 -48.84 24.22
C ARG B 309 -12.65 -49.17 24.93
N VAL B 310 -11.68 -49.76 24.21
CA VAL B 310 -10.43 -50.21 24.80
C VAL B 310 -9.30 -49.23 24.55
N ILE B 311 -9.17 -48.72 23.32
CA ILE B 311 -8.05 -47.85 22.98
C ILE B 311 -8.12 -46.54 23.75
N LEU B 312 -9.31 -46.09 24.13
CA LEU B 312 -9.49 -44.79 24.76
C LEU B 312 -9.88 -44.90 26.23
N LEU B 313 -10.97 -45.59 26.55
CA LEU B 313 -11.44 -45.61 27.93
C LEU B 313 -10.59 -46.48 28.84
N ASN B 314 -9.70 -47.31 28.30
CA ASN B 314 -8.84 -48.17 29.12
C ASN B 314 -7.37 -47.80 28.95
N TRP B 315 -6.78 -48.01 27.78
CA TRP B 315 -5.35 -47.77 27.59
C TRP B 315 -4.97 -46.30 27.74
N CYS B 316 -5.44 -45.47 26.82
CA CYS B 316 -5.15 -44.03 26.87
C CYS B 316 -5.59 -43.41 28.19
N ALA B 317 -6.81 -43.75 28.64
CA ALA B 317 -7.34 -43.16 29.87
C ALA B 317 -6.45 -43.49 31.07
N TRP B 318 -6.03 -44.74 31.20
CA TRP B 318 -5.13 -45.10 32.29
C TRP B 318 -3.78 -44.41 32.14
N PHE B 319 -3.24 -44.38 30.92
CA PHE B 319 -1.94 -43.73 30.69
C PHE B 319 -2.00 -42.26 31.08
N LEU B 320 -3.05 -41.57 30.64
CA LEU B 320 -3.23 -40.16 30.91
C LEU B 320 -3.71 -39.90 32.34
N ARG B 321 -3.95 -40.95 33.14
CA ARG B 321 -4.41 -40.85 34.52
C ARG B 321 -5.63 -39.94 34.64
N MET B 322 -6.69 -40.32 33.93
CA MET B 322 -7.94 -39.56 33.89
C MET B 322 -9.04 -40.24 34.70
N LYS B 323 -9.34 -41.50 34.40
CA LYS B 323 -10.42 -42.24 35.06
C LYS B 323 -11.74 -41.47 35.08
N PRO B 479 -58.06 -52.69 41.35
CA PRO B 479 -58.90 -51.62 40.81
C PRO B 479 -58.12 -50.30 40.63
N ASP B 480 -58.62 -49.16 41.13
CA ASP B 480 -57.96 -47.88 40.89
C ASP B 480 -56.50 -47.89 41.33
N LEU B 481 -56.21 -48.58 42.44
CA LEU B 481 -54.85 -48.55 42.97
C LEU B 481 -53.88 -49.28 42.05
N ALA B 482 -54.37 -50.27 41.30
CA ALA B 482 -53.53 -50.96 40.33
C ALA B 482 -53.22 -50.03 39.16
N LYS B 483 -54.19 -49.19 38.78
CA LYS B 483 -53.99 -48.27 37.67
C LYS B 483 -53.01 -47.18 38.05
N ILE B 484 -53.06 -46.71 39.30
CA ILE B 484 -52.07 -45.74 39.78
C ILE B 484 -50.67 -46.34 39.73
N LEU B 485 -50.55 -47.62 40.10
CA LEU B 485 -49.25 -48.29 40.03
C LEU B 485 -48.70 -48.27 38.62
N GLU B 486 -49.54 -48.50 37.62
CA GLU B 486 -49.07 -48.52 36.24
C GLU B 486 -48.53 -47.17 35.82
N GLU B 487 -49.22 -46.08 36.19
CA GLU B 487 -48.76 -44.75 35.80
C GLU B 487 -47.42 -44.41 36.45
N VAL B 488 -47.33 -44.64 37.77
CA VAL B 488 -46.09 -44.29 38.46
C VAL B 488 -44.95 -45.18 37.98
N ARG B 489 -45.24 -46.44 37.71
CA ARG B 489 -44.21 -47.35 37.21
C ARG B 489 -43.73 -46.90 35.83
N TYR B 490 -44.64 -46.43 34.98
CA TYR B 490 -44.24 -45.86 33.71
C TYR B 490 -43.35 -44.65 33.91
N ILE B 491 -43.72 -43.78 34.86
CA ILE B 491 -42.91 -42.61 35.15
C ILE B 491 -41.54 -43.04 35.67
N ALA B 492 -41.51 -44.01 36.58
CA ALA B 492 -40.24 -44.48 37.12
C ALA B 492 -39.42 -45.21 36.05
N ASN B 493 -40.06 -46.07 35.26
CA ASN B 493 -39.33 -46.74 34.18
C ASN B 493 -38.85 -45.75 33.14
N ARG B 494 -39.64 -44.71 32.86
CA ARG B 494 -39.19 -43.67 31.96
C ARG B 494 -37.93 -43.01 32.50
N PHE B 495 -37.91 -42.70 33.80
CA PHE B 495 -36.74 -42.07 34.40
C PHE B 495 -35.53 -42.99 34.33
N ARG B 496 -35.73 -44.29 34.55
CA ARG B 496 -34.62 -45.24 34.45
C ARG B 496 -34.06 -45.29 33.03
N CYS B 497 -34.93 -45.20 32.03
CA CYS B 497 -34.46 -45.15 30.66
C CYS B 497 -33.61 -43.91 30.39
N GLN B 498 -34.02 -42.77 30.95
CA GLN B 498 -33.18 -41.57 30.83
C GLN B 498 -31.84 -41.78 31.52
N ASP B 499 -31.84 -42.44 32.67
CA ASP B 499 -30.59 -42.69 33.39
C ASP B 499 -29.64 -43.56 32.58
N GLU B 500 -30.15 -44.62 31.95
CA GLU B 500 -29.30 -45.43 31.09
C GLU B 500 -28.80 -44.64 29.90
N SER B 501 -29.69 -43.86 29.27
CA SER B 501 -29.30 -43.09 28.09
C SER B 501 -28.24 -42.05 28.44
N GLU B 502 -28.39 -41.36 29.57
CA GLU B 502 -27.40 -40.34 29.92
C GLU B 502 -26.10 -40.98 30.40
N ALA B 503 -26.17 -42.20 30.92
CA ALA B 503 -24.96 -42.96 31.22
C ALA B 503 -24.21 -43.30 29.94
N VAL B 504 -24.93 -43.69 28.89
CA VAL B 504 -24.30 -43.91 27.59
C VAL B 504 -23.69 -42.60 27.09
N CYS B 505 -24.42 -41.49 27.24
CA CYS B 505 -23.88 -40.19 26.85
C CYS B 505 -22.64 -39.85 27.65
N SER B 506 -22.65 -40.15 28.94
CA SER B 506 -21.50 -39.84 29.79
C SER B 506 -20.26 -40.58 29.33
N GLU B 507 -20.44 -41.83 28.90
CA GLU B 507 -19.34 -42.60 28.34
C GLU B 507 -18.80 -41.95 27.07
N TRP B 508 -19.69 -41.51 26.19
CA TRP B 508 -19.27 -40.83 24.97
C TRP B 508 -18.59 -39.50 25.29
N LYS B 509 -19.12 -38.76 26.27
CA LYS B 509 -18.51 -37.51 26.67
C LYS B 509 -17.13 -37.74 27.27
N PHE B 510 -16.99 -38.82 28.06
CA PHE B 510 -15.69 -39.15 28.63
C PHE B 510 -14.69 -39.54 27.55
N ALA B 511 -15.14 -40.29 26.53
CA ALA B 511 -14.26 -40.61 25.40
C ALA B 511 -13.83 -39.34 24.68
N ALA B 512 -14.73 -38.36 24.56
CA ALA B 512 -14.35 -37.09 23.96
C ALA B 512 -13.24 -36.43 24.77
N CYS B 513 -13.34 -36.47 26.11
CA CYS B 513 -12.33 -35.87 26.96
C CYS B 513 -10.99 -36.58 26.80
N VAL B 514 -11.00 -37.91 26.70
CA VAL B 514 -9.75 -38.66 26.54
C VAL B 514 -9.11 -38.31 25.21
N VAL B 515 -9.90 -38.36 24.12
CA VAL B 515 -9.39 -37.95 22.81
C VAL B 515 -8.85 -36.54 22.88
N ASP B 516 -9.55 -35.67 23.61
CA ASP B 516 -9.15 -34.27 23.69
C ASP B 516 -7.81 -34.13 24.42
N ARG B 517 -7.62 -34.93 25.47
CA ARG B 517 -6.38 -34.90 26.24
C ARG B 517 -5.25 -35.60 25.49
N LEU B 518 -5.57 -36.68 24.79
CA LEU B 518 -4.58 -37.36 23.96
C LEU B 518 -4.02 -36.43 22.90
N CYS B 519 -4.91 -35.69 22.23
CA CYS B 519 -4.47 -34.80 21.15
C CYS B 519 -3.79 -33.56 21.71
N LEU B 520 -4.14 -33.14 22.93
CA LEU B 520 -3.41 -32.05 23.58
C LEU B 520 -1.93 -32.40 23.69
N MET B 521 -1.62 -33.58 24.24
CA MET B 521 -0.24 -34.00 24.38
C MET B 521 0.42 -34.19 23.02
N ALA B 522 -0.28 -34.86 22.09
CA ALA B 522 0.29 -35.14 20.77
C ALA B 522 0.58 -33.85 20.01
N PHE B 523 -0.37 -32.91 20.01
CA PHE B 523 -0.16 -31.66 19.28
C PHE B 523 0.87 -30.79 19.99
N SER B 524 0.89 -30.82 21.32
CA SER B 524 1.90 -30.07 22.07
C SER B 524 3.31 -30.55 21.75
N VAL B 525 3.52 -31.86 21.81
CA VAL B 525 4.85 -32.41 21.51
C VAL B 525 5.20 -32.15 20.06
N PHE B 526 4.26 -32.42 19.15
CA PHE B 526 4.52 -32.25 17.73
C PHE B 526 4.75 -30.79 17.39
N THR B 527 4.05 -29.88 18.09
CA THR B 527 4.29 -28.46 17.91
C THR B 527 5.73 -28.10 18.27
N ILE B 528 6.20 -28.60 19.41
CA ILE B 528 7.55 -28.31 19.88
C ILE B 528 8.59 -28.83 18.89
N ILE B 529 8.44 -30.09 18.45
CA ILE B 529 9.44 -30.68 17.57
C ILE B 529 9.51 -29.93 16.25
N CYS B 530 8.35 -29.62 15.66
CA CYS B 530 8.36 -28.91 14.38
C CYS B 530 8.94 -27.51 14.54
N THR B 531 8.56 -26.80 15.60
CA THR B 531 9.14 -25.49 15.85
C THR B 531 10.65 -25.60 16.01
N ILE B 532 11.11 -26.48 16.91
CA ILE B 532 12.54 -26.61 17.15
C ILE B 532 13.24 -27.17 15.92
N GLY B 533 12.65 -28.20 15.31
CA GLY B 533 13.32 -28.85 14.19
C GLY B 533 13.43 -27.96 12.96
N ILE B 534 12.36 -27.25 12.61
CA ILE B 534 12.41 -26.37 11.44
C ILE B 534 13.38 -25.22 11.68
N LEU B 535 13.31 -24.60 12.86
CA LEU B 535 14.19 -23.47 13.14
C LEU B 535 15.66 -23.87 13.15
N MET B 536 15.99 -24.94 13.88
CA MET B 536 17.40 -25.32 14.00
C MET B 536 17.95 -25.97 12.74
N SER B 537 17.10 -26.35 11.79
CA SER B 537 17.61 -26.82 10.50
C SER B 537 18.37 -25.73 9.76
N ALA B 538 18.16 -24.46 10.10
CA ALA B 538 18.90 -23.38 9.46
C ALA B 538 20.36 -23.41 9.91
N PRO B 539 21.34 -23.36 9.00
CA PRO B 539 22.74 -23.37 9.45
C PRO B 539 23.11 -22.23 10.38
N ASN B 540 22.48 -21.06 10.24
CA ASN B 540 22.85 -19.86 10.98
C ASN B 540 21.97 -19.62 12.21
N PHE B 541 21.13 -20.59 12.60
CA PHE B 541 20.26 -20.37 13.75
C PHE B 541 21.06 -20.21 15.03
N VAL B 542 22.05 -21.09 15.25
CA VAL B 542 22.85 -21.04 16.47
C VAL B 542 23.62 -19.72 16.53
N GLU B 543 24.22 -19.31 15.40
CA GLU B 543 24.92 -18.04 15.37
C GLU B 543 23.98 -16.88 15.64
N ALA B 544 22.76 -16.94 15.08
CA ALA B 544 21.82 -15.83 15.23
C ALA B 544 21.42 -15.63 16.69
N VAL B 545 21.08 -16.72 17.39
CA VAL B 545 20.65 -16.58 18.78
C VAL B 545 21.78 -16.09 19.66
N SER B 546 23.02 -16.51 19.36
CA SER B 546 24.14 -16.08 20.19
C SER B 546 24.49 -14.61 19.97
N LYS B 547 24.30 -14.09 18.75
CA LYS B 547 24.72 -12.74 18.42
C LYS B 547 23.61 -11.71 18.58
N ASP B 548 22.36 -12.08 18.29
CA ASP B 548 21.25 -11.15 18.32
C ASP B 548 20.40 -11.25 19.58
N PHE B 549 20.34 -12.43 20.19
CA PHE B 549 19.57 -12.65 21.41
C PHE B 549 20.47 -12.81 22.62
N GLU C 1 50.82 9.42 -28.61
CA GLU C 1 51.32 10.22 -29.76
C GLU C 1 50.54 9.85 -31.02
N PHE C 2 50.35 8.56 -31.24
CA PHE C 2 49.61 8.09 -32.40
C PHE C 2 48.12 8.04 -32.13
N GLN C 3 47.73 7.87 -30.88
CA GLN C 3 46.32 7.92 -30.51
C GLN C 3 45.82 9.36 -30.57
N ARG C 4 46.57 10.29 -29.99
CA ARG C 4 46.26 11.71 -30.10
C ARG C 4 46.18 12.15 -31.55
N LYS C 5 47.16 11.75 -32.35
CA LYS C 5 47.20 12.12 -33.76
C LYS C 5 45.98 11.57 -34.50
N LEU C 6 45.61 10.32 -34.24
CA LEU C 6 44.48 9.72 -34.94
C LEU C 6 43.17 10.40 -34.59
N TYR C 7 42.94 10.72 -33.31
CA TYR C 7 41.69 11.36 -32.92
C TYR C 7 41.52 12.71 -33.59
N LYS C 8 42.59 13.47 -33.69
CA LYS C 8 42.52 14.76 -34.38
C LYS C 8 42.17 14.57 -35.85
N GLU C 9 42.72 13.51 -36.46
CA GLU C 9 42.49 13.27 -37.88
C GLU C 9 41.08 12.75 -38.14
N LEU C 10 40.59 11.83 -37.31
CA LEU C 10 39.30 11.21 -37.56
C LEU C 10 38.13 12.18 -37.43
N VAL C 11 38.29 13.25 -36.65
CA VAL C 11 37.19 14.20 -36.44
C VAL C 11 37.21 15.34 -37.44
N LYS C 12 38.33 15.56 -38.12
CA LYS C 12 38.42 16.61 -39.14
C LYS C 12 37.33 16.44 -40.19
N ASN C 13 36.44 17.45 -40.26
CA ASN C 13 35.31 17.53 -41.19
C ASN C 13 34.23 16.50 -40.92
N TYR C 14 34.26 15.79 -39.81
CA TYR C 14 33.27 14.75 -39.57
C TYR C 14 32.00 15.41 -39.05
N ASN C 15 30.88 15.00 -39.60
CA ASN C 15 29.56 15.51 -39.21
C ASN C 15 28.74 14.37 -38.60
N PRO C 16 28.39 14.40 -37.31
CA PRO C 16 27.56 13.30 -36.78
C PRO C 16 26.15 13.26 -37.36
N LEU C 17 25.73 14.28 -38.10
CA LEU C 17 24.45 14.27 -38.78
C LEU C 17 24.44 13.38 -40.00
N GLU C 18 25.59 13.24 -40.66
CA GLU C 18 25.68 12.48 -41.89
C GLU C 18 25.62 10.98 -41.65
N ARG C 19 24.77 10.31 -42.41
CA ARG C 19 24.77 8.85 -42.39
C ARG C 19 26.08 8.39 -43.02
N PRO C 20 26.90 7.57 -42.35
CA PRO C 20 28.29 7.39 -42.79
C PRO C 20 28.48 6.40 -43.94
N VAL C 21 27.86 6.68 -45.07
CA VAL C 21 27.89 5.76 -46.22
C VAL C 21 28.78 6.39 -47.28
N ALA C 22 29.44 5.54 -48.06
CA ALA C 22 30.24 6.04 -49.16
C ALA C 22 29.35 6.51 -50.31
N ASN C 23 28.30 5.76 -50.58
CA ASN C 23 27.33 6.06 -51.63
C ASN C 23 26.03 6.49 -50.97
N ASP C 24 25.62 7.73 -51.22
CA ASP C 24 24.45 8.28 -50.54
C ASP C 24 23.15 7.65 -50.99
N SER C 25 23.11 7.01 -52.16
CA SER C 25 21.88 6.39 -52.63
C SER C 25 21.61 5.07 -51.92
N GLN C 26 22.64 4.37 -51.49
CA GLN C 26 22.48 3.05 -50.91
C GLN C 26 22.11 3.16 -49.43
N PRO C 27 21.33 2.21 -48.90
CA PRO C 27 21.07 2.19 -47.46
C PRO C 27 22.29 1.70 -46.68
N LEU C 28 22.33 2.09 -45.40
CA LEU C 28 23.38 1.63 -44.49
C LEU C 28 22.89 0.41 -43.75
N THR C 29 23.69 -0.64 -43.77
CA THR C 29 23.34 -1.88 -43.09
C THR C 29 23.70 -1.75 -41.62
N VAL C 30 22.71 -1.89 -40.76
CA VAL C 30 22.91 -1.89 -39.31
C VAL C 30 22.45 -3.26 -38.82
N TYR C 31 23.36 -3.99 -38.20
CA TYR C 31 23.02 -5.26 -37.58
C TYR C 31 22.58 -5.03 -36.15
N PHE C 32 21.34 -5.38 -35.84
CA PHE C 32 20.77 -5.17 -34.53
C PHE C 32 20.56 -6.52 -33.86
N SER C 33 21.09 -6.66 -32.65
CA SER C 33 20.81 -7.79 -31.80
C SER C 33 20.72 -7.26 -30.38
N LEU C 34 20.67 -8.17 -29.42
CA LEU C 34 20.66 -7.78 -28.03
C LEU C 34 21.13 -8.96 -27.20
N SER C 35 21.49 -8.66 -25.96
CA SER C 35 21.86 -9.65 -24.97
C SER C 35 20.89 -9.51 -23.81
N LEU C 36 20.27 -10.61 -23.43
CA LEU C 36 19.34 -10.63 -22.31
C LEU C 36 20.10 -11.10 -21.08
N LEU C 37 20.27 -10.21 -20.12
CA LEU C 37 20.99 -10.51 -18.90
C LEU C 37 20.07 -10.94 -17.78
N GLN C 38 18.94 -10.26 -17.65
CA GLN C 38 18.00 -10.58 -16.58
C GLN C 38 16.62 -10.07 -16.93
N ILE C 39 15.62 -10.78 -16.43
CA ILE C 39 14.25 -10.29 -16.41
C ILE C 39 14.09 -9.76 -14.99
N MET C 40 13.87 -8.46 -14.86
CA MET C 40 13.83 -7.85 -13.54
C MET C 40 12.44 -7.84 -12.94
N ASP C 41 11.40 -7.66 -13.74
CA ASP C 41 10.06 -7.59 -13.19
C ASP C 41 9.05 -7.77 -14.29
N VAL C 42 8.01 -8.52 -13.98
CA VAL C 42 6.86 -8.71 -14.84
C VAL C 42 5.72 -8.16 -14.01
N ASP C 43 5.21 -7.00 -14.40
CA ASP C 43 4.11 -6.35 -13.71
C ASP C 43 2.83 -6.70 -14.46
N GLU C 44 2.09 -7.66 -13.95
CA GLU C 44 0.88 -8.09 -14.65
C GLU C 44 -0.24 -7.09 -14.49
N LYS C 45 -0.22 -6.27 -13.44
CA LYS C 45 -1.25 -5.25 -13.26
C LYS C 45 -1.03 -4.03 -14.15
N ASN C 46 0.22 -3.66 -14.41
CA ASN C 46 0.49 -2.53 -15.28
C ASN C 46 0.82 -2.96 -16.70
N GLN C 47 0.92 -4.26 -16.95
CA GLN C 47 1.27 -4.80 -18.27
C GLN C 47 2.61 -4.26 -18.75
N VAL C 48 3.66 -4.46 -17.95
CA VAL C 48 4.99 -3.92 -18.29
C VAL C 48 6.07 -4.92 -17.90
N LEU C 49 6.86 -5.31 -18.88
CA LEU C 49 8.07 -6.12 -18.70
C LEU C 49 9.27 -5.21 -18.45
N THR C 50 9.98 -5.44 -17.33
CA THR C 50 11.25 -4.77 -17.07
C THR C 50 12.39 -5.76 -17.28
N THR C 51 13.29 -5.46 -18.23
CA THR C 51 14.45 -6.29 -18.51
C THR C 51 15.76 -5.50 -18.44
N ASN C 52 16.84 -6.22 -18.14
CA ASN C 52 18.20 -5.70 -18.20
C ASN C 52 18.79 -6.25 -19.49
N ILE C 53 19.01 -5.37 -20.47
CA ILE C 53 19.46 -5.76 -21.80
C ILE C 53 20.69 -4.96 -22.21
N TRP C 54 21.52 -5.57 -23.04
CA TRP C 54 22.64 -4.90 -23.71
C TRP C 54 22.28 -4.93 -25.18
N LEU C 55 21.80 -3.81 -25.70
CA LEU C 55 21.53 -3.70 -27.12
C LEU C 55 22.83 -3.90 -27.87
N GLN C 56 22.75 -4.47 -29.07
CA GLN C 56 23.94 -4.69 -29.89
C GLN C 56 23.70 -4.10 -31.28
N MET C 57 24.42 -3.03 -31.59
CA MET C 57 24.34 -2.37 -32.88
C MET C 57 25.72 -2.39 -33.50
N SER C 58 25.81 -2.83 -34.73
CA SER C 58 27.07 -2.80 -35.46
C SER C 58 26.82 -2.35 -36.87
N TRP C 59 27.68 -1.46 -37.35
CA TRP C 59 27.60 -0.97 -38.72
C TRP C 59 29.01 -0.60 -39.15
N THR C 60 29.11 0.04 -40.31
CA THR C 60 30.39 0.45 -40.87
C THR C 60 30.34 1.94 -41.15
N ASP C 61 31.33 2.66 -40.63
CA ASP C 61 31.48 4.08 -40.86
C ASP C 61 32.58 4.28 -41.89
N HIS C 62 32.21 4.85 -43.03
CA HIS C 62 33.14 5.00 -44.14
C HIS C 62 34.26 5.98 -43.81
N TYR C 63 34.01 6.94 -42.93
CA TYR C 63 34.97 8.00 -42.66
C TYR C 63 35.90 7.68 -41.50
N LEU C 64 35.55 6.73 -40.65
CA LEU C 64 36.38 6.41 -39.47
C LEU C 64 37.25 5.19 -39.75
N GLN C 65 38.26 5.39 -40.59
CA GLN C 65 39.16 4.34 -41.02
C GLN C 65 40.58 4.88 -41.09
N TRP C 66 41.54 4.02 -40.80
CA TRP C 66 42.94 4.42 -40.82
C TRP C 66 43.80 3.20 -41.08
N ASN C 67 45.02 3.46 -41.50
CA ASN C 67 46.03 2.43 -41.72
C ASN C 67 46.78 2.22 -40.41
N VAL C 68 46.75 0.99 -39.89
CA VAL C 68 47.37 0.72 -38.59
C VAL C 68 48.89 0.72 -38.68
N SER C 69 49.46 0.74 -39.89
CA SER C 69 50.91 0.86 -40.03
C SER C 69 51.39 2.29 -39.86
N GLU C 70 50.48 3.26 -39.77
CA GLU C 70 50.81 4.67 -39.62
C GLU C 70 50.46 5.19 -38.23
N TYR C 71 49.61 4.49 -37.51
CA TYR C 71 49.26 4.81 -36.11
C TYR C 71 49.48 3.52 -35.32
N PRO C 72 50.74 3.08 -35.21
CA PRO C 72 51.01 1.76 -34.63
C PRO C 72 50.52 1.64 -33.20
N GLY C 73 49.98 0.48 -32.87
CA GLY C 73 49.42 0.23 -31.56
C GLY C 73 48.01 0.72 -31.37
N VAL C 74 47.47 1.50 -32.30
CA VAL C 74 46.12 2.04 -32.19
C VAL C 74 45.25 1.19 -33.12
N LYS C 75 44.63 0.16 -32.55
CA LYS C 75 43.76 -0.71 -33.31
C LYS C 75 42.29 -0.33 -33.21
N THR C 76 41.92 0.43 -32.19
CA THR C 76 40.54 0.85 -31.99
C THR C 76 40.51 2.25 -31.40
N VAL C 77 39.39 2.92 -31.61
CA VAL C 77 39.11 4.22 -31.01
C VAL C 77 37.71 4.16 -30.43
N ARG C 78 37.41 5.11 -29.59
CA ARG C 78 36.12 5.15 -28.92
C ARG C 78 35.58 6.57 -29.00
N PHE C 79 34.29 6.76 -29.23
CA PHE C 79 33.64 8.04 -29.38
C PHE C 79 32.39 8.10 -28.50
N PRO C 80 32.15 9.21 -27.78
CA PRO C 80 30.92 9.32 -26.98
C PRO C 80 29.70 9.84 -27.75
N ASP C 81 28.57 9.89 -27.06
CA ASP C 81 27.33 10.34 -27.68
C ASP C 81 27.45 11.78 -28.14
N GLY C 82 27.01 12.05 -29.37
CA GLY C 82 27.04 13.37 -29.95
C GLY C 82 28.23 13.64 -30.85
N GLN C 83 29.26 12.79 -30.80
CA GLN C 83 30.48 13.00 -31.56
C GLN C 83 30.57 12.13 -32.79
N ILE C 84 29.83 11.03 -32.83
CA ILE C 84 29.84 10.07 -33.93
C ILE C 84 28.39 9.84 -34.35
N TRP C 85 28.20 9.54 -35.62
CA TRP C 85 26.88 9.15 -36.08
C TRP C 85 26.52 7.80 -35.46
N LYS C 86 25.29 7.69 -34.99
CA LYS C 86 24.76 6.47 -34.42
C LYS C 86 23.38 6.20 -35.02
N PRO C 87 22.96 4.94 -35.16
CA PRO C 87 21.56 4.69 -35.52
C PRO C 87 20.64 5.04 -34.37
N ASP C 88 19.53 5.71 -34.69
CA ASP C 88 18.57 6.16 -33.69
C ASP C 88 17.55 5.06 -33.39
N ILE C 89 18.05 3.91 -32.99
CA ILE C 89 17.18 2.77 -32.74
C ILE C 89 16.55 2.93 -31.36
N LEU C 90 15.22 2.86 -31.33
CA LEU C 90 14.43 3.01 -30.13
C LEU C 90 13.56 1.78 -29.93
N LEU C 91 13.12 1.61 -28.68
CA LEU C 91 12.12 0.62 -28.36
C LEU C 91 10.74 1.24 -28.65
N TYR C 92 10.06 0.72 -29.67
CA TYR C 92 8.77 1.30 -30.05
C TYR C 92 7.74 1.15 -28.92
N ASN C 93 7.65 -0.04 -28.34
CA ASN C 93 6.64 -0.31 -27.31
C ASN C 93 7.23 -0.05 -25.93
N SER C 94 7.80 1.14 -25.76
CA SER C 94 8.37 1.53 -24.48
C SER C 94 7.27 1.96 -23.53
N ALA C 95 7.46 1.62 -22.25
CA ALA C 95 6.60 2.06 -21.15
C ALA C 95 7.31 3.02 -20.21
N ASP C 96 8.57 3.34 -20.46
CA ASP C 96 9.31 4.27 -19.63
C ASP C 96 8.79 5.70 -19.82
N GLU C 97 8.64 6.42 -18.71
CA GLU C 97 8.20 7.81 -18.78
C GLU C 97 9.13 8.65 -19.66
N ARG C 98 10.43 8.37 -19.62
CA ARG C 98 11.38 9.03 -20.54
C ARG C 98 11.34 8.47 -21.95
N PHE C 99 10.64 7.35 -22.17
CA PHE C 99 10.58 6.62 -23.42
C PHE C 99 11.86 5.90 -23.82
N ASP C 100 13.00 6.60 -23.87
CA ASP C 100 14.30 6.00 -24.15
C ASP C 100 15.05 5.69 -22.85
N ALA C 101 15.11 4.41 -22.48
CA ALA C 101 15.83 3.97 -21.29
C ALA C 101 17.30 3.64 -21.53
N THR C 102 17.77 3.74 -22.78
CA THR C 102 19.15 3.41 -23.13
C THR C 102 20.15 4.30 -22.39
N PHE C 103 21.18 3.67 -21.82
CA PHE C 103 22.29 4.40 -21.22
C PHE C 103 23.37 4.56 -22.28
N HIS C 104 23.65 5.80 -22.64
CA HIS C 104 24.54 6.06 -23.76
C HIS C 104 25.99 5.80 -23.35
N THR C 105 26.66 4.96 -24.12
CA THR C 105 28.04 4.57 -23.87
C THR C 105 28.87 4.84 -25.11
N ASN C 106 30.12 4.43 -25.10
CA ASN C 106 30.99 4.68 -26.24
C ASN C 106 30.63 3.79 -27.42
N VAL C 107 30.98 4.27 -28.60
CA VAL C 107 30.99 3.46 -29.82
C VAL C 107 32.44 3.08 -30.08
N LEU C 108 32.69 1.79 -30.22
CA LEU C 108 34.04 1.28 -30.47
C LEU C 108 34.20 1.08 -31.96
N VAL C 109 35.25 1.67 -32.53
CA VAL C 109 35.52 1.63 -33.95
C VAL C 109 36.91 1.07 -34.17
N ASN C 110 37.04 0.10 -35.07
CA ASN C 110 38.36 -0.44 -35.44
C ASN C 110 38.85 0.22 -36.74
N SER C 111 40.05 -0.17 -37.16
CA SER C 111 40.72 0.50 -38.27
C SER C 111 39.95 0.38 -39.59
N SER C 112 39.17 -0.68 -39.78
CA SER C 112 38.45 -0.87 -41.03
C SER C 112 37.12 -0.12 -41.04
N GLY C 113 36.85 0.70 -40.03
CA GLY C 113 35.64 1.48 -39.97
C GLY C 113 34.44 0.75 -39.45
N HIS C 114 34.64 -0.41 -38.83
CA HIS C 114 33.52 -1.13 -38.27
CA HIS C 114 33.52 -1.13 -38.27
C HIS C 114 33.23 -0.59 -36.88
N CYS C 115 31.97 -0.28 -36.63
CA CYS C 115 31.56 0.37 -35.40
C CYS C 115 30.73 -0.62 -34.62
N GLN C 116 30.98 -0.66 -33.32
CA GLN C 116 30.26 -1.51 -32.41
C GLN C 116 29.73 -0.62 -31.30
N TYR C 117 28.46 -0.79 -30.96
CA TYR C 117 27.79 0.02 -29.94
C TYR C 117 26.92 -0.89 -29.11
N LEU C 118 27.20 -0.99 -27.81
CA LEU C 118 26.49 -1.90 -26.91
C LEU C 118 25.96 -1.18 -25.68
N PRO C 119 25.02 -0.28 -25.85
CA PRO C 119 24.55 0.48 -24.71
C PRO C 119 23.74 -0.40 -23.79
N PRO C 120 23.97 -0.37 -22.48
CA PRO C 120 23.11 -1.13 -21.57
C PRO C 120 21.85 -0.33 -21.26
N GLY C 121 20.93 -1.00 -20.59
CA GLY C 121 19.74 -0.31 -20.18
C GLY C 121 18.78 -1.16 -19.40
N ILE C 122 18.05 -0.51 -18.50
CA ILE C 122 16.89 -1.09 -17.84
C ILE C 122 15.69 -0.66 -18.69
N PHE C 123 15.17 -1.58 -19.49
CA PHE C 123 14.10 -1.27 -20.43
C PHE C 123 12.75 -1.70 -19.88
N LYS C 124 11.80 -0.78 -19.90
CA LYS C 124 10.40 -1.07 -19.59
C LYS C 124 9.62 -1.09 -20.89
N SER C 125 9.01 -2.24 -21.20
CA SER C 125 8.25 -2.40 -22.43
C SER C 125 6.80 -2.75 -22.11
N SER C 126 5.91 -2.38 -23.02
CA SER C 126 4.48 -2.65 -22.90
C SER C 126 4.21 -4.05 -23.42
N CYS C 127 3.95 -4.98 -22.51
CA CYS C 127 3.71 -6.38 -22.84
C CYS C 127 2.28 -6.74 -22.47
N TYR C 128 1.54 -7.30 -23.43
CA TYR C 128 0.22 -7.82 -23.13
C TYR C 128 0.37 -9.12 -22.33
N ILE C 129 0.06 -9.05 -21.04
CA ILE C 129 0.18 -10.20 -20.15
C ILE C 129 -1.16 -10.94 -20.17
N ASP C 130 -1.18 -12.11 -20.78
CA ASP C 130 -2.38 -12.92 -20.85
C ASP C 130 -2.48 -13.74 -19.57
N VAL C 131 -3.42 -13.37 -18.71
CA VAL C 131 -3.60 -14.03 -17.42
C VAL C 131 -4.72 -15.08 -17.50
N ARG C 132 -5.10 -15.51 -18.71
CA ARG C 132 -6.16 -16.49 -18.86
C ARG C 132 -5.85 -17.78 -18.10
N TRP C 133 -4.57 -18.17 -18.06
CA TRP C 133 -4.14 -19.41 -17.44
C TRP C 133 -3.29 -19.20 -16.20
N PHE C 134 -3.26 -17.98 -15.64
CA PHE C 134 -2.49 -17.71 -14.44
C PHE C 134 -2.95 -18.65 -13.31
N PRO C 135 -2.04 -19.34 -12.61
CA PRO C 135 -0.59 -19.17 -12.50
C PRO C 135 0.20 -20.10 -13.42
N PHE C 136 -0.45 -20.88 -14.28
CA PHE C 136 0.22 -21.77 -15.21
C PHE C 136 0.35 -21.12 -16.59
N ASP C 137 0.69 -19.84 -16.62
CA ASP C 137 0.70 -19.06 -17.85
C ASP C 137 2.09 -18.93 -18.45
N VAL C 138 2.11 -18.92 -19.78
CA VAL C 138 3.30 -18.65 -20.57
C VAL C 138 3.06 -17.28 -21.18
N GLN C 139 4.07 -16.43 -21.16
CA GLN C 139 3.96 -15.09 -21.70
C GLN C 139 4.87 -14.90 -22.90
N HIS C 140 4.41 -14.13 -23.87
CA HIS C 140 5.14 -13.78 -25.06
C HIS C 140 5.18 -12.26 -25.09
N CYS C 141 6.30 -11.69 -24.65
CA CYS C 141 6.47 -10.26 -24.55
C CYS C 141 7.34 -9.81 -25.72
N LYS C 142 6.80 -8.91 -26.53
CA LYS C 142 7.54 -8.41 -27.67
C LYS C 142 8.35 -7.19 -27.29
N LEU C 143 9.53 -7.09 -27.89
CA LEU C 143 10.41 -5.94 -27.74
C LEU C 143 10.70 -5.55 -29.19
N LYS C 144 10.01 -4.52 -29.67
CA LYS C 144 10.14 -4.08 -31.04
C LYS C 144 11.14 -2.93 -31.09
N PHE C 145 12.11 -3.05 -31.98
CA PHE C 145 13.19 -2.08 -32.12
C PHE C 145 13.33 -1.69 -33.57
N GLY C 146 13.51 -0.41 -33.81
CA GLY C 146 13.77 0.08 -35.14
C GLY C 146 14.24 1.50 -35.07
N SER C 147 14.75 1.97 -36.20
CA SER C 147 15.14 3.36 -36.30
C SER C 147 13.88 4.22 -36.36
N TRP C 148 13.86 5.27 -35.54
CA TRP C 148 12.70 6.15 -35.53
C TRP C 148 12.58 6.95 -36.82
N SER C 149 13.67 7.60 -37.22
CA SER C 149 13.64 8.54 -38.32
C SER C 149 14.19 8.01 -39.65
N TYR C 150 14.94 6.90 -39.67
CA TYR C 150 15.55 6.39 -40.90
C TYR C 150 14.72 5.22 -41.42
N GLY C 151 14.13 5.40 -42.60
CA GLY C 151 13.39 4.33 -43.24
C GLY C 151 14.30 3.34 -43.95
N GLY C 152 13.65 2.37 -44.61
CA GLY C 152 14.36 1.28 -45.24
C GLY C 152 15.27 1.68 -46.39
N TRP C 153 14.94 2.77 -47.09
CA TRP C 153 15.84 3.25 -48.13
C TRP C 153 17.12 3.88 -47.60
N SER C 154 17.17 4.26 -46.32
CA SER C 154 18.35 4.88 -45.73
C SER C 154 19.06 4.01 -44.72
N LEU C 155 18.35 3.19 -43.96
CA LEU C 155 18.96 2.29 -42.97
C LEU C 155 18.38 0.90 -43.16
N ASP C 156 19.21 -0.02 -43.66
CA ASP C 156 18.84 -1.42 -43.85
C ASP C 156 19.14 -2.19 -42.57
N LEU C 157 18.14 -2.27 -41.70
CA LEU C 157 18.29 -2.95 -40.43
C LEU C 157 18.18 -4.47 -40.60
N GLN C 158 19.24 -5.18 -40.23
CA GLN C 158 19.27 -6.63 -40.22
C GLN C 158 19.34 -7.13 -38.79
N MET C 159 18.88 -8.35 -38.60
CA MET C 159 18.79 -8.98 -37.30
C MET C 159 19.84 -10.07 -37.14
N GLN C 160 20.38 -10.16 -35.94
CA GLN C 160 21.27 -11.23 -35.52
C GLN C 160 20.66 -11.84 -34.27
N GLU C 161 20.74 -13.18 -34.19
CA GLU C 161 20.25 -13.96 -33.04
C GLU C 161 20.62 -13.31 -31.71
N ALA C 162 19.64 -13.27 -30.81
CA ALA C 162 19.89 -12.74 -29.47
C ALA C 162 20.80 -13.67 -28.67
N ASP C 163 21.57 -13.06 -27.78
CA ASP C 163 22.48 -13.78 -26.89
C ASP C 163 21.87 -13.91 -25.51
N ILE C 164 21.89 -15.13 -24.98
CA ILE C 164 21.38 -15.42 -23.63
C ILE C 164 22.47 -16.11 -22.83
N SER C 165 23.73 -16.01 -23.28
CA SER C 165 24.83 -16.72 -22.65
C SER C 165 25.20 -16.16 -21.30
N GLY C 166 24.91 -14.88 -21.04
CA GLY C 166 25.09 -14.29 -19.73
C GLY C 166 23.76 -14.04 -19.03
N TYR C 167 22.71 -14.72 -19.46
CA TYR C 167 21.42 -14.60 -18.81
C TYR C 167 21.46 -15.13 -17.39
N ILE C 168 20.89 -14.37 -16.46
CA ILE C 168 20.82 -14.73 -15.06
C ILE C 168 19.39 -15.20 -14.81
N PRO C 169 19.15 -16.47 -14.45
CA PRO C 169 17.77 -16.93 -14.28
C PRO C 169 17.01 -16.18 -13.20
N ASN C 170 15.70 -16.14 -13.38
CA ASN C 170 14.78 -15.45 -12.50
C ASN C 170 14.12 -16.55 -11.68
N GLY C 171 13.97 -16.29 -10.37
CA GLY C 171 13.28 -17.25 -9.53
C GLY C 171 11.82 -17.45 -9.84
N GLU C 172 11.20 -16.53 -10.59
CA GLU C 172 9.78 -16.60 -10.89
C GLU C 172 9.46 -16.95 -12.33
N TRP C 173 10.33 -16.62 -13.29
CA TRP C 173 10.08 -16.82 -14.70
C TRP C 173 11.17 -17.67 -15.33
N ASP C 174 10.76 -18.69 -16.08
CA ASP C 174 11.67 -19.55 -16.81
C ASP C 174 11.72 -19.10 -18.26
N LEU C 175 12.92 -18.75 -18.72
CA LEU C 175 13.11 -18.24 -20.08
C LEU C 175 13.00 -19.39 -21.07
N VAL C 176 11.85 -19.51 -21.72
CA VAL C 176 11.69 -20.52 -22.77
C VAL C 176 12.62 -20.20 -23.94
N GLY C 177 12.64 -18.94 -24.36
CA GLY C 177 13.49 -18.53 -25.46
C GLY C 177 13.28 -17.06 -25.77
N ILE C 178 14.08 -16.58 -26.71
CA ILE C 178 13.99 -15.18 -27.15
C ILE C 178 14.09 -15.13 -28.68
N PRO C 179 13.16 -15.72 -29.41
CA PRO C 179 13.21 -15.65 -30.87
C PRO C 179 13.02 -14.22 -31.36
N GLY C 180 13.59 -13.94 -32.51
CA GLY C 180 13.50 -12.63 -33.12
C GLY C 180 13.07 -12.73 -34.58
N LYS C 181 12.44 -11.65 -35.04
CA LYS C 181 11.92 -11.57 -36.40
C LYS C 181 12.13 -10.16 -36.94
N ARG C 182 12.68 -10.07 -38.15
CA ARG C 182 12.78 -8.80 -38.86
C ARG C 182 11.58 -8.69 -39.79
N SER C 183 10.97 -7.51 -39.81
CA SER C 183 9.79 -7.26 -40.62
C SER C 183 9.92 -5.83 -41.13
N GLU C 184 9.18 -5.53 -42.19
CA GLU C 184 9.15 -4.20 -42.77
C GLU C 184 7.70 -3.76 -42.93
N ARG C 185 7.31 -2.73 -42.17
CA ARG C 185 5.96 -2.20 -42.16
C ARG C 185 5.87 -0.86 -42.85
N PHE C 186 4.64 -0.50 -43.20
CA PHE C 186 4.27 0.80 -43.71
C PHE C 186 3.47 1.53 -42.64
N TYR C 187 3.64 2.84 -42.57
CA TYR C 187 2.95 3.66 -41.58
C TYR C 187 2.22 4.79 -42.31
N GLU C 188 1.09 5.19 -41.74
CA GLU C 188 0.30 6.25 -42.34
C GLU C 188 1.08 7.56 -42.46
N CYS C 189 2.01 7.79 -41.53
CA CYS C 189 2.86 8.98 -41.59
C CYS C 189 3.63 9.06 -42.89
N CYS C 190 4.02 7.90 -43.43
CA CYS C 190 5.21 7.81 -44.25
C CYS C 190 5.00 6.81 -45.36
N LYS C 191 5.28 7.23 -46.60
CA LYS C 191 5.21 6.31 -47.72
C LYS C 191 6.37 5.33 -47.70
N GLU C 192 7.52 5.75 -47.21
CA GLU C 192 8.69 4.88 -47.16
C GLU C 192 8.47 3.76 -46.12
N PRO C 193 8.85 2.52 -46.44
CA PRO C 193 8.75 1.45 -45.44
C PRO C 193 9.82 1.56 -44.36
N TYR C 194 9.44 1.26 -43.12
CA TYR C 194 10.36 1.35 -41.98
C TYR C 194 10.63 -0.04 -41.40
N PRO C 195 11.84 -0.59 -41.54
CA PRO C 195 12.09 -1.92 -40.98
C PRO C 195 12.19 -1.89 -39.46
N ASP C 196 11.74 -2.97 -38.85
CA ASP C 196 11.87 -3.14 -37.40
C ASP C 196 12.34 -4.56 -37.13
N VAL C 197 12.83 -4.75 -35.90
CA VAL C 197 13.26 -6.05 -35.41
C VAL C 197 12.53 -6.26 -34.09
N THR C 198 11.81 -7.36 -33.98
CA THR C 198 11.03 -7.68 -32.80
C THR C 198 11.57 -8.96 -32.19
N PHE C 199 11.99 -8.87 -30.93
CA PHE C 199 12.42 -10.02 -30.15
C PHE C 199 11.30 -10.38 -29.19
N THR C 200 10.81 -11.60 -29.29
CA THR C 200 9.70 -12.08 -28.47
C THR C 200 10.29 -12.87 -27.31
N VAL C 201 10.25 -12.30 -26.12
CA VAL C 201 10.70 -13.00 -24.92
C VAL C 201 9.61 -13.97 -24.52
N THR C 202 9.89 -15.27 -24.60
CA THR C 202 8.95 -16.31 -24.22
C THR C 202 9.29 -16.78 -22.82
N MET C 203 8.33 -16.63 -21.91
CA MET C 203 8.55 -16.78 -20.48
C MET C 203 7.50 -17.70 -19.90
N ARG C 204 7.94 -18.67 -19.11
CA ARG C 204 7.06 -19.60 -18.41
C ARG C 204 7.11 -19.27 -16.93
N ARG C 205 5.96 -18.99 -16.35
CA ARG C 205 5.92 -18.74 -14.91
C ARG C 205 6.29 -20.02 -14.16
N ARG C 206 7.15 -19.88 -13.17
CA ARG C 206 7.47 -20.97 -12.26
C ARG C 206 6.42 -20.96 -11.17
N THR C 207 5.74 -22.09 -10.98
CA THR C 207 4.47 -22.15 -10.28
C THR C 207 4.58 -22.62 -8.84
N LEU C 208 5.80 -22.88 -8.30
CA LEU C 208 5.92 -23.36 -6.92
C LEU C 208 5.39 -22.32 -5.94
N TYR C 209 5.76 -21.04 -6.13
CA TYR C 209 5.32 -20.02 -5.20
C TYR C 209 3.81 -19.86 -5.22
N TYR C 210 3.22 -19.91 -6.40
CA TYR C 210 1.79 -19.68 -6.51
C TYR C 210 1.02 -20.93 -6.16
N GLY C 211 1.64 -22.10 -6.32
CA GLY C 211 0.98 -23.33 -5.92
C GLY C 211 0.82 -23.40 -4.42
N LEU C 212 1.85 -22.97 -3.68
CA LEU C 212 1.83 -23.08 -2.23
C LEU C 212 1.19 -21.87 -1.54
N ASN C 213 1.14 -20.71 -2.18
CA ASN C 213 0.61 -19.51 -1.54
C ASN C 213 -0.77 -19.11 -2.03
N LEU C 214 -1.28 -19.73 -3.11
CA LEU C 214 -2.55 -19.31 -3.69
C LEU C 214 -3.48 -20.47 -4.05
N LEU C 215 -2.97 -21.64 -4.45
CA LEU C 215 -3.81 -22.74 -4.90
C LEU C 215 -4.06 -23.78 -3.83
N ILE C 216 -3.05 -24.14 -3.05
CA ILE C 216 -3.18 -25.06 -1.93
C ILE C 216 -3.98 -24.43 -0.79
N PRO C 217 -3.86 -23.13 -0.52
CA PRO C 217 -4.77 -22.53 0.48
C PRO C 217 -6.24 -22.75 0.14
N CYS C 218 -6.67 -22.38 -1.07
CA CYS C 218 -8.05 -22.62 -1.51
C CYS C 218 -8.49 -24.06 -1.27
N VAL C 219 -7.61 -25.02 -1.49
CA VAL C 219 -7.95 -26.40 -1.16
C VAL C 219 -8.16 -26.54 0.34
N LEU C 220 -7.29 -25.91 1.15
CA LEU C 220 -7.45 -25.98 2.60
C LEU C 220 -8.70 -25.23 3.07
N ILE C 221 -8.96 -24.05 2.51
CA ILE C 221 -10.21 -23.35 2.80
C ILE C 221 -11.41 -24.07 2.21
N SER C 222 -11.25 -24.89 1.17
CA SER C 222 -12.36 -25.70 0.68
C SER C 222 -12.57 -26.93 1.55
N ALA C 223 -11.48 -27.47 2.11
CA ALA C 223 -11.58 -28.61 3.02
C ALA C 223 -12.15 -28.22 4.38
N LEU C 224 -11.79 -27.03 4.87
CA LEU C 224 -12.38 -26.52 6.11
C LEU C 224 -13.88 -26.34 5.98
N ALA C 225 -14.35 -25.84 4.83
CA ALA C 225 -15.78 -25.69 4.62
C ALA C 225 -16.49 -27.04 4.69
N LEU C 226 -15.85 -28.10 4.18
CA LEU C 226 -16.46 -29.42 4.22
C LEU C 226 -16.60 -29.93 5.64
N LEU C 227 -15.77 -29.46 6.58
CA LEU C 227 -15.90 -29.90 7.97
C LEU C 227 -17.19 -29.44 8.62
N VAL C 228 -17.94 -28.52 8.02
CA VAL C 228 -19.22 -28.15 8.60
C VAL C 228 -20.17 -29.32 8.53
N PHE C 229 -20.00 -30.20 7.54
CA PHE C 229 -20.89 -31.34 7.36
C PHE C 229 -20.59 -32.47 8.32
N LEU C 230 -19.53 -32.37 9.13
CA LEU C 230 -19.24 -33.32 10.18
C LEU C 230 -19.48 -32.76 11.57
N LEU C 231 -19.72 -31.45 11.69
CA LEU C 231 -20.06 -30.88 12.98
C LEU C 231 -21.46 -31.33 13.38
N PRO C 232 -21.67 -31.80 14.61
CA PRO C 232 -23.06 -32.00 15.06
C PRO C 232 -23.84 -30.70 15.01
N ALA C 233 -25.15 -30.81 14.81
CA ALA C 233 -26.01 -29.63 14.82
C ALA C 233 -26.15 -29.05 16.21
N ASP C 234 -26.16 -29.91 17.24
CA ASP C 234 -26.32 -29.42 18.61
C ASP C 234 -25.11 -28.61 19.07
N SER C 235 -23.95 -28.76 18.41
CA SER C 235 -22.78 -27.96 18.77
C SER C 235 -23.08 -26.46 18.67
N GLY C 236 -23.97 -26.06 17.77
CA GLY C 236 -24.34 -24.66 17.67
C GLY C 236 -23.30 -23.79 17.00
N GLU C 237 -22.39 -24.39 16.21
CA GLU C 237 -21.26 -23.67 15.64
C GLU C 237 -21.08 -23.94 14.15
N LYS C 238 -22.08 -24.50 13.46
CA LYS C 238 -21.90 -24.81 12.05
C LYS C 238 -21.99 -23.57 11.18
N ILE C 239 -22.73 -22.55 11.60
CA ILE C 239 -22.76 -21.29 10.88
C ILE C 239 -21.52 -20.48 11.20
N SER C 240 -21.07 -20.54 12.45
CA SER C 240 -19.82 -19.89 12.83
C SER C 240 -18.66 -20.41 12.00
N LEU C 241 -18.56 -21.74 11.89
CA LEU C 241 -17.50 -22.33 11.08
C LEU C 241 -17.66 -21.94 9.61
N GLY C 242 -18.84 -22.16 9.05
CA GLY C 242 -19.04 -21.90 7.63
C GLY C 242 -18.85 -20.44 7.26
N ILE C 243 -19.50 -19.54 8.01
CA ILE C 243 -19.43 -18.14 7.66
C ILE C 243 -18.06 -17.54 7.97
N THR C 244 -17.32 -18.12 8.93
CA THR C 244 -15.97 -17.62 9.17
C THR C 244 -15.06 -18.04 8.04
N VAL C 245 -15.26 -19.25 7.54
CA VAL C 245 -14.46 -19.76 6.43
C VAL C 245 -14.68 -18.87 5.22
N LEU C 246 -15.91 -18.50 4.93
CA LEU C 246 -16.20 -17.59 3.84
C LEU C 246 -15.64 -16.20 4.08
N LEU C 247 -15.57 -15.73 5.33
CA LEU C 247 -14.92 -14.44 5.58
C LEU C 247 -13.45 -14.52 5.26
N SER C 248 -12.81 -15.61 5.65
CA SER C 248 -11.42 -15.78 5.40
C SER C 248 -11.21 -15.81 3.92
N LEU C 249 -12.00 -16.59 3.21
CA LEU C 249 -11.87 -16.76 1.77
C LEU C 249 -12.07 -15.44 1.01
N THR C 250 -13.02 -14.62 1.45
CA THR C 250 -13.22 -13.32 0.82
C THR C 250 -11.99 -12.44 0.99
N VAL C 251 -11.44 -12.40 2.20
CA VAL C 251 -10.21 -11.66 2.44
C VAL C 251 -9.08 -12.23 1.59
N PHE C 252 -9.03 -13.55 1.46
CA PHE C 252 -8.01 -14.17 0.63
C PHE C 252 -8.12 -13.73 -0.83
N MET C 253 -9.35 -13.65 -1.36
CA MET C 253 -9.55 -13.23 -2.74
C MET C 253 -9.30 -11.73 -2.94
N LEU C 254 -9.41 -10.93 -1.89
CA LEU C 254 -9.03 -9.52 -2.00
C LEU C 254 -7.54 -9.39 -2.25
N LEU C 255 -6.74 -10.10 -1.46
CA LEU C 255 -5.28 -10.16 -1.65
C LEU C 255 -4.88 -10.57 -3.06
N VAL C 256 -5.66 -11.44 -3.69
CA VAL C 256 -5.39 -11.86 -5.07
C VAL C 256 -5.65 -10.75 -6.08
N ALA C 257 -6.65 -9.92 -5.87
CA ALA C 257 -6.82 -8.77 -6.75
C ALA C 257 -5.59 -7.87 -6.90
N GLU C 258 -4.75 -7.74 -5.86
CA GLU C 258 -3.50 -6.97 -5.99
C GLU C 258 -2.60 -7.40 -7.16
N ILE C 259 -2.71 -8.64 -7.65
CA ILE C 259 -1.78 -9.15 -8.65
C ILE C 259 -2.37 -9.14 -10.06
N MET C 260 -3.71 -9.26 -10.18
CA MET C 260 -4.27 -9.41 -11.52
C MET C 260 -4.59 -8.05 -12.13
N PRO C 261 -4.48 -7.91 -13.46
CA PRO C 261 -4.90 -6.66 -14.09
C PRO C 261 -6.42 -6.58 -14.18
N ALA C 262 -6.94 -5.36 -14.12
CA ALA C 262 -8.38 -5.13 -14.24
C ALA C 262 -8.76 -5.08 -15.72
N THR C 263 -8.66 -6.23 -16.36
CA THR C 263 -8.91 -6.39 -17.79
C THR C 263 -10.06 -7.36 -18.03
N SER C 264 -10.62 -7.28 -19.24
CA SER C 264 -11.80 -8.04 -19.62
C SER C 264 -11.58 -8.85 -20.89
N ASP C 265 -10.32 -9.13 -21.25
CA ASP C 265 -10.07 -9.99 -22.40
C ASP C 265 -10.66 -11.38 -22.17
N SER C 266 -10.57 -11.87 -20.94
CA SER C 266 -11.07 -13.19 -20.58
C SER C 266 -11.23 -13.24 -19.07
N VAL C 267 -11.94 -14.26 -18.61
CA VAL C 267 -12.04 -14.57 -17.18
C VAL C 267 -10.87 -15.50 -16.84
N PRO C 268 -9.94 -15.09 -15.96
CA PRO C 268 -8.75 -15.93 -15.73
C PRO C 268 -9.09 -17.30 -15.18
N LEU C 269 -8.04 -18.12 -15.09
CA LEU C 269 -8.19 -19.47 -14.54
C LEU C 269 -8.35 -19.40 -13.04
N ILE C 270 -7.64 -18.48 -12.39
CA ILE C 270 -7.74 -18.33 -10.95
C ILE C 270 -9.14 -17.85 -10.57
N ALA C 271 -9.74 -16.99 -11.40
CA ALA C 271 -11.11 -16.57 -11.17
C ALA C 271 -12.08 -17.73 -11.24
N GLN C 272 -11.93 -18.60 -12.25
CA GLN C 272 -12.77 -19.78 -12.34
C GLN C 272 -12.55 -20.70 -11.15
N TYR C 273 -11.29 -20.87 -10.75
CA TYR C 273 -10.97 -21.69 -9.60
C TYR C 273 -11.57 -21.11 -8.33
N PHE C 274 -11.50 -19.78 -8.19
CA PHE C 274 -12.16 -19.11 -7.08
C PHE C 274 -13.67 -19.29 -7.14
N ALA C 275 -14.25 -19.23 -8.34
CA ALA C 275 -15.69 -19.43 -8.47
C ALA C 275 -16.08 -20.81 -7.98
N SER C 276 -15.30 -21.84 -8.30
CA SER C 276 -15.58 -23.16 -7.78
C SER C 276 -15.47 -23.18 -6.26
N THR C 277 -14.37 -22.66 -5.73
CA THR C 277 -14.18 -22.60 -4.28
C THR C 277 -15.28 -21.78 -3.61
N MET C 278 -15.62 -20.63 -4.19
CA MET C 278 -16.71 -19.81 -3.67
C MET C 278 -18.00 -20.62 -3.58
N ILE C 279 -18.30 -21.39 -4.63
CA ILE C 279 -19.50 -22.21 -4.67
C ILE C 279 -19.51 -23.20 -3.52
N ILE C 280 -18.38 -23.85 -3.24
CA ILE C 280 -18.36 -24.87 -2.18
C ILE C 280 -18.72 -24.24 -0.84
N VAL C 281 -18.16 -23.07 -0.55
CA VAL C 281 -18.39 -22.47 0.75
C VAL C 281 -19.77 -21.84 0.80
N GLY C 282 -20.18 -21.15 -0.26
CA GLY C 282 -21.49 -20.54 -0.27
C GLY C 282 -22.62 -21.56 -0.20
N LEU C 283 -22.53 -22.64 -0.98
CA LEU C 283 -23.58 -23.66 -0.94
C LEU C 283 -23.49 -24.54 0.30
N SER C 284 -22.35 -24.60 0.97
CA SER C 284 -22.28 -25.31 2.24
C SER C 284 -22.95 -24.51 3.34
N VAL C 285 -22.95 -23.19 3.23
CA VAL C 285 -23.72 -22.36 4.16
C VAL C 285 -25.21 -22.51 3.86
N VAL C 286 -25.59 -22.52 2.58
CA VAL C 286 -26.99 -22.72 2.22
C VAL C 286 -27.47 -24.09 2.70
N VAL C 287 -26.66 -25.12 2.47
CA VAL C 287 -27.02 -26.46 2.91
C VAL C 287 -27.04 -26.51 4.43
N THR C 288 -26.12 -25.80 5.08
CA THR C 288 -26.09 -25.78 6.53
C THR C 288 -27.38 -25.19 7.10
N VAL C 289 -27.90 -24.14 6.45
CA VAL C 289 -29.18 -23.57 6.86
C VAL C 289 -30.29 -24.61 6.72
N ILE C 290 -30.28 -25.36 5.62
CA ILE C 290 -31.30 -26.39 5.41
C ILE C 290 -31.17 -27.48 6.47
N VAL C 291 -29.93 -27.88 6.78
CA VAL C 291 -29.72 -28.91 7.79
C VAL C 291 -30.20 -28.44 9.15
N LEU C 292 -29.97 -27.17 9.47
CA LEU C 292 -30.44 -26.61 10.73
C LEU C 292 -31.96 -26.50 10.74
N GLN C 293 -32.56 -26.19 9.60
CA GLN C 293 -34.01 -26.18 9.49
C GLN C 293 -34.58 -27.56 9.81
N TYR C 294 -33.97 -28.60 9.26
CA TYR C 294 -34.40 -29.96 9.58
C TYR C 294 -34.15 -30.29 11.04
N HIS C 295 -32.98 -29.91 11.56
CA HIS C 295 -32.62 -30.27 12.93
C HIS C 295 -33.52 -29.57 13.94
N HIS C 296 -33.84 -28.31 13.71
CA HIS C 296 -34.63 -27.49 14.63
C HIS C 296 -36.11 -27.45 14.25
N HIS C 297 -36.58 -28.46 13.53
CA HIS C 297 -37.97 -28.46 13.08
C HIS C 297 -38.91 -28.58 14.28
N ASP C 298 -39.99 -27.84 14.23
CA ASP C 298 -40.97 -27.84 15.30
C ASP C 298 -41.75 -29.16 15.28
N PRO C 299 -41.73 -29.98 16.35
CA PRO C 299 -42.43 -31.27 16.28
C PRO C 299 -43.93 -31.16 16.10
N ASP C 300 -44.51 -29.98 16.35
CA ASP C 300 -45.94 -29.74 16.17
C ASP C 300 -46.22 -28.98 14.88
N GLY C 301 -45.26 -28.95 13.95
CA GLY C 301 -45.41 -28.30 12.67
C GLY C 301 -45.79 -29.28 11.59
N GLY C 302 -45.62 -28.84 10.34
CA GLY C 302 -45.93 -29.67 9.18
C GLY C 302 -45.29 -31.04 9.21
N LYS C 303 -46.08 -32.08 8.98
CA LYS C 303 -45.58 -33.44 9.05
C LYS C 303 -44.56 -33.67 7.94
N MET C 304 -43.71 -34.66 8.15
CA MET C 304 -42.64 -34.95 7.20
C MET C 304 -43.23 -35.38 5.87
N PRO C 305 -42.92 -34.70 4.73
CA PRO C 305 -43.45 -35.15 3.43
C PRO C 305 -43.15 -36.62 3.12
N LYS C 306 -43.94 -37.22 2.22
CA LYS C 306 -43.65 -38.59 1.84
C LYS C 306 -42.36 -38.68 1.02
N TRP C 307 -42.08 -37.66 0.21
CA TRP C 307 -40.84 -37.68 -0.56
C TRP C 307 -39.64 -37.61 0.38
N THR C 308 -39.75 -36.81 1.44
CA THR C 308 -38.64 -36.68 2.39
C THR C 308 -38.45 -37.98 3.16
N ARG C 309 -39.55 -38.66 3.51
CA ARG C 309 -39.47 -39.88 4.31
C ARG C 309 -38.79 -41.01 3.56
N VAL C 310 -38.88 -41.03 2.23
CA VAL C 310 -38.33 -42.13 1.43
C VAL C 310 -36.98 -41.77 0.83
N ILE C 311 -36.83 -40.56 0.28
CA ILE C 311 -35.60 -40.20 -0.41
C ILE C 311 -34.43 -40.14 0.56
N LEU C 312 -34.68 -39.85 1.84
CA LEU C 312 -33.61 -39.65 2.82
C LEU C 312 -33.54 -40.77 3.84
N LEU C 313 -34.63 -41.03 4.57
CA LEU C 313 -34.56 -42.01 5.64
C LEU C 313 -34.50 -43.45 5.15
N ASN C 314 -34.77 -43.72 3.86
CA ASN C 314 -34.71 -45.07 3.32
C ASN C 314 -33.61 -45.20 2.27
N TRP C 315 -33.74 -44.54 1.12
CA TRP C 315 -32.77 -44.70 0.04
C TRP C 315 -31.38 -44.20 0.40
N CYS C 316 -31.24 -42.89 0.59
CA CYS C 316 -29.96 -42.31 0.96
C CYS C 316 -29.40 -42.92 2.24
N ALA C 317 -30.25 -43.08 3.25
CA ALA C 317 -29.77 -43.60 4.54
C ALA C 317 -29.21 -45.01 4.39
N TRP C 318 -29.90 -45.87 3.65
CA TRP C 318 -29.36 -47.22 3.40
C TRP C 318 -28.08 -47.16 2.58
N PHE C 319 -28.06 -46.33 1.53
CA PHE C 319 -26.87 -46.22 0.70
C PHE C 319 -25.67 -45.77 1.52
N LEU C 320 -25.86 -44.74 2.33
CA LEU C 320 -24.81 -44.20 3.19
C LEU C 320 -24.52 -45.08 4.40
N ARG C 321 -25.27 -46.17 4.59
CA ARG C 321 -25.10 -47.09 5.71
C ARG C 321 -25.07 -46.35 7.05
N MET C 322 -26.16 -45.64 7.32
CA MET C 322 -26.32 -44.86 8.53
C MET C 322 -27.27 -45.51 9.53
N LYS C 323 -28.50 -45.81 9.10
CA LYS C 323 -29.53 -46.38 9.98
C LYS C 323 -29.69 -45.61 11.28
N PRO C 479 -63.69 -42.05 45.08
CA PRO C 479 -63.50 -40.81 45.84
C PRO C 479 -62.07 -40.25 45.68
N ASP C 480 -61.36 -39.92 46.76
CA ASP C 480 -60.05 -39.28 46.63
C ASP C 480 -59.10 -40.09 45.77
N LEU C 481 -59.17 -41.43 45.87
CA LEU C 481 -58.21 -42.26 45.13
C LEU C 481 -58.45 -42.18 43.63
N ALA C 482 -59.70 -41.93 43.23
CA ALA C 482 -59.99 -41.74 41.81
C ALA C 482 -59.40 -40.42 41.32
N LYS C 483 -59.41 -39.41 42.17
CA LYS C 483 -58.87 -38.10 41.79
C LYS C 483 -57.36 -38.16 41.68
N ILE C 484 -56.70 -38.92 42.56
CA ILE C 484 -55.26 -39.12 42.46
C ILE C 484 -54.92 -39.81 41.14
N LEU C 485 -55.75 -40.79 40.73
CA LEU C 485 -55.52 -41.48 39.47
C LEU C 485 -55.54 -40.50 38.31
N GLU C 486 -56.48 -39.56 38.32
CA GLU C 486 -56.58 -38.59 37.23
C GLU C 486 -55.32 -37.74 37.13
N GLU C 487 -54.80 -37.27 38.27
CA GLU C 487 -53.60 -36.43 38.23
C GLU C 487 -52.40 -37.20 37.70
N VAL C 488 -52.18 -38.41 38.24
CA VAL C 488 -51.01 -39.17 37.82
C VAL C 488 -51.14 -39.59 36.36
N ARG C 489 -52.37 -39.91 35.93
CA ARG C 489 -52.59 -40.27 34.54
C ARG C 489 -52.32 -39.09 33.63
N TYR C 490 -52.71 -37.89 34.04
CA TYR C 490 -52.37 -36.70 33.28
C TYR C 490 -50.85 -36.53 33.20
N ILE C 491 -50.16 -36.73 34.32
CA ILE C 491 -48.70 -36.64 34.32
C ILE C 491 -48.11 -37.68 33.40
N ALA C 492 -48.61 -38.92 33.48
CA ALA C 492 -48.09 -39.98 32.63
C ALA C 492 -48.44 -39.74 31.17
N ASN C 493 -49.68 -39.33 30.88
CA ASN C 493 -50.06 -39.04 29.50
C ASN C 493 -49.29 -37.85 28.97
N ARG C 494 -49.03 -36.85 29.82
CA ARG C 494 -48.18 -35.73 29.42
C ARG C 494 -46.80 -36.23 29.01
N PHE C 495 -46.22 -37.12 29.81
CA PHE C 495 -44.89 -37.66 29.49
C PHE C 495 -44.91 -38.43 28.19
N ARG C 496 -45.98 -39.20 27.95
CA ARG C 496 -46.09 -39.95 26.69
C ARG C 496 -46.16 -39.01 25.50
N CYS C 497 -46.87 -37.88 25.65
CA CYS C 497 -46.92 -36.89 24.58
C CYS C 497 -45.53 -36.32 24.30
N GLN C 498 -44.74 -36.06 25.34
CA GLN C 498 -43.36 -35.62 25.12
C GLN C 498 -42.56 -36.68 24.39
N ASP C 499 -42.78 -37.96 24.74
CA ASP C 499 -42.05 -39.04 24.10
C ASP C 499 -42.37 -39.12 22.61
N GLU C 500 -43.65 -38.99 22.25
CA GLU C 500 -44.01 -38.98 20.82
C GLU C 500 -43.42 -37.76 20.13
N SER C 501 -43.49 -36.59 20.76
CA SER C 501 -42.98 -35.37 20.14
C SER C 501 -41.47 -35.44 19.94
N GLU C 502 -40.73 -35.96 20.92
CA GLU C 502 -39.28 -36.05 20.76
C GLU C 502 -38.90 -37.16 19.79
N ALA C 503 -39.75 -38.17 19.64
CA ALA C 503 -39.54 -39.16 18.59
C ALA C 503 -39.69 -38.53 17.21
N VAL C 504 -40.70 -37.68 17.04
CA VAL C 504 -40.83 -36.92 15.80
C VAL C 504 -39.60 -36.05 15.59
N CYS C 505 -39.13 -35.38 16.64
CA CYS C 505 -37.92 -34.58 16.54
C CYS C 505 -36.71 -35.43 16.16
N SER C 506 -36.62 -36.63 16.74
CA SER C 506 -35.49 -37.51 16.45
C SER C 506 -35.47 -37.90 14.98
N GLU C 507 -36.65 -38.12 14.40
CA GLU C 507 -36.74 -38.40 12.97
C GLU C 507 -36.25 -37.21 12.15
N TRP C 508 -36.66 -36.00 12.53
CA TRP C 508 -36.21 -34.80 11.83
C TRP C 508 -34.70 -34.60 12.01
N LYS C 509 -34.19 -34.85 13.21
CA LYS C 509 -32.76 -34.73 13.45
C LYS C 509 -31.98 -35.77 12.64
N PHE C 510 -32.53 -36.99 12.53
CA PHE C 510 -31.88 -38.01 11.73
C PHE C 510 -31.88 -37.64 10.25
N ALA C 511 -32.97 -37.07 9.76
CA ALA C 511 -33.00 -36.58 8.38
C ALA C 511 -31.98 -35.50 8.16
N ALA C 512 -31.77 -34.63 9.15
CA ALA C 512 -30.73 -33.62 9.04
C ALA C 512 -29.36 -34.28 8.90
N CYS C 513 -29.11 -35.34 9.67
CA CYS C 513 -27.83 -36.05 9.59
C CYS C 513 -27.64 -36.69 8.22
N VAL C 514 -28.69 -37.28 7.66
CA VAL C 514 -28.59 -37.90 6.35
C VAL C 514 -28.29 -36.84 5.29
N VAL C 515 -29.06 -35.76 5.29
CA VAL C 515 -28.80 -34.66 4.36
C VAL C 515 -27.38 -34.16 4.55
N ASP C 516 -26.92 -34.10 5.80
CA ASP C 516 -25.59 -33.59 6.09
C ASP C 516 -24.52 -34.51 5.52
N ARG C 517 -24.75 -35.83 5.62
CA ARG C 517 -23.80 -36.81 5.12
C ARG C 517 -23.87 -36.90 3.59
N LEU C 518 -25.07 -36.78 3.04
CA LEU C 518 -25.24 -36.77 1.58
C LEU C 518 -24.48 -35.60 0.97
N CYS C 519 -24.59 -34.42 1.56
CA CYS C 519 -23.93 -33.25 1.02
C CYS C 519 -22.44 -33.28 1.28
N LEU C 520 -22.00 -33.93 2.36
CA LEU C 520 -20.57 -34.15 2.57
C LEU C 520 -19.95 -34.86 1.38
N MET C 521 -20.53 -36.00 0.99
CA MET C 521 -20.01 -36.75 -0.15
C MET C 521 -20.14 -35.95 -1.44
N ALA C 522 -21.29 -35.32 -1.67
CA ALA C 522 -21.51 -34.57 -2.89
C ALA C 522 -20.55 -33.40 -3.02
N PHE C 523 -20.39 -32.63 -1.94
CA PHE C 523 -19.48 -31.48 -1.99
C PHE C 523 -18.03 -31.93 -2.05
N SER C 524 -17.70 -33.03 -1.38
CA SER C 524 -16.33 -33.55 -1.44
C SER C 524 -15.97 -33.97 -2.86
N VAL C 525 -16.84 -34.76 -3.50
CA VAL C 525 -16.57 -35.20 -4.87
C VAL C 525 -16.53 -34.00 -5.80
N PHE C 526 -17.53 -33.13 -5.69
CA PHE C 526 -17.62 -31.97 -6.57
C PHE C 526 -16.44 -31.03 -6.34
N THR C 527 -15.98 -30.91 -5.10
CA THR C 527 -14.78 -30.13 -4.82
C THR C 527 -13.58 -30.68 -5.57
N ILE C 528 -13.40 -32.00 -5.51
CA ILE C 528 -12.26 -32.65 -6.16
C ILE C 528 -12.31 -32.44 -7.68
N ILE C 529 -13.48 -32.67 -8.29
CA ILE C 529 -13.59 -32.56 -9.74
C ILE C 529 -13.31 -31.14 -10.20
N CYS C 530 -13.91 -30.15 -9.53
CA CYS C 530 -13.68 -28.76 -9.93
C CYS C 530 -12.22 -28.36 -9.74
N THR C 531 -11.62 -28.74 -8.62
CA THR C 531 -10.20 -28.47 -8.40
C THR C 531 -9.36 -29.12 -9.49
N ILE C 532 -9.55 -30.42 -9.71
CA ILE C 532 -8.75 -31.13 -10.70
C ILE C 532 -9.10 -30.64 -12.11
N GLY C 533 -10.39 -30.48 -12.40
CA GLY C 533 -10.80 -30.09 -13.74
C GLY C 533 -10.36 -28.70 -14.13
N ILE C 534 -10.53 -27.73 -13.23
CA ILE C 534 -10.13 -26.36 -13.55
C ILE C 534 -8.62 -26.26 -13.70
N LEU C 535 -7.87 -26.89 -12.78
CA LEU C 535 -6.41 -26.81 -12.86
C LEU C 535 -5.87 -27.47 -14.11
N MET C 536 -6.30 -28.70 -14.39
CA MET C 536 -5.75 -29.43 -15.53
C MET C 536 -6.25 -28.91 -16.87
N SER C 537 -7.29 -28.07 -16.88
CA SER C 537 -7.69 -27.43 -18.13
C SER C 537 -6.58 -26.51 -18.68
N ALA C 538 -5.66 -26.08 -17.85
CA ALA C 538 -4.55 -25.25 -18.32
C ALA C 538 -3.61 -26.08 -19.19
N PRO C 539 -3.24 -25.61 -20.38
CA PRO C 539 -2.30 -26.41 -21.21
C PRO C 539 -0.97 -26.71 -20.54
N ASN C 540 -0.48 -25.82 -19.69
CA ASN C 540 0.85 -25.93 -19.11
C ASN C 540 0.84 -26.52 -17.70
N PHE C 541 -0.28 -27.07 -17.24
CA PHE C 541 -0.33 -27.61 -15.89
C PHE C 541 0.60 -28.82 -15.75
N VAL C 542 0.55 -29.73 -16.72
CA VAL C 542 1.37 -30.93 -16.65
C VAL C 542 2.85 -30.57 -16.69
N GLU C 543 3.22 -29.64 -17.58
CA GLU C 543 4.59 -29.17 -17.63
C GLU C 543 5.02 -28.52 -16.32
N ALA C 544 4.12 -27.72 -15.72
CA ALA C 544 4.46 -27.00 -14.50
C ALA C 544 4.75 -27.95 -13.35
N VAL C 545 3.91 -28.96 -13.14
CA VAL C 545 4.12 -29.88 -12.03
C VAL C 545 5.38 -30.69 -12.23
N SER C 546 5.71 -31.05 -13.47
CA SER C 546 6.91 -31.84 -13.72
C SER C 546 8.18 -31.02 -13.52
N LYS C 547 8.16 -29.73 -13.82
CA LYS C 547 9.35 -28.90 -13.79
C LYS C 547 9.54 -28.17 -12.47
N ASP C 548 8.46 -27.75 -11.83
CA ASP C 548 8.54 -26.95 -10.60
C ASP C 548 8.29 -27.77 -9.35
N PHE C 549 7.51 -28.84 -9.44
CA PHE C 549 7.20 -29.68 -8.28
C PHE C 549 7.92 -31.02 -8.39
N GLU D 1 29.43 12.18 -49.75
CA GLU D 1 30.04 13.36 -50.44
C GLU D 1 28.99 14.43 -50.66
N PHE D 2 27.82 14.02 -51.13
CA PHE D 2 26.72 14.95 -51.37
C PHE D 2 25.88 15.16 -50.12
N GLN D 3 25.86 14.18 -49.23
CA GLN D 3 25.17 14.35 -47.96
C GLN D 3 25.96 15.28 -47.05
N ARG D 4 27.27 15.04 -46.96
CA ARG D 4 28.15 15.94 -46.22
C ARG D 4 28.07 17.35 -46.76
N LYS D 5 28.13 17.50 -48.08
CA LYS D 5 28.07 18.81 -48.71
C LYS D 5 26.74 19.51 -48.40
N LEU D 6 25.64 18.78 -48.47
CA LEU D 6 24.34 19.39 -48.24
C LEU D 6 24.19 19.87 -46.79
N TYR D 7 24.63 19.05 -45.83
CA TYR D 7 24.49 19.44 -44.42
C TYR D 7 25.25 20.72 -44.12
N LYS D 8 26.46 20.86 -44.68
CA LYS D 8 27.22 22.08 -44.49
C LYS D 8 26.49 23.28 -45.09
N GLU D 9 25.83 23.07 -46.23
CA GLU D 9 25.14 24.16 -46.91
C GLU D 9 23.85 24.55 -46.20
N LEU D 10 23.08 23.56 -45.74
CA LEU D 10 21.78 23.85 -45.15
C LEU D 10 21.89 24.59 -43.82
N VAL D 11 23.00 24.45 -43.10
CA VAL D 11 23.14 25.10 -41.79
C VAL D 11 23.78 26.48 -41.90
N LYS D 12 24.42 26.80 -43.02
CA LYS D 12 25.02 28.11 -43.22
C LYS D 12 23.98 29.22 -43.01
N ASN D 13 24.23 30.05 -42.00
CA ASN D 13 23.39 31.18 -41.61
C ASN D 13 22.03 30.80 -41.04
N TYR D 14 21.79 29.52 -40.76
CA TYR D 14 20.47 29.12 -40.30
C TYR D 14 20.38 29.43 -38.80
N ASN D 15 19.26 30.00 -38.41
CA ASN D 15 18.99 30.34 -37.01
C ASN D 15 17.80 29.53 -36.52
N PRO D 16 17.95 28.62 -35.56
CA PRO D 16 16.76 27.89 -35.07
C PRO D 16 15.75 28.77 -34.34
N LEU D 17 16.10 30.02 -34.02
CA LEU D 17 15.16 30.95 -33.42
C LEU D 17 14.16 31.50 -34.42
N GLU D 18 14.55 31.61 -35.68
CA GLU D 18 13.70 32.18 -36.70
C GLU D 18 12.57 31.25 -37.11
N ARG D 19 11.37 31.78 -37.15
CA ARG D 19 10.25 31.03 -37.69
C ARG D 19 10.50 30.91 -39.19
N PRO D 20 10.52 29.70 -39.77
CA PRO D 20 11.07 29.53 -41.13
C PRO D 20 10.12 29.90 -42.27
N VAL D 21 9.67 31.15 -42.30
CA VAL D 21 8.70 31.60 -43.29
C VAL D 21 9.43 32.50 -44.27
N ALA D 22 8.95 32.49 -45.51
CA ALA D 22 9.51 33.39 -46.51
C ALA D 22 9.06 34.83 -46.26
N ASN D 23 7.80 34.99 -45.91
CA ASN D 23 7.18 36.29 -45.62
C ASN D 23 6.93 36.37 -44.13
N ASP D 24 7.58 37.32 -43.46
CA ASP D 24 7.51 37.42 -42.01
C ASP D 24 6.15 37.86 -41.50
N SER D 25 5.33 38.49 -42.35
CA SER D 25 4.02 38.93 -41.92
C SER D 25 3.02 37.79 -41.85
N GLN D 26 3.20 36.76 -42.68
CA GLN D 26 2.24 35.68 -42.76
C GLN D 26 2.48 34.65 -41.65
N PRO D 27 1.43 33.98 -41.16
CA PRO D 27 1.65 32.89 -40.21
C PRO D 27 2.18 31.65 -40.90
N LEU D 28 2.83 30.80 -40.10
CA LEU D 28 3.33 29.52 -40.58
C LEU D 28 2.29 28.45 -40.29
N THR D 29 1.94 27.69 -41.31
CA THR D 29 0.96 26.63 -41.17
C THR D 29 1.67 25.40 -40.61
N VAL D 30 1.19 24.92 -39.47
CA VAL D 30 1.67 23.70 -38.84
C VAL D 30 0.50 22.75 -38.78
N TYR D 31 0.62 21.60 -39.41
CA TYR D 31 -0.40 20.57 -39.33
C TYR D 31 -0.09 19.67 -38.15
N PHE D 32 -1.01 19.63 -37.19
CA PHE D 32 -0.84 18.85 -35.98
C PHE D 32 -1.83 17.69 -35.99
N SER D 33 -1.31 16.48 -35.80
CA SER D 33 -2.13 15.31 -35.57
C SER D 33 -1.40 14.46 -34.55
N LEU D 34 -1.89 13.24 -34.36
CA LEU D 34 -1.23 12.32 -33.46
C LEU D 34 -1.65 10.92 -33.83
N SER D 35 -0.89 9.96 -33.33
CA SER D 35 -1.18 8.54 -33.47
C SER D 35 -1.34 7.97 -32.07
N LEU D 36 -2.46 7.30 -31.82
CA LEU D 36 -2.71 6.68 -30.53
C LEU D 36 -2.31 5.21 -30.64
N LEU D 37 -1.28 4.84 -29.92
CA LEU D 37 -0.77 3.48 -29.93
C LEU D 37 -1.35 2.65 -28.80
N GLN D 38 -1.45 3.23 -27.61
CA GLN D 38 -1.97 2.50 -26.47
C GLN D 38 -2.46 3.45 -25.41
N ILE D 39 -3.47 3.01 -24.68
CA ILE D 39 -3.87 3.65 -23.45
C ILE D 39 -3.20 2.83 -22.37
N MET D 40 -2.30 3.44 -21.63
CA MET D 40 -1.50 2.71 -20.66
C MET D 40 -2.15 2.65 -19.28
N ASP D 41 -2.82 3.71 -18.87
CA ASP D 41 -3.40 3.72 -17.54
C ASP D 41 -4.42 4.83 -17.43
N VAL D 42 -5.52 4.51 -16.77
CA VAL D 42 -6.56 5.47 -16.44
C VAL D 42 -6.58 5.42 -14.92
N ASP D 43 -6.08 6.47 -14.30
CA ASP D 43 -6.05 6.59 -12.85
C ASP D 43 -7.25 7.42 -12.42
N GLU D 44 -8.31 6.75 -11.97
CA GLU D 44 -9.52 7.46 -11.60
C GLU D 44 -9.37 8.19 -10.27
N LYS D 45 -8.44 7.75 -9.42
CA LYS D 45 -8.21 8.44 -8.15
C LYS D 45 -7.37 9.70 -8.31
N ASN D 46 -6.43 9.72 -9.24
CA ASN D 46 -5.62 10.90 -9.47
C ASN D 46 -6.12 11.73 -10.65
N GLN D 47 -7.15 11.24 -11.36
CA GLN D 47 -7.69 11.92 -12.53
C GLN D 47 -6.62 12.18 -13.58
N VAL D 48 -5.96 11.11 -14.02
CA VAL D 48 -4.86 11.25 -14.99
C VAL D 48 -4.90 10.10 -15.99
N LEU D 49 -5.00 10.44 -17.27
CA LEU D 49 -4.86 9.51 -18.38
C LEU D 49 -3.40 9.39 -18.81
N THR D 50 -2.88 8.17 -18.83
CA THR D 50 -1.55 7.90 -19.38
C THR D 50 -1.70 7.22 -20.75
N THR D 51 -1.19 7.86 -21.80
CA THR D 51 -1.23 7.31 -23.15
C THR D 51 0.15 7.25 -23.79
N ASN D 52 0.32 6.31 -24.72
CA ASN D 52 1.49 6.21 -25.57
C ASN D 52 1.08 6.78 -26.92
N ILE D 53 1.63 7.95 -27.26
CA ILE D 53 1.25 8.69 -28.46
C ILE D 53 2.47 9.05 -29.29
N TRP D 54 2.27 9.15 -30.60
CA TRP D 54 3.27 9.68 -31.53
C TRP D 54 2.64 10.97 -32.05
N LEU D 55 3.10 12.10 -31.53
CA LEU D 55 2.65 13.38 -32.04
C LEU D 55 3.06 13.49 -33.50
N GLN D 56 2.27 14.19 -34.30
CA GLN D 56 2.58 14.38 -35.71
C GLN D 56 2.53 15.87 -36.04
N MET D 57 3.68 16.43 -36.33
CA MET D 57 3.82 17.83 -36.70
C MET D 57 4.45 17.89 -38.07
N SER D 58 3.84 18.64 -38.97
CA SER D 58 4.41 18.85 -40.29
C SER D 58 4.24 20.30 -40.68
N TRP D 59 5.30 20.87 -41.23
CA TRP D 59 5.29 22.24 -41.70
C TRP D 59 6.28 22.34 -42.84
N THR D 60 6.53 23.57 -43.30
CA THR D 60 7.45 23.84 -44.39
C THR D 60 8.48 24.83 -43.92
N ASP D 61 9.75 24.46 -44.11
CA ASP D 61 10.88 25.32 -43.79
C ASP D 61 11.41 25.91 -45.08
N HIS D 62 11.33 27.24 -45.20
CA HIS D 62 11.70 27.91 -46.43
C HIS D 62 13.19 27.81 -46.71
N TYR D 63 14.01 27.66 -45.68
CA TYR D 63 15.47 27.67 -45.85
C TYR D 63 16.06 26.29 -46.06
N LEU D 64 15.35 25.23 -45.71
CA LEU D 64 15.88 23.87 -45.83
C LEU D 64 15.38 23.21 -47.11
N GLN D 65 15.91 23.68 -48.24
CA GLN D 65 15.51 23.21 -49.56
C GLN D 65 16.74 23.11 -50.44
N TRP D 66 16.70 22.14 -51.36
CA TRP D 66 17.83 21.93 -52.26
C TRP D 66 17.32 21.26 -53.51
N ASN D 67 18.12 21.35 -54.57
CA ASN D 67 17.85 20.71 -55.84
C ASN D 67 18.47 19.31 -55.79
N VAL D 68 17.64 18.29 -55.96
CA VAL D 68 18.13 16.91 -55.85
C VAL D 68 19.00 16.51 -57.04
N SER D 69 19.03 17.31 -58.11
CA SER D 69 19.92 17.05 -59.22
C SER D 69 21.36 17.48 -58.94
N GLU D 70 21.60 18.18 -57.82
CA GLU D 70 22.91 18.66 -57.45
C GLU D 70 23.47 17.91 -56.24
N TYR D 71 22.63 17.24 -55.48
CA TYR D 71 23.02 16.38 -54.37
C TYR D 71 22.37 15.03 -54.62
N PRO D 72 22.79 14.32 -55.68
CA PRO D 72 22.07 13.12 -56.08
C PRO D 72 22.08 12.05 -55.00
N GLY D 73 20.95 11.37 -54.87
CA GLY D 73 20.78 10.36 -53.85
C GLY D 73 20.38 10.88 -52.50
N VAL D 74 20.42 12.19 -52.28
CA VAL D 74 20.08 12.80 -51.00
C VAL D 74 18.69 13.38 -51.17
N LYS D 75 17.68 12.59 -50.81
CA LYS D 75 16.30 13.04 -50.89
C LYS D 75 15.76 13.59 -49.59
N THR D 76 16.40 13.27 -48.46
CA THR D 76 15.97 13.74 -47.16
C THR D 76 17.18 13.98 -46.28
N VAL D 77 16.99 14.83 -45.28
CA VAL D 77 17.98 15.10 -44.25
C VAL D 77 17.27 15.04 -42.91
N ARG D 78 18.06 14.93 -41.87
CA ARG D 78 17.51 14.80 -40.52
C ARG D 78 18.27 15.76 -39.61
N PHE D 79 17.60 16.42 -38.69
CA PHE D 79 18.16 17.40 -37.77
C PHE D 79 17.71 17.10 -36.34
N PRO D 80 18.61 17.15 -35.34
CA PRO D 80 18.19 16.94 -33.95
C PRO D 80 17.68 18.19 -33.25
N ASP D 81 17.23 18.02 -32.01
CA ASP D 81 16.71 19.14 -31.23
C ASP D 81 17.77 20.20 -31.00
N GLY D 82 17.39 21.46 -31.22
CA GLY D 82 18.28 22.58 -31.03
C GLY D 82 18.94 23.07 -32.30
N GLN D 83 18.91 22.29 -33.38
CA GLN D 83 19.58 22.63 -34.62
C GLN D 83 18.64 23.16 -35.68
N ILE D 84 17.35 22.86 -35.57
CA ILE D 84 16.34 23.26 -36.53
C ILE D 84 15.21 23.92 -35.77
N TRP D 85 14.53 24.86 -36.41
CA TRP D 85 13.35 25.44 -35.82
C TRP D 85 12.26 24.37 -35.74
N LYS D 86 11.58 24.32 -34.62
CA LYS D 86 10.47 23.41 -34.39
C LYS D 86 9.31 24.18 -33.76
N PRO D 87 8.06 23.78 -34.02
CA PRO D 87 6.97 24.38 -33.26
C PRO D 87 6.99 23.91 -31.81
N ASP D 88 6.77 24.85 -30.89
CA ASP D 88 6.82 24.57 -29.46
C ASP D 88 5.46 24.09 -28.96
N ILE D 89 4.96 23.03 -29.58
CA ILE D 89 3.65 22.51 -29.24
C ILE D 89 3.76 21.68 -27.96
N LEU D 90 2.95 22.03 -26.97
CA LEU D 90 2.91 21.38 -25.68
C LEU D 90 1.51 20.86 -25.40
N LEU D 91 1.44 19.91 -24.48
CA LEU D 91 0.17 19.46 -23.94
C LEU D 91 -0.23 20.43 -22.82
N TYR D 92 -1.28 21.20 -23.04
CA TYR D 92 -1.69 22.19 -22.05
C TYR D 92 -2.10 21.52 -20.74
N ASN D 93 -2.93 20.49 -20.82
CA ASN D 93 -3.45 19.83 -19.62
C ASN D 93 -2.55 18.67 -19.22
N SER D 94 -1.26 18.95 -19.11
CA SER D 94 -0.29 17.95 -18.69
C SER D 94 -0.36 17.73 -17.20
N ALA D 95 -0.17 16.47 -16.79
CA ALA D 95 -0.06 16.07 -15.40
C ALA D 95 1.34 15.58 -15.05
N ASP D 96 2.26 15.56 -16.01
CA ASP D 96 3.63 15.13 -15.76
C ASP D 96 4.37 16.16 -14.92
N GLU D 97 5.13 15.67 -13.94
CA GLU D 97 5.92 16.57 -13.09
C GLU D 97 6.88 17.42 -13.93
N ARG D 98 7.44 16.85 -15.01
CA ARG D 98 8.25 17.61 -15.95
C ARG D 98 7.43 18.49 -16.89
N PHE D 99 6.11 18.31 -16.92
CA PHE D 99 5.18 18.97 -17.82
C PHE D 99 5.28 18.54 -19.28
N ASP D 100 6.47 18.58 -19.88
CA ASP D 100 6.69 18.11 -21.24
C ASP D 100 7.22 16.66 -21.24
N ALA D 101 6.37 15.71 -21.59
CA ALA D 101 6.75 14.30 -21.67
C ALA D 101 7.30 13.89 -23.04
N THR D 102 7.32 14.79 -24.00
CA THR D 102 7.78 14.49 -25.35
C THR D 102 9.24 14.03 -25.38
N PHE D 103 9.50 12.94 -26.09
CA PHE D 103 10.87 12.47 -26.32
C PHE D 103 11.35 13.08 -27.63
N HIS D 104 12.37 13.91 -27.56
CA HIS D 104 12.80 14.67 -28.72
C HIS D 104 13.55 13.76 -29.68
N THR D 105 13.10 13.76 -30.94
CA THR D 105 13.67 12.92 -31.98
C THR D 105 14.03 13.81 -33.16
N ASN D 106 14.45 13.21 -34.26
CA ASN D 106 14.86 13.98 -35.43
C ASN D 106 13.65 14.61 -36.13
N VAL D 107 13.91 15.69 -36.83
CA VAL D 107 12.98 16.26 -37.79
C VAL D 107 13.47 15.83 -39.17
N LEU D 108 12.58 15.21 -39.94
CA LEU D 108 12.91 14.75 -41.29
C LEU D 108 12.46 15.80 -42.28
N VAL D 109 13.38 16.22 -43.14
CA VAL D 109 13.14 17.27 -44.12
C VAL D 109 13.46 16.73 -45.50
N ASN D 110 12.55 16.93 -46.46
CA ASN D 110 12.81 16.56 -47.85
C ASN D 110 13.26 17.78 -48.65
N SER D 111 13.56 17.55 -49.93
CA SER D 111 14.17 18.59 -50.77
C SER D 111 13.29 19.82 -50.94
N SER D 112 11.97 19.68 -50.86
CA SER D 112 11.08 20.82 -51.05
C SER D 112 10.88 21.61 -49.77
N GLY D 113 11.62 21.30 -48.71
CA GLY D 113 11.53 22.02 -47.46
C GLY D 113 10.39 21.60 -46.58
N HIS D 114 9.79 20.46 -46.84
CA HIS D 114 8.73 19.97 -45.98
CA HIS D 114 8.73 19.97 -45.98
C HIS D 114 9.33 19.21 -44.82
N CYS D 115 8.90 19.56 -43.62
CA CYS D 115 9.48 19.02 -42.40
C CYS D 115 8.44 18.16 -41.74
N GLN D 116 8.89 17.01 -41.26
CA GLN D 116 8.05 16.07 -40.56
C GLN D 116 8.72 15.78 -39.23
N TYR D 117 7.94 15.81 -38.15
CA TYR D 117 8.43 15.61 -36.80
C TYR D 117 7.44 14.74 -36.06
N LEU D 118 7.86 13.56 -35.61
CA LEU D 118 6.99 12.59 -34.96
C LEU D 118 7.55 12.12 -33.63
N PRO D 119 7.65 13.00 -32.65
CA PRO D 119 8.27 12.61 -31.40
C PRO D 119 7.34 11.68 -30.65
N PRO D 120 7.85 10.56 -30.12
CA PRO D 120 7.00 9.71 -29.28
C PRO D 120 6.96 10.26 -27.86
N GLY D 121 6.08 9.66 -27.07
CA GLY D 121 6.03 10.04 -25.69
C GLY D 121 5.01 9.28 -24.88
N ILE D 122 5.32 9.11 -23.60
CA ILE D 122 4.37 8.64 -22.61
C ILE D 122 3.78 9.90 -21.98
N PHE D 123 2.56 10.25 -22.37
CA PHE D 123 1.94 11.50 -21.96
C PHE D 123 0.96 11.25 -20.82
N LYS D 124 1.11 12.03 -19.75
CA LYS D 124 0.16 12.06 -18.64
C LYS D 124 -0.65 13.34 -18.76
N SER D 125 -1.96 13.21 -18.91
CA SER D 125 -2.86 14.34 -19.05
C SER D 125 -3.89 14.35 -17.93
N SER D 126 -4.37 15.56 -17.60
CA SER D 126 -5.37 15.76 -16.56
C SER D 126 -6.75 15.56 -17.18
N CYS D 127 -7.38 14.43 -16.87
CA CYS D 127 -8.68 14.07 -17.41
C CYS D 127 -9.69 14.03 -16.28
N TYR D 128 -10.79 14.74 -16.44
CA TYR D 128 -11.90 14.65 -15.49
C TYR D 128 -12.60 13.30 -15.69
N ILE D 129 -12.40 12.39 -14.75
CA ILE D 129 -12.98 11.05 -14.81
C ILE D 129 -14.33 11.11 -14.11
N ASP D 130 -15.40 11.01 -14.87
CA ASP D 130 -16.75 11.04 -14.32
C ASP D 130 -17.10 9.62 -13.88
N VAL D 131 -17.14 9.40 -12.58
CA VAL D 131 -17.43 8.09 -12.01
C VAL D 131 -18.90 7.96 -11.62
N ARG D 132 -19.77 8.84 -12.14
CA ARG D 132 -21.18 8.80 -11.81
C ARG D 132 -21.80 7.44 -12.15
N TRP D 133 -21.34 6.81 -13.23
CA TRP D 133 -21.89 5.54 -13.71
C TRP D 133 -20.91 4.38 -13.60
N PHE D 134 -19.81 4.55 -12.86
CA PHE D 134 -18.84 3.48 -12.70
C PHE D 134 -19.53 2.24 -12.11
N PRO D 135 -19.35 1.05 -12.70
CA PRO D 135 -18.35 0.59 -13.67
C PRO D 135 -18.84 0.63 -15.11
N PHE D 136 -20.04 1.12 -15.39
CA PHE D 136 -20.59 1.23 -16.74
C PHE D 136 -20.38 2.62 -17.29
N ASP D 137 -19.19 3.18 -17.08
CA ASP D 137 -18.91 4.57 -17.43
C ASP D 137 -18.15 4.70 -18.75
N VAL D 138 -18.47 5.76 -19.47
CA VAL D 138 -17.77 6.16 -20.68
C VAL D 138 -17.02 7.42 -20.28
N GLN D 139 -15.77 7.52 -20.70
CA GLN D 139 -14.94 8.67 -20.39
C GLN D 139 -14.59 9.45 -21.64
N HIS D 140 -14.51 10.77 -21.49
CA HIS D 140 -14.11 11.68 -22.55
C HIS D 140 -12.93 12.46 -22.00
N CYS D 141 -11.73 12.04 -22.39
CA CYS D 141 -10.50 12.64 -21.91
C CYS D 141 -9.95 13.54 -23.00
N LYS D 142 -9.78 14.81 -22.68
CA LYS D 142 -9.27 15.76 -23.64
C LYS D 142 -7.75 15.81 -23.58
N LEU D 143 -7.14 15.99 -24.75
CA LEU D 143 -5.71 16.18 -24.88
C LEU D 143 -5.61 17.46 -25.71
N LYS D 144 -5.34 18.57 -25.04
CA LYS D 144 -5.29 19.86 -25.71
C LYS D 144 -3.83 20.17 -26.04
N PHE D 145 -3.60 20.54 -27.29
CA PHE D 145 -2.26 20.80 -27.80
C PHE D 145 -2.25 22.13 -28.51
N GLY D 146 -1.21 22.91 -28.27
CA GLY D 146 -1.04 24.14 -28.99
C GLY D 146 0.36 24.67 -28.75
N SER D 147 0.72 25.66 -29.55
CA SER D 147 1.99 26.32 -29.36
C SER D 147 1.91 27.17 -28.11
N TRP D 148 2.91 27.06 -27.25
CA TRP D 148 2.92 27.85 -26.03
C TRP D 148 3.13 29.33 -26.31
N SER D 149 4.16 29.65 -27.09
CA SER D 149 4.58 31.02 -27.29
C SER D 149 4.15 31.66 -28.62
N TYR D 150 3.73 30.88 -29.62
CA TYR D 150 3.37 31.43 -30.93
C TYR D 150 1.85 31.51 -31.04
N GLY D 151 1.34 32.74 -31.15
CA GLY D 151 -0.08 32.94 -31.35
C GLY D 151 -0.51 32.74 -32.79
N GLY D 152 -1.80 32.98 -33.02
CA GLY D 152 -2.39 32.72 -34.33
C GLY D 152 -1.85 33.55 -35.47
N TRP D 153 -1.38 34.77 -35.18
CA TRP D 153 -0.76 35.59 -36.21
C TRP D 153 0.61 35.08 -36.65
N SER D 154 1.27 34.23 -35.85
CA SER D 154 2.57 33.70 -36.19
C SER D 154 2.59 32.21 -36.53
N LEU D 155 1.73 31.41 -35.90
CA LEU D 155 1.66 29.98 -36.19
C LEU D 155 0.21 29.60 -36.40
N ASP D 156 -0.15 29.30 -37.64
CA ASP D 156 -1.49 28.85 -38.02
C ASP D 156 -1.59 27.35 -37.86
N LEU D 157 -2.00 26.91 -36.68
CA LEU D 157 -2.11 25.48 -36.38
C LEU D 157 -3.38 24.90 -36.98
N GLN D 158 -3.22 23.90 -37.86
CA GLN D 158 -4.31 23.16 -38.45
C GLN D 158 -4.29 21.73 -37.93
N MET D 159 -5.46 21.11 -37.96
CA MET D 159 -5.65 19.77 -37.45
C MET D 159 -5.84 18.77 -38.57
N GLN D 160 -5.28 17.59 -38.38
CA GLN D 160 -5.47 16.44 -39.25
C GLN D 160 -5.98 15.31 -38.36
N GLU D 161 -6.94 14.54 -38.90
CA GLU D 161 -7.53 13.38 -38.22
C GLU D 161 -6.47 12.52 -37.54
N ALA D 162 -6.77 12.10 -36.31
CA ALA D 162 -5.88 11.22 -35.58
C ALA D 162 -5.85 9.83 -36.20
N ASP D 163 -4.70 9.18 -36.07
CA ASP D 163 -4.50 7.82 -36.56
C ASP D 163 -4.60 6.82 -35.42
N ILE D 164 -5.38 5.77 -35.63
CA ILE D 164 -5.55 4.70 -34.64
C ILE D 164 -5.25 3.36 -35.32
N SER D 165 -4.56 3.40 -36.45
CA SER D 165 -4.30 2.20 -37.23
C SER D 165 -3.30 1.27 -36.56
N GLY D 166 -2.42 1.80 -35.72
CA GLY D 166 -1.52 0.99 -34.92
C GLY D 166 -1.91 0.95 -33.45
N TYR D 167 -3.16 1.27 -33.16
CA TYR D 167 -3.65 1.22 -31.79
C TYR D 167 -3.67 -0.22 -31.28
N ILE D 168 -3.18 -0.39 -30.06
CA ILE D 168 -3.13 -1.70 -29.41
C ILE D 168 -4.25 -1.69 -28.37
N PRO D 169 -5.28 -2.55 -28.50
CA PRO D 169 -6.39 -2.50 -27.55
C PRO D 169 -5.98 -2.75 -26.12
N ASN D 170 -6.76 -2.19 -25.21
CA ASN D 170 -6.53 -2.27 -23.78
C ASN D 170 -7.54 -3.28 -23.26
N GLY D 171 -7.11 -4.15 -22.36
CA GLY D 171 -8.02 -5.11 -21.78
C GLY D 171 -9.10 -4.50 -20.92
N GLU D 172 -8.96 -3.25 -20.50
CA GLU D 172 -9.91 -2.60 -19.61
C GLU D 172 -10.75 -1.51 -20.27
N TRP D 173 -10.22 -0.85 -21.31
CA TRP D 173 -10.90 0.28 -21.94
C TRP D 173 -11.08 0.02 -23.43
N ASP D 174 -12.29 0.24 -23.91
CA ASP D 174 -12.63 0.10 -25.32
C ASP D 174 -12.62 1.48 -25.96
N LEU D 175 -11.77 1.67 -26.96
CA LEU D 175 -11.62 2.96 -27.63
C LEU D 175 -12.83 3.20 -28.52
N VAL D 176 -13.76 4.03 -28.05
CA VAL D 176 -14.90 4.41 -28.89
C VAL D 176 -14.41 5.24 -30.08
N GLY D 177 -13.54 6.21 -29.83
CA GLY D 177 -13.02 7.03 -30.89
C GLY D 177 -12.10 8.09 -30.32
N ILE D 178 -11.49 8.84 -31.23
CA ILE D 178 -10.59 9.94 -30.86
C ILE D 178 -10.88 11.16 -31.73
N PRO D 179 -12.08 11.73 -31.64
CA PRO D 179 -12.37 12.94 -32.44
C PRO D 179 -11.51 14.10 -31.99
N GLY D 180 -11.26 15.01 -32.93
CA GLY D 180 -10.46 16.19 -32.67
C GLY D 180 -11.16 17.44 -33.15
N LYS D 181 -10.82 18.56 -32.50
CA LYS D 181 -11.41 19.85 -32.81
C LYS D 181 -10.35 20.95 -32.71
N ARG D 182 -10.26 21.79 -33.72
CA ARG D 182 -9.42 22.96 -33.67
C ARG D 182 -10.27 24.15 -33.23
N SER D 183 -9.73 24.95 -32.33
CA SER D 183 -10.42 26.09 -31.77
C SER D 183 -9.39 27.18 -31.58
N GLU D 184 -9.87 28.42 -31.46
CA GLU D 184 -9.00 29.56 -31.23
C GLU D 184 -9.55 30.36 -30.06
N ARG D 185 -8.79 30.39 -28.96
CA ARG D 185 -9.17 31.06 -27.73
C ARG D 185 -8.36 32.33 -27.51
N PHE D 186 -8.89 33.16 -26.63
CA PHE D 186 -8.23 34.35 -26.12
C PHE D 186 -7.87 34.11 -24.66
N TYR D 187 -6.73 34.64 -24.24
CA TYR D 187 -6.25 34.49 -22.87
C TYR D 187 -5.99 35.85 -22.28
N GLU D 188 -6.19 35.95 -20.96
CA GLU D 188 -5.99 37.22 -20.27
C GLU D 188 -4.57 37.73 -20.42
N CYS D 189 -3.60 36.81 -20.53
CA CYS D 189 -2.21 37.19 -20.74
C CYS D 189 -2.04 38.05 -21.97
N CYS D 190 -2.83 37.79 -23.01
CA CYS D 190 -2.42 38.02 -24.38
C CYS D 190 -3.61 38.50 -25.21
N LYS D 191 -3.45 39.61 -25.90
CA LYS D 191 -4.49 40.08 -26.81
C LYS D 191 -4.57 39.20 -28.05
N GLU D 192 -3.44 38.67 -28.49
CA GLU D 192 -3.41 37.82 -29.68
C GLU D 192 -4.13 36.50 -29.40
N PRO D 193 -4.95 36.00 -30.35
CA PRO D 193 -5.57 34.70 -30.15
C PRO D 193 -4.58 33.55 -30.34
N TYR D 194 -4.72 32.51 -29.51
CA TYR D 194 -3.83 31.36 -29.56
C TYR D 194 -4.57 30.11 -29.99
N PRO D 195 -4.34 29.57 -31.19
CA PRO D 195 -5.07 28.37 -31.61
C PRO D 195 -4.59 27.13 -30.87
N ASP D 196 -5.53 26.23 -30.62
CA ASP D 196 -5.21 24.94 -30.02
C ASP D 196 -5.95 23.85 -30.78
N VAL D 197 -5.50 22.61 -30.57
CA VAL D 197 -6.13 21.42 -31.13
C VAL D 197 -6.36 20.48 -29.96
N THR D 198 -7.61 20.07 -29.80
CA THR D 198 -8.00 19.19 -28.71
C THR D 198 -8.52 17.88 -29.29
N PHE D 199 -7.88 16.78 -28.91
CA PHE D 199 -8.31 15.44 -29.27
C PHE D 199 -8.98 14.83 -28.05
N THR D 200 -10.24 14.44 -28.21
CA THR D 200 -11.03 13.88 -27.12
C THR D 200 -11.02 12.37 -27.27
N VAL D 201 -10.28 11.71 -26.38
CA VAL D 201 -10.24 10.25 -26.36
C VAL D 201 -11.53 9.77 -25.69
N THR D 202 -12.38 9.10 -26.46
CA THR D 202 -13.64 8.56 -25.95
C THR D 202 -13.43 7.09 -25.64
N MET D 203 -13.64 6.72 -24.39
CA MET D 203 -13.25 5.43 -23.84
C MET D 203 -14.43 4.82 -23.10
N ARG D 204 -14.72 3.55 -23.40
CA ARG D 204 -15.76 2.79 -22.73
C ARG D 204 -15.09 1.76 -21.85
N ARG D 205 -15.39 1.77 -20.57
CA ARG D 205 -14.86 0.75 -19.68
C ARG D 205 -15.43 -0.60 -20.05
N ARG D 206 -14.57 -1.60 -20.12
CA ARG D 206 -14.98 -2.98 -20.31
C ARG D 206 -15.31 -3.55 -18.92
N THR D 207 -16.52 -4.05 -18.76
CA THR D 207 -17.12 -4.27 -17.46
C THR D 207 -17.05 -5.70 -16.96
N LEU D 208 -16.40 -6.64 -17.69
CA LEU D 208 -16.34 -8.02 -17.23
C LEU D 208 -15.59 -8.11 -15.90
N TYR D 209 -14.45 -7.44 -15.79
CA TYR D 209 -13.66 -7.54 -14.56
C TYR D 209 -14.43 -6.98 -13.38
N TYR D 210 -15.12 -5.86 -13.58
CA TYR D 210 -15.80 -5.22 -12.46
C TYR D 210 -17.12 -5.90 -12.19
N GLY D 211 -17.70 -6.56 -13.20
CA GLY D 211 -18.93 -7.29 -12.98
C GLY D 211 -18.69 -8.49 -12.08
N LEU D 212 -17.57 -9.19 -12.30
CA LEU D 212 -17.29 -10.41 -11.55
C LEU D 212 -16.55 -10.15 -10.24
N ASN D 213 -15.84 -9.04 -10.08
CA ASN D 213 -15.07 -8.78 -8.87
C ASN D 213 -15.69 -7.76 -7.95
N LEU D 214 -16.74 -7.05 -8.38
CA LEU D 214 -17.31 -5.98 -7.57
C LEU D 214 -18.84 -5.99 -7.51
N LEU D 215 -19.54 -6.41 -8.56
CA LEU D 215 -21.00 -6.34 -8.60
C LEU D 215 -21.68 -7.65 -8.24
N ILE D 216 -21.16 -8.77 -8.74
CA ILE D 216 -21.66 -10.10 -8.39
C ILE D 216 -21.34 -10.46 -6.94
N PRO D 217 -20.19 -10.06 -6.39
CA PRO D 217 -20.01 -10.27 -4.94
C PRO D 217 -21.12 -9.66 -4.10
N CYS D 218 -21.40 -8.37 -4.27
CA CYS D 218 -22.50 -7.71 -3.55
C CYS D 218 -23.81 -8.50 -3.66
N VAL D 219 -24.09 -9.07 -4.82
CA VAL D 219 -25.26 -9.93 -4.93
C VAL D 219 -25.10 -11.15 -4.02
N LEU D 220 -23.91 -11.75 -4.00
CA LEU D 220 -23.67 -12.90 -3.14
C LEU D 220 -23.71 -12.52 -1.66
N ILE D 221 -23.09 -11.39 -1.29
CA ILE D 221 -23.20 -10.89 0.08
C ILE D 221 -24.61 -10.41 0.37
N SER D 222 -25.42 -10.03 -0.61
CA SER D 222 -26.81 -9.70 -0.35
C SER D 222 -27.66 -10.96 -0.21
N ALA D 223 -27.30 -12.02 -0.94
CA ALA D 223 -28.00 -13.29 -0.83
C ALA D 223 -27.68 -14.02 0.47
N LEU D 224 -26.41 -13.93 0.93
CA LEU D 224 -26.05 -14.48 2.23
C LEU D 224 -26.82 -13.83 3.36
N ALA D 225 -27.00 -12.51 3.29
CA ALA D 225 -27.78 -11.82 4.32
C ALA D 225 -29.21 -12.33 4.36
N LEU D 226 -29.78 -12.66 3.20
CA LEU D 226 -31.14 -13.18 3.16
C LEU D 226 -31.25 -14.54 3.83
N LEU D 227 -30.17 -15.31 3.88
CA LEU D 227 -30.22 -16.61 4.54
C LEU D 227 -30.45 -16.51 6.04
N VAL D 228 -30.33 -15.33 6.65
CA VAL D 228 -30.64 -15.21 8.06
C VAL D 228 -32.12 -15.45 8.28
N PHE D 229 -32.96 -15.15 7.29
CA PHE D 229 -34.39 -15.30 7.41
C PHE D 229 -34.84 -16.75 7.25
N LEU D 230 -33.94 -17.67 6.92
CA LEU D 230 -34.24 -19.09 6.90
C LEU D 230 -33.57 -19.85 8.03
N LEU D 231 -32.68 -19.22 8.78
CA LEU D 231 -32.10 -19.87 9.95
C LEU D 231 -33.15 -19.98 11.04
N PRO D 232 -33.33 -21.14 11.67
CA PRO D 232 -34.17 -21.19 12.87
C PRO D 232 -33.63 -20.25 13.95
N ALA D 233 -34.54 -19.75 14.78
CA ALA D 233 -34.13 -18.89 15.88
C ALA D 233 -33.40 -19.68 16.95
N ASP D 234 -33.79 -20.93 17.18
CA ASP D 234 -33.15 -21.74 18.21
C ASP D 234 -31.71 -22.08 17.87
N SER D 235 -31.33 -21.98 16.59
CA SER D 235 -29.93 -22.22 16.22
C SER D 235 -28.97 -21.29 16.97
N GLY D 236 -29.42 -20.09 17.31
CA GLY D 236 -28.58 -19.20 18.08
C GLY D 236 -27.48 -18.53 17.28
N GLU D 237 -27.61 -18.48 15.95
CA GLU D 237 -26.55 -18.00 15.08
C GLU D 237 -27.04 -17.00 14.04
N LYS D 238 -28.23 -16.42 14.22
CA LYS D 238 -28.74 -15.48 13.21
C LYS D 238 -28.05 -14.13 13.30
N ILE D 239 -27.59 -13.73 14.48
CA ILE D 239 -26.83 -12.50 14.60
C ILE D 239 -25.40 -12.74 14.16
N SER D 240 -24.86 -13.91 14.46
CA SER D 240 -23.52 -14.27 13.98
C SER D 240 -23.47 -14.23 12.46
N LEU D 241 -24.47 -14.83 11.81
CA LEU D 241 -24.52 -14.80 10.35
C LEU D 241 -24.69 -13.38 9.85
N GLY D 242 -25.69 -12.67 10.36
CA GLY D 242 -25.97 -11.34 9.84
C GLY D 242 -24.84 -10.36 10.08
N ILE D 243 -24.33 -10.31 11.31
CA ILE D 243 -23.29 -9.34 11.62
C ILE D 243 -21.96 -9.71 10.97
N THR D 244 -21.72 -11.00 10.71
CA THR D 244 -20.49 -11.37 10.02
C THR D 244 -20.57 -10.95 8.56
N VAL D 245 -21.76 -11.09 7.98
CA VAL D 245 -21.97 -10.70 6.60
C VAL D 245 -21.72 -9.19 6.47
N LEU D 246 -22.23 -8.40 7.39
CA LEU D 246 -21.98 -6.97 7.36
C LEU D 246 -20.52 -6.64 7.63
N LEU D 247 -19.80 -7.43 8.42
CA LEU D 247 -18.37 -7.18 8.56
C LEU D 247 -17.65 -7.42 7.25
N SER D 248 -18.02 -8.47 6.56
CA SER D 248 -17.41 -8.80 5.31
C SER D 248 -17.69 -7.69 4.35
N LEU D 249 -18.93 -7.25 4.28
CA LEU D 249 -19.36 -6.22 3.33
C LEU D 249 -18.66 -4.89 3.59
N THR D 250 -18.47 -4.53 4.87
CA THR D 250 -17.75 -3.31 5.19
C THR D 250 -16.31 -3.38 4.70
N VAL D 251 -15.64 -4.50 4.95
CA VAL D 251 -14.29 -4.71 4.44
C VAL D 251 -14.29 -4.65 2.92
N PHE D 252 -15.31 -5.23 2.29
CA PHE D 252 -15.42 -5.19 0.83
C PHE D 252 -15.52 -3.75 0.32
N MET D 253 -16.30 -2.91 0.99
CA MET D 253 -16.45 -1.51 0.57
C MET D 253 -15.21 -0.69 0.86
N LEU D 254 -14.38 -1.08 1.83
CA LEU D 254 -13.11 -0.41 2.02
C LEU D 254 -12.20 -0.59 0.82
N LEU D 255 -12.08 -1.83 0.35
CA LEU D 255 -11.33 -2.15 -0.85
C LEU D 255 -11.78 -1.36 -2.07
N VAL D 256 -13.06 -1.05 -2.16
CA VAL D 256 -13.58 -0.23 -3.26
C VAL D 256 -13.14 1.23 -3.17
N ALA D 257 -13.04 1.78 -1.98
CA ALA D 257 -12.48 3.13 -1.87
C ALA D 257 -11.11 3.32 -2.53
N GLU D 258 -10.24 2.29 -2.55
CA GLU D 258 -8.96 2.40 -3.27
C GLU D 258 -9.07 2.85 -4.72
N ILE D 259 -10.21 2.65 -5.39
CA ILE D 259 -10.32 2.92 -6.83
C ILE D 259 -11.03 4.23 -7.12
N MET D 260 -11.93 4.69 -6.22
CA MET D 260 -12.72 5.86 -6.57
C MET D 260 -12.02 7.14 -6.13
N PRO D 261 -12.19 8.25 -6.85
CA PRO D 261 -11.64 9.52 -6.38
C PRO D 261 -12.49 10.10 -5.27
N ALA D 262 -11.83 10.83 -4.36
CA ALA D 262 -12.52 11.48 -3.26
C ALA D 262 -13.09 12.82 -3.73
N THR D 263 -14.09 12.72 -4.60
CA THR D 263 -14.72 13.87 -5.23
C THR D 263 -16.20 13.93 -4.87
N SER D 264 -16.78 15.12 -5.07
CA SER D 264 -18.15 15.41 -4.68
C SER D 264 -18.98 15.95 -5.83
N ASP D 265 -18.55 15.72 -7.07
CA ASP D 265 -19.37 16.13 -8.21
C ASP D 265 -20.72 15.43 -8.19
N SER D 266 -20.73 14.16 -7.80
CA SER D 266 -21.94 13.36 -7.74
C SER D 266 -21.68 12.17 -6.85
N VAL D 267 -22.77 11.50 -6.45
CA VAL D 267 -22.69 10.22 -5.75
C VAL D 267 -22.64 9.12 -6.81
N PRO D 268 -21.56 8.33 -6.89
CA PRO D 268 -21.45 7.35 -7.98
C PRO D 268 -22.56 6.33 -7.97
N LEU D 269 -22.55 5.51 -9.03
CA LEU D 269 -23.53 4.44 -9.15
C LEU D 269 -23.19 3.30 -8.20
N ILE D 270 -21.90 3.03 -8.03
CA ILE D 270 -21.47 1.98 -7.13
C ILE D 270 -21.81 2.33 -5.69
N ALA D 271 -21.72 3.63 -5.35
CA ALA D 271 -22.12 4.08 -4.02
C ALA D 271 -23.61 3.84 -3.79
N GLN D 272 -24.44 4.17 -4.78
CA GLN D 272 -25.88 3.91 -4.66
C GLN D 272 -26.15 2.42 -4.55
N TYR D 273 -25.44 1.62 -5.35
CA TYR D 273 -25.59 0.18 -5.30
C TYR D 273 -25.16 -0.35 -3.94
N PHE D 274 -24.06 0.17 -3.41
CA PHE D 274 -23.64 -0.18 -2.06
C PHE D 274 -24.67 0.24 -1.02
N ALA D 275 -25.27 1.42 -1.20
CA ALA D 275 -26.31 1.87 -0.28
C ALA D 275 -27.46 0.90 -0.24
N SER D 276 -27.88 0.39 -1.41
CA SER D 276 -28.93 -0.60 -1.43
C SER D 276 -28.49 -1.87 -0.72
N THR D 277 -27.30 -2.38 -1.06
CA THR D 277 -26.78 -3.57 -0.42
C THR D 277 -26.61 -3.37 1.09
N MET D 278 -26.07 -2.21 1.49
CA MET D 278 -25.94 -1.89 2.91
C MET D 278 -27.28 -1.97 3.61
N ILE D 279 -28.33 -1.42 2.97
CA ILE D 279 -29.67 -1.42 3.54
C ILE D 279 -30.15 -2.85 3.77
N ILE D 280 -29.91 -3.76 2.81
CA ILE D 280 -30.41 -5.13 2.97
C ILE D 280 -29.79 -5.78 4.19
N VAL D 281 -28.48 -5.60 4.37
CA VAL D 281 -27.82 -6.27 5.48
C VAL D 281 -28.12 -5.58 6.79
N GLY D 282 -28.11 -4.24 6.79
CA GLY D 282 -28.41 -3.51 8.01
C GLY D 282 -29.82 -3.73 8.51
N LEU D 283 -30.81 -3.70 7.61
CA LEU D 283 -32.20 -3.92 8.01
C LEU D 283 -32.50 -5.38 8.27
N SER D 284 -31.71 -6.31 7.74
CA SER D 284 -31.89 -7.70 8.08
C SER D 284 -31.38 -7.99 9.49
N VAL D 285 -30.38 -7.24 9.95
CA VAL D 285 -29.96 -7.32 11.34
C VAL D 285 -31.02 -6.70 12.24
N VAL D 286 -31.58 -5.56 11.85
CA VAL D 286 -32.64 -4.94 12.63
C VAL D 286 -33.84 -5.87 12.70
N VAL D 287 -34.23 -6.45 11.57
CA VAL D 287 -35.36 -7.37 11.56
C VAL D 287 -35.01 -8.62 12.36
N THR D 288 -33.76 -9.06 12.30
CA THR D 288 -33.35 -10.24 13.06
C THR D 288 -33.50 -10.00 14.55
N VAL D 289 -33.17 -8.79 15.01
CA VAL D 289 -33.37 -8.43 16.41
C VAL D 289 -34.85 -8.50 16.75
N ILE D 290 -35.71 -8.00 15.88
CA ILE D 290 -37.15 -8.03 16.13
C ILE D 290 -37.64 -9.47 16.17
N VAL D 291 -37.14 -10.31 15.26
CA VAL D 291 -37.56 -11.71 15.23
C VAL D 291 -37.12 -12.42 16.51
N LEU D 292 -35.92 -12.11 16.99
CA LEU D 292 -35.45 -12.70 18.23
C LEU D 292 -36.24 -12.19 19.42
N GLN D 293 -36.63 -10.92 19.39
CA GLN D 293 -37.51 -10.38 20.43
C GLN D 293 -38.82 -11.16 20.48
N TYR D 294 -39.40 -11.44 19.33
CA TYR D 294 -40.62 -12.24 19.28
C TYR D 294 -40.36 -13.66 19.75
N HIS D 295 -39.25 -14.25 19.30
CA HIS D 295 -38.96 -15.65 19.61
C HIS D 295 -38.68 -15.84 21.10
N HIS D 296 -37.95 -14.91 21.72
CA HIS D 296 -37.55 -15.00 23.11
C HIS D 296 -38.47 -14.21 24.02
N HIS D 297 -39.72 -14.00 23.61
CA HIS D 297 -40.64 -13.21 24.42
C HIS D 297 -40.97 -13.95 25.71
N ASP D 298 -41.05 -13.19 26.80
CA ASP D 298 -41.33 -13.77 28.11
C ASP D 298 -42.81 -14.17 28.17
N PRO D 299 -43.15 -15.46 28.39
CA PRO D 299 -44.57 -15.84 28.37
C PRO D 299 -45.40 -15.17 29.46
N ASP D 300 -44.77 -14.60 30.49
CA ASP D 300 -45.46 -13.89 31.55
C ASP D 300 -45.38 -12.38 31.38
N GLY D 301 -45.04 -11.92 30.18
CA GLY D 301 -44.95 -10.51 29.87
C GLY D 301 -46.21 -10.02 29.19
N GLY D 302 -46.10 -8.83 28.57
CA GLY D 302 -47.22 -8.22 27.87
C GLY D 302 -47.89 -9.14 26.87
N LYS D 303 -49.21 -9.23 26.94
CA LYS D 303 -49.95 -10.13 26.06
C LYS D 303 -49.83 -9.66 24.62
N MET D 304 -50.04 -10.59 23.70
CA MET D 304 -49.88 -10.31 22.28
C MET D 304 -50.91 -9.26 21.85
N PRO D 305 -50.49 -8.09 21.28
CA PRO D 305 -51.48 -7.11 20.81
C PRO D 305 -52.52 -7.70 19.85
N LYS D 306 -53.68 -7.03 19.72
CA LYS D 306 -54.67 -7.51 18.77
C LYS D 306 -54.20 -7.29 17.35
N TRP D 307 -53.46 -6.21 17.09
CA TRP D 307 -52.94 -5.98 15.75
C TRP D 307 -51.95 -7.06 15.36
N THR D 308 -51.12 -7.49 16.32
CA THR D 308 -50.14 -8.53 16.04
C THR D 308 -50.83 -9.87 15.81
N ARG D 309 -51.90 -10.15 16.56
CA ARG D 309 -52.58 -11.43 16.44
C ARG D 309 -53.26 -11.62 15.09
N VAL D 310 -53.67 -10.52 14.43
CA VAL D 310 -54.40 -10.60 13.18
C VAL D 310 -53.50 -10.35 11.98
N ILE D 311 -52.62 -9.34 12.05
CA ILE D 311 -51.80 -8.98 10.89
C ILE D 311 -50.82 -10.10 10.55
N LEU D 312 -50.41 -10.90 11.53
CA LEU D 312 -49.38 -11.92 11.33
C LEU D 312 -49.94 -13.34 11.39
N LEU D 313 -50.59 -13.72 12.48
CA LEU D 313 -51.03 -15.10 12.63
C LEU D 313 -52.23 -15.44 11.75
N ASN D 314 -52.91 -14.46 11.17
CA ASN D 314 -54.07 -14.71 10.32
C ASN D 314 -53.80 -14.27 8.88
N TRP D 315 -53.67 -12.97 8.62
CA TRP D 315 -53.51 -12.49 7.25
C TRP D 315 -52.22 -12.96 6.59
N CYS D 316 -51.08 -12.50 7.11
CA CYS D 316 -49.78 -12.89 6.56
C CYS D 316 -49.60 -14.40 6.58
N ALA D 317 -49.95 -15.04 7.70
CA ALA D 317 -49.75 -16.48 7.82
C ALA D 317 -50.54 -17.24 6.76
N TRP D 318 -51.80 -16.87 6.54
CA TRP D 318 -52.59 -17.52 5.50
C TRP D 318 -52.02 -17.23 4.12
N PHE D 319 -51.64 -15.97 3.87
CA PHE D 319 -51.07 -15.59 2.57
C PHE D 319 -49.82 -16.41 2.28
N LEU D 320 -48.92 -16.50 3.26
CA LEU D 320 -47.67 -17.22 3.13
C LEU D 320 -47.86 -18.74 3.21
N ARG D 321 -49.09 -19.21 3.45
CA ARG D 321 -49.41 -20.63 3.56
C ARG D 321 -48.48 -21.35 4.54
N MET D 322 -48.50 -20.87 5.79
CA MET D 322 -47.65 -21.41 6.86
C MET D 322 -48.46 -22.25 7.83
N LYS D 323 -49.52 -21.67 8.42
CA LYS D 323 -50.33 -22.36 9.43
C LYS D 323 -49.49 -22.96 10.56
N PRO D 479 -57.78 -37.96 55.47
CA PRO D 479 -56.52 -38.01 56.22
C PRO D 479 -55.30 -38.02 55.27
N ASP D 480 -54.36 -38.95 55.44
CA ASP D 480 -53.13 -38.92 54.64
C ASP D 480 -53.42 -38.95 53.14
N LEU D 481 -54.46 -39.67 52.72
CA LEU D 481 -54.74 -39.79 51.29
C LEU D 481 -55.21 -38.46 50.71
N ALA D 482 -55.84 -37.63 51.53
CA ALA D 482 -56.24 -36.31 51.07
C ALA D 482 -55.01 -35.43 50.88
N LYS D 483 -54.01 -35.59 51.74
CA LYS D 483 -52.79 -34.79 51.63
C LYS D 483 -51.98 -35.19 50.41
N ILE D 484 -51.96 -36.50 50.09
CA ILE D 484 -51.30 -36.96 48.87
C ILE D 484 -51.98 -36.35 47.66
N LEU D 485 -53.32 -36.26 47.68
CA LEU D 485 -54.04 -35.66 46.56
C LEU D 485 -53.60 -34.21 46.34
N GLU D 486 -53.42 -33.46 47.43
CA GLU D 486 -53.01 -32.06 47.30
C GLU D 486 -51.65 -31.94 46.64
N GLU D 487 -50.69 -32.78 47.02
CA GLU D 487 -49.36 -32.70 46.43
C GLU D 487 -49.37 -33.04 44.95
N VAL D 488 -50.04 -34.15 44.60
CA VAL D 488 -50.06 -34.55 43.19
C VAL D 488 -50.84 -33.54 42.36
N ARG D 489 -51.91 -32.99 42.93
CA ARG D 489 -52.68 -31.98 42.21
C ARG D 489 -51.86 -30.73 41.99
N TYR D 490 -51.05 -30.34 42.97
CA TYR D 490 -50.12 -29.22 42.77
C TYR D 490 -49.13 -29.54 41.66
N ILE D 491 -48.60 -30.76 41.65
CA ILE D 491 -47.67 -31.15 40.59
C ILE D 491 -48.38 -31.12 39.24
N ALA D 492 -49.60 -31.66 39.18
CA ALA D 492 -50.34 -31.68 37.93
C ALA D 492 -50.74 -30.26 37.51
N ASN D 493 -51.22 -29.44 38.45
CA ASN D 493 -51.57 -28.06 38.12
C ASN D 493 -50.34 -27.27 37.71
N ARG D 494 -49.20 -27.55 38.36
CA ARG D 494 -47.95 -26.91 37.95
C ARG D 494 -47.63 -27.25 36.49
N PHE D 495 -47.77 -28.53 36.13
CA PHE D 495 -47.50 -28.95 34.76
C PHE D 495 -48.45 -28.28 33.78
N ARG D 496 -49.72 -28.15 34.15
CA ARG D 496 -50.69 -27.48 33.28
C ARG D 496 -50.31 -26.03 33.07
N CYS D 497 -49.82 -25.36 34.12
CA CYS D 497 -49.36 -23.99 33.97
C CYS D 497 -48.19 -23.89 33.01
N GLN D 498 -47.26 -24.85 33.07
CA GLN D 498 -46.17 -24.87 32.08
C GLN D 498 -46.72 -25.07 30.68
N ASP D 499 -47.73 -25.93 30.53
CA ASP D 499 -48.32 -26.17 29.21
C ASP D 499 -48.95 -24.92 28.64
N GLU D 500 -49.68 -24.16 29.45
CA GLU D 500 -50.24 -22.91 28.98
C GLU D 500 -49.15 -21.91 28.64
N SER D 501 -48.13 -21.80 29.49
CA SER D 501 -47.05 -20.85 29.25
C SER D 501 -46.28 -21.18 27.98
N GLU D 502 -46.00 -22.47 27.74
CA GLU D 502 -45.26 -22.82 26.53
C GLU D 502 -46.14 -22.72 25.30
N ALA D 503 -47.45 -22.86 25.46
CA ALA D 503 -48.37 -22.57 24.35
C ALA D 503 -48.33 -21.10 23.99
N VAL D 504 -48.30 -20.21 24.98
CA VAL D 504 -48.12 -18.79 24.72
C VAL D 504 -46.78 -18.56 24.02
N CYS D 505 -45.72 -19.22 24.49
CA CYS D 505 -44.43 -19.10 23.84
C CYS D 505 -44.48 -19.60 22.40
N SER D 506 -45.19 -20.70 22.17
CA SER D 506 -45.29 -21.26 20.82
C SER D 506 -45.95 -20.27 19.87
N GLU D 507 -46.97 -19.55 20.36
CA GLU D 507 -47.60 -18.51 19.57
C GLU D 507 -46.62 -17.40 19.23
N TRP D 508 -45.83 -16.96 20.21
CA TRP D 508 -44.82 -15.94 19.96
C TRP D 508 -43.75 -16.45 19.00
N LYS D 509 -43.33 -17.70 19.16
CA LYS D 509 -42.34 -18.28 18.25
C LYS D 509 -42.90 -18.39 16.83
N PHE D 510 -44.18 -18.74 16.72
CA PHE D 510 -44.81 -18.81 15.39
C PHE D 510 -44.89 -17.44 14.76
N ALA D 511 -45.22 -16.41 15.55
CA ALA D 511 -45.22 -15.05 15.02
C ALA D 511 -43.85 -14.64 14.55
N ALA D 512 -42.81 -15.06 15.26
CA ALA D 512 -41.44 -14.80 14.82
C ALA D 512 -41.19 -15.43 13.46
N CYS D 513 -41.66 -16.66 13.26
CA CYS D 513 -41.49 -17.35 11.98
C CYS D 513 -42.22 -16.63 10.86
N VAL D 514 -43.44 -16.14 11.13
CA VAL D 514 -44.20 -15.43 10.10
C VAL D 514 -43.48 -14.14 9.73
N VAL D 515 -43.09 -13.35 10.74
CA VAL D 515 -42.33 -12.13 10.48
C VAL D 515 -41.07 -12.47 9.71
N ASP D 516 -40.44 -13.59 10.04
CA ASP D 516 -39.18 -13.97 9.40
C ASP D 516 -39.43 -14.31 7.93
N ARG D 517 -40.54 -14.99 7.65
CA ARG D 517 -40.89 -15.36 6.28
C ARG D 517 -41.40 -14.16 5.50
N LEU D 518 -42.16 -13.28 6.14
CA LEU D 518 -42.60 -12.06 5.50
C LEU D 518 -41.43 -11.20 5.05
N CYS D 519 -40.43 -11.05 5.92
CA CYS D 519 -39.27 -10.22 5.59
C CYS D 519 -38.36 -10.91 4.59
N LEU D 520 -38.34 -12.24 4.57
CA LEU D 520 -37.61 -12.96 3.53
C LEU D 520 -38.11 -12.56 2.16
N MET D 521 -39.42 -12.64 1.94
CA MET D 521 -40.00 -12.25 0.66
C MET D 521 -39.79 -10.77 0.38
N ALA D 522 -40.03 -9.92 1.37
CA ALA D 522 -39.91 -8.48 1.17
C ALA D 522 -38.48 -8.08 0.84
N PHE D 523 -37.51 -8.61 1.59
CA PHE D 523 -36.11 -8.27 1.33
C PHE D 523 -35.63 -8.89 0.03
N SER D 524 -36.11 -10.10 -0.30
CA SER D 524 -35.73 -10.73 -1.56
C SER D 524 -36.21 -9.91 -2.74
N VAL D 525 -37.49 -9.52 -2.74
CA VAL D 525 -38.02 -8.72 -3.84
C VAL D 525 -37.33 -7.38 -3.89
N PHE D 526 -37.19 -6.72 -2.74
CA PHE D 526 -36.59 -5.39 -2.69
C PHE D 526 -35.12 -5.47 -3.09
N THR D 527 -34.44 -6.56 -2.74
CA THR D 527 -33.06 -6.75 -3.18
C THR D 527 -32.98 -6.80 -4.70
N ILE D 528 -33.88 -7.57 -5.33
CA ILE D 528 -33.88 -7.72 -6.77
C ILE D 528 -34.14 -6.38 -7.46
N ILE D 529 -35.16 -5.64 -6.99
CA ILE D 529 -35.52 -4.38 -7.65
C ILE D 529 -34.38 -3.38 -7.54
N CYS D 530 -33.79 -3.24 -6.35
CA CYS D 530 -32.70 -2.28 -6.20
C CYS D 530 -31.49 -2.68 -7.03
N THR D 531 -31.14 -3.96 -7.03
CA THR D 531 -30.05 -4.43 -7.88
C THR D 531 -30.34 -4.14 -9.35
N ILE D 532 -31.51 -4.57 -9.83
CA ILE D 532 -31.85 -4.37 -11.24
C ILE D 532 -32.04 -2.88 -11.53
N GLY D 533 -32.74 -2.18 -10.64
CA GLY D 533 -33.03 -0.77 -10.90
C GLY D 533 -31.80 0.11 -10.90
N ILE D 534 -30.93 -0.06 -9.91
CA ILE D 534 -29.72 0.75 -9.85
C ILE D 534 -28.80 0.46 -11.03
N LEU D 535 -28.61 -0.83 -11.36
CA LEU D 535 -27.71 -1.18 -12.46
C LEU D 535 -28.24 -0.67 -13.79
N MET D 536 -29.51 -0.93 -14.09
CA MET D 536 -30.04 -0.54 -15.39
C MET D 536 -30.28 0.95 -15.53
N SER D 537 -30.25 1.70 -14.43
CA SER D 537 -30.30 3.16 -14.54
C SER D 537 -29.11 3.72 -15.30
N ALA D 538 -28.01 2.98 -15.39
CA ALA D 538 -26.85 3.44 -16.15
C ALA D 538 -27.18 3.43 -17.64
N PRO D 539 -26.90 4.52 -18.37
CA PRO D 539 -27.20 4.50 -19.82
C PRO D 539 -26.47 3.40 -20.59
N ASN D 540 -25.27 3.01 -20.16
CA ASN D 540 -24.43 2.07 -20.89
C ASN D 540 -24.53 0.64 -20.37
N PHE D 541 -25.48 0.34 -19.49
CA PHE D 541 -25.59 -1.01 -18.95
C PHE D 541 -25.93 -2.01 -20.05
N VAL D 542 -26.92 -1.68 -20.88
CA VAL D 542 -27.35 -2.60 -21.93
C VAL D 542 -26.21 -2.83 -22.92
N GLU D 543 -25.51 -1.77 -23.30
CA GLU D 543 -24.37 -1.91 -24.19
C GLU D 543 -23.29 -2.77 -23.55
N ALA D 544 -23.04 -2.57 -22.26
CA ALA D 544 -21.97 -3.29 -21.58
C ALA D 544 -22.22 -4.79 -21.56
N VAL D 545 -23.44 -5.20 -21.21
CA VAL D 545 -23.73 -6.64 -21.12
C VAL D 545 -23.68 -7.27 -22.51
N SER D 546 -24.08 -6.55 -23.55
CA SER D 546 -24.06 -7.12 -24.89
C SER D 546 -22.63 -7.27 -25.42
N LYS D 547 -21.73 -6.35 -25.06
CA LYS D 547 -20.39 -6.34 -25.63
C LYS D 547 -19.37 -7.09 -24.78
N ASP D 548 -19.51 -7.06 -23.46
CA ASP D 548 -18.54 -7.67 -22.56
C ASP D 548 -18.98 -9.02 -22.02
N PHE D 549 -20.28 -9.24 -21.90
CA PHE D 549 -20.81 -10.51 -21.38
C PHE D 549 -21.46 -11.32 -22.50
N GLU E 1 13.63 37.21 -43.81
CA GLU E 1 14.72 38.15 -44.18
C GLU E 1 14.87 39.20 -43.08
N PHE E 2 13.75 39.74 -42.62
CA PHE E 2 13.76 40.74 -41.55
C PHE E 2 13.76 40.10 -40.18
N GLN E 3 13.23 38.89 -40.07
CA GLN E 3 13.29 38.17 -38.81
C GLN E 3 14.70 37.67 -38.56
N ARG E 4 15.31 37.06 -39.59
CA ARG E 4 16.70 36.64 -39.51
C ARG E 4 17.60 37.82 -39.18
N LYS E 5 17.41 38.94 -39.88
CA LYS E 5 18.22 40.12 -39.65
C LYS E 5 18.07 40.63 -38.22
N LEU E 6 16.84 40.68 -37.70
CA LEU E 6 16.62 41.18 -36.36
C LEU E 6 17.26 40.31 -35.30
N TYR E 7 17.15 38.98 -35.44
CA TYR E 7 17.73 38.09 -34.44
C TYR E 7 19.24 38.26 -34.34
N LYS E 8 19.90 38.41 -35.49
CA LYS E 8 21.34 38.63 -35.49
C LYS E 8 21.68 39.95 -34.79
N GLU E 9 20.84 40.97 -34.99
CA GLU E 9 21.10 42.27 -34.41
C GLU E 9 20.83 42.29 -32.90
N LEU E 10 19.73 41.67 -32.47
CA LEU E 10 19.36 41.73 -31.06
C LEU E 10 20.33 41.00 -30.15
N VAL E 11 21.06 40.01 -30.66
CA VAL E 11 21.98 39.24 -29.82
C VAL E 11 23.40 39.83 -29.81
N LYS E 12 23.72 40.69 -30.76
CA LYS E 12 25.03 41.34 -30.80
C LYS E 12 25.34 42.04 -29.49
N ASN E 13 26.38 41.57 -28.80
CA ASN E 13 26.87 42.08 -27.53
C ASN E 13 25.92 41.85 -26.36
N TYR E 14 24.87 41.06 -26.53
CA TYR E 14 23.91 40.88 -25.44
C TYR E 14 24.48 39.87 -24.47
N ASN E 15 24.38 40.17 -23.19
CA ASN E 15 24.85 39.30 -22.11
C ASN E 15 23.66 38.87 -21.27
N PRO E 16 23.29 37.58 -21.22
CA PRO E 16 22.16 37.19 -20.36
C PRO E 16 22.44 37.35 -18.87
N LEU E 17 23.69 37.62 -18.47
CA LEU E 17 24.02 37.90 -17.08
C LEU E 17 23.59 39.28 -16.65
N GLU E 18 23.58 40.23 -17.57
CA GLU E 18 23.26 41.62 -17.25
C GLU E 18 21.78 41.82 -16.98
N ARG E 19 21.48 42.49 -15.88
CA ARG E 19 20.11 42.89 -15.63
C ARG E 19 19.77 43.97 -16.66
N PRO E 20 18.69 43.81 -17.45
CA PRO E 20 18.54 44.66 -18.66
C PRO E 20 17.98 46.05 -18.40
N VAL E 21 18.66 46.84 -17.59
CA VAL E 21 18.19 48.17 -17.21
C VAL E 21 19.05 49.19 -17.93
N ALA E 22 18.45 50.34 -18.23
CA ALA E 22 19.21 51.42 -18.84
C ALA E 22 20.11 52.08 -17.80
N ASN E 23 19.60 52.28 -16.60
CA ASN E 23 20.31 52.89 -15.48
C ASN E 23 20.61 51.80 -14.46
N ASP E 24 21.90 51.55 -14.24
CA ASP E 24 22.31 50.44 -13.38
C ASP E 24 21.99 50.68 -11.90
N SER E 25 21.78 51.93 -11.50
CA SER E 25 21.47 52.21 -10.11
C SER E 25 20.02 51.88 -9.77
N GLN E 26 19.12 51.98 -10.74
CA GLN E 26 17.70 51.79 -10.48
C GLN E 26 17.35 50.30 -10.47
N PRO E 27 16.35 49.90 -9.68
CA PRO E 27 15.89 48.51 -9.77
C PRO E 27 15.05 48.28 -11.03
N LEU E 28 14.99 47.01 -11.42
CA LEU E 28 14.16 46.59 -12.54
C LEU E 28 12.80 46.14 -12.03
N THR E 29 11.75 46.70 -12.61
CA THR E 29 10.40 46.34 -12.21
C THR E 29 10.01 45.06 -12.92
N VAL E 30 9.66 44.03 -12.14
CA VAL E 30 9.17 42.76 -12.65
C VAL E 30 7.77 42.60 -12.10
N TYR E 31 6.79 42.49 -12.98
CA TYR E 31 5.42 42.22 -12.58
C TYR E 31 5.21 40.71 -12.52
N PHE E 32 4.89 40.21 -11.34
CA PHE E 32 4.70 38.78 -11.13
C PHE E 32 3.23 38.52 -10.84
N SER E 33 2.66 37.59 -11.60
CA SER E 33 1.33 37.07 -11.33
C SER E 33 1.37 35.59 -11.66
N LEU E 34 0.20 34.97 -11.66
CA LEU E 34 0.10 33.58 -12.05
C LEU E 34 -1.33 33.30 -12.48
N SER E 35 -1.49 32.17 -13.15
CA SER E 35 -2.79 31.67 -13.55
C SER E 35 -2.95 30.30 -12.92
N LEU E 36 -4.05 30.10 -12.21
CA LEU E 36 -4.35 28.83 -11.57
C LEU E 36 -5.27 28.05 -12.50
N LEU E 37 -4.77 26.96 -13.04
CA LEU E 37 -5.52 26.12 -13.96
C LEU E 37 -6.21 24.98 -13.25
N GLN E 38 -5.52 24.35 -12.32
CA GLN E 38 -6.08 23.21 -11.61
C GLN E 38 -5.36 23.00 -10.30
N ILE E 39 -6.10 22.49 -9.33
CA ILE E 39 -5.52 21.95 -8.12
C ILE E 39 -5.48 20.45 -8.37
N MET E 40 -4.29 19.88 -8.42
CA MET E 40 -4.14 18.48 -8.79
C MET E 40 -4.21 17.55 -7.59
N ASP E 41 -3.68 17.95 -6.45
CA ASP E 41 -3.67 17.06 -5.31
C ASP E 41 -3.38 17.85 -4.05
N VAL E 42 -4.08 17.49 -2.99
CA VAL E 42 -3.87 18.03 -1.67
C VAL E 42 -3.52 16.79 -0.86
N ASP E 43 -2.26 16.67 -0.49
CA ASP E 43 -1.78 15.55 0.30
C ASP E 43 -1.73 15.99 1.76
N GLU E 44 -2.74 15.62 2.52
CA GLU E 44 -2.80 16.05 3.90
C GLU E 44 -1.82 15.29 4.78
N LYS E 45 -1.38 14.09 4.37
CA LYS E 45 -0.40 13.35 5.14
C LYS E 45 1.02 13.86 4.92
N ASN E 46 1.34 14.33 3.71
CA ASN E 46 2.67 14.86 3.45
C ASN E 46 2.70 16.38 3.53
N GLN E 47 1.56 17.03 3.73
CA GLN E 47 1.46 18.48 3.78
C GLN E 47 2.00 19.13 2.51
N VAL E 48 1.46 18.74 1.36
CA VAL E 48 1.94 19.25 0.08
C VAL E 48 0.78 19.49 -0.86
N LEU E 49 0.66 20.72 -1.35
CA LEU E 49 -0.27 21.11 -2.39
C LEU E 49 0.38 20.95 -3.77
N THR E 50 -0.27 20.19 -4.66
CA THR E 50 0.16 20.09 -6.06
C THR E 50 -0.81 20.89 -6.93
N THR E 51 -0.29 21.91 -7.62
CA THR E 51 -1.09 22.73 -8.53
C THR E 51 -0.49 22.79 -9.93
N ASN E 52 -1.36 23.02 -10.91
CA ASN E 52 -0.98 23.29 -12.29
C ASN E 52 -1.12 24.80 -12.47
N ILE E 53 0.00 25.49 -12.61
CA ILE E 53 0.04 26.95 -12.67
C ILE E 53 0.81 27.42 -13.89
N TRP E 54 0.44 28.59 -14.39
CA TRP E 54 1.19 29.31 -15.42
C TRP E 54 1.68 30.57 -14.74
N LEU E 55 2.95 30.58 -14.36
CA LEU E 55 3.55 31.77 -13.79
C LEU E 55 3.48 32.88 -14.84
N GLN E 56 3.36 34.12 -14.40
CA GLN E 56 3.33 35.26 -15.30
C GLN E 56 4.35 36.28 -14.86
N MET E 57 5.39 36.45 -15.66
CA MET E 57 6.45 37.41 -15.41
C MET E 57 6.50 38.35 -16.59
N SER E 58 6.50 39.65 -16.32
CA SER E 58 6.65 40.65 -17.37
C SER E 58 7.57 41.74 -16.88
N TRP E 59 8.48 42.14 -17.75
CA TRP E 59 9.40 43.23 -17.45
C TRP E 59 9.76 43.89 -18.76
N THR E 60 10.74 44.79 -18.73
CA THR E 60 11.19 45.54 -19.88
C THR E 60 12.68 45.33 -20.03
N ASP E 61 13.10 44.91 -21.22
CA ASP E 61 14.50 44.73 -21.58
C ASP E 61 14.92 45.92 -22.42
N HIS E 62 15.86 46.70 -21.90
CA HIS E 62 16.29 47.92 -22.57
C HIS E 62 16.99 47.64 -23.89
N TYR E 63 17.63 46.48 -24.01
CA TYR E 63 18.45 46.17 -25.19
C TYR E 63 17.68 45.46 -26.29
N LEU E 64 16.53 44.86 -25.99
CA LEU E 64 15.76 44.11 -26.98
C LEU E 64 14.63 44.97 -27.54
N GLN E 65 15.01 45.95 -28.35
CA GLN E 65 14.07 46.90 -28.93
C GLN E 65 14.48 47.19 -30.37
N TRP E 66 13.47 47.44 -31.21
CA TRP E 66 13.74 47.72 -32.61
C TRP E 66 12.60 48.56 -33.16
N ASN E 67 12.86 49.19 -34.29
CA ASN E 67 11.88 49.98 -35.01
C ASN E 67 11.18 49.05 -35.99
N VAL E 68 9.85 48.92 -35.86
CA VAL E 68 9.11 47.98 -36.70
C VAL E 68 9.00 48.48 -38.15
N SER E 69 9.36 49.74 -38.42
CA SER E 69 9.39 50.23 -39.80
C SER E 69 10.63 49.77 -40.55
N GLU E 70 11.60 49.16 -39.86
CA GLU E 70 12.83 48.69 -40.47
C GLU E 70 12.90 47.17 -40.55
N TYR E 71 12.08 46.48 -39.77
CA TYR E 71 11.94 45.02 -39.81
C TYR E 71 10.46 44.74 -39.98
N PRO E 72 9.89 45.12 -41.12
CA PRO E 72 8.42 45.05 -41.28
C PRO E 72 7.89 43.63 -41.12
N GLY E 73 6.74 43.53 -40.47
CA GLY E 73 6.12 42.25 -40.20
C GLY E 73 6.64 41.55 -38.97
N VAL E 74 7.75 42.03 -38.38
CA VAL E 74 8.34 41.39 -37.20
C VAL E 74 7.93 42.26 -36.01
N LYS E 75 6.83 41.89 -35.37
CA LYS E 75 6.35 42.60 -34.20
C LYS E 75 6.81 42.00 -32.90
N THR E 76 7.22 40.73 -32.90
CA THR E 76 7.66 40.05 -31.70
C THR E 76 8.79 39.08 -32.06
N VAL E 77 9.59 38.76 -31.04
CA VAL E 77 10.64 37.76 -31.14
C VAL E 77 10.52 36.86 -29.92
N ARG E 78 11.16 35.74 -30.01
CA ARG E 78 11.10 34.76 -28.92
C ARG E 78 12.52 34.27 -28.64
N PHE E 79 12.87 34.07 -27.38
CA PHE E 79 14.19 33.64 -26.94
C PHE E 79 14.07 32.48 -25.96
N PRO E 80 14.90 31.42 -26.09
CA PRO E 80 14.85 30.32 -25.11
C PRO E 80 15.70 30.54 -23.86
N ASP E 81 15.62 29.60 -22.93
CA ASP E 81 16.38 29.68 -21.68
C ASP E 81 17.87 29.72 -21.96
N GLY E 82 18.57 30.64 -21.30
CA GLY E 82 20.00 30.79 -21.42
C GLY E 82 20.44 31.86 -22.41
N GLN E 83 19.54 32.34 -23.25
CA GLN E 83 19.87 33.30 -24.29
C GLN E 83 19.45 34.72 -23.94
N ILE E 84 18.50 34.87 -23.03
CA ILE E 84 17.97 36.17 -22.62
C ILE E 84 18.02 36.23 -21.11
N TRP E 85 18.19 37.43 -20.57
CA TRP E 85 18.09 37.61 -19.14
C TRP E 85 16.65 37.35 -18.70
N LYS E 86 16.51 36.61 -17.61
CA LYS E 86 15.21 36.31 -17.01
C LYS E 86 15.30 36.56 -15.51
N PRO E 87 14.20 36.96 -14.86
CA PRO E 87 14.22 36.97 -13.40
C PRO E 87 14.25 35.56 -12.83
N ASP E 88 15.08 35.37 -11.81
CA ASP E 88 15.26 34.04 -11.19
C ASP E 88 14.22 33.83 -10.09
N ILE E 89 12.96 33.94 -10.47
CA ILE E 89 11.89 33.81 -9.49
C ILE E 89 11.64 32.33 -9.23
N LEU E 90 11.69 31.96 -7.95
CA LEU E 90 11.51 30.59 -7.50
C LEU E 90 10.36 30.54 -6.49
N LEU E 91 9.83 29.34 -6.32
CA LEU E 91 8.89 29.06 -5.25
C LEU E 91 9.69 28.78 -3.99
N TYR E 92 9.62 29.67 -3.00
CA TYR E 92 10.39 29.49 -1.78
C TYR E 92 9.98 28.23 -1.04
N ASN E 93 8.67 28.03 -0.86
CA ASN E 93 8.18 26.89 -0.09
C ASN E 93 7.91 25.70 -1.00
N SER E 94 8.91 25.35 -1.81
CA SER E 94 8.81 24.22 -2.71
C SER E 94 8.99 22.91 -1.95
N ALA E 95 8.23 21.90 -2.36
CA ALA E 95 8.36 20.54 -1.87
C ALA E 95 8.87 19.58 -2.92
N ASP E 96 9.15 20.07 -4.13
CA ASP E 96 9.68 19.23 -5.20
C ASP E 96 11.13 18.84 -4.91
N GLU E 97 11.45 17.56 -5.15
CA GLU E 97 12.82 17.09 -4.95
C GLU E 97 13.82 17.90 -5.79
N ARG E 98 13.42 18.30 -6.99
CA ARG E 98 14.24 19.20 -7.82
C ARG E 98 14.19 20.65 -7.35
N PHE E 99 13.28 20.99 -6.44
CA PHE E 99 13.02 22.35 -5.96
C PHE E 99 12.36 23.27 -6.98
N ASP E 100 12.93 23.41 -8.18
CA ASP E 100 12.34 24.20 -9.26
C ASP E 100 11.53 23.31 -10.21
N ALA E 101 10.21 23.37 -10.14
CA ALA E 101 9.34 22.60 -11.01
C ALA E 101 8.98 23.32 -12.30
N THR E 102 9.43 24.57 -12.49
CA THR E 102 9.11 25.36 -13.67
C THR E 102 9.61 24.70 -14.96
N PHE E 103 8.74 24.63 -15.96
CA PHE E 103 9.12 24.16 -17.29
C PHE E 103 9.52 25.38 -18.12
N HIS E 104 10.77 25.43 -18.52
CA HIS E 104 11.31 26.61 -19.16
C HIS E 104 10.80 26.70 -20.59
N THR E 105 10.21 27.85 -20.91
CA THR E 105 9.63 28.10 -22.23
C THR E 105 10.22 29.39 -22.78
N ASN E 106 9.72 29.84 -23.91
CA ASN E 106 10.24 31.05 -24.54
C ASN E 106 9.84 32.30 -23.77
N VAL E 107 10.65 33.33 -23.91
CA VAL E 107 10.30 34.68 -23.49
C VAL E 107 9.89 35.43 -24.76
N LEU E 108 8.69 36.02 -24.74
CA LEU E 108 8.17 36.76 -25.89
C LEU E 108 8.47 38.23 -25.67
N VAL E 109 9.11 38.85 -26.65
CA VAL E 109 9.52 40.24 -26.58
C VAL E 109 8.94 40.98 -27.77
N ASN E 110 8.31 42.14 -27.52
CA ASN E 110 7.82 42.99 -28.59
C ASN E 110 8.81 44.12 -28.88
N SER E 111 8.48 44.94 -29.87
CA SER E 111 9.41 45.95 -30.37
C SER E 111 9.81 46.99 -29.32
N SER E 112 8.95 47.26 -28.34
CA SER E 112 9.26 48.26 -27.34
C SER E 112 10.08 47.69 -26.19
N GLY E 113 10.55 46.45 -26.31
CA GLY E 113 11.37 45.83 -25.30
C GLY E 113 10.62 45.26 -24.14
N HIS E 114 9.32 45.08 -24.26
CA HIS E 114 8.55 44.47 -23.19
CA HIS E 114 8.55 44.47 -23.19
C HIS E 114 8.62 42.96 -23.34
N CYS E 115 8.94 42.30 -22.24
CA CYS E 115 9.19 40.87 -22.23
C CYS E 115 8.08 40.22 -21.44
N GLN E 116 7.58 39.12 -21.97
CA GLN E 116 6.56 38.34 -21.34
C GLN E 116 7.07 36.91 -21.24
N TYR E 117 6.91 36.30 -20.07
CA TYR E 117 7.40 34.95 -19.81
C TYR E 117 6.34 34.23 -18.99
N LEU E 118 5.79 33.13 -19.55
CA LEU E 118 4.70 32.39 -18.92
C LEU E 118 5.01 30.91 -18.82
N PRO E 119 6.01 30.54 -18.03
CA PRO E 119 6.39 29.14 -17.97
C PRO E 119 5.33 28.35 -17.26
N PRO E 120 4.90 27.20 -17.78
CA PRO E 120 3.97 26.36 -17.03
C PRO E 120 4.73 25.49 -16.03
N GLY E 121 3.97 24.83 -15.18
CA GLY E 121 4.58 23.92 -14.26
C GLY E 121 3.62 23.20 -13.36
N ILE E 122 4.00 21.98 -12.99
CA ILE E 122 3.34 21.24 -11.93
C ILE E 122 4.13 21.56 -10.67
N PHE E 123 3.59 22.43 -9.81
CA PHE E 123 4.30 22.91 -8.63
C PHE E 123 3.83 22.17 -7.39
N LYS E 124 4.79 21.65 -6.63
CA LYS E 124 4.55 21.07 -5.32
C LYS E 124 5.04 22.05 -4.27
N SER E 125 4.12 22.51 -3.42
CA SER E 125 4.44 23.47 -2.37
C SER E 125 4.15 22.90 -0.99
N SER E 126 4.87 23.39 0.01
CA SER E 126 4.71 22.96 1.39
C SER E 126 3.60 23.78 2.01
N CYS E 127 2.45 23.16 2.21
CA CYS E 127 1.27 23.81 2.76
C CYS E 127 0.94 23.18 4.12
N TYR E 128 0.80 24.01 5.14
CA TYR E 128 0.33 23.55 6.43
C TYR E 128 -1.16 23.24 6.33
N ILE E 129 -1.50 21.95 6.33
CA ILE E 129 -2.88 21.52 6.20
C ILE E 129 -3.45 21.39 7.61
N ASP E 130 -4.35 22.29 7.97
CA ASP E 130 -4.97 22.27 9.30
C ASP E 130 -6.15 21.31 9.23
N VAL E 131 -6.01 20.15 9.87
CA VAL E 131 -7.04 19.13 9.88
C VAL E 131 -7.89 19.21 11.15
N ARG E 132 -7.85 20.34 11.86
CA ARG E 132 -8.64 20.48 13.08
C ARG E 132 -10.12 20.26 12.83
N TRP E 133 -10.62 20.68 11.67
CA TRP E 133 -12.04 20.60 11.34
C TRP E 133 -12.33 19.62 10.21
N PHE E 134 -11.37 18.76 9.84
CA PHE E 134 -11.59 17.79 8.78
C PHE E 134 -12.79 16.92 9.13
N PRO E 135 -13.77 16.73 8.22
CA PRO E 135 -13.77 16.97 6.77
C PRO E 135 -14.41 18.31 6.38
N PHE E 136 -14.81 19.14 7.34
CA PHE E 136 -15.39 20.46 7.07
C PHE E 136 -14.33 21.54 7.16
N ASP E 137 -13.16 21.29 6.60
CA ASP E 137 -12.01 22.18 6.73
C ASP E 137 -11.82 23.07 5.53
N VAL E 138 -11.37 24.29 5.80
CA VAL E 138 -10.96 25.26 4.79
C VAL E 138 -9.46 25.35 4.92
N GLN E 139 -8.75 25.35 3.80
CA GLN E 139 -7.31 25.42 3.80
C GLN E 139 -6.83 26.71 3.16
N HIS E 140 -5.73 27.23 3.70
CA HIS E 140 -5.06 28.43 3.19
C HIS E 140 -3.64 28.02 2.89
N CYS E 141 -3.36 27.74 1.63
CA CYS E 141 -2.05 27.27 1.18
C CYS E 141 -1.33 28.44 0.55
N LYS E 142 -0.17 28.78 1.08
CA LYS E 142 0.61 29.87 0.56
C LYS E 142 1.55 29.38 -0.53
N LEU E 143 1.74 30.22 -1.54
CA LEU E 143 2.69 29.99 -2.61
C LEU E 143 3.51 31.26 -2.63
N LYS E 144 4.70 31.21 -2.04
CA LYS E 144 5.55 32.38 -1.93
C LYS E 144 6.55 32.36 -3.07
N PHE E 145 6.66 33.47 -3.79
CA PHE E 145 7.49 33.60 -4.95
C PHE E 145 8.35 34.85 -4.83
N GLY E 146 9.61 34.72 -5.17
CA GLY E 146 10.47 35.88 -5.21
C GLY E 146 11.75 35.51 -5.91
N SER E 147 12.52 36.55 -6.22
CA SER E 147 13.82 36.34 -6.83
C SER E 147 14.76 35.79 -5.76
N TRP E 148 15.48 34.73 -6.11
CA TRP E 148 16.41 34.14 -5.16
C TRP E 148 17.60 35.05 -4.89
N SER E 149 18.23 35.53 -5.96
CA SER E 149 19.49 36.25 -5.84
C SER E 149 19.39 37.76 -5.97
N TYR E 150 18.29 38.31 -6.50
CA TYR E 150 18.15 39.76 -6.70
C TYR E 150 17.31 40.36 -5.59
N GLY E 151 17.92 41.22 -4.78
CA GLY E 151 17.20 41.93 -3.75
C GLY E 151 16.42 43.12 -4.27
N GLY E 152 15.79 43.82 -3.33
CA GLY E 152 14.91 44.92 -3.67
C GLY E 152 15.58 46.10 -4.36
N TRP E 153 16.87 46.32 -4.08
CA TRP E 153 17.59 47.39 -4.79
C TRP E 153 17.88 47.06 -6.24
N SER E 154 17.81 45.79 -6.64
CA SER E 154 18.08 45.39 -8.02
C SER E 154 16.86 44.91 -8.78
N LEU E 155 15.90 44.27 -8.12
CA LEU E 155 14.68 43.80 -8.77
C LEU E 155 13.48 44.23 -7.94
N ASP E 156 12.72 45.18 -8.46
CA ASP E 156 11.50 45.67 -7.81
C ASP E 156 10.32 44.81 -8.25
N LEU E 157 10.05 43.77 -7.48
CA LEU E 157 8.97 42.84 -7.80
C LEU E 157 7.63 43.43 -7.39
N GLN E 158 6.73 43.58 -8.36
CA GLN E 158 5.36 44.01 -8.15
C GLN E 158 4.42 42.87 -8.44
N MET E 159 3.25 42.95 -7.83
CA MET E 159 2.23 41.91 -7.93
C MET E 159 1.06 42.38 -8.78
N GLN E 160 0.53 41.45 -9.56
CA GLN E 160 -0.70 41.63 -10.32
C GLN E 160 -1.64 40.51 -9.91
N GLU E 161 -2.93 40.85 -9.77
CA GLU E 161 -3.99 39.90 -9.42
C GLU E 161 -3.87 38.58 -10.19
N ALA E 162 -4.04 37.48 -9.47
CA ALA E 162 -4.01 36.17 -10.10
C ALA E 162 -5.22 35.96 -11.00
N ASP E 163 -5.03 35.17 -12.05
CA ASP E 163 -6.07 34.82 -12.99
C ASP E 163 -6.60 33.42 -12.70
N ILE E 164 -7.93 33.30 -12.62
CA ILE E 164 -8.59 32.02 -12.39
C ILE E 164 -9.62 31.79 -13.50
N SER E 165 -9.48 32.52 -14.61
CA SER E 165 -10.47 32.45 -15.69
C SER E 165 -10.42 31.15 -16.45
N GLY E 166 -9.28 30.46 -16.45
CA GLY E 166 -9.18 29.13 -17.03
C GLY E 166 -9.06 28.05 -15.97
N TYR E 167 -9.46 28.36 -14.74
CA TYR E 167 -9.43 27.38 -13.67
C TYR E 167 -10.41 26.25 -13.95
N ILE E 168 -9.95 25.02 -13.73
CA ILE E 168 -10.75 23.82 -13.93
C ILE E 168 -11.14 23.34 -12.53
N PRO E 169 -12.43 23.32 -12.16
CA PRO E 169 -12.79 22.92 -10.80
C PRO E 169 -12.37 21.52 -10.45
N ASN E 170 -12.16 21.32 -9.16
CA ASN E 170 -11.72 20.05 -8.61
C ASN E 170 -12.95 19.43 -7.97
N GLY E 171 -13.12 18.13 -8.16
CA GLY E 171 -14.25 17.46 -7.53
C GLY E 171 -14.19 17.40 -6.02
N GLU E 172 -13.03 17.65 -5.42
CA GLU E 172 -12.86 17.56 -3.98
C GLU E 172 -12.68 18.90 -3.28
N TRP E 173 -12.13 19.91 -3.96
CA TRP E 173 -11.83 21.19 -3.35
C TRP E 173 -12.52 22.32 -4.11
N ASP E 174 -13.18 23.19 -3.36
CA ASP E 174 -13.85 24.36 -3.91
C ASP E 174 -12.94 25.57 -3.73
N LEU E 175 -12.57 26.22 -4.82
CA LEU E 175 -11.65 27.35 -4.79
C LEU E 175 -12.40 28.57 -4.25
N VAL E 176 -12.19 28.90 -2.99
CA VAL E 176 -12.77 30.11 -2.42
C VAL E 176 -12.16 31.34 -3.09
N GLY E 177 -10.84 31.35 -3.24
CA GLY E 177 -10.17 32.47 -3.87
C GLY E 177 -8.68 32.26 -3.86
N ILE E 178 -7.98 33.19 -4.49
CA ILE E 178 -6.51 33.16 -4.56
C ILE E 178 -5.97 34.57 -4.32
N PRO E 179 -6.20 35.16 -3.15
CA PRO E 179 -5.64 36.49 -2.88
C PRO E 179 -4.13 36.46 -2.83
N GLY E 180 -3.54 37.60 -3.17
CA GLY E 180 -2.09 37.74 -3.17
C GLY E 180 -1.66 38.97 -2.41
N LYS E 181 -0.44 38.91 -1.89
CA LYS E 181 0.14 39.99 -1.10
C LYS E 181 1.62 40.12 -1.42
N ARG E 182 2.06 41.35 -1.69
CA ARG E 182 3.48 41.64 -1.85
C ARG E 182 4.00 42.15 -0.51
N SER E 183 5.17 41.65 -0.13
CA SER E 183 5.79 41.98 1.14
C SER E 183 7.28 42.08 0.89
N GLU E 184 7.99 42.75 1.79
CA GLU E 184 9.44 42.87 1.71
C GLU E 184 10.03 42.49 3.06
N ARG E 185 10.78 41.40 3.08
CA ARG E 185 11.39 40.86 4.28
C ARG E 185 12.90 41.07 4.28
N PHE E 186 13.46 40.94 5.48
CA PHE E 186 14.89 40.92 5.71
C PHE E 186 15.30 39.52 6.12
N TYR E 187 16.48 39.10 5.70
CA TYR E 187 17.00 37.77 5.99
C TYR E 187 18.35 37.90 6.66
N GLU E 188 18.66 36.95 7.54
CA GLU E 188 19.93 36.97 8.26
C GLU E 188 21.11 36.90 7.31
N CYS E 189 20.94 36.24 6.16
CA CYS E 189 21.99 36.16 5.15
C CYS E 189 22.43 37.54 4.69
N CYS E 190 21.50 38.48 4.65
CA CYS E 190 21.57 39.59 3.70
C CYS E 190 21.02 40.85 4.34
N LYS E 191 21.80 41.93 4.29
CA LYS E 191 21.31 43.22 4.77
C LYS E 191 20.27 43.80 3.83
N GLU E 192 20.40 43.54 2.53
CA GLU E 192 19.46 44.06 1.55
C GLU E 192 18.09 43.40 1.73
N PRO E 193 16.98 44.16 1.65
CA PRO E 193 15.66 43.53 1.71
C PRO E 193 15.31 42.80 0.43
N TYR E 194 14.65 41.65 0.56
CA TYR E 194 14.27 40.83 -0.60
C TYR E 194 12.75 40.79 -0.76
N PRO E 195 12.16 41.41 -1.78
CA PRO E 195 10.70 41.37 -1.92
C PRO E 195 10.22 40.00 -2.36
N ASP E 196 9.04 39.62 -1.88
CA ASP E 196 8.39 38.40 -2.30
C ASP E 196 6.92 38.68 -2.57
N VAL E 197 6.29 37.76 -3.29
CA VAL E 197 4.87 37.80 -3.58
C VAL E 197 4.30 36.46 -3.15
N THR E 198 3.30 36.49 -2.27
CA THR E 198 2.68 35.29 -1.74
C THR E 198 1.22 35.26 -2.19
N PHE E 199 0.85 34.20 -2.89
CA PHE E 199 -0.53 33.95 -3.28
C PHE E 199 -1.08 32.87 -2.36
N THR E 200 -2.15 33.18 -1.65
CA THR E 200 -2.77 32.28 -0.70
C THR E 200 -3.96 31.62 -1.38
N VAL E 201 -3.81 30.34 -1.72
CA VAL E 201 -4.90 29.57 -2.30
C VAL E 201 -5.85 29.20 -1.17
N THR E 202 -7.06 29.75 -1.19
CA THR E 202 -8.08 29.45 -0.19
C THR E 202 -9.02 28.39 -0.75
N MET E 203 -9.09 27.26 -0.07
CA MET E 203 -9.72 26.05 -0.59
C MET E 203 -10.68 25.50 0.46
N ARG E 204 -11.90 25.20 0.02
CA ARG E 204 -12.93 24.60 0.87
C ARG E 204 -13.11 23.15 0.42
N ARG E 205 -12.93 22.22 1.34
CA ARG E 205 -13.17 20.82 1.02
C ARG E 205 -14.65 20.62 0.72
N ARG E 206 -14.94 19.90 -0.36
CA ARG E 206 -16.29 19.48 -0.69
C ARG E 206 -16.55 18.18 0.08
N THR E 207 -17.60 18.17 0.88
CA THR E 207 -17.78 17.19 1.94
C THR E 207 -18.72 16.06 1.59
N LEU E 208 -19.25 15.97 0.35
CA LEU E 208 -20.16 14.87 0.00
C LEU E 208 -19.46 13.53 0.11
N TYR E 209 -18.24 13.43 -0.43
CA TYR E 209 -17.55 12.15 -0.41
C TYR E 209 -17.25 11.71 1.02
N TYR E 210 -16.84 12.65 1.87
CA TYR E 210 -16.47 12.29 3.22
C TYR E 210 -17.69 12.13 4.10
N GLY E 211 -18.78 12.79 3.75
CA GLY E 211 -20.01 12.61 4.50
C GLY E 211 -20.56 11.22 4.32
N LEU E 212 -20.51 10.69 3.10
CA LEU E 212 -21.08 9.39 2.80
C LEU E 212 -20.12 8.23 3.05
N ASN E 213 -18.81 8.45 3.03
CA ASN E 213 -17.85 7.36 3.19
C ASN E 213 -17.18 7.32 4.55
N LEU E 214 -17.35 8.35 5.39
CA LEU E 214 -16.65 8.42 6.67
C LEU E 214 -17.54 8.83 7.84
N LEU E 215 -18.54 9.69 7.65
CA LEU E 215 -19.35 10.20 8.75
C LEU E 215 -20.66 9.46 8.93
N ILE E 216 -21.35 9.14 7.84
CA ILE E 216 -22.58 8.34 7.89
C ILE E 216 -22.29 6.90 8.28
N PRO E 217 -21.17 6.29 7.87
CA PRO E 217 -20.85 4.96 8.41
C PRO E 217 -20.81 4.93 9.93
N CYS E 218 -20.02 5.81 10.56
CA CYS E 218 -19.98 5.91 12.01
C CYS E 218 -21.36 6.00 12.65
N VAL E 219 -22.27 6.73 12.02
CA VAL E 219 -23.65 6.74 12.51
C VAL E 219 -24.25 5.35 12.39
N LEU E 220 -24.01 4.66 11.27
CA LEU E 220 -24.54 3.31 11.10
C LEU E 220 -23.89 2.32 12.06
N ILE E 221 -22.56 2.41 12.24
CA ILE E 221 -21.89 1.58 13.23
C ILE E 221 -22.26 2.02 14.65
N SER E 222 -22.70 3.25 14.88
CA SER E 222 -23.19 3.64 16.19
C SER E 222 -24.62 3.17 16.41
N ALA E 223 -25.41 3.10 15.34
CA ALA E 223 -26.77 2.58 15.42
C ALA E 223 -26.80 1.07 15.59
N LEU E 224 -25.88 0.36 14.93
CA LEU E 224 -25.76 -1.08 15.12
C LEU E 224 -25.41 -1.42 16.56
N ALA E 225 -24.52 -0.66 17.17
CA ALA E 225 -24.17 -0.89 18.57
C ALA E 225 -25.40 -0.74 19.47
N LEU E 226 -26.28 0.21 19.15
CA LEU E 226 -27.48 0.40 19.95
C LEU E 226 -28.41 -0.79 19.87
N LEU E 227 -28.37 -1.56 18.77
CA LEU E 227 -29.23 -2.74 18.66
C LEU E 227 -28.90 -3.82 19.67
N VAL E 228 -27.76 -3.75 20.36
CA VAL E 228 -27.48 -4.74 21.39
C VAL E 228 -28.47 -4.58 22.53
N PHE E 229 -28.99 -3.37 22.74
CA PHE E 229 -29.91 -3.11 23.83
C PHE E 229 -31.33 -3.56 23.52
N LEU E 230 -31.59 -4.05 22.31
CA LEU E 230 -32.86 -4.66 21.96
C LEU E 230 -32.77 -6.16 21.77
N LEU E 231 -31.57 -6.72 21.74
CA LEU E 231 -31.42 -8.17 21.67
C LEU E 231 -31.85 -8.78 23.00
N PRO E 232 -32.68 -9.82 23.02
CA PRO E 232 -32.89 -10.55 24.27
C PRO E 232 -31.58 -11.11 24.79
N ALA E 233 -31.51 -11.24 26.12
CA ALA E 233 -30.32 -11.83 26.73
C ALA E 233 -30.22 -13.32 26.44
N ASP E 234 -31.36 -14.01 26.38
CA ASP E 234 -31.35 -15.45 26.13
C ASP E 234 -30.85 -15.79 24.72
N SER E 235 -30.88 -14.82 23.79
CA SER E 235 -30.35 -15.07 22.46
C SER E 235 -28.89 -15.51 22.50
N GLY E 236 -28.13 -15.05 23.48
CA GLY E 236 -26.75 -15.47 23.61
C GLY E 236 -25.81 -14.83 22.62
N GLU E 237 -26.19 -13.69 22.03
CA GLU E 237 -25.43 -13.07 20.96
C GLU E 237 -25.21 -11.57 21.16
N LYS E 238 -25.41 -11.05 22.38
CA LYS E 238 -25.24 -9.61 22.59
C LYS E 238 -23.78 -9.22 22.65
N ILE E 239 -22.90 -10.11 23.08
CA ILE E 239 -21.48 -9.82 23.06
C ILE E 239 -20.94 -10.03 21.65
N SER E 240 -21.46 -11.03 20.94
CA SER E 240 -21.08 -11.23 19.55
C SER E 240 -21.41 -10.00 18.72
N LEU E 241 -22.62 -9.48 18.89
CA LEU E 241 -23.01 -8.27 18.16
C LEU E 241 -22.14 -7.09 18.58
N GLY E 242 -22.05 -6.83 19.88
CA GLY E 242 -21.32 -5.67 20.33
C GLY E 242 -19.84 -5.71 19.99
N ILE E 243 -19.19 -6.84 20.27
CA ILE E 243 -17.75 -6.92 20.04
C ILE E 243 -17.43 -7.00 18.56
N THR E 244 -18.35 -7.51 17.73
CA THR E 244 -18.10 -7.52 16.29
C THR E 244 -18.20 -6.10 15.76
N VAL E 245 -19.15 -5.33 16.27
CA VAL E 245 -19.33 -3.95 15.85
C VAL E 245 -18.07 -3.17 16.19
N LEU E 246 -17.52 -3.36 17.37
CA LEU E 246 -16.27 -2.70 17.72
C LEU E 246 -15.10 -3.18 16.90
N LEU E 247 -15.08 -4.45 16.46
CA LEU E 247 -14.02 -4.88 15.55
C LEU E 247 -14.12 -4.16 14.23
N SER E 248 -15.33 -4.02 13.72
CA SER E 248 -15.54 -3.37 12.47
C SER E 248 -15.10 -1.93 12.61
N LEU E 249 -15.51 -1.28 13.67
CA LEU E 249 -15.20 0.13 13.90
C LEU E 249 -13.71 0.37 14.04
N THR E 250 -12.99 -0.53 14.71
CA THR E 250 -11.54 -0.39 14.81
C THR E 250 -10.89 -0.48 13.45
N VAL E 251 -11.30 -1.45 12.63
CA VAL E 251 -10.81 -1.56 11.26
C VAL E 251 -11.15 -0.30 10.48
N PHE E 252 -12.35 0.23 10.69
CA PHE E 252 -12.76 1.45 10.01
C PHE E 252 -11.85 2.62 10.37
N MET E 253 -11.48 2.75 11.66
CA MET E 253 -10.61 3.83 12.09
C MET E 253 -9.17 3.64 11.62
N LEU E 254 -8.75 2.40 11.36
CA LEU E 254 -7.43 2.19 10.77
C LEU E 254 -7.35 2.79 9.38
N LEU E 255 -8.36 2.50 8.55
CA LEU E 255 -8.48 3.08 7.22
C LEU E 255 -8.44 4.60 7.22
N VAL E 256 -8.97 5.23 8.27
CA VAL E 256 -8.94 6.69 8.39
C VAL E 256 -7.54 7.22 8.68
N ALA E 257 -6.74 6.49 9.45
CA ALA E 257 -5.35 6.93 9.61
C ALA E 257 -4.57 7.13 8.30
N GLU E 258 -4.86 6.36 7.24
CA GLU E 258 -4.21 6.60 5.94
C GLU E 258 -4.31 8.04 5.42
N ILE E 259 -5.30 8.83 5.85
CA ILE E 259 -5.54 10.15 5.28
C ILE E 259 -5.01 11.27 6.16
N MET E 260 -4.96 11.05 7.49
CA MET E 260 -4.60 12.17 8.36
C MET E 260 -3.09 12.25 8.57
N PRO E 261 -2.53 13.45 8.75
CA PRO E 261 -1.10 13.53 9.08
C PRO E 261 -0.86 13.18 10.54
N ALA E 262 0.32 12.62 10.80
CA ALA E 262 0.71 12.28 12.16
C ALA E 262 1.28 13.51 12.85
N THR E 263 0.40 14.47 13.11
CA THR E 263 0.75 15.75 13.70
C THR E 263 0.04 15.94 15.03
N SER E 264 0.57 16.88 15.82
CA SER E 264 0.09 17.13 17.17
C SER E 264 -0.28 18.59 17.39
N ASP E 265 -0.54 19.34 16.33
CA ASP E 265 -0.98 20.72 16.50
C ASP E 265 -2.31 20.76 17.25
N SER E 266 -3.19 19.81 16.97
CA SER E 266 -4.50 19.75 17.60
C SER E 266 -5.04 18.32 17.42
N VAL E 267 -6.08 18.02 18.18
CA VAL E 267 -6.84 16.78 17.99
C VAL E 267 -7.93 17.06 16.96
N PRO E 268 -7.93 16.39 15.80
CA PRO E 268 -8.90 16.74 14.76
C PRO E 268 -10.34 16.57 15.20
N LEU E 269 -11.23 17.00 14.31
CA LEU E 269 -12.66 16.87 14.57
C LEU E 269 -13.09 15.42 14.38
N ILE E 270 -12.51 14.75 13.38
CA ILE E 270 -12.84 13.36 13.12
C ILE E 270 -12.38 12.49 14.29
N ALA E 271 -11.25 12.83 14.90
CA ALA E 271 -10.80 12.11 16.09
C ALA E 271 -11.78 12.27 17.24
N GLN E 272 -12.27 13.49 17.47
CA GLN E 272 -13.27 13.69 18.51
C GLN E 272 -14.55 12.93 18.19
N TYR E 273 -14.96 12.97 16.92
CA TYR E 273 -16.15 12.24 16.50
C TYR E 273 -15.96 10.74 16.68
N PHE E 274 -14.76 10.25 16.35
CA PHE E 274 -14.44 8.84 16.61
C PHE E 274 -14.45 8.54 18.10
N ALA E 275 -13.94 9.46 18.91
CA ALA E 275 -13.96 9.26 20.36
C ALA E 275 -15.38 9.10 20.88
N SER E 276 -16.30 9.92 20.37
CA SER E 276 -17.70 9.75 20.77
C SER E 276 -18.23 8.40 20.31
N THR E 277 -18.01 8.06 19.04
CA THR E 277 -18.46 6.78 18.51
C THR E 277 -17.81 5.61 19.28
N MET E 278 -16.50 5.71 19.53
CA MET E 278 -15.81 4.69 20.31
C MET E 278 -16.49 4.49 21.67
N ILE E 279 -16.82 5.60 22.32
CA ILE E 279 -17.48 5.56 23.64
C ILE E 279 -18.79 4.79 23.57
N ILE E 280 -19.59 5.04 22.53
CA ILE E 280 -20.90 4.39 22.45
C ILE E 280 -20.72 2.88 22.37
N VAL E 281 -19.78 2.41 21.57
CA VAL E 281 -19.62 0.98 21.37
C VAL E 281 -18.92 0.37 22.59
N GLY E 282 -17.88 1.04 23.09
CA GLY E 282 -17.18 0.50 24.25
C GLY E 282 -18.05 0.43 25.49
N LEU E 283 -18.83 1.49 25.77
CA LEU E 283 -19.70 1.48 26.94
C LEU E 283 -20.93 0.62 26.74
N SER E 284 -21.33 0.35 25.50
CA SER E 284 -22.43 -0.59 25.27
C SER E 284 -21.98 -2.02 25.52
N VAL E 285 -20.69 -2.32 25.30
CA VAL E 285 -20.15 -3.62 25.69
C VAL E 285 -20.06 -3.71 27.21
N VAL E 286 -19.61 -2.64 27.87
CA VAL E 286 -19.55 -2.63 29.33
C VAL E 286 -20.94 -2.79 29.92
N VAL E 287 -21.91 -2.05 29.38
CA VAL E 287 -23.27 -2.16 29.86
C VAL E 287 -23.84 -3.53 29.54
N THR E 288 -23.47 -4.09 28.39
CA THR E 288 -23.94 -5.42 28.02
C THR E 288 -23.45 -6.46 29.03
N VAL E 289 -22.21 -6.33 29.48
CA VAL E 289 -21.68 -7.22 30.52
C VAL E 289 -22.51 -7.07 31.80
N ILE E 290 -22.85 -5.85 32.17
CA ILE E 290 -23.64 -5.63 33.37
C ILE E 290 -25.04 -6.23 33.20
N VAL E 291 -25.63 -6.07 32.02
CA VAL E 291 -26.96 -6.63 31.77
C VAL E 291 -26.92 -8.15 31.84
N LEU E 292 -25.85 -8.75 31.31
CA LEU E 292 -25.71 -10.19 31.39
C LEU E 292 -25.48 -10.66 32.81
N GLN E 293 -24.73 -9.87 33.59
CA GLN E 293 -24.56 -10.17 35.00
C GLN E 293 -25.90 -10.21 35.71
N TYR E 294 -26.76 -9.22 35.43
CA TYR E 294 -28.10 -9.22 36.02
C TYR E 294 -28.91 -10.40 35.51
N HIS E 295 -28.84 -10.67 34.20
CA HIS E 295 -29.67 -11.73 33.60
C HIS E 295 -29.28 -13.10 34.12
N HIS E 296 -27.97 -13.35 34.25
CA HIS E 296 -27.44 -14.64 34.66
C HIS E 296 -27.14 -14.70 36.15
N HIS E 297 -27.80 -13.87 36.95
CA HIS E 297 -27.53 -13.85 38.37
C HIS E 297 -27.94 -15.17 39.02
N ASP E 298 -27.13 -15.63 39.95
CA ASP E 298 -27.41 -16.88 40.64
C ASP E 298 -28.56 -16.69 41.62
N PRO E 299 -29.68 -17.41 41.49
CA PRO E 299 -30.81 -17.15 42.41
C PRO E 299 -30.50 -17.43 43.88
N ASP E 300 -29.43 -18.17 44.17
CA ASP E 300 -29.01 -18.46 45.53
C ASP E 300 -27.83 -17.58 45.97
N GLY E 301 -27.60 -16.48 45.25
CA GLY E 301 -26.55 -15.55 45.57
C GLY E 301 -27.08 -14.36 46.35
N GLY E 302 -26.27 -13.30 46.40
CA GLY E 302 -26.62 -12.09 47.11
C GLY E 302 -27.99 -11.54 46.72
N LYS E 303 -28.80 -11.23 47.72
CA LYS E 303 -30.15 -10.75 47.46
C LYS E 303 -30.10 -9.39 46.78
N MET E 304 -31.17 -9.05 46.08
CA MET E 304 -31.22 -7.81 45.32
C MET E 304 -31.13 -6.62 46.28
N PRO E 305 -30.14 -5.69 46.12
CA PRO E 305 -30.08 -4.52 47.00
C PRO E 305 -31.38 -3.72 47.05
N LYS E 306 -31.58 -2.93 48.11
CA LYS E 306 -32.77 -2.09 48.15
C LYS E 306 -32.70 -0.97 47.13
N TRP E 307 -31.51 -0.45 46.86
CA TRP E 307 -31.37 0.58 45.85
C TRP E 307 -31.73 0.04 44.48
N THR E 308 -31.33 -1.20 44.20
CA THR E 308 -31.62 -1.81 42.91
C THR E 308 -33.12 -2.08 42.78
N ARG E 309 -33.77 -2.49 43.87
CA ARG E 309 -35.18 -2.83 43.82
C ARG E 309 -36.06 -1.63 43.54
N VAL E 310 -35.64 -0.43 43.93
CA VAL E 310 -36.45 0.78 43.78
C VAL E 310 -36.03 1.59 42.56
N ILE E 311 -34.74 1.78 42.33
CA ILE E 311 -34.28 2.63 41.25
C ILE E 311 -34.65 2.04 39.89
N LEU E 312 -34.79 0.72 39.79
CA LEU E 312 -35.01 0.06 38.51
C LEU E 312 -36.42 -0.53 38.41
N LEU E 313 -36.80 -1.41 39.33
CA LEU E 313 -38.09 -2.08 39.19
C LEU E 313 -39.29 -1.19 39.50
N ASN E 314 -39.07 -0.01 40.08
CA ASN E 314 -40.17 0.91 40.40
C ASN E 314 -40.05 2.20 39.61
N TRP E 315 -39.03 3.03 39.87
CA TRP E 315 -38.92 4.33 39.22
C TRP E 315 -38.70 4.23 37.71
N CYS E 316 -37.54 3.69 37.32
CA CYS E 316 -37.23 3.54 35.89
C CYS E 316 -38.29 2.71 35.17
N ALA E 317 -38.69 1.59 35.79
CA ALA E 317 -39.66 0.70 35.14
C ALA E 317 -40.97 1.41 34.88
N TRP E 318 -41.48 2.16 35.86
CA TRP E 318 -42.71 2.92 35.64
C TRP E 318 -42.51 4.01 34.59
N PHE E 319 -41.38 4.72 34.65
CA PHE E 319 -41.10 5.79 33.69
C PHE E 319 -41.07 5.22 32.28
N LEU E 320 -40.37 4.12 32.09
CA LEU E 320 -40.23 3.47 30.80
C LEU E 320 -41.48 2.70 30.39
N ARG E 321 -42.50 2.64 31.25
CA ARG E 321 -43.76 1.94 31.00
C ARG E 321 -43.51 0.50 30.54
N MET E 322 -42.83 -0.26 31.40
CA MET E 322 -42.48 -1.65 31.13
C MET E 322 -43.34 -2.62 31.93
N LYS E 323 -43.36 -2.48 33.26
CA LYS E 323 -44.10 -3.39 34.14
C LYS E 323 -43.78 -4.86 33.87
N PRO E 479 -48.52 -46.10 58.12
CA PRO E 479 -47.64 -47.11 57.53
C PRO E 479 -47.18 -46.74 56.11
N ASP E 480 -47.30 -47.63 55.13
CA ASP E 480 -46.77 -47.35 53.79
C ASP E 480 -47.35 -46.06 53.21
N LEU E 481 -48.62 -45.76 53.49
CA LEU E 481 -49.25 -44.59 52.89
C LEU E 481 -48.65 -43.30 53.45
N ALA E 482 -48.17 -43.34 54.69
CA ALA E 482 -47.49 -42.18 55.26
C ALA E 482 -46.15 -41.96 54.57
N LYS E 483 -45.48 -43.05 54.21
CA LYS E 483 -44.17 -42.94 53.56
C LYS E 483 -44.34 -42.41 52.14
N ILE E 484 -45.40 -42.82 51.44
CA ILE E 484 -45.69 -42.27 50.12
C ILE E 484 -45.93 -40.77 50.22
N LEU E 485 -46.64 -40.33 51.28
CA LEU E 485 -46.88 -38.90 51.47
C LEU E 485 -45.58 -38.13 51.58
N GLU E 486 -44.60 -38.69 52.31
CA GLU E 486 -43.33 -38.00 52.48
C GLU E 486 -42.61 -37.82 51.16
N GLU E 487 -42.60 -38.86 50.31
CA GLU E 487 -41.92 -38.75 49.02
C GLU E 487 -42.57 -37.71 48.13
N VAL E 488 -43.91 -37.78 48.00
CA VAL E 488 -44.59 -36.85 47.11
C VAL E 488 -44.48 -35.43 47.65
N ARG E 489 -44.53 -35.28 48.97
CA ARG E 489 -44.39 -33.95 49.56
C ARG E 489 -42.99 -33.40 49.32
N TYR E 490 -41.97 -34.25 49.38
CA TYR E 490 -40.63 -33.81 49.01
C TYR E 490 -40.58 -33.37 47.56
N ILE E 491 -41.22 -34.14 46.68
CA ILE E 491 -41.26 -33.78 45.26
C ILE E 491 -42.00 -32.45 45.08
N ALA E 492 -43.13 -32.30 45.76
CA ALA E 492 -43.90 -31.07 45.65
C ALA E 492 -43.15 -29.90 46.27
N ASN E 493 -42.57 -30.10 47.45
CA ASN E 493 -41.79 -29.02 48.08
C ASN E 493 -40.57 -28.68 47.25
N ARG E 494 -39.94 -29.68 46.63
CA ARG E 494 -38.84 -29.42 45.72
C ARG E 494 -39.29 -28.52 44.58
N PHE E 495 -40.45 -28.83 43.99
CA PHE E 495 -40.97 -28.02 42.89
C PHE E 495 -41.26 -26.60 43.34
N ARG E 496 -41.80 -26.44 44.55
CA ARG E 496 -42.07 -25.10 45.07
C ARG E 496 -40.79 -24.31 45.25
N CYS E 497 -39.71 -24.97 45.69
CA CYS E 497 -38.43 -24.30 45.81
C CYS E 497 -37.92 -23.83 44.45
N GLN E 498 -38.10 -24.65 43.41
CA GLN E 498 -37.74 -24.21 42.06
C GLN E 498 -38.58 -23.00 41.65
N ASP E 499 -39.87 -23.01 42.00
CA ASP E 499 -40.75 -21.89 41.64
C ASP E 499 -40.29 -20.60 42.30
N GLU E 500 -39.93 -20.65 43.58
CA GLU E 500 -39.41 -19.45 44.24
C GLU E 500 -38.09 -19.02 43.62
N SER E 501 -37.20 -19.97 43.35
CA SER E 501 -35.90 -19.63 42.79
C SER E 501 -36.03 -19.01 41.40
N GLU E 502 -36.93 -19.55 40.56
CA GLU E 502 -37.07 -18.98 39.22
C GLU E 502 -37.83 -17.66 39.27
N ALA E 503 -38.65 -17.45 40.30
CA ALA E 503 -39.26 -16.14 40.51
C ALA E 503 -38.20 -15.11 40.86
N VAL E 504 -37.24 -15.48 41.71
CA VAL E 504 -36.10 -14.60 41.99
C VAL E 504 -35.32 -14.33 40.71
N CYS E 505 -35.10 -15.37 39.89
CA CYS E 505 -34.42 -15.18 38.62
C CYS E 505 -35.21 -14.26 37.71
N SER E 506 -36.53 -14.40 37.69
CA SER E 506 -37.36 -13.57 36.83
C SER E 506 -37.24 -12.11 37.21
N GLU E 507 -37.15 -11.83 38.50
CA GLU E 507 -36.93 -10.46 38.97
C GLU E 507 -35.58 -9.92 38.48
N TRP E 508 -34.54 -10.74 38.57
CA TRP E 508 -33.22 -10.34 38.09
C TRP E 508 -33.23 -10.15 36.58
N LYS E 509 -33.91 -11.04 35.85
CA LYS E 509 -34.02 -10.91 34.41
C LYS E 509 -34.79 -9.64 34.03
N PHE E 510 -35.85 -9.33 34.80
CA PHE E 510 -36.61 -8.11 34.53
C PHE E 510 -35.77 -6.88 34.80
N ALA E 511 -34.96 -6.89 35.87
CA ALA E 511 -34.05 -5.79 36.12
C ALA E 511 -33.05 -5.62 35.00
N ALA E 512 -32.59 -6.73 34.43
CA ALA E 512 -31.70 -6.65 33.27
C ALA E 512 -32.40 -5.95 32.11
N CYS E 513 -33.67 -6.27 31.87
CA CYS E 513 -34.43 -5.64 30.80
C CYS E 513 -34.59 -4.15 31.03
N VAL E 514 -34.86 -3.74 32.28
CA VAL E 514 -35.02 -2.33 32.58
C VAL E 514 -33.71 -1.60 32.36
N VAL E 515 -32.61 -2.13 32.90
CA VAL E 515 -31.29 -1.54 32.67
C VAL E 515 -31.01 -1.47 31.18
N ASP E 516 -31.42 -2.50 30.44
CA ASP E 516 -31.16 -2.56 29.02
C ASP E 516 -31.94 -1.48 28.29
N ARG E 517 -33.18 -1.24 28.71
CA ARG E 517 -34.03 -0.22 28.09
C ARG E 517 -33.60 1.17 28.52
N LEU E 518 -33.20 1.32 29.79
CA LEU E 518 -32.68 2.61 30.26
C LEU E 518 -31.46 3.03 29.47
N CYS E 519 -30.54 2.10 29.23
CA CYS E 519 -29.32 2.44 28.52
C CYS E 519 -29.57 2.61 27.03
N LEU E 520 -30.58 1.93 26.48
CA LEU E 520 -30.99 2.19 25.10
C LEU E 520 -31.32 3.66 24.91
N MET E 521 -32.20 4.20 25.76
CA MET E 521 -32.58 5.61 25.66
C MET E 521 -31.38 6.52 25.92
N ALA E 522 -30.61 6.22 26.97
CA ALA E 522 -29.47 7.07 27.33
C ALA E 522 -28.42 7.09 26.23
N PHE E 523 -28.07 5.92 25.69
CA PHE E 523 -27.07 5.87 24.64
C PHE E 523 -27.60 6.46 23.34
N SER E 524 -28.90 6.26 23.05
CA SER E 524 -29.49 6.84 21.86
C SER E 524 -29.45 8.36 21.91
N VAL E 525 -29.88 8.95 23.02
CA VAL E 525 -29.87 10.41 23.15
C VAL E 525 -28.44 10.91 23.12
N PHE E 526 -27.56 10.27 23.90
CA PHE E 526 -26.18 10.71 23.99
C PHE E 526 -25.48 10.56 22.64
N THR E 527 -25.83 9.51 21.88
CA THR E 527 -25.29 9.33 20.54
C THR E 527 -25.68 10.51 19.66
N ILE E 528 -26.96 10.90 19.70
CA ILE E 528 -27.44 12.01 18.88
C ILE E 528 -26.74 13.32 19.23
N ILE E 529 -26.64 13.63 20.52
CA ILE E 529 -26.06 14.89 20.95
C ILE E 529 -24.59 14.97 20.53
N CYS E 530 -23.83 13.89 20.77
CA CYS E 530 -22.42 13.91 20.41
C CYS E 530 -22.23 14.01 18.90
N THR E 531 -23.02 13.25 18.13
CA THR E 531 -22.97 13.37 16.67
C THR E 531 -23.29 14.79 16.23
N ILE E 532 -24.42 15.33 16.69
CA ILE E 532 -24.83 16.66 16.27
C ILE E 532 -23.88 17.70 16.85
N GLY E 533 -23.51 17.57 18.12
CA GLY E 533 -22.67 18.58 18.75
C GLY E 533 -21.26 18.64 18.17
N ILE E 534 -20.63 17.48 17.97
CA ILE E 534 -19.28 17.48 17.41
C ILE E 534 -19.29 18.00 15.99
N LEU E 535 -20.25 17.55 15.16
CA LEU E 535 -20.28 17.98 13.77
C LEU E 535 -20.54 19.48 13.65
N MET E 536 -21.57 19.99 14.34
CA MET E 536 -21.91 21.39 14.20
C MET E 536 -20.93 22.33 14.89
N SER E 537 -20.05 21.81 15.75
CA SER E 537 -18.99 22.66 16.30
C SER E 537 -18.05 23.18 15.22
N ALA E 538 -18.01 22.54 14.05
CA ALA E 538 -17.18 23.03 12.96
C ALA E 538 -17.76 24.33 12.41
N PRO E 539 -16.96 25.39 12.23
CA PRO E 539 -17.52 26.63 11.68
C PRO E 539 -18.14 26.48 10.29
N ASN E 540 -17.63 25.56 9.47
CA ASN E 540 -18.05 25.42 8.08
C ASN E 540 -19.08 24.31 7.87
N PHE E 541 -19.63 23.74 8.95
CA PHE E 541 -20.60 22.65 8.78
C PHE E 541 -21.86 23.14 8.07
N VAL E 542 -22.39 24.28 8.50
CA VAL E 542 -23.62 24.81 7.90
C VAL E 542 -23.40 25.13 6.43
N GLU E 543 -22.27 25.76 6.12
CA GLU E 543 -21.94 26.05 4.73
C GLU E 543 -21.80 24.76 3.92
N ALA E 544 -21.17 23.75 4.49
CA ALA E 544 -20.93 22.51 3.78
C ALA E 544 -22.23 21.81 3.38
N VAL E 545 -23.16 21.69 4.33
CA VAL E 545 -24.41 21.00 4.04
C VAL E 545 -25.23 21.77 3.01
N SER E 546 -25.18 23.10 3.05
CA SER E 546 -25.96 23.90 2.09
C SER E 546 -25.38 23.81 0.68
N LYS E 547 -24.05 23.70 0.55
CA LYS E 547 -23.41 23.75 -0.76
C LYS E 547 -23.18 22.37 -1.36
N ASP E 548 -22.89 21.36 -0.55
CA ASP E 548 -22.56 20.03 -1.03
C ASP E 548 -23.71 19.05 -0.94
N PHE E 549 -24.62 19.24 0.01
CA PHE E 549 -25.77 18.36 0.20
C PHE E 549 -27.05 19.04 -0.24
C1 NAG F . 31.36 42.69 0.63
C2 NAG F . 31.57 44.02 1.32
C3 NAG F . 32.34 43.83 2.63
C4 NAG F . 31.71 42.73 3.48
C5 NAG F . 31.57 41.46 2.66
C6 NAG F . 30.89 40.35 3.41
C7 NAG F . 31.68 45.93 -0.19
C8 NAG F . 30.21 46.08 0.05
N2 NAG F . 32.28 44.96 0.49
O3 NAG F . 32.37 45.06 3.34
O4 NAG F . 32.58 42.46 4.58
O5 NAG F . 30.75 41.75 1.50
O6 NAG F . 29.59 40.75 3.82
O7 NAG F . 32.29 46.64 -0.98
H2 NAG F . 30.70 44.39 1.53
H3 NAG F . 33.25 43.55 2.42
H4 NAG F . 30.84 43.02 3.79
H5 NAG F . 32.47 41.18 2.42
H61 NAG F . 31.42 40.10 4.18
H62 NAG F . 30.83 39.56 2.84
H81 NAG F . 29.87 46.81 -0.49
H82 NAG F . 30.06 46.28 1.00
H83 NAG F . 29.76 45.27 -0.18
HN2 NAG F . 33.14 44.90 0.43
HO3 NAG F . 32.72 45.65 2.85
HO6 NAG F . 29.23 40.12 4.23
C1 NAG F . 31.88 42.71 5.80
C2 NAG F . 32.54 41.88 6.89
C3 NAG F . 31.86 42.13 8.23
C4 NAG F . 31.79 43.61 8.53
C5 NAG F . 31.14 44.34 7.36
C6 NAG F . 31.14 45.84 7.54
C7 NAG F . 33.58 39.82 6.10
C8 NAG F . 34.82 40.64 5.94
N2 NAG F . 32.52 40.47 6.57
O3 NAG F . 32.59 41.45 9.24
O4 NAG F . 30.95 43.79 9.68
O5 NAG F . 31.91 44.08 6.17
O6 NAG F . 32.45 46.32 7.79
O7 NAG F . 33.55 38.62 5.82
H2 NAG F . 33.48 42.15 6.95
H3 NAG F . 30.96 41.79 8.20
H4 NAG F . 32.67 43.97 8.68
H5 NAG F . 30.22 44.03 7.30
H61 NAG F . 30.55 46.08 8.28
H62 NAG F . 30.78 46.27 6.75
H81 NAG F . 35.53 40.07 5.60
H82 NAG F . 35.08 41.00 6.81
H83 NAG F . 34.64 41.36 5.32
HN2 NAG F . 31.78 40.02 6.68
HO3 NAG F . 32.63 40.62 9.06
HO6 NAG F . 32.43 47.16 7.88
C1 BMA F . 31.66 44.39 10.80
C2 BMA F . 30.73 45.25 11.63
C3 BMA F . 31.47 45.90 12.77
C4 BMA F . 32.26 44.87 13.57
C5 BMA F . 33.14 44.05 12.65
C6 BMA F . 33.85 42.93 13.36
O2 BMA F . 29.64 44.45 12.09
O3 BMA F . 30.53 46.56 13.63
O4 BMA F . 33.08 45.53 14.53
O5 BMA F . 32.31 43.43 11.64
O6 BMA F . 32.93 41.99 13.89
H2 BMA F . 30.37 45.95 11.06
H3 BMA F . 32.09 46.55 12.42
H4 BMA F . 31.63 44.29 14.02
H5 BMA F . 33.80 44.65 12.27
H61 BMA F . 34.40 43.29 14.07
H62 BMA F . 34.46 42.49 12.75
HO2 BMA F . 29.12 44.94 12.55
HO3 BMA F . 30.94 46.92 14.26
HO4 BMA F . 33.51 44.95 14.96
HO6 BMA F . 33.35 41.37 14.28
C1 NAG G . 52.06 32.14 0.53
C2 NAG G . 53.25 33.10 0.48
C3 NAG G . 54.50 32.42 1.03
C4 NAG G . 54.22 31.78 2.38
C5 NAG G . 53.02 30.85 2.27
C6 NAG G . 52.63 30.23 3.58
C7 NAG G . 53.36 34.86 -1.21
C8 NAG G . 53.51 35.17 -2.66
N2 NAG G . 53.48 33.57 -0.87
O3 NAG G . 55.53 33.40 1.09
O4 NAG G . 55.36 31.02 2.77
O5 NAG G . 51.88 31.62 1.83
O6 NAG G . 51.37 29.57 3.47
O7 NAG G . 53.14 35.72 -0.36
H2 NAG G . 53.03 33.87 1.03
H3 NAG G . 54.78 31.70 0.43
H4 NAG G . 54.04 32.48 3.03
H5 NAG G . 53.28 30.15 1.66
H61 NAG G . 52.58 30.91 4.27
H62 NAG G . 53.30 29.59 3.86
H81 NAG G . 53.40 36.12 -2.79
H82 NAG G . 52.83 34.69 -3.15
H83 NAG G . 54.39 34.90 -2.96
HN2 NAG G . 53.72 33.01 -1.47
HO3 NAG G . 55.64 33.73 0.33
HO6 NAG G . 51.16 29.22 4.20
C1 NAG G . 56.12 31.61 3.86
C2 NAG G . 56.66 30.51 4.78
C3 NAG G . 57.49 31.14 5.91
C4 NAG G . 58.56 32.07 5.34
C5 NAG G . 57.90 33.10 4.43
C6 NAG G . 58.89 34.01 3.76
C7 NAG G . 55.35 28.48 4.87
C8 NAG G . 54.58 27.56 5.79
N2 NAG G . 55.61 29.69 5.33
O3 NAG G . 58.07 30.10 6.68
O4 NAG G . 59.21 32.74 6.41
O5 NAG G . 57.19 32.41 3.39
O6 NAG G . 59.68 33.28 2.80
O7 NAG G . 55.69 28.12 3.75
H2 NAG G . 57.23 29.94 4.24
H3 NAG G . 56.91 31.67 6.47
H4 NAG G . 59.20 31.54 4.84
H5 NAG G . 57.32 33.63 4.99
H61 NAG G . 59.48 34.41 4.41
H62 NAG G . 58.43 34.73 3.30
H81 NAG G . 54.45 26.71 5.35
H82 NAG G . 53.73 27.97 6.00
H83 NAG G . 55.10 27.44 6.60
HN2 NAG G . 55.15 30.00 5.99
HO3 NAG G . 57.47 29.61 6.99
HO4 NAG G . 59.58 32.18 6.91
HO6 NAG G . 60.22 33.80 2.43
C1 NAG H . 51.30 11.38 -6.61
C2 NAG H . 52.64 11.42 -5.88
C3 NAG H . 53.27 10.04 -5.84
C4 NAG H . 52.28 8.99 -5.35
C5 NAG H . 51.01 9.06 -6.17
C6 NAG H . 49.95 8.10 -5.69
C7 NAG H . 53.77 13.58 -6.02
C8 NAG H . 53.11 13.90 -4.73
N2 NAG H . 53.56 12.35 -6.49
O3 NAG H . 54.42 10.07 -5.01
O4 NAG H . 52.87 7.70 -5.51
O5 NAG H . 50.46 10.38 -6.05
O6 NAG H . 49.61 8.37 -4.34
O7 NAG H . 54.47 14.39 -6.62
H2 NAG H . 52.46 11.72 -4.97
H3 NAG H . 53.53 9.78 -6.75
H4 NAG H . 52.08 9.15 -4.42
H5 NAG H . 51.25 8.83 -7.08
H61 NAG H . 50.27 7.19 -5.78
H62 NAG H . 49.16 8.18 -6.26
H81 NAG H . 53.32 14.82 -4.48
H82 NAG H . 53.42 13.29 -4.04
H83 NAG H . 52.15 13.82 -4.82
HN2 NAG H . 53.99 12.10 -7.19
HO3 NAG H . 54.96 10.66 -5.30
HO6 NAG H . 49.02 7.83 -4.08
C1 NAG H . 52.97 7.06 -4.24
C2 NAG H . 52.99 5.55 -4.49
C3 NAG H . 53.14 4.81 -3.17
C4 NAG H . 54.32 5.34 -2.36
C5 NAG H . 54.20 6.85 -2.22
C6 NAG H . 55.40 7.46 -1.54
C7 NAG H . 51.80 4.82 -6.49
C8 NAG H . 53.12 4.99 -7.19
N2 NAG H . 51.80 5.10 -5.19
O3 NAG H . 53.30 3.41 -3.44
O4 NAG H . 54.26 4.76 -1.06
O5 NAG H . 54.14 7.44 -3.54
O6 NAG H . 56.59 7.10 -2.21
O7 NAG H . 50.79 4.47 -7.08
H2 NAG H . 53.76 5.35 -5.05
H3 NAG H . 52.33 4.94 -2.64
H4 NAG H . 55.14 5.13 -2.82
H5 NAG H . 53.41 7.03 -1.69
H61 NAG H . 55.43 7.16 -0.62
H62 NAG H . 55.31 8.43 -1.52
H81 NAG H . 53.00 4.76 -8.13
H82 NAG H . 53.77 4.40 -6.79
H83 NAG H . 53.41 5.90 -7.11
HN2 NAG H . 51.08 5.02 -4.75
HO3 NAG H . 52.64 3.13 -3.88
HO6 NAG H . 57.26 7.45 -1.82
C1 BMA H . 55.43 3.94 -0.77
C2 BMA H . 55.76 3.99 0.70
C3 BMA H . 56.99 3.17 1.02
C4 BMA H . 56.87 1.76 0.44
C5 BMA H . 56.51 1.82 -1.04
C6 BMA H . 56.25 0.46 -1.62
O2 BMA H . 54.64 3.55 1.47
O3 BMA H . 57.18 3.11 2.44
O4 BMA H . 58.10 1.07 0.59
O5 BMA H . 55.29 2.58 -1.18
O6 BMA H . 55.13 -0.16 -1.02
H2 BMA H . 55.95 4.91 0.95
H3 BMA H . 57.76 3.60 0.61
H4 BMA H . 56.17 1.30 0.92
H5 BMA H . 57.26 2.23 -1.49
H61 BMA H . 57.03 -0.09 -1.51
H62 BMA H . 56.09 0.55 -2.58
HO2 BMA H . 54.83 3.58 2.28
HO3 BMA H . 57.86 2.65 2.60
HO4 BMA H . 58.03 0.29 0.28
HO6 BMA H . 55.00 -0.91 -1.36
C1 NAG I . 55.22 -0.25 -26.34
C2 NAG I . 56.64 -0.09 -26.88
C3 NAG I . 56.97 -1.25 -27.81
C4 NAG I . 56.68 -2.59 -27.12
C5 NAG I . 55.24 -2.60 -26.64
C6 NAG I . 54.86 -3.85 -25.89
C7 NAG I . 57.61 2.12 -27.18
C8 NAG I . 57.57 3.40 -27.95
N2 NAG I . 56.79 1.16 -27.60
O3 NAG I . 58.35 -1.14 -28.15
O4 NAG I . 56.85 -3.64 -28.06
O5 NAG I . 55.05 -1.51 -25.72
O6 NAG I . 53.59 -3.70 -25.26
O7 NAG I . 58.38 1.95 -26.23
H2 NAG I . 57.24 -0.08 -26.14
H3 NAG I . 56.44 -1.24 -28.60
H4 NAG I . 57.28 -2.70 -26.37
H5 NAG I . 54.68 -2.53 -27.44
H61 NAG I . 55.53 -4.05 -25.23
H62 NAG I . 54.83 -4.61 -26.50
H81 NAG I . 58.21 4.02 -27.56
H82 NAG I . 56.68 3.77 -27.89
H83 NAG I . 57.79 3.23 -28.87
HN2 NAG I . 56.33 1.29 -28.31
HO3 NAG I . 58.48 -0.40 -28.53
HO6 NAG I . 53.40 -4.41 -24.84
C1 NAG I . 58.04 -4.46 -27.82
C2 NAG I . 57.75 -5.92 -28.18
C3 NAG I . 59.00 -6.76 -27.96
C4 NAG I . 60.19 -6.16 -28.70
C5 NAG I . 60.36 -4.72 -28.28
C6 NAG I . 61.47 -4.01 -29.04
C7 NAG I . 55.43 -6.61 -27.94
C8 NAG I . 54.53 -7.58 -27.22
N2 NAG I . 56.64 -6.46 -27.41
O3 NAG I . 58.75 -8.09 -28.39
O4 NAG I . 61.37 -6.89 -28.36
O5 NAG I . 59.15 -3.99 -28.57
O6 NAG I . 61.12 -3.86 -30.42
O7 NAG I . 55.07 -5.99 -28.94
H2 NAG I . 57.50 -5.94 -29.12
H3 NAG I . 59.22 -6.77 -27.01
H4 NAG I . 60.03 -6.22 -29.66
H5 NAG I . 60.58 -4.72 -27.34
H61 NAG I . 62.29 -4.53 -28.97
H62 NAG I . 61.63 -3.14 -28.64
H81 NAG I . 53.68 -7.61 -27.69
H82 NAG I . 54.40 -7.28 -26.31
H83 NAG I . 54.95 -8.46 -27.24
HN2 NAG I . 56.77 -6.69 -26.60
HO3 NAG I . 58.09 -8.41 -27.97
HO4 NAG I . 61.28 -7.69 -28.59
HO6 NAG I . 61.74 -3.46 -30.82
C1 NAG J . 36.93 -4.74 -37.67
C2 NAG J . 37.94 -5.72 -38.27
C3 NAG J . 37.24 -6.64 -39.27
C4 NAG J . 35.99 -7.26 -38.67
C5 NAG J . 35.08 -6.18 -38.12
C6 NAG J . 33.86 -6.71 -37.44
C7 NAG J . 40.22 -4.87 -38.36
C8 NAG J . 40.43 -5.54 -37.04
N2 NAG J . 39.03 -5.04 -38.93
O3 NAG J . 38.16 -7.65 -39.68
O4 NAG J . 35.29 -7.96 -39.70
O5 NAG J . 35.81 -5.43 -37.12
O6 NAG J . 34.22 -7.57 -36.37
O7 NAG J . 41.09 -4.19 -38.89
H2 NAG J . 38.30 -6.25 -37.54
H3 NAG J . 36.96 -6.12 -40.04
H4 NAG J . 36.24 -7.87 -37.96
H5 NAG J . 34.82 -5.63 -38.88
H61 NAG J . 33.32 -7.20 -38.08
H62 NAG J . 33.32 -5.98 -37.11
H81 NAG J . 41.31 -5.36 -36.72
H82 NAG J . 40.30 -6.50 -37.16
H83 NAG J . 39.77 -5.21 -36.41
HN2 NAG J . 38.90 -4.74 -39.71
HO3 NAG J . 38.84 -7.29 -40.00
HO6 NAG J . 33.52 -7.86 -35.99
C1 NAG J . 35.19 -9.34 -39.35
C2 NAG J . 33.97 -9.92 -40.09
C3 NAG J . 33.83 -11.39 -39.79
C4 NAG J . 35.14 -12.14 -40.04
C5 NAG J . 36.27 -11.46 -39.28
C6 NAG J . 37.62 -12.07 -39.58
C7 NAG J . 32.22 -8.30 -40.54
C8 NAG J . 32.92 -8.06 -41.84
N2 NAG J . 32.76 -9.21 -39.73
O3 NAG J . 32.79 -11.92 -40.60
O4 NAG J . 34.99 -13.46 -39.54
O5 NAG J . 36.35 -10.08 -39.71
O6 NAG J . 37.86 -12.08 -40.98
O7 NAG J . 31.19 -7.69 -40.24
H2 NAG J . 34.12 -9.79 -41.05
H3 NAG J . 33.60 -11.52 -38.85
H4 NAG J . 35.33 -12.14 -40.98
H5 NAG J . 36.08 -11.55 -38.34
H61 NAG J . 37.65 -12.97 -39.24
H62 NAG J . 38.32 -11.57 -39.13
H81 NAG J . 32.43 -7.38 -42.34
H82 NAG J . 32.95 -8.88 -42.34
H83 NAG J . 33.81 -7.75 -41.66
HN2 NAG J . 32.38 -9.38 -38.99
HO3 NAG J . 32.08 -11.50 -40.44
HO6 NAG J . 38.62 -12.42 -41.14
C1 BMA J . 35.12 -14.47 -40.57
C2 BMA J . 35.73 -15.74 -40.02
C3 BMA J . 35.91 -16.79 -41.10
C4 BMA J . 34.60 -16.99 -41.86
C5 BMA J . 34.05 -15.67 -42.35
C6 BMA J . 32.70 -15.79 -43.00
O2 BMA J . 34.94 -16.23 -38.94
O3 BMA J . 36.33 -18.02 -40.51
O4 BMA J . 34.81 -17.84 -42.98
O5 BMA J . 33.87 -14.79 -41.23
O6 BMA J . 31.72 -16.25 -42.07
H2 BMA J . 36.62 -15.53 -39.67
H3 BMA J . 36.57 -16.48 -41.73
H4 BMA J . 33.96 -17.40 -41.25
H5 BMA J . 34.68 -15.32 -43.00
H61 BMA J . 32.75 -16.41 -43.74
H62 BMA J . 32.42 -14.93 -43.36
HO2 BMA J . 35.29 -16.93 -38.64
HO3 BMA J . 36.42 -18.59 -41.11
HO4 BMA J . 34.09 -17.95 -43.39
HO6 BMA J . 30.98 -16.31 -42.45
C1 NAG K . 25.14 4.11 -55.63
C2 NAG K . 25.95 4.20 -56.92
C3 NAG K . 25.01 4.23 -58.12
C4 NAG K . 23.99 3.11 -58.06
C5 NAG K . 23.26 3.16 -56.72
C6 NAG K . 22.27 2.03 -56.52
C7 NAG K . 28.14 5.24 -56.96
C8 NAG K . 28.91 6.52 -56.82
N2 NAG K . 26.81 5.34 -56.93
O3 NAG K . 25.82 4.16 -59.29
O4 NAG K . 23.04 3.29 -59.10
O5 NAG K . 24.23 3.03 -55.66
O6 NAG K . 21.82 2.00 -55.18
O7 NAG K . 28.70 4.15 -57.09
H2 NAG K . 26.51 3.40 -56.98
H3 NAG K . 24.50 5.05 -58.13
H4 NAG K . 24.44 2.26 -58.15
H5 NAG K . 22.78 4.00 -56.70
H61 NAG K . 22.69 1.19 -56.76
H62 NAG K . 21.53 2.16 -57.13
H81 NAG K . 29.86 6.32 -56.86
H82 NAG K . 28.69 6.93 -55.98
H83 NAG K . 28.67 7.11 -57.56
HN2 NAG K . 26.46 6.13 -56.92
HO3 NAG K . 26.36 4.79 -59.29
HO6 NAG K . 21.27 1.37 -55.09
C1 NAG K . 23.16 2.32 -60.18
C2 NAG K . 21.77 1.95 -60.72
C3 NAG K . 21.90 0.96 -61.87
C4 NAG K . 22.87 1.49 -62.93
C5 NAG K . 24.20 1.84 -62.28
C6 NAG K . 25.18 2.47 -63.23
C7 NAG K . 19.95 2.12 -59.11
C8 NAG K . 18.86 1.34 -58.44
N2 NAG K . 20.92 1.41 -59.69
O3 NAG K . 20.62 0.72 -62.43
O4 NAG K . 23.09 0.49 -63.91
O5 NAG K . 23.97 2.80 -61.23
O6 NAG K . 24.75 3.76 -63.64
O7 NAG K . 19.96 3.35 -59.13
H2 NAG K . 21.36 2.77 -61.04
H3 NAG K . 22.27 0.12 -61.54
H4 NAG K . 22.48 2.28 -63.34
H5 NAG K . 24.57 1.01 -61.94
H61 NAG K . 25.29 1.90 -64.01
H62 NAG K . 26.05 2.53 -62.81
H81 NAG K . 18.22 1.96 -58.06
H82 NAG K . 19.25 0.79 -57.75
H83 NAG K . 18.42 0.77 -59.10
HN2 NAG K . 21.02 0.59 -59.45
HO3 NAG K . 20.11 0.42 -61.84
HO4 NAG K . 22.35 0.30 -64.29
HO6 NAG K . 25.31 4.09 -64.18
C1 NAG L . 8.08 16.62 -49.64
C2 NAG L . 7.76 16.30 -51.10
C3 NAG L . 6.39 16.85 -51.47
C4 NAG L . 5.34 16.44 -50.44
C5 NAG L . 5.79 16.83 -49.05
C6 NAG L . 4.83 16.39 -47.97
C7 NAG L . 9.72 16.10 -52.53
C8 NAG L . 9.67 14.63 -52.24
N2 NAG L . 8.75 16.83 -52.00
O3 NAG L . 6.04 16.39 -52.76
O4 NAG L . 4.13 17.14 -50.75
O5 NAG L . 7.04 16.18 -48.78
O6 NAG L . 4.66 14.97 -48.00
O7 NAG L . 10.62 16.60 -53.20
H2 NAG L . 7.75 15.34 -51.18
H3 NAG L . 6.42 17.82 -51.45
H4 NAG L . 5.19 15.48 -50.49
H5 NAG L . 5.85 17.80 -49.03
H61 NAG L . 3.98 16.82 -48.10
H62 NAG L . 5.17 16.67 -47.10
H81 NAG L . 10.41 14.20 -52.67
H82 NAG L . 8.83 14.27 -52.59
H83 NAG L . 9.70 14.49 -51.28
HN2 NAG L . 8.71 17.67 -52.20
HO3 NAG L . 6.64 16.63 -53.31
HO6 NAG L . 4.13 14.74 -47.40
C1 NAG L . 3.09 16.19 -51.02
C2 NAG L . 1.75 16.87 -50.71
C3 NAG L . 0.59 15.92 -51.02
C4 NAG L . 0.73 15.35 -52.42
C5 NAG L . 2.11 14.74 -52.61
C6 NAG L . 2.34 14.26 -54.03
C7 NAG L . 1.85 18.60 -49.00
C8 NAG L . 2.11 19.54 -50.12
N2 NAG L . 1.68 17.32 -49.34
O3 NAG L . -0.63 16.63 -50.87
O4 NAG L . -0.25 14.32 -52.58
O5 NAG L . 3.10 15.75 -52.36
O6 NAG L . 2.12 15.31 -54.96
O7 NAG L . 1.80 18.97 -47.83
H2 NAG L . 1.68 17.66 -51.28
H3 NAG L . 0.62 15.18 -50.40
H4 NAG L . 0.59 16.05 -53.08
H5 NAG L . 2.17 13.99 -52.01
H61 NAG L . 1.75 13.51 -54.22
H62 NAG L . 3.25 13.93 -54.11
H81 NAG L . 2.22 20.44 -49.77
H82 NAG L . 1.36 19.53 -50.74
H83 NAG L . 2.92 19.27 -50.59
HN2 NAG L . 1.52 16.74 -48.73
HO3 NAG L . -0.68 16.93 -50.09
HO6 NAG L . 2.25 15.03 -55.74
C1 BMA L . -1.22 14.61 -53.60
C2 BMA L . -1.70 13.33 -54.27
C3 BMA L . -2.69 13.62 -55.38
C4 BMA L . -3.80 14.53 -54.88
C5 BMA L . -3.22 15.77 -54.21
C6 BMA L . -4.28 16.65 -53.59
O2 BMA L . -2.26 12.46 -53.29
O3 BMA L . -3.23 12.40 -55.87
O4 BMA L . -4.61 14.94 -55.98
O5 BMA L . -2.35 15.36 -53.14
O6 BMA L . -4.96 15.97 -52.53
H2 BMA L . -0.93 12.90 -54.67
H3 BMA L . -2.22 14.08 -56.10
H4 BMA L . -4.33 14.04 -54.24
H5 BMA L . -2.76 16.27 -54.91
H61 BMA L . -4.91 16.93 -54.26
H62 BMA L . -3.87 17.46 -53.24
HO2 BMA L . -2.52 11.75 -53.66
HO3 BMA L . -3.78 12.56 -56.49
HO4 BMA L . -5.23 15.44 -55.69
HO6 BMA L . -5.54 16.48 -52.21
C1 NAG M . 3.38 39.20 -46.86
C2 NAG M . 3.57 40.04 -48.12
C3 NAG M . 2.75 41.32 -48.04
C4 NAG M . 1.31 41.01 -47.67
C5 NAG M . 1.27 40.18 -46.39
C6 NAG M . -0.13 39.77 -45.99
C7 NAG M . 5.65 39.92 -49.38
C8 NAG M . 7.12 40.22 -49.39
N2 NAG M . 4.96 40.37 -48.33
O3 NAG M . 2.85 41.97 -49.29
O4 NAG M . 0.61 42.23 -47.44
O5 NAG M . 2.00 38.96 -46.61
O6 NAG M . -0.07 38.80 -44.94
O7 NAG M . 5.10 39.31 -50.29
H2 NAG M . 3.27 39.51 -48.88
H3 NAG M . 3.09 41.90 -47.33
H4 NAG M . 0.89 40.52 -48.40
H5 NAG M . 1.64 40.74 -45.70
H61 NAG M . -0.59 39.39 -46.75
H62 NAG M . -0.62 40.54 -45.69
H81 NAG M . 7.51 39.86 -50.19
H82 NAG M . 7.52 39.81 -48.61
H83 NAG M . 7.24 41.18 -49.36
HN2 NAG M . 5.37 40.85 -47.74
HO3 NAG M . 3.66 42.13 -49.46
HO6 NAG M . -0.86 38.58 -44.72
C1 NAG M . -0.35 42.58 -48.48
C2 NAG M . -1.57 43.25 -47.88
C3 NAG M . -2.56 43.65 -48.97
C4 NAG M . -1.86 44.47 -50.04
C5 NAG M . -0.64 43.70 -50.56
C6 NAG M . 0.16 44.49 -51.57
C7 NAG M . -2.09 42.61 -45.58
C8 NAG M . -3.14 42.01 -44.71
N2 NAG M . -2.23 42.42 -46.88
O3 NAG M . -3.64 44.37 -48.39
O4 NAG M . -2.76 44.70 -51.13
O5 NAG M . 0.23 43.43 -49.45
O6 NAG M . 0.79 45.61 -50.95
O7 NAG M . -1.14 43.24 -45.12
H2 NAG M . -1.27 44.05 -47.41
H3 NAG M . -2.91 42.85 -49.39
H4 NAG M . -1.57 45.32 -49.67
H5 NAG M . -0.99 42.91 -50.98
H61 NAG M . -0.42 44.80 -52.28
H62 NAG M . 0.82 43.92 -51.98
H81 NAG M . -2.94 42.21 -43.78
H82 NAG M . -3.15 41.04 -44.85
H83 NAG M . -4.00 42.39 -44.95
HN2 NAG M . -2.72 41.77 -47.16
HO3 NAG M . -4.00 43.90 -47.80
HO4 NAG M . -3.44 45.12 -50.85
HO6 NAG M . 1.24 46.03 -51.53
C1 NAG N . 4.65 45.93 -25.96
C2 NAG N . 3.83 47.04 -26.62
C3 NAG N . 3.37 48.04 -25.56
C4 NAG N . 2.69 47.34 -24.40
C5 NAG N . 3.62 46.26 -23.85
C6 NAG N . 3.00 45.46 -22.72
C7 NAG N . 4.45 47.48 -28.94
C8 NAG N . 3.36 46.54 -29.31
N2 NAG N . 4.59 47.73 -27.64
O3 NAG N . 2.46 48.96 -26.18
O4 NAG N . 2.46 48.30 -23.37
O5 NAG N . 3.92 45.33 -24.90
O6 NAG N . 1.81 44.83 -23.16
O7 NAG N . 5.18 48.01 -29.77
H2 NAG N . 3.06 46.63 -27.03
H3 NAG N . 4.12 48.52 -25.21
H4 NAG N . 1.87 46.93 -24.69
H5 NAG N . 4.41 46.72 -23.51
H61 NAG N . 2.81 46.05 -21.98
H62 NAG N . 3.64 44.81 -22.41
H81 NAG N . 3.35 46.43 -30.27
H82 NAG N . 2.51 46.90 -29.00
H83 NAG N . 3.53 45.68 -28.89
HN2 NAG N . 5.15 48.33 -27.39
HO3 NAG N . 2.86 49.34 -26.82
HO6 NAG N . 1.48 44.39 -22.53
C1 NAG N . 1.05 48.36 -23.11
C2 NAG N . 0.88 48.87 -21.68
C3 NAG N . -0.61 49.00 -21.34
C4 NAG N . -1.35 49.80 -22.41
C5 NAG N . -1.05 49.22 -23.79
C6 NAG N . -1.65 50.04 -24.90
C7 NAG N . 2.70 48.33 -20.16
C8 NAG N . 3.30 49.63 -20.58
N2 NAG N . 1.53 48.01 -20.72
O3 NAG N . -0.74 49.61 -20.06
O4 NAG N . -2.74 49.70 -22.16
O5 NAG N . 0.36 49.22 -24.00
O6 NAG N . -1.23 51.39 -24.82
O7 NAG N . 3.26 47.59 -19.37
H2 NAG N . 1.29 49.75 -21.61
H3 NAG N . -1.01 48.12 -21.32
H4 NAG N . -1.05 50.73 -22.39
H5 NAG N . -1.44 48.33 -23.80
H61 NAG N . -2.62 50.00 -24.85
H62 NAG N . -1.40 49.67 -25.76
H81 NAG N . 4.14 49.76 -20.13
H82 NAG N . 2.69 50.35 -20.36
H83 NAG N . 3.44 49.62 -21.55
HN2 NAG N . 1.16 47.27 -20.50
HO3 NAG N . -0.33 49.15 -19.49
HO6 NAG N . -1.57 51.85 -25.44
C1 BMA N . -3.36 50.98 -21.85
C2 BMA N . -4.78 51.02 -22.35
C3 BMA N . -5.42 52.37 -22.09
C4 BMA N . -5.24 52.77 -20.63
C5 BMA N . -3.78 52.67 -20.22
C6 BMA N . -3.55 52.94 -18.75
O2 BMA N . -5.53 49.96 -21.75
O3 BMA N . -6.81 52.31 -22.41
O4 BMA N . -5.68 54.10 -20.43
O5 BMA N . -3.31 51.33 -20.47
O6 BMA N . -4.21 51.96 -17.95
H2 BMA N . -4.78 50.89 -23.31
H3 BMA N . -4.99 53.04 -22.64
H4 BMA N . -5.77 52.16 -20.08
H5 BMA N . -3.30 53.34 -20.74
H61 BMA N . -3.89 53.82 -18.53
H62 BMA N . -2.61 52.94 -18.57
HO2 BMA N . -6.32 49.99 -22.03
HO3 BMA N . -7.16 53.05 -22.26
HO4 BMA N . -5.59 54.32 -19.62
HO6 BMA N . -4.06 52.13 -17.14
C1 NAG O . 20.03 56.53 -12.14
C2 NAG O . 20.46 57.90 -12.63
C3 NAG O . 20.98 58.73 -11.47
C4 NAG O . 19.99 58.73 -10.30
C5 NAG O . 19.66 57.29 -9.92
C6 NAG O . 18.64 57.19 -8.83
C7 NAG O . 21.24 58.23 -14.91
C8 NAG O . 22.33 57.92 -15.90
N2 NAG O . 21.46 57.81 -13.66
O3 NAG O . 21.22 60.05 -11.95
O4 NAG O . 20.59 59.38 -9.19
O5 NAG O . 19.10 56.63 -11.07
O6 NAG O . 18.20 55.83 -8.68
O7 NAG O . 20.21 58.82 -15.21
H2 NAG O . 19.68 58.34 -13.01
H3 NAG O . 21.81 58.36 -11.12
H4 NAG O . 19.18 59.20 -10.57
H5 NAG O . 20.49 56.90 -9.61
H61 NAG O . 17.88 57.76 -9.02
H62 NAG O . 19.03 57.49 -7.98
H81 NAG O . 22.07 58.28 -16.76
H82 NAG O . 22.45 56.96 -15.95
H83 NAG O . 23.15 58.35 -15.60
HN2 NAG O . 22.22 57.46 -13.47
HO3 NAG O . 21.76 60.02 -12.59
HO6 NAG O . 17.63 55.79 -8.07
C1 NAG O . 20.03 60.68 -8.89
C2 NAG O . 20.00 60.91 -7.37
C3 NAG O . 19.44 62.29 -7.06
C4 NAG O . 20.21 63.36 -7.84
C5 NAG O . 20.19 63.02 -9.33
C6 NAG O . 21.00 63.98 -10.15
C7 NAG O . 19.79 58.89 -6.01
C8 NAG O . 18.93 58.21 -5.00
N2 NAG O . 19.23 59.90 -6.68
O3 NAG O . 19.51 62.53 -5.67
O4 NAG O . 19.57 64.63 -7.65
O5 NAG O . 20.76 61.72 -9.51
O6 NAG O . 22.39 63.86 -9.87
O7 NAG O . 20.95 58.55 -6.24
H2 NAG O . 20.91 60.85 -7.05
H3 NAG O . 18.51 62.34 -7.34
H4 NAG O . 21.12 63.41 -7.52
H5 NAG O . 19.26 63.07 -9.60
H61 NAG O . 20.71 64.90 -9.98
H62 NAG O . 20.84 63.82 -11.10
H81 NAG O . 19.45 57.50 -4.58
H82 NAG O . 18.15 57.84 -5.43
H83 NAG O . 18.66 58.87 -4.33
HN2 NAG O . 18.37 59.95 -6.71
HO3 NAG O . 19.09 61.93 -5.25
HO4 NAG O . 19.58 64.82 -6.83
HO6 NAG O . 22.82 64.40 -10.35
CA CA P . 7.84 10.86 11.32
C1 NAG Q . 38.78 54.06 -7.23
C2 NAG Q . 40.23 54.32 -6.86
C3 NAG Q . 40.42 55.78 -6.44
C4 NAG Q . 39.89 56.71 -7.51
C5 NAG Q . 38.44 56.35 -7.82
C6 NAG Q . 37.85 57.16 -8.95
C7 NAG Q . 41.22 52.24 -6.08
C8 NAG Q . 40.50 51.05 -5.53
N2 NAG Q . 40.67 53.43 -5.81
O3 NAG Q . 41.80 56.02 -6.20
O4 NAG Q . 39.93 58.06 -7.03
O5 NAG Q . 38.38 54.98 -8.24
O6 NAG Q . 37.41 56.34 -10.03
O7 NAG Q . 42.24 52.14 -6.76
H2 NAG Q . 40.79 54.15 -7.63
H3 NAG Q . 39.92 55.94 -5.62
H4 NAG Q . 40.42 56.63 -8.32
H5 NAG Q . 37.92 56.52 -7.01
H61 NAG Q . 38.51 57.80 -9.27
H62 NAG Q . 37.10 57.69 -8.61
H81 NAG Q . 40.99 50.24 -5.78
H82 NAG Q . 39.61 51.02 -5.88
H83 NAG Q . 40.48 51.11 -4.55
HN2 NAG Q . 40.58 53.66 -4.98
HO3 NAG Q . 42.07 55.49 -5.60
HO4 NAG Q . 40.73 58.26 -6.86
HO6 NAG Q . 37.08 56.83 -10.64
C01 9Z9 R . -3.70 -10.31 47.40
C02 9Z9 R . -3.86 -11.71 46.75
C03 9Z9 R . -3.40 -11.72 45.26
C04 9Z9 R . -1.88 -11.95 45.32
C05 9Z9 R . -1.51 -12.33 46.76
C06 9Z9 R . -2.87 -12.72 47.35
C07 9Z9 R . -3.02 -12.92 48.87
C08 9Z9 R . -4.46 -13.34 49.21
C09 9Z9 R . -5.51 -12.48 48.50
C10 9Z9 R . -5.25 -12.27 47.00
C11 9Z9 R . -4.70 -13.45 50.74
C12 9Z9 R . -4.74 -12.07 51.43
C13 9Z9 R . -3.57 -14.27 51.36
C14 9Z9 R . -2.47 -14.59 50.69
C15 9Z9 R . -2.05 -13.99 49.38
C16 9Z9 R . -3.76 -14.71 52.79
C17 9Z9 R . -5.12 -15.35 53.02
C18 9Z9 R . -6.23 -14.48 52.47
C19 9Z9 R . -6.02 -14.20 50.98
O20 9Z9 R . -5.21 -15.54 54.45
C21 9Z9 R . -6.49 -15.68 55.06
C22 9Z9 R . -6.40 -16.59 56.25
C23 9Z9 R . -7.51 -16.38 57.28
C24 9Z9 R . -8.88 -16.29 56.64
O25 9Z9 R . -9.90 -16.50 57.58
C26 9Z9 R . -11.20 -16.41 57.04
C48 9Z9 R . -7.47 -17.47 58.33
O49 9Z9 R . -7.84 -18.70 57.75
C50 9Z9 R . -7.09 -19.80 58.25
O72 9Z9 R . -1.29 -10.70 44.91
C73 9Z9 R . -2.14 -10.18 43.89
C74 9Z9 R . -3.56 -10.47 44.36
C75 9Z9 R . -4.58 -10.65 43.24
C76 9Z9 R . -1.79 -8.71 43.70
C77 9Z9 R . -2.02 -8.24 42.27
C78 9Z9 R . -1.18 -9.04 41.28
C79 9Z9 R . -0.85 -10.38 41.87
O80 9Z9 R . -1.93 -10.89 42.67
C81 9Z9 R . 0.10 -8.29 40.89
H1 9Z9 R . -2.81 -9.97 47.22
H2 9Z9 R . -4.37 -9.72 47.01
H3 9Z9 R . -3.85 -10.40 48.36
H4 9Z9 R . -3.97 -12.38 44.85
H5 9Z9 R . -1.55 -12.66 44.75
H6 9Z9 R . -1.11 -11.58 47.23
H7 9Z9 R . -0.87 -13.06 46.79
H8 9Z9 R . -3.04 -13.66 47.12
H9 9Z9 R . -2.80 -12.08 49.31
H10 9Z9 R . -4.58 -14.23 48.84
H11 9Z9 R . -6.39 -12.89 48.60
H12 9Z9 R . -5.56 -11.60 48.92
H13 9Z9 R . -5.35 -13.12 46.54
H14 9Z9 R . -5.92 -11.67 46.63
H15 9Z9 R . -3.90 -11.62 51.25
H16 9Z9 R . -5.48 -11.56 51.05
H17 9Z9 R . -4.87 -12.20 52.38
H18 9Z9 R . -1.90 -15.22 51.08
H19 9Z9 R . -1.17 -13.61 49.47
H20 9Z9 R . -1.98 -14.70 48.72
H21 9Z9 R . -3.66 -13.95 53.38
H22 9Z9 R . -3.07 -15.34 53.03
H23 9Z9 R . -5.23 -16.19 52.56
H24 9Z9 R . -7.10 -14.92 52.60
H25 9Z9 R . -6.26 -13.64 52.96
H26 9Z9 R . -6.01 -15.04 50.50
H27 9Z9 R . -6.75 -13.67 50.64
H28 9Z9 R . -7.13 -16.02 54.42
H29 9Z9 R . -6.82 -14.80 55.34
H30 9Z9 R . -5.53 -16.45 56.69
H31 9Z9 R . -6.42 -17.51 55.95
H32 9Z9 R . -7.35 -15.53 57.72
H33 9Z9 R . -8.94 -16.94 55.92
H34 9Z9 R . -8.99 -15.42 56.22
H35 9Z9 R . -11.85 -16.57 57.73
H36 9Z9 R . -11.32 -15.52 56.66
H37 9Z9 R . -11.29 -17.07 56.32
H38 9Z9 R . -8.07 -17.24 59.07
H39 9Z9 R . -6.58 -17.53 58.71
H40 9Z9 R . -7.39 -20.61 57.81
H41 9Z9 R . -6.15 -19.65 58.06
H42 9Z9 R . -7.22 -19.86 59.21
H43 9Z9 R . -3.94 -9.72 44.83
H44 9Z9 R . -4.62 -9.84 42.71
H45 9Z9 R . -4.31 -11.39 42.67
H46 9Z9 R . -5.45 -10.85 43.62
H47 9Z9 R . -2.33 -8.18 44.31
H48 9Z9 R . -0.86 -8.56 43.94
H49 9Z9 R . -2.96 -8.35 42.04
H50 9Z9 R . -1.81 -7.30 42.19
H51 9Z9 R . -1.69 -9.15 40.46
H52 9Z9 R . -0.05 -10.31 42.42
H53 9Z9 R . -0.66 -11.01 41.17
H54 9Z9 R . -0.14 -7.42 40.51
H55 9Z9 R . 0.64 -8.15 41.69
H56 9Z9 R . 0.58 -8.81 40.24
C1 EPJ S . 37.48 12.07 -0.59
C2 EPJ S . 38.29 12.55 0.65
C3 EPJ S . 37.18 13.01 1.59
C4 EPJ S . 36.36 11.82 2.04
C5 EPJ S . 35.49 11.48 0.82
C6 EPJ S . 36.04 12.49 -0.21
N1 EPJ S . 36.28 13.68 0.63
C7 EPJ S . 37.97 12.50 -1.95
C8 EPJ S . 39.31 12.82 -2.18
C9 EPJ S . 39.74 13.15 -3.46
C10 EPJ S . 38.80 13.14 -4.46
CL EPJ S . 39.30 13.46 -6.09
N2 EPJ S . 37.52 12.84 -4.30
C11 EPJ S . 37.14 12.52 -3.05
H1 EPJ S . 37.57 11.12 -0.74
H2C1 EPJ S . 38.81 11.84 1.04
H2C2 EPJ S . 38.91 13.26 0.44
H3 EPJ S . 37.51 13.52 2.34
H4C1 EPJ S . 36.93 11.07 2.29
H4C2 EPJ S . 35.82 12.03 2.82
H5C1 EPJ S . 35.61 10.57 0.53
H5C2 EPJ S . 34.55 11.62 0.99
H6 EPJ S . 35.47 12.57 -0.98
HA EPJ S . 36.66 14.32 0.21
H8 EPJ S . 39.91 12.81 -1.48
H9 EPJ S . 40.62 13.38 -3.62
H11 EPJ S . 36.24 12.31 -2.92
C1 IVM T . -7.76 5.34 28.58
O1 IVM T . -11.42 4.94 26.26
C2 IVM T . -9.13 5.65 28.01
O2 IVM T . -9.09 12.04 25.27
C3 IVM T . -10.18 4.56 28.24
O3 IVM T . -5.23 12.80 26.70
C4 IVM T . -9.71 3.21 27.71
O4 IVM T . -6.25 15.27 25.55
C5 IVM T . -11.55 4.96 27.69
O5 IVM T . -4.90 18.95 23.78
C6 IVM T . -12.55 5.47 25.57
O6 IVM T . -6.09 20.11 25.95
C7 IVM T . -13.82 4.73 25.93
O7 IVM T . -5.47 16.73 27.25
C8 IVM T . -13.99 4.66 27.45
O8 IVM T . -9.23 13.73 26.90
C9 IVM T . -12.75 4.11 28.14
O9 IVM T . -8.67 7.84 17.83
C10 IVM T . -12.94 4.11 29.66
O10 IVM T . -10.05 6.04 16.84
C11 IVM T . -12.26 5.37 24.09
O11 IVM T . -9.27 4.75 22.37
C12 IVM T . -11.10 6.26 23.74
O12 IVM T . -10.95 6.24 22.27
C13 IVM T . -11.38 7.69 24.17
O13 IVM T . -7.65 6.23 20.74
C14 IVM T . -11.57 7.64 25.67
O14 IVM T . -12.72 6.83 25.96
C15 IVM T . -11.93 8.97 26.30
C16 IVM T . -11.05 10.07 25.82
C17 IVM T . -11.37 11.14 25.08
C18 IVM T . -12.78 11.39 24.62
C19 IVM T . -10.35 12.14 24.62
C20 IVM T . -8.94 12.37 26.64
C21 IVM T . -7.51 12.06 27.02
C22 IVM T . -6.57 12.97 26.26
C23 IVM T . -4.63 11.57 26.34
C24 IVM T . -6.97 14.43 26.47
C25 IVM T . -5.15 15.98 26.08
C26 IVM T . -4.60 16.85 24.98
C27 IVM T . -5.42 18.11 24.82
C28 IVM T . -5.20 18.52 22.45
C29 IVM T . -5.39 18.89 26.12
C30 IVM T . -6.04 18.05 27.22
C31 IVM T . -5.84 18.64 28.60
C32 IVM T . -8.44 14.62 26.10
C33 IVM T . -8.94 16.01 26.37
C34 IVM T . -10.05 12.00 23.12
C35 IVM T . -9.03 13.04 22.65
C36 IVM T . -9.52 10.62 22.79
C37 IVM T . -9.77 9.95 21.68
C38 IVM T . -9.32 8.62 21.38
C39 IVM T . -9.04 8.07 20.19
C40 IVM T . -9.04 8.77 18.87
C41 IVM T . -8.29 6.58 18.40
C42 IVM T . -8.93 5.50 17.52
C43 IVM T . -9.33 4.27 18.30
C44 IVM T . -9.80 4.37 19.54
C45 IVM T . -9.89 5.70 20.24
C46 IVM T . -9.98 5.48 21.74
C47 IVM T . -8.70 6.63 19.88
C48 IVM T . -9.13 2.96 17.60
H1 IVM T . -7.16 6.08 28.39
H1A IVM T . -7.83 5.21 29.53
H1B IVM T . -7.42 4.53 28.16
H2 IVM T . -9.45 6.48 28.41
H2A IVM T . -9.05 5.81 27.06
H3 IVM T . -10.28 4.46 29.21
H4 IVM T . -10.40 2.55 27.86
H4A IVM T . -9.55 3.30 26.75
H4B IVM T . -8.89 2.96 28.15
H5 IVM T . -11.77 5.82 28.07
HO6 IVM T . -6.08 20.54 26.67
H7 IVM T . -14.58 5.18 25.53
H7A IVM T . -13.79 3.84 25.55
H8 IVM T . -14.20 5.53 27.80
H8A IVM T . -14.76 4.08 27.65
H9 IVM T . -12.59 3.19 27.89
H10 IVM T . -13.71 3.56 29.88
H10A IVM T . -12.14 3.74 30.08
H10B IVM T . -13.09 5.02 29.96
HO10 IVM T . -10.40 5.44 16.36
H11 IVM T . -12.07 4.46 23.84
H11A IVM T . -13.05 5.63 23.57
H12 IVM T . -10.29 5.95 24.18
H13 IVM T . -10.65 8.28 23.93
H13A IVM T . -12.17 8.03 23.73
HO13 IVM T . -7.45 5.43 20.57
H14 IVM T . -10.71 7.32 26.02
H15 IVM T . -12.86 9.19 26.11
H15A IVM T . -11.86 8.91 27.27
H16 IVM T . -10.11 10.01 26.06
H18 IVM T . -12.79 12.21 24.10
H18A IVM T . -13.07 10.64 24.07
H18B IVM T . -13.36 11.47 25.39
H19 IVM T . -10.75 13.00 24.85
H20 IVM T . -9.56 11.83 27.16
H21 IVM T . -7.39 12.19 27.98
H21A IVM T . -7.31 11.13 26.83
H22 IVM T . -6.63 12.74 25.32
H23 IVM T . -3.72 11.53 26.68
H23A IVM T . -5.14 10.84 26.70
H23B IVM T . -4.62 11.50 25.36
H24 IVM T . -6.78 14.65 27.40
H25 IVM T . -4.48 15.35 26.39
H26 IVM T . -3.68 17.08 25.18
H26A IVM T . -4.59 16.35 24.15
H27 IVM T . -6.32 17.84 24.57
H28 IVM T . -4.82 19.15 21.82
H28A IVM T . -4.83 17.64 22.32
H28B IVM T . -6.17 18.48 22.34
H29 IVM T . -4.47 19.08 26.37
H30 IVM T . -6.98 18.04 27.01
H31 IVM T . -6.21 19.54 28.61
H31A IVM T . -6.30 18.08 29.25
H31B IVM T . -4.89 18.66 28.80
H32 IVM T . -8.51 14.45 25.15
H33 IVM T . -8.42 16.65 25.84
H33A IVM T . -9.88 16.06 26.11
H33B IVM T . -8.85 16.22 27.31
H34 IVM T . -10.89 12.14 22.65
H35 IVM T . -8.87 12.91 21.70
H35A IVM T . -9.40 13.92 22.81
H35B IVM T . -8.21 12.92 23.15
H36 IVM T . -8.96 10.19 23.46
H37 IVM T . -10.31 10.39 21.00
H38 IVM T . -9.20 8.04 22.14
H40 IVM T . -8.42 9.51 18.87
H40A IVM T . -9.93 9.13 18.68
H41 IVM T . -7.35 6.36 18.38
H42 IVM T . -8.26 5.22 16.88
H44 IVM T . -10.08 3.60 19.98
H45 IVM T . -10.70 6.14 19.94
H48 IVM T . -9.43 2.24 18.19
H48A IVM T . -9.68 2.95 16.79
H48B IVM T . -8.20 2.84 17.38
N POV U . -22.02 -10.42 47.09
P POV U . -20.95 -8.17 43.44
C1 POV U . -18.81 -6.79 42.63
C2 POV U . -18.49 -7.00 41.16
C3 POV U . -16.99 -6.87 40.92
C210 POV U . -15.69 0.55 34.57
C310 POV U . -12.40 -2.37 32.38
C11 POV U . -20.41 -10.13 45.09
O11 POV U . -20.23 -6.86 42.86
C211 POV U . -16.43 0.72 33.29
C311 POV U . -13.61 -1.50 32.08
C12 POV U . -20.70 -9.88 46.54
O12 POV U . -19.98 -8.89 44.48
C212 POV U . -16.17 2.06 32.59
C312 POV U . -13.47 -0.57 30.89
C13 POV U . -23.15 -9.62 46.51
O13 POV U . -22.17 -7.72 44.16
C213 POV U . -17.18 3.15 32.94
C313 POV U . -13.59 -1.27 29.55
C14 POV U . -22.25 -11.88 46.80
O14 POV U . -21.10 -9.09 42.30
C314 POV U . -13.43 -0.37 28.33
C15 POV U . -22.01 -10.23 48.57
C315 POV U . -14.45 0.76 28.30
C316 POV U . -14.90 1.22 26.94
C21 POV U . -20.45 -6.19 40.04
O21 POV U . -19.16 -6.01 40.32
C22 POV U . -20.97 -5.13 39.10
O22 POV U . -21.10 -7.12 40.44
C23 POV U . -19.97 -4.76 38.02
C24 POV U . -19.10 -3.58 38.38
C25 POV U . -18.04 -3.24 37.33
C26 POV U . -18.62 -2.85 35.97
C27 POV U . -17.96 -1.63 35.34
C28 POV U . -16.45 -1.80 35.07
C29 POV U . -15.70 -0.54 35.33
C31 POV U . -15.48 -5.16 41.58
O31 POV U . -16.64 -5.47 40.98
C32 POV U . -14.60 -4.35 40.67
O32 POV U . -15.19 -5.51 42.69
C33 POV U . -15.25 -3.99 39.34
C34 POV U . -14.41 -3.06 38.50
C35 POV U . -13.30 -3.75 37.73
C36 POV U . -12.40 -2.79 36.96
C37 POV U . -11.99 -3.28 35.57
C38 POV U . -13.14 -3.41 34.59
C39 POV U . -12.72 -3.63 33.15
H29 POV U . -15.15 -0.51 36.13
H1 POV U . -18.36 -7.47 43.16
H1A POV U . -18.47 -5.93 42.92
H2 POV U . -18.79 -7.88 40.93
H3 POV U . -16.50 -7.37 41.57
H3A POV U . -16.77 -7.23 40.04
H310 POV U . -11.98 -2.61 31.54
H31A POV U . -11.75 -1.85 32.88
H210 POV U . -15.15 1.30 34.87
H11 POV U . -19.71 -10.81 45.00
H11A POV U . -21.19 -10.48 44.63
H211 POV U . -16.21 0.00 32.69
H21A POV U . -17.39 0.64 33.47
H311 POV U . -14.37 -2.08 31.93
H31B POV U . -13.81 -0.97 32.87
H12 POV U . -20.68 -8.92 46.70
H12A POV U . -19.98 -10.27 47.07
H22 POV U . -21.79 -5.45 38.69
H212 POV U . -15.29 2.37 32.83
H22A POV U . -21.19 -4.34 39.61
H21B POV U . -16.18 1.92 31.64
H32 POV U . -14.37 -3.52 41.13
H312 POV U . -14.14 0.12 30.95
H32A POV U . -13.78 -4.82 40.51
H31C POV U . -12.60 -0.13 30.94
H13 POV U . -23.99 -9.96 46.85
H13A POV U . -23.04 -8.70 46.77
H13B POV U . -23.13 -9.70 45.54
H23 POV U . -19.40 -5.53 37.83
H213 POV U . -17.06 3.99 32.27
H23A POV U . -20.45 -4.58 37.20
H21C POV U . -18.18 2.78 32.75
H33 POV U . -15.40 -4.81 38.84
H313 POV U . -12.93 -1.97 29.49
H33A POV U . -16.11 -3.59 39.50
H31D POV U . -14.46 -1.69 29.49
H14 POV U . -23.11 -12.14 47.17
H14A POV U . -22.26 -12.01 45.83
H14B POV U . -21.54 -12.40 47.20
H24 POV U . -19.66 -2.81 38.52
H24A POV U . -18.64 -3.77 39.22
H34 POV U . -14.98 -2.59 37.88
H314 POV U . -12.54 0.01 28.32
H34A POV U . -14.01 -2.38 39.08
H31E POV U . -13.52 -0.90 27.52
H15 POV U . -22.84 -10.56 48.93
H15A POV U . -21.27 -10.72 48.94
H15B POV U . -21.92 -9.29 48.77
H25 POV U . -17.50 -2.52 37.66
H25A POV U . -17.46 -4.01 37.21
H35 POV U . -12.75 -4.26 38.35
H315 POV U . -15.23 0.48 28.81
H35A POV U . -13.69 -4.38 37.11
H31F POV U . -14.07 1.53 28.77
H26 POV U . -18.55 -3.61 35.37
H26A POV U . -19.57 -2.66 36.08
H36 POV U . -12.85 -1.94 36.87
H316 POV U . -15.54 1.93 27.04
H36A POV U . -11.59 -2.63 37.48
H31G POV U . -14.13 1.52 26.44
H31H POV U . -15.31 0.46 26.48
H27 POV U . -18.40 -1.44 34.50
H27A POV U . -18.09 -0.87 35.91
H37 POV U . -11.32 -2.67 35.21
H37A POV U . -11.56 -4.15 35.66
H28 POV U . -16.10 -2.50 35.62
H28A POV U . -16.32 -2.06 34.14
H38 POV U . -13.72 -4.14 34.87
H38A POV U . -13.67 -2.59 34.64
H39 POV U . -13.43 -4.11 32.69
H39A POV U . -11.94 -4.20 33.15
C1 IVM V . 7.01 -17.97 23.09
O1 IVM V . 3.98 -15.17 24.47
C2 IVM V . 6.31 -16.94 23.95
O2 IVM V . 10.55 -11.50 24.95
C3 IVM V . 4.92 -17.35 24.44
O3 IVM V . 13.75 -13.47 23.10
C4 IVM V . 4.01 -17.73 23.27
O4 IVM V . 14.76 -10.98 24.22
C5 IVM V . 4.29 -16.29 25.34
O5 IVM V . 17.92 -8.11 23.70
C6 IVM V . 3.55 -14.00 25.15
O6 IVM V . 18.68 -8.90 26.20
C7 IVM V . 2.34 -14.27 26.01
O7 IVM V . 16.78 -11.86 25.11
C8 IVM V . 2.56 -15.48 26.92
O8 IVM V . 12.18 -11.93 26.59
C9 IVM V . 3.05 -16.69 26.14
O9 IVM V . 5.61 -7.75 19.06
C10 IVM V . 3.33 -17.86 27.09
O10 IVM V . 3.17 -7.44 18.86
C11 IVM V . 3.24 -12.94 24.11
O11 IVM V . 4.07 -12.79 20.72
C12 IVM V . 4.53 -12.56 23.40
O12 IVM V . 4.22 -11.44 22.51
C13 IVM V . 5.58 -12.10 24.39
O13 IVM V . 5.73 -11.23 19.20
C14 IVM V . 5.82 -13.29 25.31
O14 IVM V . 4.60 -13.57 26.02
C15 IVM V . 6.81 -13.02 26.45
C16 IVM V . 8.03 -12.34 25.94
C17 IVM V . 8.46 -11.11 26.22
C18 IVM V . 7.73 -10.18 27.13
C19 IVM V . 9.73 -10.54 25.59
C20 IVM V . 11.23 -12.50 25.69
C21 IVM V . 11.94 -13.39 24.70
C22 IVM V . 12.98 -12.61 23.94
C23 IVM V . 13.05 -13.98 21.97
C24 IVM V . 13.93 -11.92 24.92
C25 IVM V . 16.09 -11.39 23.96
C26 IVM V . 16.79 -10.23 23.30
C27 IVM V . 17.24 -9.22 24.31
C28 IVM V . 17.07 -7.17 23.06
C29 IVM V . 18.20 -9.88 25.29
C30 IVM V . 17.46 -10.99 26.04
C31 IVM V . 18.38 -11.87 26.85
C32 IVM V . 13.13 -11.09 25.91
C33 IVM V . 13.98 -10.43 26.98
C34 IVM V . 9.40 -9.50 24.51
C35 IVM V . 10.67 -8.91 23.90
C36 IVM V . 8.56 -10.09 23.42
C37 IVM V . 7.60 -9.46 22.74
C38 IVM V . 6.77 -10.02 21.73
C39 IVM V . 6.20 -9.43 20.67
C40 IVM V . 6.39 -8.01 20.24
C41 IVM V . 5.01 -8.96 18.57
C42 IVM V . 3.59 -8.61 18.17
C43 IVM V . 2.61 -9.73 18.40
C44 IVM V . 2.73 -10.53 19.45
C45 IVM V . 3.89 -10.40 20.41
C46 IVM V . 4.06 -11.69 21.19
C47 IVM V . 5.20 -10.00 19.69
C48 IVM V . 1.53 -9.89 17.38
H1 IVM V . 7.88 -17.63 22.83
H1A IVM V . 7.12 -18.78 23.60
H1B IVM V . 6.47 -18.14 22.30
H2 IVM V . 6.87 -16.75 24.72
H2A IVM V . 6.23 -16.11 23.45
H3 IVM V . 5.03 -18.14 24.99
H4 IVM V . 3.15 -17.98 23.62
H4A IVM V . 3.92 -16.96 22.68
H4B IVM V . 4.41 -18.47 22.79
H5 IVM V . 4.93 -16.08 26.03
HO6 IVM V . 19.21 -9.27 26.74
H7 IVM V . 2.13 -13.49 26.55
H7A IVM V . 1.56 -14.43 25.45
H8 IVM V . 3.21 -15.25 27.60
H8A IVM V . 1.74 -15.70 27.38
H9 IVM V . 2.37 -17.01 25.53
H10 IVM V . 2.52 -18.08 27.57
H10A IVM V . 3.62 -18.62 26.56
H10B IVM V . 4.03 -17.60 27.71
HO10 IVM V . 2.39 -7.25 18.63
H11 IVM V . 2.59 -13.27 23.48
H11A IVM V . 2.86 -12.16 24.53
H12 IVM V . 4.86 -13.33 22.91
H13 IVM V . 6.39 -11.84 23.95
H13A IVM V . 5.27 -11.34 24.89
HO13 IVM V . 5.19 -11.57 18.65
H14 IVM V . 6.16 -13.99 24.73
H15 IVM V . 6.37 -12.46 27.13
H15A IVM V . 7.03 -13.85 26.89
H16 IVM V . 8.59 -12.87 25.35
H18 IVM V . 8.21 -9.34 27.19
H18A IVM V . 6.85 -10.02 26.77
H18B IVM V . 7.65 -10.58 28.00
H19 IVM V . 10.20 -10.16 26.36
H20 IVM V . 10.60 -12.99 26.23
H21 IVM V . 12.35 -14.14 25.17
H21A IVM V . 11.29 -13.77 24.08
H22 IVM V . 12.53 -11.95 23.39
H23 IVM V . 13.65 -14.55 21.46
H23A IVM V . 12.29 -14.50 22.28
H23B IVM V . 12.75 -13.24 21.42
H24 IVM V . 14.45 -12.62 25.36
H25 IVM V . 16.06 -12.16 23.36
H26 IVM V . 17.55 -10.56 22.80
H26A IVM V . 16.20 -9.82 22.66
H27 IVM V . 16.45 -8.87 24.76
H28 IVM V . 17.62 -6.46 22.68
H28A IVM V . 16.57 -7.61 22.35
H28B IVM V . 16.45 -6.79 23.71
H29 IVM V . 18.95 -10.27 24.81
H30 IVM V . 16.84 -10.53 26.63
H31 IVM V . 18.87 -11.32 27.48
H31A IVM V . 17.85 -12.53 27.31
H31B IVM V . 19.01 -12.31 26.25
H32 IVM V . 12.71 -10.38 25.39
H33 IVM V . 14.63 -9.85 26.55
H33A IVM V . 13.41 -9.92 27.57
H33B IVM V . 14.43 -11.12 27.48
H34 IVM V . 8.89 -8.79 24.95
H35 IVM V . 10.42 -8.26 23.23
H35A IVM V . 11.18 -8.48 24.61
H35B IVM V . 11.18 -9.62 23.50
H36 IVM V . 8.72 -11.02 23.17
H37 IVM V . 7.45 -8.52 22.96
H38 IVM V . 6.59 -10.97 21.81
H40 IVM V . 7.33 -7.83 20.08
H40A IVM V . 6.10 -7.40 20.95
H41 IVM V . 5.39 -9.35 17.77
H42 IVM V . 3.60 -8.43 17.21
H44 IVM V . 2.09 -11.19 19.60
H45 IVM V . 3.67 -9.69 21.03
H48 IVM V . 0.96 -10.64 17.63
H48A IVM V . 1.00 -9.07 17.35
H48B IVM V . 1.93 -10.05 16.51
N POV W . -8.63 -36.46 37.51
P POV W . -7.21 -32.71 35.64
C1 POV W . -5.12 -32.02 34.15
C2 POV W . -5.47 -31.04 33.04
C3 POV W . -4.57 -31.23 31.83
C210 POV W . 0.26 -22.78 30.37
C310 POV W . -0.64 -23.49 25.60
C11 POV W . -7.99 -35.19 35.34
O11 POV W . -5.94 -31.81 35.31
C211 POV W . -0.37 -21.43 30.33
C311 POV W . -0.75 -22.44 26.69
C12 POV W . -7.58 -36.16 36.44
O12 POV W . -6.94 -34.21 35.19
C212 POV W . 0.62 -20.27 30.28
C312 POV W . -0.26 -21.05 26.32
C13 POV W . -8.82 -35.24 38.36
O13 POV W . -7.40 -32.69 37.12
C213 POV W . 0.97 -19.70 31.65
C313 POV W . -1.22 -20.28 25.42
C14 POV W . -9.96 -36.88 36.96
O14 POV W . -8.32 -32.20 34.79
C314 POV W . -0.75 -18.89 25.01
C15 POV W . -8.09 -37.56 38.36
C315 POV W . -0.47 -17.99 26.20
C316 POV W . -0.75 -16.52 26.00
C21 POV W . -6.29 -29.13 34.23
O21 POV W . -5.32 -29.65 33.49
C22 POV W . -6.02 -27.68 34.54
O22 POV W . -7.27 -29.71 34.57
C23 POV W . -5.43 -26.92 33.35
C24 POV W . -3.92 -26.89 33.35
C25 POV W . -3.32 -26.18 32.13
C26 POV W . -3.70 -24.72 32.01
C27 POV W . -2.54 -23.80 31.63
C28 POV W . -1.86 -24.12 30.31
C29 POV W . -0.38 -23.93 30.37
C31 POV W . -2.20 -31.37 31.71
O31 POV W . -3.26 -30.69 32.15
C32 POV W . -1.29 -30.50 30.90
O32 POV W . -2.01 -32.53 31.95
C33 POV W . -1.74 -29.06 30.81
C34 POV W . -0.75 -28.16 30.09
C35 POV W . -0.84 -28.23 28.58
C36 POV W . 0.22 -27.40 27.86
C37 POV W . -0.28 -26.66 26.63
C38 POV W . -1.29 -25.57 26.93
C39 POV W . -1.59 -24.66 25.76
H29 POV W . 0.17 -24.73 30.39
H1 POV W . -5.23 -32.92 33.82
H1A POV W . -4.18 -31.92 34.38
H2 POV W . -6.39 -31.22 32.80
H3 POV W . -4.50 -32.18 31.62
H3A POV W . -4.94 -30.78 31.06
H310 POV W . -0.80 -23.07 24.74
H31A POV W . 0.27 -23.83 25.58
H210 POV W . 1.23 -22.82 30.42
H11 POV W . -8.12 -35.68 34.51
H11A POV W . -8.83 -34.77 35.57
H211 POV W . -0.95 -21.37 29.55
H21A POV W . -0.94 -21.32 31.11
H311 POV W . -1.68 -22.38 26.97
H31B POV W . -0.25 -22.75 27.46
H12 POV W . -6.80 -35.80 36.87
H12A POV W . -7.33 -37.00 36.02
H22 POV W . -6.84 -27.24 34.82
H212 POV W . 1.44 -20.58 29.86
H22A POV W . -5.40 -27.62 35.28
H21B POV W . 0.27 -19.56 29.73
H32 POV W . -0.40 -30.53 31.28
H312 POV W . -0.10 -20.54 27.13
H32A POV W . -1.22 -30.86 30.00
H31C POV W . 0.59 -21.13 25.86
H13 POV W . -9.49 -35.43 39.05
H13A POV W . -7.98 -35.01 38.79
H13B POV W . -9.11 -34.51 37.81
H23 POV W . -5.74 -27.34 32.53
H213 POV W . 1.51 -18.76 31.52
H23A POV W . -5.77 -26.02 33.36
H21C POV W . 0.05 -19.42 32.16
H33 POV W . -2.60 -29.02 30.34
H313 POV W . -1.39 -20.80 24.62
H33A POV W . -1.90 -28.72 31.70
H31D POV W . -2.07 -20.20 25.88
H14 POV W . -10.56 -37.05 37.71
H14A POV W . -10.32 -36.18 36.41
H14B POV W . -9.85 -37.69 36.44
H24 POV W . -3.60 -26.43 34.15
H24A POV W . -3.58 -27.79 33.39
H34 POV W . -0.89 -27.24 30.38
H314 POV W . 0.06 -18.97 24.47
H34A POV W . 0.15 -28.41 30.36
H31E POV W . -1.42 -18.48 24.44
H15 POV W . -8.75 -37.77 39.05
H15A POV W . -7.93 -38.34 37.81
H15B POV W . -7.27 -37.27 38.77
H25 POV W . -2.35 -26.26 32.18
H25A POV W . -3.60 -26.66 31.34
H35 POV W . -0.76 -29.16 28.30
H315 POV W . -1.01 -18.30 26.95
H35A POV W . -1.72 -27.93 28.31
H31F POV W . 0.46 -18.10 26.46
H26 POV W . -4.39 -24.64 31.33
H26A POV W . -4.09 -24.42 32.84
H36 POV W . 0.59 -26.76 28.49
H316 POV W . -0.54 -16.04 26.81
H36A POV W . 0.95 -27.99 27.60
H31G POV W . -0.18 -16.20 25.27
H31H POV W . -1.68 -16.41 25.76
H27 POV W . -2.87 -22.89 31.61
H27A POV W . -1.88 -23.84 32.35
H37 POV W . 0.49 -26.26 26.18
H37A POV W . -0.67 -27.29 26.02
H28 POV W . -2.06 -25.04 30.05
H28A POV W . -2.23 -23.55 29.62
H38 POV W . -2.12 -25.98 27.23
H38A POV W . -0.97 -25.03 27.67
H39 POV W . -2.49 -24.31 25.86
H39A POV W . -1.60 -25.18 24.95
CA CA X . 15.85 -6.07 4.35
C1 NAG Y . 62.35 21.16 -11.93
C2 NAG Y . 63.49 20.54 -12.73
C3 NAG Y . 64.83 20.89 -12.08
C4 NAG Y . 64.96 22.39 -11.88
C5 NAG Y . 63.76 22.91 -11.10
C6 NAG Y . 63.75 24.40 -10.93
C7 NAG Y . 62.67 18.57 -13.87
C8 NAG Y . 61.48 17.73 -13.50
N2 NAG Y . 63.34 19.11 -12.85
O3 NAG Y . 65.88 20.39 -12.89
O4 NAG Y . 66.14 22.67 -11.14
O5 NAG Y . 62.56 22.56 -11.82
O6 NAG Y . 62.58 25.00 -11.50
O7 NAG Y . 63.00 18.75 -15.03
H2 NAG Y . 63.48 20.92 -13.62
H3 NAG Y . 64.88 20.47 -11.20
H4 NAG Y . 65.01 22.83 -12.74
H5 NAG Y . 63.80 22.49 -10.22
H61 NAG Y . 64.54 24.78 -11.36
H62 NAG Y . 63.80 24.63 -10.00
H81 NAG Y . 61.07 17.39 -14.31
H82 NAG Y . 60.84 18.29 -13.02
H83 NAG Y . 61.77 17.00 -12.94
HN2 NAG Y . 63.67 18.60 -12.25
HO3 NAG Y . 65.79 19.56 -12.98
HO4 NAG Y . 66.81 22.39 -11.56
HO6 NAG Y . 62.61 25.83 -11.39
C01 9Z9 Z . 2.18 -42.28 23.96
C02 9Z9 Z . 0.86 -42.41 23.18
C03 9Z9 Z . 0.73 -41.36 22.03
C04 9Z9 Z . 1.46 -41.99 20.84
C05 9Z9 Z . 1.75 -43.46 21.18
C06 9Z9 Z . 0.81 -43.72 22.36
C07 9Z9 Z . 0.95 -45.00 23.19
C08 9Z9 Z . -0.12 -45.03 24.30
C09 9Z9 Z . -0.26 -43.70 25.06
C10 9Z9 Z . -0.33 -42.48 24.15
C11 9Z9 Z . 0.06 -46.26 25.25
C12 9Z9 Z . 1.28 -46.10 26.19
C13 9Z9 Z . 0.25 -47.51 24.41
C14 9Z9 Z . 0.48 -47.48 23.11
C15 9Z9 Z . 0.83 -46.25 22.32
C16 9Z9 Z . 0.16 -48.84 25.15
C17 9Z9 Z . -1.06 -48.92 26.04
C18 9Z9 Z . -1.18 -47.70 26.93
C19 9Z9 Z . -1.22 -46.43 26.09
O20 9Z9 Z . -0.88 -50.14 26.79
C21 9Z9 Z . -1.58 -50.31 28.03
C22 9Z9 Z . -1.92 -51.77 28.23
C23 9Z9 Z . -2.14 -52.15 29.70
C24 9Z9 Z . -3.03 -51.16 30.42
O25 9Z9 Z . -3.55 -51.71 31.61
C26 9Z9 Z . -4.38 -50.81 32.34
C48 9Z9 Z . -2.68 -53.56 29.81
O49 9Z9 Z . -4.00 -53.60 29.30
C50 9Z9 Z . -4.27 -54.78 28.57
O72 9Z9 Z . 2.65 -41.21 20.67
C73 9Z9 Z . 2.30 -39.87 20.95
C74 9Z9 Z . 1.35 -39.96 22.17
C75 9Z9 Z . 0.33 -38.83 22.27
C76 9Z9 Z . 3.58 -39.08 21.18
C77 9Z9 Z . 3.43 -37.62 20.76
C78 9Z9 Z . 3.05 -37.48 19.30
C79 9Z9 Z . 2.36 -38.75 18.85
O80 9Z9 Z . 1.55 -39.31 19.88
C81 9Z9 Z . 4.27 -37.19 18.43
H1 9Z9 Z . 2.91 -42.25 23.32
H2 9Z9 Z . 2.15 -41.47 24.48
H3 9Z9 Z . 2.28 -43.05 24.54
H4 9Z9 Z . -0.22 -41.19 22.00
H5 9Z9 Z . 0.95 -42.00 20.00
H6 9Z9 Z . 2.68 -43.59 21.42
H7 9Z9 Z . 1.56 -44.05 20.44
H8 9Z9 Z . -0.07 -43.94 22.00
H9 9Z9 Z . 1.84 -44.99 23.60
H10 9Z9 Z . -0.96 -45.15 23.85
H11 9Z9 Z . -1.06 -43.73 25.61
H12 9Z9 Z . 0.50 -43.60 25.66
H13 9Z9 Z . -1.16 -42.50 23.64
H14 9Z9 Z . -0.34 -41.67 24.68
H15 9Z9 Z . 2.07 -46.00 25.65
H16 9Z9 Z . 1.15 -45.32 26.74
H17 9Z9 Z . 1.35 -46.89 26.74
H18 9Z9 Z . 0.41 -48.28 22.64
H19 9Z9 Z . 1.66 -46.39 21.86
H20 9Z9 Z . 0.15 -46.09 21.65
H21 9Z9 Z . 0.96 -48.95 25.68
H22 9Z9 Z . 0.14 -49.56 24.51
H23 9Z9 Z . -1.89 -48.95 25.55
H24 9Z9 Z . -1.98 -47.75 27.47
H25 9Z9 Z . -0.43 -47.66 27.54
H26 9Z9 Z . -1.99 -46.46 25.49
H27 9Z9 Z . -1.34 -45.65 26.66
H28 9Z9 Z . -2.39 -49.77 28.03
H29 9Z9 Z . -1.03 -49.98 28.76
H30 9Z9 Z . -1.20 -52.30 27.87
H31 9Z9 Z . -2.71 -51.98 27.73
H32 9Z9 Z . -1.28 -52.11 30.15
H33 9Z9 Z . -3.76 -50.89 29.84
H34 9Z9 Z . -2.54 -50.36 30.63
H35 9Z9 Z . -4.70 -51.26 33.13
H36 9Z9 Z . -3.85 -50.03 32.57
H37 9Z9 Z . -5.13 -50.56 31.78
H38 9Z9 Z . -2.67 -53.85 30.73
H39 9Z9 Z . -2.11 -54.16 29.31
H40 9Z9 Z . -5.19 -54.75 28.25
H41 9Z9 Z . -3.66 -54.84 27.81
H42 9Z9 Z . -4.16 -55.54 29.15
H43 9Z9 Z . 1.84 -39.84 23.00
H44 9Z9 Z . 0.80 -37.99 22.35
H45 9Z9 Z . -0.22 -38.83 21.47
H46 9Z9 Z . -0.23 -38.98 23.05
H47 9Z9 Z . 3.83 -39.14 22.11
H48 9Z9 Z . 4.29 -39.49 20.67
H49 9Z9 Z . 2.75 -37.20 21.31
H50 9Z9 Z . 4.26 -37.15 20.94
H51 9Z9 Z . 2.45 -36.72 19.20
H52 9Z9 Z . 3.03 -39.40 18.57
H53 9Z9 Z . 1.81 -38.55 18.08
H54 9Z9 Z . 4.70 -36.36 18.74
H55 9Z9 Z . 4.89 -37.93 18.49
H56 9Z9 Z . 3.98 -37.07 17.51
C1 EPJ AA . 30.98 -4.99 -23.79
C2 EPJ AA . 32.13 -5.99 -23.56
C3 EPJ AA . 32.09 -6.17 -22.04
C4 EPJ AA . 30.81 -6.89 -21.65
C5 EPJ AA . 29.74 -5.80 -21.78
C6 EPJ AA . 30.55 -4.65 -22.35
N1 EPJ AA . 31.83 -4.78 -21.62
C7 EPJ AA . 31.24 -3.82 -24.73
C8 EPJ AA . 32.20 -3.88 -25.72
C9 EPJ AA . 32.38 -2.82 -26.60
C10 EPJ AA . 31.55 -1.73 -26.43
CL EPJ AA . 31.68 -0.40 -27.54
N2 EPJ AA . 30.63 -1.62 -25.50
C11 EPJ AA . 30.49 -2.66 -24.67
H1 EPJ AA . 30.26 -5.38 -24.31
H2C1 EPJ AA . 31.98 -6.83 -24.02
H2C2 EPJ AA . 32.98 -5.64 -23.86
H3 EPJ AA . 32.87 -6.63 -21.69
H4C1 EPJ AA . 30.63 -7.64 -22.24
H4C2 EPJ AA . 30.86 -7.23 -20.75
H5C1 EPJ AA . 29.02 -6.07 -22.37
H5C2 EPJ AA . 29.33 -5.58 -20.93
H6 EPJ AA . 30.08 -3.79 -22.30
HA EPJ AA . 32.44 -4.23 -21.88
H8 EPJ AA . 32.73 -4.64 -25.81
H9 EPJ AA . 33.03 -2.85 -27.26
H11 EPJ AA . 29.82 -2.60 -24.01
C1 IVM BA . -3.77 -29.85 -0.01
O1 IVM BA . -3.03 -28.61 4.10
C2 IVM BA . -3.16 -29.80 1.38
O2 IVM BA . 3.74 -29.18 0.84
C3 IVM BA . -4.17 -29.97 2.52
O3 IVM BA . 3.62 -29.67 -3.33
C4 IVM BA . -5.29 -28.95 2.43
O4 IVM BA . 6.42 -29.63 -2.50
C5 IVM BA . -3.48 -29.96 3.89
O5 IVM BA . 10.33 -28.73 -4.04
C6 IVM BA . -2.20 -28.44 5.24
O6 IVM BA . 10.81 -31.39 -3.60
C7 IVM BA . -2.90 -28.90 6.51
O7 IVM BA . 7.14 -31.40 -3.89
C8 IVM BA . -3.46 -30.31 6.34
O8 IVM BA . 4.79 -31.21 0.31
C9 IVM BA . -4.31 -30.45 5.09
O9 IVM BA . 2.24 -21.01 2.88
C10 IVM BA . -4.80 -31.88 4.93
O10 IVM BA . 1.00 -19.94 4.73
C11 IVM BA . -1.83 -26.97 5.32
O11 IVM BA . -2.12 -24.41 2.95
C12 IVM BA . -0.98 -26.61 4.13
O12 IVM BA . -0.52 -25.23 4.33
C13 IVM BA . 0.24 -27.50 4.05
O13 IVM BA . -0.33 -22.91 1.52
C14 IVM BA . -0.29 -28.92 3.89
O14 IVM BA . -1.04 -29.25 5.08
C15 IVM BA . 0.79 -29.99 3.87
C16 IVM BA . 1.90 -29.62 2.93
C17 IVM BA . 3.16 -29.35 3.23
C18 IVM BA . 3.69 -29.39 4.64
C19 IVM BA . 4.17 -28.96 2.18
C20 IVM BA . 3.58 -30.49 0.33
C21 IVM BA . 3.04 -30.36 -1.07
C22 IVM BA . 4.05 -29.67 -1.96
C23 IVM BA . 2.53 -28.79 -3.60
C24 IVM BA . 5.38 -30.41 -1.88
C25 IVM BA . 6.80 -30.03 -3.81
C26 IVM BA . 7.94 -29.12 -4.24
C27 IVM BA . 9.25 -29.56 -3.64
C28 IVM BA . 10.40 -27.47 -3.38
C29 IVM BA . 9.54 -30.99 -4.10
C30 IVM BA . 8.45 -31.92 -3.58
C31 IVM BA . 8.53 -33.30 -4.19
C32 IVM BA . 5.82 -30.53 -0.43
C33 IVM BA . 7.09 -31.33 -0.24
C34 IVM BA . 4.51 -27.46 2.26
C35 IVM BA . 5.54 -27.06 1.21
C36 IVM BA . 3.27 -26.61 2.08
C37 IVM BA . 3.03 -25.45 2.68
C38 IVM BA . 1.85 -24.66 2.56
C39 IVM BA . 1.71 -23.33 2.64
C40 IVM BA . 2.80 -22.33 2.83
C41 IVM BA . 0.82 -21.05 2.60
C42 IVM BA . 0.17 -20.11 3.60
C43 IVM BA . -1.21 -20.56 4.02
C44 IVM BA . -1.48 -21.85 4.18
C45 IVM BA . -0.46 -22.91 3.87
C46 IVM BA . -1.15 -24.24 3.64
C47 IVM BA . 0.42 -22.53 2.65
C48 IVM BA . -2.22 -19.47 4.23
H1 IVM BA . -3.07 -29.74 -0.66
H1A IVM BA . -4.21 -30.71 -0.14
H1B IVM BA . -4.42 -29.14 -0.09
H2 IVM BA . -2.49 -30.51 1.44
H2A IVM BA . -2.71 -28.96 1.49
H3 IVM BA . -4.57 -30.85 2.42
H4 IVM BA . -5.90 -29.09 3.17
H4A IVM BA . -4.91 -28.06 2.49
H4B IVM BA . -5.75 -29.07 1.59
H5 IVM BA . -2.76 -30.62 3.86
HO6 IVM BA . 10.98 -32.17 -3.85
H7 IVM BA . -2.27 -28.87 7.24
H7A IVM BA . -3.61 -28.28 6.72
H8 IVM BA . -2.72 -30.95 6.30
H8A IVM BA . -3.98 -30.53 7.12
H9 IVM BA . -5.11 -29.89 5.15
H10 IVM BA . -5.32 -32.13 5.71
H10A IVM BA . -5.35 -31.94 4.13
H10B IVM BA . -4.03 -32.46 4.83
HO10 IVM BA . 0.63 -19.43 5.28
H11 IVM BA . -2.63 -26.43 5.35
H11A IVM BA . -1.34 -26.80 6.15
H12 IVM BA . -1.49 -26.70 3.32
H13 IVM BA . 0.80 -27.26 3.30
H13A IVM BA . 0.79 -27.42 4.85
HO13 IVM BA . -1.05 -22.47 1.50
H14 IVM BA . -0.79 -28.90 3.06
H15 IVM BA . 1.14 -30.12 4.76
H15A IVM BA . 0.40 -30.84 3.60
H16 IVM BA . 1.67 -29.58 1.99
H18 IVM BA . 4.63 -29.17 4.62
H18A IVM BA . 3.20 -28.75 5.18
H18B IVM BA . 3.56 -30.29 5.00
H19 IVM BA . 4.94 -29.52 2.36
H20 IVM BA . 2.96 -30.98 0.90
H21 IVM BA . 2.83 -31.23 -1.43
H21A IVM BA . 2.21 -29.85 -1.07
H22 IVM BA . 4.15 -28.76 -1.64
H23 IVM BA . 2.30 -28.86 -4.53
H23A IVM BA . 1.77 -29.07 -3.06
H23B IVM BA . 2.78 -27.89 -3.37
H24 IVM BA . 5.27 -31.28 -2.31
H25 IVM BA . 6.05 -29.92 -4.40
H26 IVM BA . 8.00 -29.13 -5.20
H26A IVM BA . 7.74 -28.21 -3.97
H27 IVM BA . 9.17 -29.51 -2.67
H28 IVM BA . 11.16 -26.98 -3.71
H28A IVM BA . 9.58 -26.97 -3.55
H28B IVM BA . 10.50 -27.62 -2.43
H29 IVM BA . 9.55 -31.02 -5.07
H30 IVM BA . 8.60 -31.98 -2.63
H31 IVM BA . 9.39 -33.69 -3.99
H31A IVM BA . 7.82 -33.85 -3.80
H31B IVM BA . 8.39 -33.24 -5.15
H32 IVM BA . 5.98 -29.63 -0.11
H33 IVM BA . 7.81 -30.89 -0.73
H33A IVM BA . 7.31 -31.36 0.70
H33B IVM BA . 6.96 -32.22 -0.58
H34 IVM BA . 4.86 -27.30 3.14
H35 IVM BA . 5.73 -26.11 1.29
H35A IVM BA . 6.36 -27.56 1.36
H35B IVM BA . 5.20 -27.25 0.33
H36 IVM BA . 2.60 -26.93 1.45
H37 IVM BA . 3.73 -25.12 3.28
H38 IVM BA . 1.04 -25.16 2.37
H40 IVM BA . 3.44 -22.39 2.10
H40A IVM BA . 3.28 -22.51 3.66
H41 IVM BA . 0.54 -20.71 1.74
H42 IVM BA . 0.06 -19.26 3.15
H44 IVM BA . -2.32 -22.09 4.48
H45 IVM BA . 0.13 -22.98 4.64
H48 IVM BA . -3.07 -19.87 4.50
H48A IVM BA . -1.91 -18.88 4.93
H48B IVM BA . -2.34 -18.98 3.41
N POV CA . -23.39 -45.99 12.20
P POV CA . -20.16 -43.03 11.61
C1 POV CA . -18.80 -42.11 9.51
C2 POV CA . -18.53 -40.62 9.56
C3 POV CA . -18.46 -40.03 8.17
C210 POV CA . -9.53 -36.08 7.06
C310 POV CA . -11.84 -32.30 4.93
C11 POV CA . -22.61 -43.80 11.07
O11 POV CA . -18.81 -42.70 10.83
C211 POV CA . -8.86 -35.16 8.04
C311 POV CA . -10.81 -32.62 6.00
C12 POV CA . -22.83 -45.29 10.98
O12 POV CA . -21.28 -43.50 10.58
C212 POV CA . -7.40 -34.84 7.72
C312 POV CA . -9.55 -31.77 5.97
C13 POV CA . -22.34 -46.00 13.28
O13 POV CA . -19.87 -44.15 12.54
C213 POV CA . -6.40 -35.76 8.40
C313 POV CA . -9.74 -30.36 6.52
C14 POV CA . -24.64 -45.35 12.76
O14 POV CA . -20.64 -41.75 12.18
C314 POV CA . -8.51 -29.47 6.48
C15 POV CA . -23.70 -47.39 11.83
C315 POV CA . -7.35 -30.06 7.27
C316 POV CA . -6.43 -29.07 7.93
C21 POV CA . -17.22 -40.36 11.57
O21 POV CA . -17.26 -40.32 10.23
C22 POV CA . -15.87 -39.97 12.09
O22 POV CA . -18.16 -40.64 12.26
C23 POV CA . -15.26 -38.80 11.32
C24 POV CA . -14.34 -39.25 10.19
C25 POV CA . -13.78 -38.11 9.36
C26 POV CA . -12.90 -37.14 10.15
C27 POV CA . -11.62 -36.73 9.45
C28 POV CA . -11.81 -36.04 8.10
C29 POV CA . -10.79 -36.45 7.09
C31 POV CA . -17.23 -40.73 6.28
O31 POV CA . -17.21 -40.41 7.57
C32 POV CA . -16.24 -39.92 5.50
O32 POV CA . -17.95 -41.56 5.81
C33 POV CA . -15.41 -38.96 6.35
C34 POV CA . -14.33 -38.24 5.57
C35 POV CA . -14.83 -37.03 4.81
C36 POV CA . -13.76 -36.37 3.96
C37 POV CA . -13.79 -34.84 3.96
C38 POV CA . -13.47 -34.22 5.32
C39 POV CA . -13.25 -32.72 5.28
H29 POV CA . -11.08 -37.05 6.38
H1 POV CA . -19.65 -42.28 9.07
H1A POV CA . -18.12 -42.55 8.97
H2 POV CA . -19.27 -40.23 10.06
H3 POV CA . -19.21 -40.35 7.64
H3A POV CA . -18.54 -39.06 8.22
H310 POV CA . -11.83 -31.35 4.76
H31A POV CA . -11.57 -32.74 4.10
H210 POV CA . -8.98 -36.42 6.34
H11 POV CA . -23.27 -43.33 10.54
H11A POV CA . -22.70 -43.50 11.98
H211 POV CA . -9.36 -34.32 8.09
H21A POV CA . -8.91 -35.55 8.92
H311 POV CA . -11.23 -32.52 6.86
H31B POV CA . -10.55 -33.55 5.91
H12 POV CA . -21.97 -45.71 10.76
H12A POV CA . -23.43 -45.47 10.23
H22 POV CA . -15.95 -39.72 13.03
H212 POV CA . -7.27 -34.91 6.75
H22A POV CA . -15.28 -40.73 12.05
H21B POV CA . -7.21 -33.92 7.96
H32 POV CA . -15.64 -40.51 5.02
H312 POV CA . -8.85 -32.21 6.48
H32A POV CA . -16.71 -39.39 4.83
H31C POV CA . -9.23 -31.70 5.06
H13 POV CA . -22.69 -46.44 14.06
H13A POV CA . -21.56 -46.49 12.95
H13B POV CA . -22.09 -45.09 13.50
H23 POV CA . -15.97 -38.26 10.95
H213 POV CA . -5.40 -35.36 8.30
H23A POV CA . -14.76 -38.25 11.92
H21C POV CA . -6.59 -35.75 9.48
H33 POV CA . -15.99 -38.31 6.77
H313 POV CA . -10.45 -29.92 6.02
H33A POV CA . -15.00 -39.47 7.07
H31D POV CA . -10.05 -30.42 7.44
H14 POV CA . -24.92 -45.84 13.53
H14A POV CA . -24.44 -44.43 13.00
H14B POV CA . -25.32 -45.38 12.08
H24 POV CA . -13.61 -39.77 10.56
H24A POV CA . -14.84 -39.85 9.59
H34 POV CA . -13.63 -37.97 6.18
H314 POV CA . -8.24 -29.34 5.56
H34A POV CA . -13.92 -38.87 4.94
H31E POV CA . -8.73 -28.60 6.86
H15 POV CA . -24.06 -47.86 12.60
H15A POV CA . -24.36 -47.39 11.11
H15B POV CA . -22.89 -47.83 11.53
H25 POV CA . -13.25 -38.48 8.63
H25A POV CA . -14.51 -37.61 8.96
H35 POV CA . -15.56 -37.30 4.24
H315 POV CA . -7.71 -30.66 7.95
H35A POV CA . -15.17 -36.38 5.44
H31F POV CA . -6.82 -30.61 6.66
H26 POV CA . -13.42 -36.35 10.35
H26A POV CA . -12.68 -37.55 11.00
H36 POV CA . -12.88 -36.66 4.26
H316 POV CA . -5.73 -29.55 8.39
H36A POV CA . -13.85 -36.67 3.04
H31G POV CA . -6.05 -28.50 7.25
H31H POV CA . -6.94 -28.54 8.57
H27 POV CA . -11.11 -36.15 10.03
H27A POV CA . -11.07 -37.53 9.31
H37 POV CA . -13.17 -34.51 3.31
H37A POV CA . -14.68 -34.55 3.69
H28 POV CA . -12.69 -36.24 7.76
H28A POV CA . -11.77 -35.07 8.23
H38 POV CA . -14.19 -34.41 5.93
H38A POV CA . -12.67 -34.65 5.67
H39 POV CA . -13.48 -32.36 6.15
H39A POV CA . -13.86 -32.34 4.63
CA CA DA . 5.69 -11.46 -11.99
C1 NAG EA . 49.53 1.09 -44.99
C2 NAG EA . 49.51 1.06 -46.52
C3 NAG EA . 50.73 0.30 -47.04
C4 NAG EA . 52.01 0.86 -46.45
C5 NAG EA . 51.91 0.85 -44.93
C6 NAG EA . 53.10 1.48 -44.25
C7 NAG EA . 47.21 1.24 -47.27
C8 NAG EA . 45.97 0.89 -46.50
N2 NAG EA . 48.28 0.49 -47.02
O3 NAG EA . 50.75 0.38 -48.46
O4 NAG EA . 53.10 0.03 -46.84
O5 NAG EA . 50.75 1.63 -44.54
O6 NAG EA . 52.73 2.60 -43.44
O7 NAG EA . 47.24 2.17 -48.06
H2 NAG EA . 49.56 1.97 -46.83
H3 NAG EA . 50.66 -0.63 -46.77
H4 NAG EA . 52.15 1.77 -46.76
H5 NAG EA . 51.84 -0.07 -44.65
H61 NAG EA . 53.74 1.77 -44.93
H62 NAG EA . 53.55 0.82 -43.70
H81 NAG EA . 45.26 1.50 -46.76
H82 NAG EA . 46.15 0.97 -45.56
H83 NAG EA . 45.72 -0.03 -46.71
HN2 NAG EA . 48.24 -0.36 -47.15
HO3 NAG EA . 50.02 0.07 -48.77
HO4 NAG EA . 53.16 0.03 -47.67
HO6 NAG EA . 53.41 2.93 -43.08
C01 9Z9 FA . -25.09 -41.33 -5.42
C02 9Z9 FA . -26.17 -40.36 -4.89
C03 9Z9 FA . -25.73 -38.87 -4.98
C04 9Z9 FA . -26.11 -38.44 -6.42
C05 9Z9 FA . -26.98 -39.54 -7.02
C06 9Z9 FA . -27.43 -40.34 -5.79
C07 9Z9 FA . -28.10 -41.71 -5.96
C08 9Z9 FA . -28.46 -42.28 -4.57
C09 9Z9 FA . -27.32 -42.18 -3.56
C10 9Z9 FA . -26.66 -40.80 -3.51
C11 9Z9 FA . -29.06 -43.72 -4.68
C12 9Z9 FA . -27.99 -44.77 -5.03
C13 9Z9 FA . -30.13 -43.74 -5.76
C14 9Z9 FA . -30.32 -42.73 -6.61
C15 9Z9 FA . -29.36 -41.60 -6.81
C16 9Z9 FA . -31.01 -44.97 -5.82
C17 9Z9 FA . -31.56 -45.37 -4.46
C18 9Z9 FA . -30.45 -45.42 -3.42
C19 9Z9 FA . -29.72 -44.09 -3.34
O20 9Z9 FA . -32.21 -46.63 -4.67
C21 9Z9 FA . -32.42 -47.51 -3.55
C22 9Z9 FA . -33.68 -48.30 -3.76
C23 9Z9 FA . -33.72 -49.61 -2.97
C24 9Z9 FA . -33.29 -49.41 -1.52
O25 9Z9 FA . -33.72 -50.50 -0.71
C26 9Z9 FA . -33.32 -50.37 0.64
C48 9Z9 FA . -35.09 -50.23 -3.05
O49 9Z9 FA . -36.03 -49.45 -2.34
C50 9Z9 FA . -37.29 -49.36 -2.98
O72 9Z9 FA . -24.85 -38.28 -7.09
C73 9Z9 FA . -23.95 -37.73 -6.15
C74 9Z9 FA . -24.25 -38.46 -4.84
C75 9Z9 FA . -23.95 -37.65 -3.57
C76 9Z9 FA . -22.54 -37.90 -6.70
C77 9Z9 FA . -21.60 -36.78 -6.23
C78 9Z9 FA . -22.09 -35.42 -6.67
C79 9Z9 FA . -23.59 -35.48 -6.89
O80 9Z9 FA . -24.23 -36.35 -5.95
C81 9Z9 FA . -21.38 -34.94 -7.94
H1 9Z9 FA . -24.81 -41.02 -6.30
H2 9Z9 FA . -24.34 -41.34 -4.81
H3 9Z9 FA . -25.48 -42.21 -5.48
H4 9Z9 FA . -26.16 -38.45 -4.22
H5 9Z9 FA . -26.62 -37.62 -6.47
H6 9Z9 FA . -26.47 -40.09 -7.64
H7 9Z9 FA . -27.73 -39.18 -7.51
H8 9Z9 FA . -28.20 -39.90 -5.41
H9 9Z9 FA . -27.47 -42.30 -6.40
H10 9Z9 FA . -29.16 -41.72 -4.22
H11 9Z9 FA . -27.66 -42.39 -2.67
H12 9Z9 FA . -26.64 -42.84 -3.76
H13 9Z9 FA . -27.29 -40.15 -3.16
H14 9Z9 FA . -25.91 -40.82 -2.89
H15 9Z9 FA . -27.58 -44.53 -5.88
H16 9Z9 FA . -27.31 -44.78 -4.34
H17 9Z9 FA . -28.41 -45.64 -5.11
H18 9Z9 FA . -31.09 -42.74 -7.12
H19 9Z9 FA . -29.11 -41.55 -7.74
H20 9Z9 FA . -29.82 -40.76 -6.60
H21 9Z9 FA . -30.50 -45.71 -6.18
H22 9Z9 FA . -31.75 -44.81 -6.43
H23 9Z9 FA . -32.19 -44.72 -4.11
H24 9Z9 FA . -30.83 -45.64 -2.55
H25 9Z9 FA . -29.82 -46.13 -3.64
H26 9Z9 FA . -30.34 -43.39 -3.09
H27 9Z9 FA . -29.04 -44.12 -2.65
H28 9Z9 FA . -32.47 -46.99 -2.74
H29 9Z9 FA . -31.65 -48.11 -3.45
H30 9Z9 FA . -33.77 -48.50 -4.71
H31 9Z9 FA . -34.44 -47.75 -3.51
H32 9Z9 FA . -33.08 -50.21 -3.36
H33 9Z9 FA . -33.67 -48.58 -1.17
H34 9Z9 FA . -32.33 -49.32 -1.48
H35 9Z9 FA . -33.64 -51.14 1.13
H36 9Z9 FA . -32.35 -50.32 0.68
H37 9Z9 FA . -33.71 -49.55 1.01
H38 9Z9 FA . -35.07 -51.13 -2.67
H39 9Z9 FA . -35.36 -50.31 -3.97
H40 9Z9 FA . -37.88 -48.81 -2.46
H41 9Z9 FA . -37.17 -48.98 -3.87
H42 9Z9 FA . -37.66 -50.26 -3.07
H43 9Z9 FA . -23.66 -39.22 -4.71
H44 9Z9 FA . -23.00 -37.43 -3.56
H45 9Z9 FA . -24.48 -36.84 -3.58
H46 9Z9 FA . -24.18 -38.19 -2.80
H47 9Z9 FA . -22.19 -38.76 -6.41
H48 9Z9 FA . -22.56 -37.92 -7.67
H49 9Z9 FA . -21.54 -36.80 -5.26
H50 9Z9 FA . -20.72 -36.95 -6.58
H51 9Z9 FA . -21.88 -34.77 -5.98
H52 9Z9 FA . -23.78 -35.78 -7.79
H53 9Z9 FA . -23.96 -34.59 -6.81
H54 9Z9 FA . -20.43 -34.91 -7.78
H55 9Z9 FA . -21.58 -35.55 -8.66
H56 9Z9 FA . -21.71 -34.05 -8.16
C1 EPJ GA . 8.03 7.13 -37.89
C2 EPJ GA . 8.00 6.08 -39.03
C3 EPJ GA . 8.23 4.78 -38.26
C4 EPJ GA . 7.03 4.50 -37.37
C5 EPJ GA . 7.20 5.48 -36.21
C6 EPJ GA . 8.43 6.28 -36.67
N1 EPJ GA . 9.25 5.22 -37.30
C7 EPJ GA . 8.84 8.39 -38.13
C8 EPJ GA . 9.09 8.87 -39.40
C9 EPJ GA . 9.79 10.05 -39.59
C10 EPJ GA . 10.20 10.72 -38.45
CL EPJ GA . 11.00 12.26 -38.62
N2 EPJ GA . 9.98 10.31 -37.22
C11 EPJ GA . 9.31 9.16 -37.08
H1 EPJ GA . 7.18 7.58 -37.78
H2C1 EPJ GA . 7.14 6.08 -39.49
H2C2 EPJ GA . 8.68 6.24 -39.69
H3 EPJ GA . 8.42 4.03 -38.83
H4C1 EPJ GA . 6.19 4.64 -37.84
H4C2 EPJ GA . 7.02 3.58 -37.06
H5C1 EPJ GA . 6.42 6.04 -36.08
H5C2 EPJ GA . 7.36 5.03 -35.36
H6 EPJ GA . 8.82 6.80 -35.95
HA EPJ GA . 9.96 5.52 -37.67
H8 EPJ GA . 8.81 8.39 -40.14
H9 EPJ GA . 9.97 10.38 -40.44
H11 EPJ GA . 9.14 8.86 -36.22
C1 IVM HA . -25.20 -13.89 -8.82
O1 IVM HA . -22.75 -16.81 -6.71
C2 IVM HA . -24.45 -15.18 -8.52
O2 IVM HA . -20.08 -16.55 -13.76
C3 IVM HA . -24.87 -15.87 -7.22
O3 IVM HA . -21.60 -13.40 -16.06
C4 IVM HA . -24.75 -14.94 -6.03
O4 IVM HA . -19.74 -14.90 -17.71
C5 IVM HA . -24.10 -17.19 -7.01
O5 IVM HA . -17.16 -14.42 -21.14
C6 IVM HA . -21.84 -17.90 -6.66
O6 IVM HA . -18.82 -16.26 -22.29
C7 IVM HA . -22.26 -18.93 -5.65
O7 IVM HA . -21.04 -14.90 -19.70
C8 IVM HA . -23.72 -19.35 -5.86
O8 IVM HA . -21.18 -17.48 -15.62
C9 IVM HA . -24.65 -18.13 -5.94
O9 IVM HA . -14.14 -13.61 -8.36
C10 IVM HA . -26.08 -18.58 -6.22
O10 IVM HA . -13.55 -14.19 -6.02
C11 IVM HA . -20.46 -17.34 -6.33
O11 IVM HA . -19.27 -14.05 -6.36
C12 IVM HA . -19.99 -16.45 -7.45
O12 IVM HA . -18.62 -16.06 -7.15
C13 IVM HA . -20.00 -17.22 -8.76
O13 IVM HA . -17.45 -12.68 -7.89
C14 IVM HA . -21.43 -17.64 -9.00
O14 IVM HA . -21.82 -18.53 -7.94
C15 IVM HA . -21.65 -18.50 -10.24
C16 IVM HA . -20.96 -17.90 -11.44
C17 IVM HA . -19.93 -18.40 -12.13
C18 IVM HA . -19.30 -19.71 -11.78
C19 IVM HA . -19.31 -17.65 -13.29
C20 IVM HA . -21.32 -16.74 -14.41
C21 IVM HA . -21.90 -15.39 -14.69
C22 IVM HA . -21.01 -14.63 -15.67
C23 IVM HA . -21.64 -12.41 -15.05
C24 IVM HA . -20.77 -15.48 -16.92
C25 IVM HA . -20.16 -14.18 -18.86
C26 IVM HA . -18.92 -13.71 -19.58
C27 IVM HA . -18.34 -14.83 -20.43
C28 IVM HA . -15.99 -14.34 -20.34
C29 IVM HA . -19.38 -15.27 -21.45
C30 IVM HA . -20.60 -15.82 -20.72
C31 IVM HA . -21.78 -16.05 -21.63
C32 IVM HA . -20.24 -16.86 -16.52
C33 IVM HA . -20.06 -17.79 -17.69
C34 IVM HA . -17.94 -17.06 -12.91
C35 IVM HA . -17.31 -16.34 -14.09
C36 IVM HA . -18.06 -16.11 -11.75
C37 IVM HA . -17.15 -15.95 -10.79
C38 IVM HA . -17.26 -15.07 -9.67
C39 IVM HA . -16.30 -14.43 -8.99
C40 IVM HA . -14.84 -14.42 -9.32
C41 IVM HA . -15.05 -12.97 -7.46
C42 IVM HA . -14.45 -13.10 -6.06
C43 IVM HA . -15.50 -13.24 -4.98
C44 IVM HA . -16.61 -13.94 -5.19
C45 IVM HA . -16.92 -14.54 -6.54
C46 IVM HA . -18.40 -14.82 -6.66
C47 IVM HA . -16.42 -13.63 -7.71
C48 IVM HA . -15.20 -12.55 -3.68
H1 IVM HA . -24.87 -13.51 -9.65
H1A IVM HA . -26.15 -14.09 -8.89
H1B IVM HA . -25.05 -13.26 -8.09
H2 IVM HA . -24.57 -15.78 -9.26
H2A IVM HA . -23.49 -14.98 -8.47
H3 IVM HA . -25.81 -16.11 -7.32
H4 IVM HA . -25.03 -15.42 -5.23
H4A IVM HA . -23.83 -14.66 -5.94
H4B IVM HA . -25.33 -14.17 -6.17
H5 IVM HA . -24.20 -17.71 -7.82
HO6 IVM HA . -19.39 -16.51 -22.85
H7 IVM HA . -21.69 -19.72 -5.72
H7A IVM HA . -22.15 -18.58 -4.76
H8 IVM HA . -23.79 -19.86 -6.68
H8A IVM HA . -24.00 -19.92 -5.14
H9 IVM HA . -24.67 -17.67 -5.09
H10 IVM HA . -26.37 -19.18 -5.51
H10A IVM HA . -26.65 -17.80 -6.25
H10B IVM HA . -26.11 -19.04 -7.07
HO10 IVM HA . -13.22 -14.26 -5.26
H11 IVM HA . -20.50 -16.84 -5.49
H11A IVM HA . -19.83 -18.07 -6.18
H12 IVM HA . -20.58 -15.69 -7.54
H13 IVM HA . -19.68 -16.66 -9.49
H13A IVM HA . -19.41 -17.99 -8.71
HO13 IVM HA . -17.54 -12.23 -7.19
H14 IVM HA . -21.93 -16.80 -9.07
H15 IVM HA . -21.31 -19.40 -10.09
H15A IVM HA . -22.60 -18.58 -10.42
H16 IVM HA . -21.30 -17.04 -11.74
H18 IVM HA . -18.57 -19.88 -12.41
H18A IVM HA . -18.94 -19.66 -10.88
H18B IVM HA . -19.96 -20.41 -11.85
H19 IVM HA . -19.25 -18.33 -13.98
H20 IVM HA . -21.91 -17.27 -13.84
H21 IVM HA . -22.79 -15.48 -15.08
H21A IVM HA . -21.99 -14.88 -13.88
H22 IVM HA . -20.16 -14.46 -15.23
H23 IVM HA . -22.07 -11.61 -15.41
H23A IVM HA . -22.15 -12.74 -14.29
H23B IVM HA . -20.74 -12.20 -14.77
H24 IVM HA . -21.62 -15.55 -17.39
H25 IVM HA . -20.68 -13.41 -18.57
H26 IVM HA . -19.13 -12.95 -20.15
H26A IVM HA . -18.25 -13.42 -18.94
H27 IVM HA . -18.09 -15.56 -19.83
H28 IVM HA . -15.24 -14.05 -20.90
H28A IVM HA . -16.13 -13.69 -19.62
H28B IVM HA . -15.79 -15.21 -19.96
H29 IVM HA . -19.65 -14.50 -21.98
H30 IVM HA . -20.31 -16.66 -20.35
H31 IVM HA . -21.51 -16.66 -22.34
H31A IVM HA . -22.50 -16.43 -21.12
H31B IVM HA . -22.05 -15.20 -22.02
H32 IVM HA . -19.36 -16.70 -16.13
H33 IVM HA . -19.45 -17.40 -18.32
H33A IVM HA . -19.72 -18.64 -17.37
H33B IVM HA . -20.93 -17.92 -18.12
H34 IVM HA . -17.38 -17.80 -12.65
H35 IVM HA . -16.44 -15.98 -13.81
H35A IVM HA . -17.18 -16.97 -14.82
H35B IVM HA . -17.89 -15.62 -14.38
H36 IVM HA . -18.86 -15.57 -11.69
H37 IVM HA . -16.33 -16.46 -10.86
H38 IVM HA . -18.16 -14.92 -9.35
H40 IVM HA . -14.70 -14.06 -10.21
H40A IVM HA . -14.49 -15.32 -9.31
H41 IVM HA . -15.20 -12.02 -7.57
H42 IVM HA . -13.98 -12.28 -5.88
H44 IVM HA . -17.22 -14.04 -4.50
H45 IVM HA . -16.43 -15.38 -6.61
H48 IVM HA . -15.94 -12.72 -3.07
H48A IVM HA . -14.37 -12.91 -3.31
H48B IVM HA . -15.10 -11.60 -3.84
N POV IA . -45.88 -25.84 6.13
P POV IA . -41.88 -24.87 4.55
C1 POV IA . -40.93 -23.12 2.76
C2 POV IA . -39.61 -22.50 3.17
C3 POV IA . -39.48 -21.10 2.61
C210 POV IA . -31.51 -20.96 -3.16
C310 POV IA . -30.50 -16.62 -1.09
C11 POV IA . -44.04 -24.06 5.79
O11 POV IA . -41.04 -24.48 3.23
C211 POV IA . -30.16 -21.50 -2.78
C311 POV IA . -29.88 -17.97 -1.41
C12 POV IA . -45.34 -24.67 5.32
O12 POV IA . -43.16 -23.93 4.65
C212 POV IA . -29.16 -21.52 -3.93
C312 POV IA . -28.49 -17.89 -2.04
C13 POV IA . -45.01 -27.04 5.90
O13 POV IA . -42.34 -26.26 4.38
C213 POV IA . -29.10 -22.84 -4.67
C313 POV IA . -27.38 -17.57 -1.06
C14 POV IA . -45.98 -25.58 7.61
O14 POV IA . -41.02 -24.53 5.70
C314 POV IA . -25.98 -17.48 -1.66
C15 POV IA . -47.26 -26.15 5.62
C315 POV IA . -25.56 -18.76 -2.35
C316 POV IA . -24.09 -19.08 -2.30
C21 POV IA . -38.13 -24.39 3.35
O21 POV IA . -38.47 -23.27 2.68
C22 POV IA . -36.90 -25.02 2.77
O22 POV IA . -38.71 -24.80 4.32
C23 POV IA . -35.86 -24.01 2.34
C24 POV IA . -35.96 -23.60 0.88
C25 POV IA . -34.96 -22.54 0.47
C26 POV IA . -33.50 -22.95 0.60
C27 POV IA . -32.63 -22.57 -0.58
C28 POV IA . -32.54 -21.08 -0.88
C29 POV IA . -32.52 -20.78 -2.35
C31 POV IA . -39.78 -20.30 0.40
O31 POV IA . -39.20 -21.19 1.20
C32 POV IA . -38.78 -19.56 -0.44
O32 POV IA . -40.97 -20.11 0.37
C33 POV IA . -37.35 -20.04 -0.24
C34 POV IA . -36.37 -19.38 -1.19
C35 POV IA . -35.92 -18.00 -0.75
C36 POV IA . -35.00 -17.30 -1.75
C37 POV IA . -33.85 -16.52 -1.12
C38 POV IA . -32.83 -17.40 -0.40
C39 POV IA . -31.56 -16.69 0.00
H29 POV IA . -33.34 -20.42 -2.73
H1 POV IA . -41.67 -22.59 3.09
H1A POV IA . -41.01 -23.12 1.78
H2 POV IA . -39.61 -22.48 4.14
H3 POV IA . -40.29 -20.60 2.77
H3A POV IA . -38.76 -20.63 3.07
H310 POV IA . -29.80 -16.01 -0.82
H31A POV IA . -30.91 -16.26 -1.89
H210 POV IA . -31.65 -20.73 -4.10
H11 POV IA . -44.20 -23.19 6.19
H11A POV IA . -43.64 -24.62 6.47
H211 POV IA . -29.80 -20.95 -2.06
H21A POV IA . -30.27 -22.39 -2.43
H311 POV IA . -29.82 -18.49 -0.60
H31B POV IA . -30.46 -18.45 -2.02
H12 POV IA . -45.23 -24.96 4.41
H12A POV IA . -46.02 -23.97 5.31
H22 POV IA . -36.51 -25.63 3.41
H212 POV IA . -29.38 -20.82 -4.56
H22A POV IA . -37.15 -25.56 2.00
H21B POV IA . -28.27 -21.32 -3.59
H32 POV IA . -39.03 -19.67 -1.37
H312 POV IA . -28.30 -18.75 -2.47
H32A POV IA . -38.84 -18.62 -0.24
H31C POV IA . -28.49 -17.22 -2.74
H13 POV IA . -45.36 -27.78 6.42
H13A POV IA . -45.02 -27.25 4.96
H13B POV IA . -44.11 -26.83 6.19
H23 POV IA . -35.93 -23.21 2.90
H213 POV IA . -28.23 -22.87 -5.32
H23A POV IA . -34.97 -24.37 2.51
H21C POV IA . -28.93 -23.65 -3.96
H33 POV IA . -37.09 -19.85 0.67
H313 POV IA . -27.58 -16.73 -0.62
H33A POV IA . -37.31 -21.00 -0.36
H31D POV IA . -27.37 -18.25 -0.36
H14 POV IA . -46.33 -26.37 8.05
H14A POV IA . -45.09 -25.37 7.95
H14B POV IA . -46.58 -24.83 7.75
H24 POV IA . -35.83 -24.38 0.32
H24A POV IA . -36.85 -23.27 0.71
H34 POV IA . -35.59 -19.95 -1.28
H314 POV IA . -25.96 -16.75 -2.29
H34A POV IA . -36.77 -19.31 -2.07
H31E POV IA . -25.34 -17.26 -0.96
H15 POV IA . -47.63 -26.89 6.12
H15A POV IA . -47.82 -25.36 5.73
H15B POV IA . -47.19 -26.38 4.68
H25 POV IA . -35.13 -22.29 -0.46
H25A POV IA . -35.10 -21.74 1.00
H35 POV IA . -36.70 -17.45 -0.59
H315 POV IA . -26.05 -19.50 -1.95
H35A POV IA . -35.47 -18.07 0.11
H31F POV IA . -25.82 -18.72 -3.28
H26 POV IA . -33.13 -22.55 1.40
H26A POV IA . -33.46 -23.92 0.73
H36 POV IA . -34.64 -17.96 -2.35
H316 POV IA . -23.93 -19.92 -2.76
H36A POV IA . -35.54 -16.68 -2.28
H31G POV IA . -23.59 -18.36 -2.73
H31H POV IA . -23.81 -19.17 -1.37
H27 POV IA . -31.72 -22.90 -0.42
H27A POV IA . -32.96 -23.03 -1.37
H37 POV IA . -33.40 -16.02 -1.81
H37A POV IA . -34.21 -15.88 -0.49
H28 POV IA . -33.30 -20.62 -0.47
H28A POV IA . -31.75 -20.71 -0.47
H38 POV IA . -33.24 -17.77 0.40
H38A POV IA . -32.60 -18.15 -0.97
H39 POV IA . -31.18 -17.12 0.77
H39A POV IA . -31.78 -15.79 0.27
CA CA JA . -8.62 2.15 -15.11
C1 NAG KA . 18.01 21.58 -60.73
C2 NAG KA . 17.58 22.81 -61.54
C3 NAG KA . 17.57 22.47 -63.03
C4 NAG KA . 18.90 21.88 -63.46
C5 NAG KA . 19.23 20.68 -62.58
C6 NAG KA . 20.59 20.08 -62.87
C7 NAG KA . 16.19 24.21 -60.14
C8 NAG KA . 15.40 23.80 -58.94
N2 NAG KA . 16.30 23.30 -61.11
O3 NAG KA . 17.27 23.65 -63.76
O4 NAG KA . 18.80 21.44 -64.82
O5 NAG KA . 19.26 21.12 -61.20
O6 NAG KA . 21.45 20.11 -61.72
O7 NAG KA . 16.71 25.31 -60.22
H2 NAG KA . 18.24 23.51 -61.39
H3 NAG KA . 16.89 21.81 -63.20
H4 NAG KA . 19.60 22.55 -63.38
H5 NAG KA . 18.56 20.01 -62.75
H61 NAG KA . 21.01 20.58 -63.60
H62 NAG KA . 20.49 19.17 -63.17
H81 NAG KA . 15.38 24.53 -58.30
H82 NAG KA . 15.81 23.02 -58.53
H83 NAG KA . 14.49 23.58 -59.22
HN2 NAG KA . 15.58 23.00 -61.48
HO3 NAG KA . 16.53 23.96 -63.51
HO4 NAG KA . 18.62 22.09 -65.30
HO6 NAG KA . 22.18 19.78 -61.92
C01 9Z9 LA . -47.85 -8.75 -0.10
C02 9Z9 LA . -47.60 -8.36 1.36
C03 9Z9 LA . -46.22 -7.66 1.56
C04 9Z9 LA . -46.48 -6.17 1.25
C05 9Z9 LA . -47.99 -5.97 1.16
C06 9Z9 LA . -48.54 -7.23 1.83
C07 9Z9 LA . -50.03 -7.58 1.71
C08 9Z9 LA . -50.33 -8.87 2.50
C09 9Z9 LA . -49.32 -10.00 2.23
C10 9Z9 LA . -47.87 -9.54 2.29
C11 9Z9 LA . -51.82 -9.33 2.33
C12 9Z9 LA . -52.09 -9.89 0.93
C13 9Z9 LA . -52.73 -8.13 2.56
C14 9Z9 LA . -52.29 -6.88 2.64
C15 9Z9 LA . -50.90 -6.44 2.26
C16 9Z9 LA . -54.21 -8.44 2.72
C17 9Z9 LA . -54.47 -9.57 3.69
C18 9Z9 LA . -53.61 -10.78 3.39
C19 9Z9 LA . -52.13 -10.39 3.41
O20 9Z9 LA . -55.88 -9.84 3.57
C21 9Z9 LA . -56.39 -11.12 3.98
C22 9Z9 LA . -57.79 -10.95 4.51
C23 9Z9 LA . -58.61 -12.25 4.47
C24 9Z9 LA . -57.84 -13.44 4.98
O25 9Z9 LA . -58.72 -14.50 5.30
C26 9Z9 LA . -58.03 -15.66 5.78
C48 9Z9 LA . -59.93 -12.07 5.21
O49 9Z9 LA . -59.67 -11.95 6.59
C50 9Z9 LA . -60.51 -11.01 7.23
O72 9Z9 LA . -45.79 -5.93 0.01
C73 9Z9 LA . -44.60 -6.69 0.05
C74 9Z9 LA . -45.00 -8.03 0.69
C75 9Z9 LA . -43.88 -8.73 1.45
C76 9Z9 LA . -44.06 -6.78 -1.37
C77 9Z9 LA . -42.53 -6.88 -1.39
C78 9Z9 LA . -41.88 -5.67 -0.73
C79 9Z9 LA . -42.86 -5.08 0.27
O80 9Z9 LA . -43.65 -6.07 0.90
C81 9Z9 LA . -41.43 -4.64 -1.74
H1 9Z9 LA . -47.68 -7.98 -0.67
H2 9Z9 LA . -47.27 -9.47 -0.34
H3 9Z9 LA . -48.78 -9.02 -0.20
H4 9Z9 LA . -45.95 -7.94 2.45
H5 9Z9 LA . -46.15 -5.56 1.92
H6 9Z9 LA . -48.28 -5.90 0.23
H7 9Z9 LA . -48.28 -5.17 1.61
H8 9Z9 LA . -48.55 -7.08 2.79
H9 9Z9 LA . -50.24 -7.71 0.78
H10 9Z9 LA . -50.21 -8.65 3.44
H11 9Z9 LA . -49.46 -10.71 2.87
H12 9Z9 LA . -49.50 -10.37 1.35
H13 9Z9 LA . -47.64 -9.30 3.20
H14 9Z9 LA . -47.29 -10.28 2.05
H15 9Z9 LA . -51.88 -9.22 0.27
H16 9Z9 LA . -51.53 -10.67 0.79
H17 9Z9 LA . -53.03 -10.15 0.87
H18 9Z9 LA . -52.87 -6.24 2.94
H19 9Z9 LA . -50.96 -5.75 1.59
H20 9Z9 LA . -50.47 -6.05 3.04
H21 9Z9 LA . -54.57 -8.67 1.85
H22 9Z9 LA . -54.67 -7.64 3.01
H23 9Z9 LA . -54.26 -9.33 4.61
H24 9Z9 LA . -53.77 -11.47 4.05
H25 9Z9 LA . -53.84 -11.14 2.53
H26 9Z9 LA . -51.89 -10.05 4.28
H27 9Z9 LA . -51.59 -11.17 3.25
H28 9Z9 LA . -55.82 -11.49 4.67
H29 9Z9 LA . -56.38 -11.73 3.23
H30 9Z9 LA . -58.24 -10.27 4.00
H31 9Z9 LA . -57.74 -10.65 5.44
H32 9Z9 LA . -58.81 -12.43 3.53
H33 9Z9 LA . -57.34 -13.18 5.77
H34 9Z9 LA . -57.20 -13.74 4.32
H35 9Z9 LA . -58.69 -16.34 5.98
H36 9Z9 LA . -57.43 -15.97 5.09
H37 9Z9 LA . -57.53 -15.43 6.58
H38 9Z9 LA . -60.50 -12.83 5.04
H39 9Z9 LA . -60.38 -11.28 4.88
H40 9Z9 LA . -60.29 -10.97 8.18
H41 9Z9 LA . -60.38 -10.13 6.82
H42 9Z9 LA . -61.43 -11.28 7.12
H43 9Z9 LA . -45.21 -8.69 0.01
H44 9Z9 LA . -43.15 -8.93 0.84
H45 9Z9 LA . -43.56 -8.15 2.15
H46 9Z9 LA . -44.23 -9.56 1.82
H47 9Z9 LA . -44.44 -7.55 -1.82
H48 9Z9 LA . -44.34 -5.99 -1.87
H49 9Z9 LA . -42.26 -7.69 -0.94
H50 9Z9 LA . -42.23 -6.94 -2.30
H51 9Z9 LA . -41.08 -5.98 -0.27
H52 9Z9 LA . -43.44 -4.45 -0.19
H53 9Z9 LA . -42.36 -4.57 0.93
H54 9Z9 LA . -40.80 -5.05 -2.37
H55 9Z9 LA . -42.20 -4.30 -2.22
H56 9Z9 LA . -40.99 -3.91 -1.28
C1 EPJ MA . 0.34 31.69 -23.39
C2 EPJ MA . -0.78 32.09 -24.37
C3 EPJ MA . -1.45 30.74 -24.65
C4 EPJ MA . -2.14 30.25 -23.38
C5 EPJ MA . -0.97 29.75 -22.51
C6 EPJ MA . 0.23 30.15 -23.37
N1 EPJ MA . -0.27 29.87 -24.73
C7 EPJ MA . 1.72 32.27 -23.63
C8 EPJ MA . 1.91 33.46 -24.32
C9 EPJ MA . 3.18 33.99 -24.47
C10 EPJ MA . 4.22 33.29 -23.91
CL EPJ MA . 5.83 33.95 -24.01
N2 EPJ MA . 4.10 32.15 -23.25
C11 EPJ MA . 2.86 31.66 -23.13
H1 EPJ MA . 0.22 32.09 -22.51
H2C1 EPJ MA . -1.40 32.72 -23.97
H2C2 EPJ MA . -0.44 32.49 -25.18
H3 EPJ MA . -2.07 30.77 -25.40
H4C1 EPJ MA . -2.63 30.95 -22.94
H4C2 EPJ MA . -2.77 29.54 -23.57
H5C1 EPJ MA . -0.96 30.18 -21.64
H5C2 EPJ MA . -1.02 28.79 -22.36
H6 EPJ MA . 1.05 29.72 -23.08
HA EPJ MA . 0.28 30.10 -25.35
H8 EPJ MA . 1.18 33.91 -24.67
H9 EPJ MA . 3.32 34.78 -24.93
H11 EPJ MA . 2.77 30.87 -22.66
C1 IVM NA . -27.66 7.87 8.86
O1 IVM NA . -27.94 3.94 7.00
C2 IVM NA . -28.14 6.75 7.95
O2 IVM NA . -28.01 8.94 1.36
C3 IVM NA . -28.58 5.48 8.69
O3 IVM NA . -27.07 12.86 2.50
C4 IVM NA . -27.49 4.96 9.60
O4 IVM NA . -27.57 12.86 -0.37
C5 IVM NA . -29.09 4.41 7.71
O5 IVM NA . -26.57 15.06 -3.93
C6 IVM NA . -28.24 3.08 5.91
O6 IVM NA . -29.27 15.58 -4.02
C7 IVM NA . -29.01 1.86 6.37
O7 IVM NA . -28.85 14.86 -0.44
C8 IVM NA . -30.23 2.27 7.20
O8 IVM NA . -29.84 10.31 0.83
C9 IVM NA . -29.86 3.23 8.32
O9 IVM NA . -20.89 4.23 0.90
C10 IVM NA . -31.11 3.68 9.08
O10 IVM NA . -20.39 1.88 1.47
C11 IVM NA . -26.92 2.66 5.28
O11 IVM NA . -23.70 3.98 5.64
C12 IVM NA . -26.25 3.88 4.67
O12 IVM NA . -25.06 3.40 3.96
C13 IVM NA . -27.18 4.55 3.68
O13 IVM NA . -21.97 5.34 4.00
C14 IVM NA . -28.40 4.97 4.47
O14 IVM NA . -29.04 3.78 4.98
C15 IVM NA . -29.51 5.60 3.64
C16 IVM NA . -28.96 6.66 2.72
C17 IVM NA . -28.93 6.64 1.39
C18 IVM NA . -29.47 5.51 0.58
C19 IVM NA . -28.29 7.77 0.59
C20 IVM NA . -29.06 9.74 1.86
C21 IVM NA . -28.42 10.84 2.68
C22 IVM NA . -27.57 11.73 1.78
C23 IVM NA . -26.06 12.55 3.46
C24 IVM NA . -28.41 12.24 0.61
C25 IVM NA . -27.55 14.27 -0.37
C26 IVM NA . -26.66 14.71 -1.52
C27 IVM NA . -27.40 14.65 -2.83
C28 IVM NA . -25.63 14.09 -4.37
C29 IVM NA . -28.61 15.57 -2.76
C30 IVM NA . -29.56 15.07 -1.67
C31 IVM NA . -30.66 16.06 -1.36
C32 IVM NA . -29.06 11.06 -0.12
C33 IVM NA . -29.99 11.48 -1.24
C34 IVM NA . -26.94 7.34 0.00
C35 IVM NA . -26.32 8.46 -0.83
C36 IVM NA . -25.97 6.92 1.06
C37 IVM NA . -25.06 5.94 0.96
C38 IVM NA . -24.17 5.52 1.98
C39 IVM NA . -22.94 5.00 1.86
C40 IVM NA . -22.16 4.81 0.60
C41 IVM NA . -20.69 4.11 2.31
C42 IVM NA . -20.08 2.74 2.55
C43 IVM NA . -20.52 2.12 3.86
C44 IVM NA . -21.75 2.29 4.31
C45 IVM NA . -22.75 3.15 3.59
C46 IVM NA . -23.86 3.57 4.53
C47 IVM NA . -22.06 4.40 2.95
C48 IVM NA . -19.47 1.32 4.59
H1 IVM NA . -27.40 8.63 8.31
H1A IVM NA . -28.38 8.12 9.46
H1B IVM NA . -26.90 7.56 9.38
H2 IVM NA . -28.88 7.08 7.41
H2A IVM NA . -27.41 6.52 7.34
H3 IVM NA . -29.33 5.73 9.25
H4 IVM NA . -27.81 4.15 10.04
H4A IVM NA . -26.71 4.74 9.07
H4B IVM NA . -27.26 5.63 10.25
H5 IVM NA . -29.76 4.83 7.16
HO6 IVM NA . -29.93 16.08 -3.98
H7 IVM NA . -29.30 1.35 5.60
H7A IVM NA . -28.44 1.29 6.90
H8 IVM NA . -30.88 2.70 6.61
H8A IVM NA . -30.65 1.49 7.56
H9 IVM NA . -29.29 2.79 8.97
H10 IVM NA . -31.56 2.90 9.44
H10A IVM NA . -30.85 4.27 9.80
H10B IVM NA . -31.70 4.14 8.47
HO10 IVM NA . -20.04 1.12 1.61
H11 IVM NA . -26.34 2.26 5.95
H11A IVM NA . -27.07 1.99 4.60
H12 IVM NA . -26.02 4.51 5.37
H13 IVM NA . -26.75 5.31 3.27
H13A IVM NA . -27.42 3.94 2.97
HO13 IVM NA . -21.49 5.04 4.62
H14 IVM NA . -28.07 5.59 5.13
H15 IVM NA . -29.96 4.92 3.12
H15A IVM NA . -30.18 6.00 4.23
H16 IVM NA . -28.57 7.43 3.16
H18 IVM NA . -29.34 5.71 -0.36
H18A IVM NA . -28.99 4.70 0.81
H18B IVM NA . -30.42 5.41 0.77
H19 IVM NA . -28.95 7.97 -0.09
H20 IVM NA . -29.65 9.20 2.40
H21 IVM NA . -29.10 11.38 3.11
H21A IVM NA . -27.86 10.46 3.37
H22 IVM NA . -26.82 11.20 1.45
H23 IVM NA . -25.78 13.37 3.89
H23A IVM NA . -26.43 11.93 4.11
H23B IVM NA . -25.30 12.15 3.00
H24 IVM NA . -29.07 12.85 0.97
H25 IVM NA . -27.18 14.58 0.47
H26 IVM NA . -26.34 15.61 -1.36
H26A IVM NA . -25.88 14.13 -1.56
H27 IVM NA . -27.66 13.72 -2.98
H28 IVM NA . -25.13 14.46 -5.11
H28A IVM NA . -25.03 13.89 -3.63
H28B IVM NA . -26.09 13.30 -4.65
H29 IVM NA . -28.33 16.47 -2.54
H30 IVM NA . -29.94 14.26 -2.03
H31 IVM NA . -31.16 16.24 -2.17
H31A IVM NA . -31.23 15.68 -0.68
H31B IVM NA . -30.26 16.89 -1.03
H32 IVM NA . -28.32 10.55 -0.50
H33 IVM NA . -29.48 11.99 -1.88
H33A IVM NA . -30.35 10.68 -1.65
H33B IVM NA . -30.70 12.02 -0.86
H34 IVM NA . -27.12 6.58 -0.58
H35 IVM NA . -25.47 8.15 -1.20
H35A IVM NA . -26.92 8.69 -1.55
H35B IVM NA . -26.17 9.23 -0.26
H36 IVM NA . -26.00 7.39 1.91
H37 IVM NA . -25.01 5.49 0.10
H38 IVM NA . -24.49 5.61 2.88
H40 IVM NA . -22.04 5.68 0.16
H40A IVM NA . -22.66 4.25 -0.02
H41 IVM NA . -20.07 4.73 2.73
H42 IVM NA . -19.12 2.87 2.61
H44 IVM NA . -22.01 1.85 5.10
H45 IVM NA . -23.12 2.63 2.86
H48 IVM NA . -19.87 0.97 5.41
H48A IVM NA . -19.17 0.59 4.02
H48B IVM NA . -18.73 1.90 4.80
N POV OA . -45.03 -3.84 27.70
P POV OA . -42.36 -3.31 24.23
C1 POV OA . -40.93 -1.28 23.25
C2 POV OA . -39.58 -1.70 22.72
C3 POV OA . -38.56 -0.59 22.87
C210 POV OA . -35.32 1.68 13.86
C310 POV OA . -30.85 1.90 15.90
C11 POV OA . -42.67 -3.23 26.83
O11 POV OA . -41.91 -2.31 23.06
C211 POV OA . -34.84 0.70 12.84
C311 POV OA . -31.60 1.28 14.72
C12 POV OA . -44.03 -2.77 27.32
O12 POV OA . -42.36 -2.52 25.62
C212 POV OA . -34.58 1.30 11.46
C312 POV OA . -30.90 1.39 13.37
C13 POV OA . -45.50 -4.53 26.47
O13 POV OA . -43.75 -3.74 23.94
C213 POV OA . -35.75 1.21 10.51
C313 POV OA . -29.75 0.42 13.19
C14 POV OA . -44.51 -4.87 28.66
O14 POV OA . -41.30 -4.34 24.33
C314 POV OA . -29.02 0.52 11.86
C15 POV OA . -46.21 -3.16 28.34
C315 POV OA . -29.95 0.30 10.67
C316 POV OA . -29.32 -0.35 9.47
C21 POV OA . -40.13 -3.26 20.96
O21 POV OA . -39.64 -2.05 21.29
C22 POV OA . -40.04 -3.49 19.48
O22 POV OA . -40.52 -4.07 21.75
C23 POV OA . -38.76 -2.96 18.86
C24 POV OA . -38.89 -1.54 18.32
C25 POV OA . -37.60 -0.97 17.76
C26 POV OA . -37.03 -1.74 16.58
C27 POV OA . -36.54 -0.87 15.44
C28 POV OA . -35.41 0.10 15.80
C29 POV OA . -35.55 1.43 15.12
C31 POV OA . -38.70 1.69 22.23
O31 POV OA . -38.84 0.42 21.86
C32 POV OA . -37.76 2.43 21.32
O32 POV OA . -39.26 2.18 23.18
C33 POV OA . -37.24 1.59 20.16
C34 POV OA . -36.42 2.39 19.18
C35 POV OA . -34.97 2.59 19.62
C36 POV OA . -34.16 3.46 18.67
C37 POV OA . -32.73 2.99 18.44
C38 POV OA . -32.63 1.66 17.70
C39 POV OA . -31.23 1.32 17.24
H29 POV OA . -35.85 2.18 15.67
H1 POV OA . -40.86 -1.05 24.19
H1A POV OA . -41.22 -0.47 22.79
H2 POV OA . -39.31 -2.48 23.24
H3 POV OA . -38.61 -0.21 23.75
H3A POV OA . -37.66 -0.93 22.75
H310 POV OA . -29.90 1.77 15.75
H31A POV OA . -31.01 2.85 15.91
H210 POV OA . -35.45 2.59 13.56
H11 POV OA . -42.00 -3.07 27.51
H11A POV OA . -42.69 -4.19 26.67
H211 POV OA . -34.03 0.28 13.16
H21A POV OA . -35.51 0.00 12.75
H311 POV OA . -31.76 0.34 14.91
H31B POV OA . -32.47 1.71 14.66
H12 POV OA . -44.42 -2.22 26.64
H12A POV OA . -43.89 -2.20 28.10
H22 POV OA . -40.11 -4.43 19.30
H212 POV OA . -34.33 2.23 11.57
H22A POV OA . -40.80 -3.06 19.05
H21B POV OA . -33.82 0.85 11.06
H32 POV OA . -38.23 3.21 20.96
H312 POV OA . -31.56 1.25 12.66
H32A POV OA . -37.02 2.76 21.83
H31C POV OA . -30.57 2.30 13.27
H13 POV OA . -46.14 -5.22 26.71
H13A POV OA . -45.93 -3.88 25.88
H13B POV OA . -44.74 -4.94 26.02
H23 POV OA . -38.05 -2.97 19.53
H213 POV OA . -35.44 1.46 9.50
H23A POV OA . -38.48 -3.54 18.15
H21C POV OA . -36.09 0.17 10.44
H33 POV OA . -36.71 0.86 20.52
H313 POV OA . -29.11 0.56 13.91
H33A POV OA . -38.00 1.19 19.70
H31D POV OA . -30.09 -0.48 13.28
H14 POV OA . -45.20 -5.52 28.86
H14A POV OA . -43.74 -5.32 28.26
H14B POV OA . -44.23 -4.43 29.48
H24 POV OA . -39.56 -1.52 17.62
H24A POV OA . -39.20 -0.96 19.03
H34 POV OA . -36.42 1.93 18.32
H314 POV OA . -28.62 1.40 11.78
H34A POV OA . -36.82 3.26 19.04
H31E POV OA . -28.30 -0.13 11.82
H15 POV OA . -46.86 -3.83 28.59
H15A POV OA . -45.90 -2.68 29.13
H15B POV OA . -46.59 -2.54 27.71
H25 POV OA . -37.74 -0.05 17.50
H25A POV OA . -36.93 -0.95 18.47
H35 POV OA . -34.97 2.99 20.50
H315 POV OA . -30.70 -0.24 10.96
H35A POV OA . -34.54 1.72 19.69
H31F POV OA . -30.31 1.17 10.40
H26 POV OA . -36.30 -2.30 16.88
H26A POV OA . -37.72 -2.34 16.24
H36 POV OA . -34.62 3.51 17.81
H316 POV OA . -29.99 -0.45 8.77
H36A POV OA . -34.14 4.37 19.03
H31G POV OA . -28.58 0.20 9.15
H31H POV OA . -28.98 -1.22 9.72
H27 POV OA . -36.22 -1.44 14.72
H27A POV OA . -37.28 -0.36 15.09
H37 POV OA . -32.26 3.67 17.92
H37A POV OA . -32.28 2.92 19.29
H28 POV OA . -35.40 0.24 16.77
H28A POV OA . -34.56 -0.29 15.56
H38 POV OA . -32.95 0.96 18.29
H38A POV OA . -33.22 1.67 16.94
H39 POV OA . -31.15 0.35 17.20
H39A POV OA . -30.59 1.61 17.90
CA CA PA . -7.29 15.92 -0.71
C1 NAG QA . 11.38 54.32 -37.39
C2 NAG QA . 11.86 55.72 -37.02
C3 NAG QA . 11.21 56.76 -37.93
C4 NAG QA . 11.42 56.40 -39.39
C5 NAG QA . 10.92 54.97 -39.64
C6 NAG QA . 11.17 54.49 -41.05
C7 NAG QA . 12.50 55.73 -34.68
C8 NAG QA . 12.03 54.80 -33.60
N2 NAG QA . 11.61 56.02 -35.63
O3 NAG QA . 11.75 58.04 -37.63
O4 NAG QA . 10.68 57.29 -40.21
O5 NAG QA . 11.62 54.08 -38.76
O6 NAG QA . 11.98 53.32 -41.07
O7 NAG QA . 13.63 56.19 -34.69
H2 NAG QA . 12.83 55.75 -37.15
H3 NAG QA . 10.25 56.77 -37.76
H4 NAG QA . 12.36 56.46 -39.61
H5 NAG QA . 9.96 54.98 -39.48
H61 NAG QA . 11.61 55.20 -41.56
H62 NAG QA . 10.33 54.32 -41.48
H81 NAG QA . 12.75 54.67 -32.96
H82 NAG QA . 11.77 53.96 -34.01
H83 NAG QA . 11.26 55.20 -33.15
HN2 NAG QA . 10.86 56.39 -35.41
HO3 NAG QA . 11.63 58.21 -36.82
HO4 NAG QA . 10.94 58.08 -40.08
HO6 NAG QA . 12.11 53.08 -41.87
C01 9Z9 RA . -34.65 10.41 32.52
C02 9Z9 RA . -33.82 9.34 33.25
C03 9Z9 RA . -32.42 9.12 32.60
C04 9Z9 RA . -31.51 10.19 33.20
C05 9Z9 RA . -32.26 10.83 34.36
C06 9Z9 RA . -33.38 9.82 34.66
C07 9Z9 RA . -34.55 10.20 35.59
C08 9Z9 RA . -35.51 9.01 35.72
C09 9Z9 RA . -35.86 8.35 34.38
C10 9Z9 RA . -34.64 8.07 33.49
C11 9Z9 RA . -36.77 9.36 36.57
C12 9Z9 RA . -37.73 10.30 35.80
C13 9Z9 RA . -36.33 10.06 37.85
C14 9Z9 RA . -35.09 10.50 38.04
C15 9Z9 RA . -34.03 10.61 36.97
C16 9Z9 RA . -37.38 10.25 38.92
C17 9Z9 RA . -38.15 8.97 39.20
C18 9Z9 RA . -38.65 8.34 37.92
C19 9Z9 RA . -37.49 8.07 36.96
O20 9Z9 RA . -39.21 9.36 40.09
C21 9Z9 RA . -40.38 8.55 40.18
C22 9Z9 RA . -40.94 8.63 41.59
C23 9Z9 RA . -42.43 8.27 41.67
C24 9Z9 RA . -42.76 7.02 40.90
O25 9Z9 RA . -44.01 6.49 41.32
C26 9Z9 RA . -44.38 5.32 40.61
C48 9Z9 RA . -42.86 8.17 43.12
O49 9Z9 RA . -42.26 7.04 43.71
C50 9Z9 RA . -41.86 7.26 45.05
O72 9Z9 RA . -31.25 11.09 32.14
C73 9Z9 RA . -31.12 10.32 30.95
C74 9Z9 RA . -32.22 9.25 31.07
C75 9Z9 RA . -31.92 7.94 30.36
C76 9Z9 RA . -31.25 11.25 29.77
C77 9Z9 RA . -30.44 10.75 28.57
C78 9Z9 RA . -28.96 10.62 28.89
C79 9Z9 RA . -28.81 10.42 30.39
O80 9Z9 RA . -29.88 9.65 30.94
C81 9Z9 RA . -28.16 11.82 28.42
H1 9Z9 RA . -34.10 11.20 32.39
H2 9Z9 RA . -34.93 10.06 31.67
H3 9Z9 RA . -35.42 10.64 33.06
H4 9Z9 RA . -32.25 8.17 32.76
H5 9Z9 RA . -30.67 9.85 33.57
H6 9Z9 RA . -32.63 11.71 34.13
H7 9Z9 RA . -31.69 10.97 35.14
H8 9Z9 RA . -33.02 9.14 35.24
H9 9Z9 RA . -35.02 10.95 35.20
H10 9Z9 RA . -35.03 8.33 36.21
H11 9Z9 RA . -36.32 7.51 34.55
H12 9Z9 RA . -36.48 8.92 33.89
H13 9Z9 RA . -34.09 7.39 33.90
H14 9Z9 RA . -34.94 7.72 32.63
H15 9Z9 RA . -37.27 11.11 35.57
H16 9Z9 RA . -38.05 9.85 35.01
H17 9Z9 RA . -38.49 10.50 36.38
H18 9Z9 RA . -34.85 10.76 38.90
H19 9Z9 RA . -33.71 11.51 36.93
H20 9Z9 RA . -33.29 10.04 37.21
H21 9Z9 RA . -38.01 10.94 38.64
H22 9Z9 RA . -36.96 10.56 39.73
H23 9Z9 RA . -37.60 8.28 39.61
H24 9Z9 RA . -39.11 7.51 38.11
H25 9Z9 RA . -39.30 8.93 37.49
H26 9Z9 RA . -36.86 7.46 37.38
H27 9Z9 RA . -37.82 7.63 36.16
H28 9Z9 RA . -40.17 7.63 39.96
H29 9Z9 RA . -41.05 8.84 39.54
H30 9Z9 RA . -40.81 9.52 41.92
H31 9Z9 RA . -40.44 8.03 42.16
H32 9Z9 RA . -42.93 9.00 41.25
H33 9Z9 RA . -42.06 6.36 41.04
H34 9Z9 RA . -42.80 7.21 39.95
H35 9Z9 RA . -45.24 5.00 40.94
H36 9Z9 RA . -44.45 5.52 39.66
H37 9Z9 RA . -43.70 4.63 40.74
H38 9Z9 RA . -43.83 8.10 43.17
H39 9Z9 RA . -42.61 8.97 43.60
H40 9Z9 RA . -41.46 6.44 45.41
H41 9Z9 RA . -41.22 7.97 45.08
H42 9Z9 RA . -42.64 7.49 45.58
H43 9Z9 RA . -33.03 9.52 30.62
H44 9Z9 RA . -31.81 8.11 29.41
H45 9Z9 RA . -31.10 7.56 30.73
H46 9Z9 RA . -32.66 7.33 30.50
H47 9Z9 RA . -32.18 11.34 29.51
H48 9Z9 RA . -30.93 12.14 30.01
H49 9Z9 RA . -30.78 9.89 28.28
H50 9Z9 RA . -30.55 11.36 27.82
H51 9Z9 RA . -28.61 9.85 28.42
H52 9Z9 RA . -28.78 11.29 30.83
H53 9Z9 RA . -27.97 9.98 30.57
H54 9Z9 RA . -28.27 11.92 27.47
H55 9Z9 RA . -28.48 12.62 28.88
H56 9Z9 RA . -27.22 11.68 28.63
C1 EPJ SA . 18.54 34.74 -0.32
C2 EPJ SA . 17.94 36.08 0.17
C3 EPJ SA . 16.45 35.82 -0.01
C4 EPJ SA . 15.99 34.77 0.99
C5 EPJ SA . 16.52 33.46 0.38
C6 EPJ SA . 17.30 33.98 -0.83
N1 EPJ SA . 16.44 35.09 -1.28
C7 EPJ SA . 19.73 34.80 -1.27
C8 EPJ SA . 20.58 35.89 -1.30
C9 EPJ SA . 21.69 35.90 -2.12
C10 EPJ SA . 21.90 34.77 -2.89
CL EPJ SA . 23.33 34.69 -3.90
N2 EPJ SA . 21.14 33.70 -2.90
C11 EPJ SA . 20.07 33.74 -2.09
H1 EPJ SA . 19.01 34.27 0.40
H2C1 EPJ SA . 18.18 36.27 1.08
H2C2 EPJ SA . 18.25 36.83 -0.37
H3 EPJ SA . 15.91 36.63 0.07
H4C1 EPJ SA . 16.37 34.93 1.87
H4C2 EPJ SA . 15.02 34.76 1.08
H5C1 EPJ SA . 17.08 32.97 1.00
H5C2 EPJ SA . 15.80 32.87 0.12
H6 EPJ SA . 17.52 33.28 -1.45
HA EPJ SA . 16.78 35.54 -1.93
H8 EPJ SA . 20.41 36.63 -0.76
H9 EPJ SA . 22.26 36.63 -2.17
H11 EPJ SA . 19.51 32.99 -2.07
#